data_2AIZ
#
_entry.id   2AIZ
#
loop_
_entity.id
_entity.type
_entity.pdbx_description
1 polymer 'Outer membrane protein P6 (Fragment)'
2 polymer L-alanyl-D-glutamyl-meso-2,6-diaminopimeloyl-D-alanyl-D-alanine
3 non-polymer 'N-acetyl-beta-muramic acid'
4 non-polymer "URIDINE-5'-DIPHOSPHATE"
#
loop_
_entity_poly.entity_id
_entity_poly.type
_entity_poly.pdbx_seq_one_letter_code
_entity_poly.pdbx_strand_id
1 'polypeptide(L)'
;CSSSNNDAAGNGAAQTFGGYSVADLQQRYNTVYFGFDKYDITGEYVQILDAHAAYLNATPAAKVLVEGNTDERGTPEYNI
ALGQRRADAVKGYLAGKGVDAGKLGTVSYGEEKPAVLGHDEAAYSKNRRAVLAY
;
P
2 'polypeptide(L)' A(DGL)(6CL)(DAL)(DAL) U
#
# COMPACT_ATOMS: atom_id res chain seq x y z
N CYS A 1 -12.24 -17.53 -21.35
CA CYS A 1 -11.42 -18.55 -22.05
C CYS A 1 -10.17 -18.91 -21.25
N SER A 2 -9.46 -17.88 -20.79
CA SER A 2 -8.25 -18.08 -20.00
C SER A 2 -7.22 -18.89 -20.78
N SER A 3 -5.97 -18.85 -20.32
CA SER A 3 -4.89 -19.58 -20.98
C SER A 3 -4.75 -19.15 -22.43
N SER A 4 -4.91 -17.85 -22.68
CA SER A 4 -4.80 -17.31 -24.03
C SER A 4 -3.33 -17.07 -24.41
N ASN A 5 -2.50 -16.81 -23.39
CA ASN A 5 -1.08 -16.57 -23.63
C ASN A 5 -0.25 -17.74 -23.11
N ASN A 6 0.76 -18.11 -23.89
CA ASN A 6 1.64 -19.22 -23.52
C ASN A 6 3.09 -18.75 -23.39
N ASP A 7 3.72 -19.11 -22.27
CA ASP A 7 5.11 -18.74 -22.03
C ASP A 7 6.05 -19.59 -22.86
N ALA A 8 6.10 -20.88 -22.56
CA ALA A 8 6.96 -21.81 -23.28
C ALA A 8 6.29 -23.17 -23.45
N ALA A 9 4.97 -23.21 -23.29
CA ALA A 9 4.19 -24.44 -23.42
C ALA A 9 4.23 -25.29 -22.15
N GLY A 10 5.21 -25.03 -21.28
CA GLY A 10 5.32 -25.78 -20.04
C GLY A 10 4.01 -25.87 -19.28
N ASN A 11 3.55 -24.74 -18.75
CA ASN A 11 2.30 -24.70 -18.00
C ASN A 11 1.98 -23.27 -17.54
N GLY A 12 0.76 -23.08 -17.06
CA GLY A 12 0.33 -21.77 -16.59
C GLY A 12 0.62 -21.55 -15.12
N ALA A 13 0.99 -22.63 -14.41
CA ALA A 13 1.29 -22.56 -12.98
C ALA A 13 2.15 -21.34 -12.62
N ALA A 14 2.91 -20.83 -13.60
CA ALA A 14 3.78 -19.67 -13.39
C ALA A 14 3.23 -18.72 -12.33
N GLN A 15 4.14 -18.15 -11.53
CA GLN A 15 3.74 -17.23 -10.47
C GLN A 15 3.17 -15.93 -11.03
N THR A 16 1.85 -15.78 -10.93
CA THR A 16 1.17 -14.59 -11.42
C THR A 16 -0.08 -14.33 -10.58
N PHE A 17 0.07 -13.52 -9.54
CA PHE A 17 -1.04 -13.20 -8.65
C PHE A 17 -1.81 -11.98 -9.13
N GLY A 18 -3.00 -12.22 -9.68
CA GLY A 18 -3.83 -11.12 -10.15
C GLY A 18 -3.21 -10.33 -11.28
N GLY A 19 -2.10 -10.83 -11.84
CA GLY A 19 -1.47 -10.11 -12.92
C GLY A 19 0.04 -10.02 -12.80
N TYR A 20 0.53 -9.86 -11.57
CA TYR A 20 1.97 -9.74 -11.35
C TYR A 20 2.48 -10.83 -10.42
N SER A 21 3.81 -10.93 -10.32
CA SER A 21 4.45 -11.92 -9.47
C SER A 21 5.05 -11.25 -8.24
N VAL A 22 5.21 -12.03 -7.17
CA VAL A 22 5.76 -11.54 -5.91
C VAL A 22 6.92 -10.57 -6.11
N ALA A 23 7.93 -11.01 -6.88
CA ALA A 23 9.11 -10.20 -7.15
C ALA A 23 8.77 -8.83 -7.75
N ASP A 24 7.57 -8.69 -8.30
CA ASP A 24 7.15 -7.41 -8.87
C ASP A 24 6.27 -6.65 -7.88
N LEU A 25 5.35 -7.39 -7.26
CA LEU A 25 4.44 -6.76 -6.30
C LEU A 25 5.20 -6.21 -5.08
N GLN A 26 6.41 -6.73 -4.85
CA GLN A 26 7.21 -6.30 -3.71
C GLN A 26 8.23 -5.20 -4.06
N GLN A 27 8.49 -4.99 -5.34
CA GLN A 27 9.47 -3.99 -5.73
C GLN A 27 8.98 -3.03 -6.82
N ARG A 28 7.90 -3.39 -7.50
CA ARG A 28 7.39 -2.54 -8.58
C ARG A 28 6.06 -1.88 -8.26
N TYR A 29 5.02 -2.68 -8.06
CA TYR A 29 3.69 -2.13 -7.78
C TYR A 29 3.24 -2.38 -6.34
N ASN A 30 3.45 -1.38 -5.49
CA ASN A 30 3.05 -1.46 -4.09
C ASN A 30 2.94 -0.08 -3.45
N THR A 31 2.85 0.97 -4.27
CA THR A 31 2.75 2.33 -3.74
C THR A 31 1.53 3.07 -4.29
N VAL A 32 0.77 3.68 -3.39
CA VAL A 32 -0.42 4.44 -3.79
C VAL A 32 -0.19 5.94 -3.62
N TYR A 33 -0.84 6.75 -4.47
CA TYR A 33 -0.67 8.20 -4.41
C TYR A 33 -1.97 8.91 -4.02
N PHE A 34 -1.92 9.62 -2.91
CA PHE A 34 -3.07 10.35 -2.37
C PHE A 34 -2.92 11.85 -2.64
N GLY A 35 -3.99 12.61 -2.42
CA GLY A 35 -3.94 14.05 -2.65
C GLY A 35 -3.99 14.86 -1.37
N PHE A 36 -4.17 16.17 -1.50
CA PHE A 36 -4.24 17.06 -0.35
C PHE A 36 -5.36 16.63 0.60
N ASP A 37 -4.97 16.18 1.79
CA ASP A 37 -5.94 15.74 2.79
C ASP A 37 -7.01 14.83 2.18
N LYS A 38 -6.58 13.98 1.25
CA LYS A 38 -7.51 13.07 0.59
C LYS A 38 -7.62 11.75 1.34
N TYR A 39 -8.85 11.25 1.45
CA TYR A 39 -9.10 9.99 2.15
C TYR A 39 -9.77 8.99 1.20
N ASP A 40 -9.20 8.82 0.02
CA ASP A 40 -9.76 7.88 -0.97
C ASP A 40 -8.65 7.38 -1.90
N ILE A 41 -8.81 6.17 -2.41
CA ILE A 41 -7.82 5.60 -3.32
C ILE A 41 -8.27 5.78 -4.76
N THR A 42 -7.35 5.64 -5.72
CA THR A 42 -7.70 5.81 -7.12
C THR A 42 -7.65 4.48 -7.89
N GLY A 43 -8.58 4.33 -8.83
CA GLY A 43 -8.64 3.12 -9.63
C GLY A 43 -7.29 2.70 -10.20
N GLU A 44 -6.44 3.67 -10.49
CA GLU A 44 -5.12 3.40 -11.05
C GLU A 44 -4.28 2.55 -10.10
N TYR A 45 -4.46 2.77 -8.79
CA TYR A 45 -3.70 2.03 -7.79
C TYR A 45 -4.51 0.90 -7.17
N VAL A 46 -5.75 0.72 -7.63
CA VAL A 46 -6.61 -0.34 -7.10
C VAL A 46 -6.04 -1.72 -7.45
N GLN A 47 -5.59 -1.89 -8.69
CA GLN A 47 -5.05 -3.17 -9.14
C GLN A 47 -4.15 -3.82 -8.08
N ILE A 48 -3.30 -3.02 -7.45
CA ILE A 48 -2.40 -3.53 -6.42
C ILE A 48 -3.20 -4.18 -5.30
N LEU A 49 -4.20 -3.46 -4.81
CA LEU A 49 -5.04 -3.96 -3.73
C LEU A 49 -5.57 -5.36 -4.04
N ASP A 50 -6.07 -5.55 -5.25
CA ASP A 50 -6.60 -6.86 -5.64
C ASP A 50 -5.49 -7.88 -5.87
N ALA A 51 -4.34 -7.42 -6.34
CA ALA A 51 -3.21 -8.32 -6.58
C ALA A 51 -2.56 -8.74 -5.27
N HIS A 52 -2.26 -7.76 -4.41
CA HIS A 52 -1.67 -8.05 -3.12
C HIS A 52 -2.61 -8.93 -2.31
N ALA A 53 -3.91 -8.68 -2.47
CA ALA A 53 -4.92 -9.44 -1.75
C ALA A 53 -4.86 -10.92 -2.13
N ALA A 54 -4.72 -11.19 -3.43
CA ALA A 54 -4.64 -12.58 -3.90
C ALA A 54 -3.41 -13.27 -3.32
N TYR A 55 -2.29 -12.54 -3.28
CA TYR A 55 -1.05 -13.11 -2.75
C TYR A 55 -1.11 -13.21 -1.23
N LEU A 56 -1.68 -12.20 -0.60
CA LEU A 56 -1.78 -12.16 0.85
C LEU A 56 -2.67 -13.30 1.37
N ASN A 57 -3.78 -13.53 0.70
CA ASN A 57 -4.71 -14.58 1.08
C ASN A 57 -4.09 -15.95 0.82
N ALA A 58 -3.39 -16.08 -0.30
CA ALA A 58 -2.75 -17.32 -0.68
C ALA A 58 -1.79 -17.81 0.41
N THR A 59 -1.27 -16.89 1.20
CA THR A 59 -0.35 -17.23 2.29
C THR A 59 -1.00 -16.97 3.65
N PRO A 60 -1.25 -18.04 4.42
CA PRO A 60 -1.90 -17.91 5.74
C PRO A 60 -1.14 -16.99 6.69
N ALA A 61 0.17 -17.16 6.79
CA ALA A 61 0.98 -16.34 7.68
C ALA A 61 1.53 -15.08 7.00
N ALA A 62 0.95 -14.72 5.86
CA ALA A 62 1.38 -13.54 5.14
C ALA A 62 0.59 -12.32 5.59
N LYS A 63 1.30 -11.34 6.13
CA LYS A 63 0.68 -10.11 6.61
C LYS A 63 1.23 -8.90 5.88
N VAL A 64 0.33 -8.00 5.45
CA VAL A 64 0.75 -6.80 4.75
C VAL A 64 0.84 -5.60 5.68
N LEU A 65 1.92 -4.85 5.56
CA LEU A 65 2.14 -3.68 6.39
C LEU A 65 2.01 -2.40 5.56
N VAL A 66 0.88 -1.73 5.70
CA VAL A 66 0.64 -0.49 4.97
C VAL A 66 1.35 0.69 5.62
N GLU A 67 2.25 1.33 4.87
CA GLU A 67 3.01 2.46 5.36
C GLU A 67 2.45 3.76 4.80
N GLY A 68 1.96 4.63 5.67
CA GLY A 68 1.41 5.90 5.22
C GLY A 68 2.35 7.06 5.46
N ASN A 69 2.40 7.98 4.51
CA ASN A 69 3.26 9.14 4.64
C ASN A 69 2.76 10.29 3.76
N THR A 70 2.15 11.28 4.38
CA THR A 70 1.63 12.44 3.66
C THR A 70 2.58 13.62 3.80
N ASP A 71 2.15 14.79 3.35
CA ASP A 71 2.97 15.99 3.44
C ASP A 71 3.22 16.34 4.90
N GLU A 72 4.42 16.83 5.18
CA GLU A 72 4.79 17.19 6.55
C GLU A 72 3.92 18.32 7.10
N ARG A 73 3.43 19.18 6.22
CA ARG A 73 2.61 20.32 6.64
C ARG A 73 1.59 19.95 7.73
N GLY A 74 1.73 20.61 8.88
CA GLY A 74 0.84 20.36 10.01
C GLY A 74 1.56 19.77 11.21
N THR A 75 1.24 18.53 11.56
CA THR A 75 1.86 17.88 12.71
C THR A 75 1.58 16.37 12.72
N PRO A 76 2.52 15.55 13.22
CA PRO A 76 2.35 14.09 13.27
C PRO A 76 0.94 13.69 13.70
N GLU A 77 0.43 14.32 14.76
CA GLU A 77 -0.91 14.00 15.24
C GLU A 77 -1.95 14.25 14.16
N TYR A 78 -1.81 15.37 13.45
CA TYR A 78 -2.73 15.69 12.37
C TYR A 78 -2.50 14.77 11.20
N ASN A 79 -1.25 14.57 10.83
CA ASN A 79 -0.92 13.69 9.73
C ASN A 79 -1.25 12.26 10.14
N ILE A 80 -0.40 11.67 10.97
CA ILE A 80 -0.61 10.29 11.44
C ILE A 80 -2.10 9.93 11.50
N ALA A 81 -2.92 10.85 12.00
CA ALA A 81 -4.35 10.59 12.07
C ALA A 81 -4.94 10.47 10.67
N LEU A 82 -4.79 11.55 9.90
CA LEU A 82 -5.28 11.55 8.52
C LEU A 82 -4.80 10.30 7.76
N GLY A 83 -3.52 9.97 7.93
CA GLY A 83 -2.96 8.82 7.26
C GLY A 83 -3.44 7.50 7.83
N GLN A 84 -3.26 7.32 9.14
CA GLN A 84 -3.69 6.09 9.81
C GLN A 84 -5.10 5.70 9.35
N ARG A 85 -5.93 6.71 9.13
CA ARG A 85 -7.30 6.47 8.68
C ARG A 85 -7.29 5.97 7.25
N ARG A 86 -6.61 6.69 6.34
CA ARG A 86 -6.50 6.24 4.96
C ARG A 86 -5.99 4.81 4.94
N ALA A 87 -5.04 4.54 5.84
CA ALA A 87 -4.47 3.21 5.98
C ALA A 87 -5.56 2.25 6.39
N ASP A 88 -6.49 2.74 7.21
CA ASP A 88 -7.63 1.95 7.65
C ASP A 88 -8.50 1.60 6.45
N ALA A 89 -8.49 2.48 5.46
CA ALA A 89 -9.27 2.29 4.25
C ALA A 89 -8.77 1.07 3.49
N VAL A 90 -7.47 1.03 3.23
CA VAL A 90 -6.87 -0.09 2.50
C VAL A 90 -6.85 -1.35 3.35
N LYS A 91 -6.57 -1.20 4.65
CA LYS A 91 -6.54 -2.34 5.55
C LYS A 91 -7.90 -3.02 5.59
N GLY A 92 -8.95 -2.22 5.64
CA GLY A 92 -10.30 -2.76 5.66
C GLY A 92 -10.69 -3.33 4.31
N TYR A 93 -10.04 -2.82 3.26
CA TYR A 93 -10.29 -3.30 1.91
C TYR A 93 -9.93 -4.77 1.82
N LEU A 94 -8.66 -5.08 2.08
CA LEU A 94 -8.20 -6.45 2.06
C LEU A 94 -9.01 -7.27 3.07
N ALA A 95 -9.44 -6.62 4.14
CA ALA A 95 -10.23 -7.27 5.17
C ALA A 95 -11.57 -7.73 4.60
N GLY A 96 -12.16 -6.90 3.74
CA GLY A 96 -13.42 -7.23 3.13
C GLY A 96 -13.28 -8.37 2.13
N LYS A 97 -12.08 -8.51 1.60
CA LYS A 97 -11.78 -9.56 0.64
C LYS A 97 -11.61 -10.91 1.33
N GLY A 98 -11.56 -10.90 2.66
CA GLY A 98 -11.41 -12.14 3.40
C GLY A 98 -10.10 -12.23 4.16
N VAL A 99 -9.25 -11.21 4.01
CA VAL A 99 -7.97 -11.19 4.70
C VAL A 99 -8.12 -10.87 6.18
N ASP A 100 -7.56 -11.73 7.03
CA ASP A 100 -7.64 -11.54 8.48
C ASP A 100 -6.95 -10.26 8.92
N ALA A 101 -7.50 -9.65 9.96
CA ALA A 101 -6.94 -8.42 10.50
C ALA A 101 -5.54 -8.65 11.06
N GLY A 102 -5.34 -9.83 11.65
CA GLY A 102 -4.04 -10.16 12.21
C GLY A 102 -2.92 -10.12 11.18
N LYS A 103 -3.29 -10.24 9.91
CA LYS A 103 -2.31 -10.20 8.82
C LYS A 103 -2.19 -8.78 8.26
N LEU A 104 -3.02 -7.88 8.74
CA LEU A 104 -3.00 -6.49 8.29
C LEU A 104 -2.19 -5.62 9.24
N GLY A 105 -1.56 -4.58 8.70
CA GLY A 105 -0.78 -3.68 9.50
C GLY A 105 -0.79 -2.28 8.91
N THR A 106 -0.87 -1.28 9.76
CA THR A 106 -0.89 0.11 9.30
C THR A 106 0.03 0.98 10.14
N VAL A 107 0.52 2.06 9.55
CA VAL A 107 1.41 2.98 10.24
C VAL A 107 1.49 4.29 9.48
N SER A 108 2.13 5.29 10.08
CA SER A 108 2.25 6.60 9.45
C SER A 108 3.36 7.42 10.08
N TYR A 109 4.24 7.98 9.26
CA TYR A 109 5.35 8.79 9.75
C TYR A 109 5.23 10.25 9.30
N GLY A 110 4.00 10.68 8.99
CA GLY A 110 3.75 12.06 8.55
C GLY A 110 4.95 12.99 8.69
N GLU A 111 4.90 13.87 9.69
CA GLU A 111 6.00 14.82 9.91
C GLU A 111 7.22 14.11 10.47
N GLU A 112 7.03 12.91 11.00
CA GLU A 112 8.12 12.15 11.59
C GLU A 112 9.34 12.12 10.66
N LYS A 113 9.23 11.41 9.54
CA LYS A 113 10.33 11.33 8.60
C LYS A 113 9.84 11.62 7.18
N PRO A 114 9.85 12.89 6.75
CA PRO A 114 9.39 13.29 5.42
C PRO A 114 10.20 12.63 4.30
N ALA A 115 9.59 12.52 3.13
CA ALA A 115 10.25 11.91 1.97
C ALA A 115 10.86 12.97 1.06
N VAL A 116 10.01 13.65 0.31
CA VAL A 116 10.46 14.69 -0.60
C VAL A 116 10.54 16.05 0.09
N LEU A 117 11.75 16.57 0.22
CA LEU A 117 11.97 17.85 0.87
C LEU A 117 11.36 18.99 0.06
N GLY A 118 10.73 19.92 0.76
CA GLY A 118 10.10 21.06 0.08
C GLY A 118 8.60 21.10 0.33
N HIS A 119 7.95 22.13 -0.19
CA HIS A 119 6.50 22.27 -0.01
C HIS A 119 5.83 22.83 -1.26
N ASP A 120 5.86 22.05 -2.34
CA ASP A 120 5.23 22.45 -3.59
C ASP A 120 4.49 21.25 -4.20
N GLU A 121 3.42 21.52 -4.94
CA GLU A 121 2.62 20.46 -5.55
C GLU A 121 3.47 19.31 -6.08
N ALA A 122 4.69 19.61 -6.51
CA ALA A 122 5.59 18.58 -7.03
C ALA A 122 6.11 17.70 -5.90
N ALA A 123 6.79 18.32 -4.95
CA ALA A 123 7.34 17.59 -3.80
C ALA A 123 6.21 17.06 -2.92
N TYR A 124 5.21 17.90 -2.69
CA TYR A 124 4.07 17.53 -1.87
C TYR A 124 3.33 16.34 -2.46
N SER A 125 3.10 16.35 -3.77
CA SER A 125 2.40 15.24 -4.43
C SER A 125 3.21 13.96 -4.30
N LYS A 126 4.52 14.08 -4.37
CA LYS A 126 5.41 12.92 -4.26
C LYS A 126 5.37 12.36 -2.84
N ASN A 127 5.04 13.22 -1.88
CA ASN A 127 4.99 12.82 -0.48
C ASN A 127 3.66 12.14 -0.14
N ARG A 128 2.58 12.58 -0.77
CA ARG A 128 1.26 12.00 -0.51
C ARG A 128 1.17 10.57 -1.05
N ARG A 129 1.67 9.61 -0.27
CA ARG A 129 1.66 8.22 -0.68
C ARG A 129 1.75 7.24 0.48
N ALA A 130 1.12 6.07 0.30
CA ALA A 130 1.19 5.01 1.30
C ALA A 130 1.77 3.78 0.62
N VAL A 131 3.00 3.45 1.00
CA VAL A 131 3.70 2.33 0.39
C VAL A 131 3.42 1.00 1.07
N LEU A 132 2.79 0.10 0.32
CA LEU A 132 2.47 -1.23 0.81
C LEU A 132 3.76 -1.96 1.21
N ALA A 133 4.02 -2.01 2.52
CA ALA A 133 5.23 -2.66 3.03
C ALA A 133 4.92 -4.06 3.56
N TYR A 134 5.65 -5.05 3.08
CA TYR A 134 5.45 -6.43 3.52
C TYR A 134 6.33 -6.75 4.72
N ALA B 1 -8.54 25.69 11.44
CA ALA B 1 -7.98 26.00 10.13
C ALA B 1 -7.96 24.76 9.25
N CYS A 1 -4.13 -30.13 2.20
CA CYS A 1 -2.77 -30.69 2.43
C CYS A 1 -2.62 -31.21 3.85
N SER A 2 -2.83 -30.33 4.81
CA SER A 2 -2.72 -30.69 6.23
C SER A 2 -3.95 -31.46 6.69
N SER A 3 -5.10 -31.13 6.12
CA SER A 3 -6.36 -31.78 6.47
C SER A 3 -6.30 -33.27 6.17
N SER A 4 -7.43 -33.96 6.33
CA SER A 4 -7.50 -35.39 6.05
C SER A 4 -7.70 -35.65 4.57
N ASN A 5 -8.76 -35.10 4.01
CA ASN A 5 -9.07 -35.28 2.59
C ASN A 5 -9.13 -33.95 1.87
N ASN A 6 -8.14 -33.70 1.01
CA ASN A 6 -8.08 -32.45 0.25
C ASN A 6 -7.40 -32.67 -1.10
N ASP A 7 -8.04 -32.16 -2.16
CA ASP A 7 -7.49 -32.29 -3.51
C ASP A 7 -6.57 -31.12 -3.84
N ALA A 8 -7.06 -29.91 -3.60
CA ALA A 8 -6.29 -28.70 -3.86
C ALA A 8 -7.04 -27.46 -3.37
N ALA A 9 -7.89 -26.89 -4.24
CA ALA A 9 -8.67 -25.71 -3.87
C ALA A 9 -7.80 -24.46 -3.74
N GLY A 10 -6.78 -24.53 -2.88
CA GLY A 10 -5.89 -23.40 -2.69
C GLY A 10 -4.70 -23.42 -3.62
N ASN A 11 -4.36 -24.61 -4.11
CA ASN A 11 -3.23 -24.77 -5.03
C ASN A 11 -1.92 -24.44 -4.33
N GLY A 12 -0.91 -25.28 -4.55
CA GLY A 12 0.39 -25.08 -3.93
C GLY A 12 1.31 -24.24 -4.78
N ALA A 13 0.95 -24.03 -6.05
CA ALA A 13 1.77 -23.24 -6.97
C ALA A 13 2.24 -21.94 -6.32
N ALA A 14 1.32 -21.00 -6.14
CA ALA A 14 1.64 -19.71 -5.53
C ALA A 14 2.66 -18.95 -6.37
N GLN A 15 2.24 -18.50 -7.55
CA GLN A 15 3.12 -17.75 -8.44
C GLN A 15 2.59 -16.34 -8.68
N THR A 16 2.10 -16.08 -9.89
CA THR A 16 1.56 -14.79 -10.25
C THR A 16 0.08 -14.70 -9.93
N PHE A 17 -0.40 -13.50 -9.62
CA PHE A 17 -1.80 -13.30 -9.31
C PHE A 17 -2.28 -11.89 -9.65
N GLY A 18 -3.46 -11.83 -10.27
CA GLY A 18 -4.05 -10.55 -10.62
C GLY A 18 -3.31 -9.81 -11.72
N GLY A 19 -2.27 -10.42 -12.28
CA GLY A 19 -1.54 -9.76 -13.35
C GLY A 19 -0.04 -9.69 -13.14
N TYR A 20 0.38 -9.56 -11.89
CA TYR A 20 1.81 -9.47 -11.59
C TYR A 20 2.29 -10.67 -10.77
N SER A 21 3.61 -10.87 -10.78
CA SER A 21 4.23 -11.97 -10.04
C SER A 21 4.76 -11.47 -8.70
N VAL A 22 4.68 -12.33 -7.69
CA VAL A 22 5.15 -12.00 -6.33
C VAL A 22 6.40 -11.13 -6.33
N ALA A 23 7.46 -11.64 -6.95
CA ALA A 23 8.74 -10.94 -7.01
C ALA A 23 8.62 -9.51 -7.54
N ASP A 24 7.50 -9.18 -8.17
CA ASP A 24 7.28 -7.84 -8.67
C ASP A 24 6.42 -7.04 -7.70
N LEU A 25 5.37 -7.71 -7.20
CA LEU A 25 4.46 -7.07 -6.27
C LEU A 25 5.21 -6.51 -5.05
N GLN A 26 6.41 -7.03 -4.81
CA GLN A 26 7.19 -6.59 -3.66
C GLN A 26 8.34 -5.65 -4.04
N GLN A 27 8.66 -5.55 -5.33
CA GLN A 27 9.77 -4.68 -5.74
C GLN A 27 9.37 -3.57 -6.72
N ARG A 28 8.27 -3.75 -7.47
CA ARG A 28 7.88 -2.73 -8.44
C ARG A 28 6.47 -2.18 -8.22
N TYR A 29 5.50 -3.07 -8.04
CA TYR A 29 4.11 -2.64 -7.87
C TYR A 29 3.63 -2.81 -6.43
N ASN A 30 3.57 -1.69 -5.72
CA ASN A 30 3.11 -1.69 -4.32
C ASN A 30 3.14 -0.29 -3.71
N THR A 31 3.11 0.76 -4.53
CA THR A 31 3.13 2.13 -4.01
C THR A 31 1.95 2.94 -4.52
N VAL A 32 1.20 3.55 -3.60
CA VAL A 32 0.04 4.37 -3.97
C VAL A 32 0.36 5.87 -3.83
N TYR A 33 -0.29 6.70 -4.64
CA TYR A 33 -0.06 8.15 -4.59
C TYR A 33 -1.32 8.93 -4.21
N PHE A 34 -1.27 9.53 -3.03
CA PHE A 34 -2.38 10.30 -2.49
C PHE A 34 -2.29 11.79 -2.85
N GLY A 35 -3.38 12.51 -2.63
CA GLY A 35 -3.41 13.93 -2.91
C GLY A 35 -3.73 14.73 -1.66
N PHE A 36 -3.66 16.05 -1.76
CA PHE A 36 -3.94 16.91 -0.61
C PHE A 36 -5.37 16.71 -0.12
N ASP A 37 -5.54 16.76 1.20
CA ASP A 37 -6.85 16.58 1.82
C ASP A 37 -7.58 15.34 1.29
N LYS A 38 -6.82 14.37 0.81
CA LYS A 38 -7.40 13.14 0.29
C LYS A 38 -7.14 11.97 1.23
N TYR A 39 -8.17 11.17 1.48
CA TYR A 39 -8.05 10.01 2.38
C TYR A 39 -8.67 8.77 1.73
N ASP A 40 -8.62 8.71 0.40
CA ASP A 40 -9.16 7.59 -0.34
C ASP A 40 -8.24 7.24 -1.50
N ILE A 41 -8.21 5.97 -1.91
CA ILE A 41 -7.36 5.54 -3.01
C ILE A 41 -8.09 5.72 -4.34
N THR A 42 -7.35 5.63 -5.45
CA THR A 42 -7.92 5.80 -6.78
C THR A 42 -7.93 4.48 -7.56
N GLY A 43 -8.98 4.30 -8.36
CA GLY A 43 -9.11 3.08 -9.16
C GLY A 43 -7.83 2.69 -9.88
N GLU A 44 -7.02 3.68 -10.25
CA GLU A 44 -5.77 3.43 -10.95
C GLU A 44 -4.81 2.61 -10.10
N TYR A 45 -4.90 2.77 -8.78
CA TYR A 45 -4.02 2.06 -7.85
C TYR A 45 -4.74 0.92 -7.14
N VAL A 46 -5.99 0.67 -7.49
CA VAL A 46 -6.76 -0.40 -6.86
C VAL A 46 -6.23 -1.78 -7.26
N GLN A 47 -5.80 -1.91 -8.52
CA GLN A 47 -5.28 -3.19 -9.00
C GLN A 47 -4.29 -3.82 -8.02
N ILE A 48 -3.41 -3.00 -7.46
CA ILE A 48 -2.41 -3.52 -6.50
C ILE A 48 -3.10 -4.23 -5.36
N LEU A 49 -4.10 -3.57 -4.78
CA LEU A 49 -4.85 -4.15 -3.66
C LEU A 49 -5.46 -5.49 -4.04
N ASP A 50 -5.96 -5.58 -5.27
CA ASP A 50 -6.58 -6.82 -5.75
C ASP A 50 -5.54 -7.93 -5.91
N ALA A 51 -4.41 -7.60 -6.53
CA ALA A 51 -3.34 -8.58 -6.73
C ALA A 51 -2.66 -8.89 -5.41
N HIS A 52 -2.55 -7.89 -4.54
CA HIS A 52 -1.93 -8.07 -3.24
C HIS A 52 -2.86 -8.87 -2.33
N ALA A 53 -4.16 -8.58 -2.41
CA ALA A 53 -5.15 -9.27 -1.62
C ALA A 53 -5.21 -10.75 -1.96
N ALA A 54 -4.94 -11.08 -3.21
CA ALA A 54 -4.95 -12.48 -3.64
C ALA A 54 -3.70 -13.20 -3.16
N TYR A 55 -2.58 -12.49 -3.15
CA TYR A 55 -1.32 -13.09 -2.69
C TYR A 55 -1.33 -13.23 -1.18
N LEU A 56 -1.88 -12.22 -0.50
CA LEU A 56 -1.93 -12.22 0.94
C LEU A 56 -2.83 -13.34 1.45
N ASN A 57 -3.98 -13.51 0.80
CA ASN A 57 -4.91 -14.56 1.18
C ASN A 57 -4.34 -15.92 0.81
N ALA A 58 -3.70 -15.99 -0.35
CA ALA A 58 -3.08 -17.23 -0.83
C ALA A 58 -2.05 -17.74 0.17
N THR A 59 -1.51 -16.84 0.97
CA THR A 59 -0.51 -17.21 1.98
C THR A 59 -0.97 -16.73 3.36
N PRO A 60 -1.71 -17.58 4.09
CA PRO A 60 -2.23 -17.23 5.43
C PRO A 60 -1.16 -16.72 6.37
N ALA A 61 0.10 -17.05 6.10
CA ALA A 61 1.21 -16.60 6.94
C ALA A 61 1.82 -15.29 6.43
N ALA A 62 1.30 -14.80 5.31
CA ALA A 62 1.79 -13.56 4.72
C ALA A 62 1.01 -12.37 5.26
N LYS A 63 1.75 -11.41 5.79
CA LYS A 63 1.15 -10.20 6.35
C LYS A 63 1.68 -8.96 5.66
N VAL A 64 0.78 -8.05 5.27
CA VAL A 64 1.19 -6.83 4.59
C VAL A 64 1.27 -5.65 5.56
N LEU A 65 2.21 -4.77 5.27
CA LEU A 65 2.41 -3.59 6.10
C LEU A 65 2.20 -2.32 5.29
N VAL A 66 1.05 -1.70 5.49
CA VAL A 66 0.71 -0.48 4.77
C VAL A 66 1.42 0.73 5.38
N GLU A 67 2.35 1.31 4.64
CA GLU A 67 3.09 2.47 5.10
C GLU A 67 2.54 3.74 4.46
N GLY A 68 1.97 4.62 5.28
CA GLY A 68 1.41 5.84 4.78
C GLY A 68 2.26 7.06 5.09
N ASN A 69 2.24 8.03 4.18
CA ASN A 69 3.01 9.26 4.35
C ASN A 69 2.40 10.38 3.54
N THR A 70 1.77 11.33 4.23
CA THR A 70 1.13 12.47 3.56
C THR A 70 1.96 13.73 3.75
N ASP A 71 1.41 14.86 3.31
CA ASP A 71 2.10 16.14 3.43
C ASP A 71 2.47 16.41 4.89
N GLU A 72 3.67 16.94 5.09
CA GLU A 72 4.14 17.24 6.44
C GLU A 72 3.23 18.26 7.12
N ARG A 73 2.58 19.10 6.33
CA ARG A 73 1.70 20.15 6.84
C ARG A 73 0.86 19.69 8.03
N GLY A 74 1.19 20.20 9.21
CA GLY A 74 0.48 19.86 10.42
C GLY A 74 1.33 19.10 11.43
N THR A 75 0.69 18.67 12.51
CA THR A 75 1.37 17.94 13.59
C THR A 75 1.11 16.44 13.49
N PRO A 76 2.09 15.59 13.90
CA PRO A 76 1.95 14.14 13.86
C PRO A 76 0.57 13.65 14.26
N GLU A 77 0.03 14.20 15.34
CA GLU A 77 -1.29 13.81 15.80
C GLU A 77 -2.33 14.08 14.73
N TYR A 78 -2.21 15.23 14.06
CA TYR A 78 -3.13 15.58 13.00
C TYR A 78 -2.81 14.78 11.75
N ASN A 79 -1.52 14.56 11.51
CA ASN A 79 -1.10 13.78 10.36
C ASN A 79 -1.49 12.32 10.62
N ILE A 80 -0.70 11.64 11.46
CA ILE A 80 -0.97 10.24 11.78
C ILE A 80 -2.46 9.93 11.76
N ALA A 81 -3.27 10.85 12.28
CA ALA A 81 -4.71 10.64 12.27
C ALA A 81 -5.23 10.58 10.84
N LEU A 82 -4.97 11.64 10.08
CA LEU A 82 -5.39 11.68 8.68
C LEU A 82 -5.01 10.37 7.96
N GLY A 83 -3.73 9.99 8.05
CA GLY A 83 -3.30 8.76 7.40
C GLY A 83 -3.86 7.52 8.10
N GLN A 84 -3.84 7.53 9.43
CA GLN A 84 -4.35 6.40 10.19
C GLN A 84 -5.69 5.93 9.64
N ARG A 85 -6.57 6.88 9.34
CA ARG A 85 -7.88 6.52 8.77
C ARG A 85 -7.69 6.06 7.33
N ARG A 86 -6.71 6.64 6.64
CA ARG A 86 -6.42 6.23 5.26
C ARG A 86 -5.98 4.77 5.25
N ALA A 87 -5.04 4.44 6.14
CA ALA A 87 -4.55 3.08 6.27
C ALA A 87 -5.71 2.15 6.56
N ASP A 88 -6.68 2.65 7.32
CA ASP A 88 -7.87 1.88 7.65
C ASP A 88 -8.64 1.59 6.37
N ALA A 89 -8.53 2.51 5.41
CA ALA A 89 -9.19 2.36 4.13
C ALA A 89 -8.64 1.13 3.42
N VAL A 90 -7.34 1.12 3.16
CA VAL A 90 -6.71 -0.02 2.51
C VAL A 90 -6.79 -1.26 3.39
N LYS A 91 -6.65 -1.07 4.69
CA LYS A 91 -6.72 -2.17 5.64
C LYS A 91 -8.09 -2.83 5.58
N GLY A 92 -9.14 -2.01 5.60
CA GLY A 92 -10.49 -2.51 5.52
C GLY A 92 -10.79 -3.09 4.16
N TYR A 93 -9.97 -2.71 3.17
CA TYR A 93 -10.12 -3.21 1.82
C TYR A 93 -9.78 -4.70 1.80
N LEU A 94 -8.52 -5.00 2.11
CA LEU A 94 -8.08 -6.38 2.16
C LEU A 94 -9.01 -7.17 3.07
N ALA A 95 -9.51 -6.49 4.11
CA ALA A 95 -10.43 -7.10 5.05
C ALA A 95 -11.71 -7.53 4.34
N GLY A 96 -12.18 -6.68 3.42
CA GLY A 96 -13.38 -6.99 2.68
C GLY A 96 -13.20 -8.24 1.84
N LYS A 97 -11.97 -8.45 1.39
CA LYS A 97 -11.63 -9.63 0.59
C LYS A 97 -11.57 -10.89 1.47
N GLY A 98 -11.66 -10.69 2.78
CA GLY A 98 -11.62 -11.81 3.71
C GLY A 98 -10.27 -11.97 4.37
N VAL A 99 -9.43 -10.95 4.25
CA VAL A 99 -8.09 -10.96 4.83
C VAL A 99 -8.13 -10.65 6.33
N ASP A 100 -7.47 -11.49 7.12
CA ASP A 100 -7.42 -11.31 8.58
C ASP A 100 -6.72 -10.01 8.94
N ALA A 101 -6.88 -9.61 10.19
CA ALA A 101 -6.26 -8.39 10.68
C ALA A 101 -4.88 -8.69 11.26
N GLY A 102 -4.73 -9.89 11.78
CA GLY A 102 -3.46 -10.30 12.36
C GLY A 102 -2.31 -10.26 11.36
N LYS A 103 -2.65 -10.34 10.07
CA LYS A 103 -1.64 -10.31 9.02
C LYS A 103 -1.57 -8.92 8.37
N LEU A 104 -2.47 -8.03 8.78
CA LEU A 104 -2.50 -6.68 8.25
C LEU A 104 -1.74 -5.73 9.18
N GLY A 105 -1.16 -4.68 8.61
CA GLY A 105 -0.42 -3.72 9.41
C GLY A 105 -0.46 -2.33 8.80
N THR A 106 -0.54 -1.32 9.65
CA THR A 106 -0.57 0.06 9.18
C THR A 106 0.40 0.93 9.97
N VAL A 107 0.83 2.03 9.37
CA VAL A 107 1.75 2.94 10.03
C VAL A 107 1.90 4.22 9.23
N SER A 108 1.74 5.37 9.89
CA SER A 108 1.84 6.66 9.23
C SER A 108 2.99 7.49 9.83
N TYR A 109 3.85 8.03 8.98
CA TYR A 109 4.96 8.85 9.44
C TYR A 109 4.78 10.31 9.06
N GLY A 110 3.51 10.70 8.88
CA GLY A 110 3.16 12.07 8.52
C GLY A 110 4.35 12.99 8.30
N GLU A 111 4.52 13.97 9.18
CA GLU A 111 5.63 14.92 9.07
C GLU A 111 6.82 14.50 9.92
N GLU A 112 6.75 13.31 10.50
CA GLU A 112 7.83 12.80 11.33
C GLU A 112 9.16 12.84 10.58
N LYS A 113 9.22 12.15 9.45
CA LYS A 113 10.42 12.12 8.64
C LYS A 113 10.07 12.20 7.16
N PRO A 114 9.97 13.42 6.61
CA PRO A 114 9.62 13.63 5.20
C PRO A 114 10.63 12.98 4.25
N ALA A 115 10.24 12.84 2.99
CA ALA A 115 11.11 12.25 1.98
C ALA A 115 11.61 13.32 1.02
N VAL A 116 10.69 13.95 0.30
CA VAL A 116 11.04 14.99 -0.65
C VAL A 116 11.06 16.37 0.02
N LEU A 117 12.26 16.93 0.12
CA LEU A 117 12.42 18.24 0.75
C LEU A 117 11.68 19.33 -0.03
N GLY A 118 11.02 20.22 0.70
CA GLY A 118 10.26 21.28 0.07
C GLY A 118 8.78 21.18 0.37
N HIS A 119 8.01 22.17 -0.07
CA HIS A 119 6.57 22.18 0.17
C HIS A 119 5.82 22.74 -1.04
N ASP A 120 5.82 21.99 -2.14
CA ASP A 120 5.11 22.40 -3.35
C ASP A 120 4.42 21.19 -3.98
N GLU A 121 3.33 21.42 -4.70
CA GLU A 121 2.57 20.34 -5.34
C GLU A 121 3.47 19.24 -5.89
N ALA A 122 4.67 19.62 -6.34
CA ALA A 122 5.62 18.66 -6.89
C ALA A 122 6.18 17.76 -5.79
N ALA A 123 6.86 18.36 -4.83
CA ALA A 123 7.44 17.62 -3.72
C ALA A 123 6.35 17.04 -2.83
N TYR A 124 5.34 17.85 -2.53
CA TYR A 124 4.23 17.43 -1.69
C TYR A 124 3.56 16.17 -2.24
N SER A 125 3.21 16.19 -3.52
CA SER A 125 2.57 15.05 -4.16
C SER A 125 3.49 13.84 -4.10
N LYS A 126 4.78 14.09 -4.24
CA LYS A 126 5.78 13.03 -4.19
C LYS A 126 5.78 12.36 -2.82
N ASN A 127 5.48 13.16 -1.79
CA ASN A 127 5.44 12.65 -0.42
C ASN A 127 4.12 11.96 -0.12
N ARG A 128 3.05 12.40 -0.77
CA ARG A 128 1.73 11.81 -0.55
C ARG A 128 1.66 10.41 -1.15
N ARG A 129 2.30 9.47 -0.46
CA ARG A 129 2.32 8.09 -0.92
C ARG A 129 2.15 7.08 0.22
N ALA A 130 1.49 5.97 -0.10
CA ALA A 130 1.26 4.90 0.84
C ALA A 130 1.89 3.64 0.27
N VAL A 131 3.16 3.42 0.59
CA VAL A 131 3.91 2.29 0.06
C VAL A 131 3.62 0.99 0.80
N LEU A 132 3.00 0.06 0.07
CA LEU A 132 2.69 -1.26 0.63
C LEU A 132 3.99 -1.98 0.99
N ALA A 133 4.30 -2.04 2.27
CA ALA A 133 5.51 -2.69 2.74
C ALA A 133 5.24 -4.09 3.29
N TYR A 134 5.96 -5.08 2.79
CA TYR A 134 5.78 -6.45 3.25
C TYR A 134 6.74 -6.78 4.39
N ALA B 1 -5.90 25.95 13.57
CA ALA B 1 -4.85 25.40 12.72
C ALA B 1 -5.25 24.04 12.15
N CYS A 1 10.51 2.12 -3.16
CA CYS A 1 11.24 1.50 -4.30
C CYS A 1 12.72 1.86 -4.28
N SER A 2 13.32 1.76 -3.10
CA SER A 2 14.74 2.08 -2.93
C SER A 2 15.56 0.81 -2.72
N SER A 3 14.90 -0.26 -2.27
CA SER A 3 15.57 -1.53 -2.02
C SER A 3 16.54 -1.42 -0.85
N SER A 4 16.00 -1.11 0.33
CA SER A 4 16.81 -0.98 1.53
C SER A 4 16.96 -2.32 2.23
N ASN A 5 15.83 -2.93 2.60
CA ASN A 5 15.84 -4.22 3.27
C ASN A 5 15.15 -5.27 2.42
N ASN A 6 15.93 -5.95 1.58
CA ASN A 6 15.39 -6.98 0.71
C ASN A 6 15.57 -8.37 1.31
N ASP A 7 14.59 -9.24 1.10
CA ASP A 7 14.64 -10.60 1.62
C ASP A 7 15.71 -11.42 0.90
N ALA A 8 16.22 -10.90 -0.21
CA ALA A 8 17.25 -11.59 -0.99
C ALA A 8 16.64 -12.70 -1.83
N ALA A 9 17.49 -13.57 -2.38
CA ALA A 9 17.04 -14.68 -3.20
C ALA A 9 16.40 -14.17 -4.49
N GLY A 10 16.88 -14.67 -5.63
CA GLY A 10 16.35 -14.27 -6.91
C GLY A 10 14.84 -14.35 -6.98
N ASN A 11 14.33 -15.57 -7.07
CA ASN A 11 12.88 -15.79 -7.14
C ASN A 11 12.52 -17.21 -6.75
N GLY A 12 11.51 -17.35 -5.90
CA GLY A 12 11.07 -18.67 -5.46
C GLY A 12 10.02 -19.27 -6.37
N ALA A 13 8.81 -18.72 -6.31
CA ALA A 13 7.71 -19.21 -7.14
C ALA A 13 7.70 -18.53 -8.51
N ALA A 14 7.84 -17.21 -8.50
CA ALA A 14 7.84 -16.44 -9.74
C ALA A 14 6.51 -16.56 -10.46
N GLN A 15 5.43 -16.71 -9.71
CA GLN A 15 4.09 -16.84 -10.28
C GLN A 15 3.33 -15.52 -10.16
N THR A 16 2.33 -15.35 -11.02
CA THR A 16 1.52 -14.14 -11.02
C THR A 16 0.32 -14.29 -10.09
N PHE A 17 -0.16 -13.16 -9.56
CA PHE A 17 -1.30 -13.18 -8.65
C PHE A 17 -2.25 -12.05 -8.96
N GLY A 18 -3.17 -12.28 -9.91
CA GLY A 18 -4.12 -11.25 -10.30
C GLY A 18 -3.45 -9.92 -10.61
N GLY A 19 -2.13 -9.90 -10.60
CA GLY A 19 -1.36 -8.71 -10.86
C GLY A 19 0.11 -8.93 -10.56
N TYR A 20 0.87 -9.22 -11.60
CA TYR A 20 2.30 -9.42 -11.47
C TYR A 20 2.65 -10.57 -10.54
N SER A 21 3.94 -10.80 -10.34
CA SER A 21 4.43 -11.85 -9.46
C SER A 21 5.01 -11.25 -8.18
N VAL A 22 5.12 -12.08 -7.14
CA VAL A 22 5.66 -11.65 -5.85
C VAL A 22 6.84 -10.70 -5.98
N ALA A 23 7.84 -11.11 -6.75
CA ALA A 23 9.05 -10.30 -6.94
C ALA A 23 8.74 -8.90 -7.48
N ASP A 24 7.54 -8.71 -8.00
CA ASP A 24 7.13 -7.39 -8.50
C ASP A 24 6.28 -6.67 -7.46
N LEU A 25 5.43 -7.45 -6.79
CA LEU A 25 4.54 -6.89 -5.77
C LEU A 25 5.32 -6.47 -4.53
N GLN A 26 6.50 -7.04 -4.33
CA GLN A 26 7.31 -6.75 -3.15
C GLN A 26 8.19 -5.50 -3.34
N GLN A 27 8.54 -5.18 -4.59
CA GLN A 27 9.41 -4.03 -4.82
C GLN A 27 9.04 -3.20 -6.04
N ARG A 28 8.05 -3.63 -6.82
CA ARG A 28 7.67 -2.89 -8.03
C ARG A 28 6.36 -2.13 -7.90
N TYR A 29 5.25 -2.87 -7.80
CA TYR A 29 3.93 -2.24 -7.70
C TYR A 29 3.32 -2.41 -6.32
N ASN A 30 3.49 -1.39 -5.48
CA ASN A 30 2.95 -1.41 -4.12
C ASN A 30 2.89 -0.01 -3.50
N THR A 31 2.76 1.02 -4.34
CA THR A 31 2.70 2.39 -3.83
C THR A 31 1.50 3.16 -4.38
N VAL A 32 0.73 3.78 -3.48
CA VAL A 32 -0.44 4.57 -3.87
C VAL A 32 -0.19 6.06 -3.64
N TYR A 33 -0.84 6.92 -4.44
CA TYR A 33 -0.64 8.37 -4.31
C TYR A 33 -1.94 9.12 -4.03
N PHE A 34 -1.98 9.77 -2.86
CA PHE A 34 -3.15 10.54 -2.42
C PHE A 34 -2.96 12.05 -2.65
N GLY A 35 -4.02 12.82 -2.45
CA GLY A 35 -3.94 14.26 -2.62
C GLY A 35 -3.93 14.99 -1.29
N PHE A 36 -4.14 16.31 -1.32
CA PHE A 36 -4.15 17.10 -0.10
C PHE A 36 -5.24 16.62 0.85
N ASP A 37 -4.84 16.16 2.03
CA ASP A 37 -5.77 15.68 3.04
C ASP A 37 -6.83 14.76 2.42
N LYS A 38 -6.46 14.08 1.34
CA LYS A 38 -7.39 13.19 0.66
C LYS A 38 -7.21 11.76 1.15
N TYR A 39 -8.33 11.12 1.50
CA TYR A 39 -8.31 9.74 1.98
C TYR A 39 -9.13 8.85 1.06
N ASP A 40 -8.64 8.67 -0.17
CA ASP A 40 -9.33 7.84 -1.15
C ASP A 40 -8.33 7.25 -2.14
N ILE A 41 -8.65 6.07 -2.67
CA ILE A 41 -7.78 5.42 -3.64
C ILE A 41 -8.41 5.49 -5.03
N THR A 42 -7.59 5.38 -6.07
CA THR A 42 -8.08 5.46 -7.44
C THR A 42 -8.01 4.11 -8.16
N GLY A 43 -8.94 3.91 -9.09
CA GLY A 43 -8.98 2.67 -9.85
C GLY A 43 -7.64 2.26 -10.42
N GLU A 44 -6.82 3.25 -10.76
CA GLU A 44 -5.50 2.99 -11.33
C GLU A 44 -4.61 2.25 -10.34
N TYR A 45 -4.81 2.49 -9.05
CA TYR A 45 -4.01 1.84 -8.02
C TYR A 45 -4.73 0.65 -7.38
N VAL A 46 -5.98 0.43 -7.78
CA VAL A 46 -6.76 -0.68 -7.23
C VAL A 46 -6.12 -2.04 -7.57
N GLN A 47 -5.65 -2.19 -8.81
CA GLN A 47 -5.05 -3.45 -9.24
C GLN A 47 -4.10 -4.01 -8.19
N ILE A 48 -3.24 -3.16 -7.63
CA ILE A 48 -2.29 -3.61 -6.60
C ILE A 48 -3.03 -4.34 -5.49
N LEU A 49 -4.08 -3.72 -4.99
CA LEU A 49 -4.88 -4.30 -3.92
C LEU A 49 -5.34 -5.71 -4.30
N ASP A 50 -5.84 -5.85 -5.53
CA ASP A 50 -6.30 -7.15 -6.01
C ASP A 50 -5.13 -8.14 -6.08
N ALA A 51 -3.99 -7.66 -6.53
CA ALA A 51 -2.79 -8.49 -6.63
C ALA A 51 -2.27 -8.87 -5.25
N HIS A 52 -2.19 -7.88 -4.36
CA HIS A 52 -1.71 -8.10 -3.00
C HIS A 52 -2.70 -8.94 -2.20
N ALA A 53 -3.99 -8.67 -2.37
CA ALA A 53 -5.02 -9.39 -1.64
C ALA A 53 -5.00 -10.89 -2.00
N ALA A 54 -4.86 -11.19 -3.29
CA ALA A 54 -4.82 -12.58 -3.74
C ALA A 54 -3.59 -13.28 -3.18
N TYR A 55 -2.46 -12.58 -3.15
CA TYR A 55 -1.23 -13.17 -2.63
C TYR A 55 -1.28 -13.29 -1.11
N LEU A 56 -1.89 -12.29 -0.47
CA LEU A 56 -2.00 -12.28 0.99
C LEU A 56 -2.75 -13.51 1.49
N ASN A 57 -3.90 -13.79 0.88
CA ASN A 57 -4.71 -14.94 1.25
C ASN A 57 -4.00 -16.23 0.90
N ALA A 58 -3.41 -16.28 -0.29
CA ALA A 58 -2.70 -17.46 -0.75
C ALA A 58 -1.64 -17.92 0.24
N THR A 59 -1.14 -16.99 1.05
CA THR A 59 -0.12 -17.31 2.04
C THR A 59 -0.67 -17.09 3.45
N PRO A 60 -0.83 -18.17 4.24
CA PRO A 60 -1.36 -18.11 5.60
C PRO A 60 -0.61 -17.14 6.51
N ALA A 61 0.72 -17.24 6.53
CA ALA A 61 1.53 -16.38 7.39
C ALA A 61 1.99 -15.11 6.67
N ALA A 62 1.34 -14.78 5.58
CA ALA A 62 1.68 -13.59 4.82
C ALA A 62 0.88 -12.39 5.31
N LYS A 63 1.59 -11.43 5.89
CA LYS A 63 0.95 -10.22 6.41
C LYS A 63 1.44 -8.98 5.67
N VAL A 64 0.51 -8.11 5.27
CA VAL A 64 0.88 -6.90 4.56
C VAL A 64 0.92 -5.69 5.49
N LEU A 65 1.88 -4.81 5.24
CA LEU A 65 2.02 -3.62 6.05
C LEU A 65 1.72 -2.37 5.24
N VAL A 66 0.52 -1.82 5.42
CA VAL A 66 0.12 -0.62 4.70
C VAL A 66 0.72 0.61 5.36
N GLU A 67 1.72 1.19 4.71
CA GLU A 67 2.39 2.37 5.24
C GLU A 67 1.88 3.63 4.56
N GLY A 68 1.32 4.54 5.34
CA GLY A 68 0.82 5.78 4.80
C GLY A 68 1.82 6.91 4.96
N ASN A 69 1.90 7.80 3.97
CA ASN A 69 2.83 8.91 4.02
C ASN A 69 2.18 10.18 3.48
N THR A 70 1.78 11.05 4.38
CA THR A 70 1.16 12.31 3.99
C THR A 70 2.19 13.43 3.93
N ASP A 71 1.71 14.66 3.78
CA ASP A 71 2.61 15.81 3.70
C ASP A 71 3.20 16.14 5.07
N GLU A 72 4.32 16.84 5.07
CA GLU A 72 5.00 17.22 6.30
C GLU A 72 4.24 18.35 7.01
N ARG A 73 3.65 19.24 6.22
CA ARG A 73 2.93 20.38 6.78
C ARG A 73 2.02 19.99 7.94
N GLY A 74 2.33 20.53 9.12
CA GLY A 74 1.54 20.26 10.31
C GLY A 74 2.30 19.46 11.36
N THR A 75 1.55 18.85 12.28
CA THR A 75 2.13 18.06 13.36
C THR A 75 1.97 16.57 13.08
N PRO A 76 2.93 15.74 13.53
CA PRO A 76 2.87 14.29 13.32
C PRO A 76 1.56 13.68 13.83
N GLU A 77 1.02 14.27 14.88
CA GLU A 77 -0.22 13.79 15.47
C GLU A 77 -1.40 13.99 14.53
N TYR A 78 -1.48 15.15 13.89
CA TYR A 78 -2.56 15.43 12.97
C TYR A 78 -2.35 14.66 11.68
N ASN A 79 -1.10 14.59 11.22
CA ASN A 79 -0.81 13.85 10.02
C ASN A 79 -1.04 12.37 10.28
N ILE A 80 -0.09 11.73 10.98
CA ILE A 80 -0.19 10.31 11.31
C ILE A 80 -1.63 9.87 11.53
N ALA A 81 -2.43 10.73 12.17
CA ALA A 81 -3.84 10.38 12.40
C ALA A 81 -4.61 10.36 11.10
N LEU A 82 -4.59 11.49 10.39
CA LEU A 82 -5.28 11.57 9.11
C LEU A 82 -4.77 10.44 8.19
N GLY A 83 -3.45 10.21 8.21
CA GLY A 83 -2.88 9.13 7.43
C GLY A 83 -3.33 7.78 7.96
N GLN A 84 -3.37 7.68 9.29
CA GLN A 84 -3.80 6.43 9.93
C GLN A 84 -5.15 6.00 9.38
N ARG A 85 -6.06 6.97 9.22
CA ARG A 85 -7.38 6.66 8.69
C ARG A 85 -7.25 6.16 7.26
N ARG A 86 -6.28 6.72 6.52
CA ARG A 86 -6.04 6.27 5.15
C ARG A 86 -5.54 4.83 5.20
N ALA A 87 -4.61 4.58 6.12
CA ALA A 87 -4.07 3.25 6.32
C ALA A 87 -5.19 2.28 6.63
N ASP A 88 -6.19 2.77 7.38
CA ASP A 88 -7.35 1.98 7.73
C ASP A 88 -8.18 1.72 6.47
N ALA A 89 -8.09 2.65 5.52
CA ALA A 89 -8.80 2.53 4.25
C ALA A 89 -8.38 1.25 3.55
N VAL A 90 -7.12 1.20 3.14
CA VAL A 90 -6.59 0.01 2.47
C VAL A 90 -6.76 -1.21 3.38
N LYS A 91 -6.69 -0.96 4.67
CA LYS A 91 -6.85 -2.00 5.68
C LYS A 91 -8.23 -2.65 5.56
N GLY A 92 -9.26 -1.81 5.46
CA GLY A 92 -10.62 -2.30 5.34
C GLY A 92 -10.90 -2.86 3.96
N TYR A 93 -10.06 -2.49 3.00
CA TYR A 93 -10.20 -3.00 1.64
C TYR A 93 -9.90 -4.48 1.63
N LEU A 94 -8.66 -4.81 2.01
CA LEU A 94 -8.25 -6.20 2.08
C LEU A 94 -9.19 -6.97 3.00
N ALA A 95 -9.70 -6.26 4.00
CA ALA A 95 -10.63 -6.84 4.95
C ALA A 95 -11.95 -7.16 4.25
N GLY A 96 -12.34 -6.28 3.34
CA GLY A 96 -13.57 -6.48 2.59
C GLY A 96 -13.53 -7.77 1.80
N LYS A 97 -12.37 -8.06 1.22
CA LYS A 97 -12.20 -9.29 0.47
C LYS A 97 -12.44 -10.49 1.39
N GLY A 98 -12.03 -10.33 2.64
CA GLY A 98 -12.19 -11.38 3.63
C GLY A 98 -10.87 -11.82 4.23
N VAL A 99 -9.90 -10.91 4.25
CA VAL A 99 -8.59 -11.18 4.81
C VAL A 99 -8.56 -10.84 6.29
N ASP A 100 -7.83 -11.64 7.07
CA ASP A 100 -7.73 -11.43 8.52
C ASP A 100 -6.98 -10.14 8.83
N ALA A 101 -7.10 -9.70 10.07
CA ALA A 101 -6.43 -8.50 10.53
C ALA A 101 -5.04 -8.83 11.08
N GLY A 102 -4.91 -10.03 11.62
CA GLY A 102 -3.64 -10.47 12.16
C GLY A 102 -2.51 -10.37 11.15
N LYS A 103 -2.86 -10.54 9.88
CA LYS A 103 -1.88 -10.46 8.80
C LYS A 103 -1.96 -9.10 8.10
N LEU A 104 -2.93 -8.30 8.50
CA LEU A 104 -3.12 -6.96 7.95
C LEU A 104 -2.69 -5.90 8.96
N GLY A 105 -1.72 -5.05 8.58
CA GLY A 105 -1.26 -4.03 9.48
C GLY A 105 -1.25 -2.68 8.81
N THR A 106 -0.86 -1.66 9.55
CA THR A 106 -0.82 -0.30 9.03
C THR A 106 0.27 0.51 9.71
N VAL A 107 0.62 1.63 9.09
CA VAL A 107 1.63 2.54 9.61
C VAL A 107 1.47 3.90 8.96
N SER A 108 2.03 4.93 9.57
CA SER A 108 1.94 6.28 9.01
C SER A 108 3.02 7.19 9.56
N TYR A 109 3.74 7.87 8.67
CA TYR A 109 4.78 8.78 9.09
C TYR A 109 4.19 10.16 9.31
N GLY A 110 3.67 10.77 8.24
CA GLY A 110 3.13 12.09 8.37
C GLY A 110 4.24 13.11 8.32
N GLU A 111 4.29 14.00 9.30
CA GLU A 111 5.36 15.00 9.34
C GLU A 111 6.53 14.51 10.18
N GLU A 112 6.45 13.28 10.70
CA GLU A 112 7.54 12.72 11.50
C GLU A 112 8.86 12.79 10.75
N LYS A 113 8.94 12.03 9.66
CA LYS A 113 10.14 12.01 8.84
C LYS A 113 9.77 11.94 7.36
N PRO A 114 9.58 13.09 6.72
CA PRO A 114 9.19 13.16 5.30
C PRO A 114 10.27 12.60 4.38
N ALA A 115 9.90 12.36 3.13
CA ALA A 115 10.84 11.82 2.14
C ALA A 115 11.37 12.94 1.26
N VAL A 116 10.46 13.63 0.58
CA VAL A 116 10.84 14.73 -0.30
C VAL A 116 10.85 16.06 0.46
N LEU A 117 11.82 16.91 0.12
CA LEU A 117 11.95 18.21 0.75
C LEU A 117 11.27 19.29 -0.08
N GLY A 118 10.60 20.21 0.60
CA GLY A 118 9.91 21.29 -0.08
C GLY A 118 8.42 21.26 0.17
N HIS A 119 7.70 22.25 -0.34
CA HIS A 119 6.26 22.31 -0.15
C HIS A 119 5.55 22.82 -1.41
N ASP A 120 5.57 22.00 -2.46
CA ASP A 120 4.90 22.35 -3.72
C ASP A 120 4.25 21.10 -4.31
N GLU A 121 3.19 21.29 -5.09
CA GLU A 121 2.47 20.16 -5.69
C GLU A 121 3.42 19.06 -6.17
N ALA A 122 4.62 19.44 -6.58
CA ALA A 122 5.61 18.47 -7.05
C ALA A 122 6.08 17.57 -5.91
N ALA A 123 6.77 18.17 -4.95
CA ALA A 123 7.26 17.41 -3.80
C ALA A 123 6.11 16.93 -2.93
N TYR A 124 5.12 17.78 -2.73
CA TYR A 124 3.95 17.43 -1.92
C TYR A 124 3.31 16.15 -2.43
N SER A 125 2.98 16.11 -3.72
CA SER A 125 2.37 14.94 -4.32
C SER A 125 3.27 13.73 -4.15
N LYS A 126 4.58 13.97 -4.27
CA LYS A 126 5.55 12.90 -4.12
C LYS A 126 5.48 12.30 -2.73
N ASN A 127 5.12 13.13 -1.75
CA ASN A 127 5.01 12.68 -0.36
C ASN A 127 3.65 12.05 -0.08
N ARG A 128 2.59 12.55 -0.71
CA ARG A 128 1.25 12.01 -0.49
C ARG A 128 1.12 10.61 -1.07
N ARG A 129 1.62 9.63 -0.32
CA ARG A 129 1.58 8.24 -0.77
C ARG A 129 1.51 7.24 0.38
N ALA A 130 0.88 6.11 0.12
CA ALA A 130 0.77 5.03 1.08
C ALA A 130 1.42 3.80 0.47
N VAL A 131 2.67 3.56 0.85
CA VAL A 131 3.44 2.45 0.28
C VAL A 131 3.18 1.11 0.97
N LEU A 132 2.63 0.18 0.22
CA LEU A 132 2.35 -1.17 0.71
C LEU A 132 3.66 -1.88 1.03
N ALA A 133 3.99 -1.96 2.32
CA ALA A 133 5.22 -2.61 2.75
C ALA A 133 4.96 -4.04 3.23
N TYR A 134 5.74 -4.98 2.69
CA TYR A 134 5.60 -6.37 3.07
C TYR A 134 6.52 -6.72 4.23
N ALA B 1 -5.27 25.35 13.80
CA ALA B 1 -5.06 25.73 12.40
C ALA B 1 -5.51 24.61 11.48
N CYS A 1 24.80 -9.46 -3.08
CA CYS A 1 23.85 -10.49 -2.58
C CYS A 1 23.19 -11.25 -3.73
N SER A 2 22.66 -10.50 -4.69
CA SER A 2 21.99 -11.10 -5.85
C SER A 2 22.58 -10.56 -7.15
N SER A 3 23.86 -10.21 -7.12
CA SER A 3 24.54 -9.68 -8.29
C SER A 3 25.94 -10.27 -8.44
N SER A 4 26.16 -11.42 -7.79
CA SER A 4 27.46 -12.08 -7.86
C SER A 4 27.51 -13.06 -9.01
N ASN A 5 26.55 -13.98 -9.05
CA ASN A 5 26.48 -14.98 -10.10
C ASN A 5 25.04 -15.24 -10.52
N ASN A 6 24.73 -14.95 -11.78
CA ASN A 6 23.38 -15.14 -12.30
C ASN A 6 23.43 -15.64 -13.74
N ASP A 7 22.52 -16.54 -14.08
CA ASP A 7 22.46 -17.10 -15.43
C ASP A 7 21.53 -16.26 -16.31
N ALA A 8 20.26 -16.22 -15.95
CA ALA A 8 19.27 -15.46 -16.71
C ALA A 8 17.93 -15.43 -15.98
N ALA A 9 16.93 -14.82 -16.61
CA ALA A 9 15.60 -14.72 -16.04
C ALA A 9 15.62 -13.88 -14.76
N GLY A 10 14.61 -13.04 -14.59
CA GLY A 10 14.53 -12.21 -13.41
C GLY A 10 14.32 -13.01 -12.15
N ASN A 11 13.61 -14.13 -12.27
CA ASN A 11 13.33 -15.00 -11.14
C ASN A 11 12.47 -16.18 -11.56
N GLY A 12 12.96 -17.39 -11.29
CA GLY A 12 12.21 -18.58 -11.66
C GLY A 12 11.08 -18.88 -10.70
N ALA A 13 11.41 -19.03 -9.43
CA ALA A 13 10.42 -19.32 -8.40
C ALA A 13 9.30 -18.28 -8.40
N ALA A 14 9.60 -17.09 -8.90
CA ALA A 14 8.62 -16.01 -8.95
C ALA A 14 7.37 -16.44 -9.71
N GLN A 15 6.21 -16.16 -9.13
CA GLN A 15 4.93 -16.52 -9.76
C GLN A 15 4.21 -15.26 -10.26
N THR A 16 2.93 -15.40 -10.55
CA THR A 16 2.14 -14.27 -11.05
C THR A 16 0.84 -14.13 -10.25
N PHE A 17 0.88 -13.34 -9.19
CA PHE A 17 -0.29 -13.12 -8.35
C PHE A 17 -1.10 -11.92 -8.85
N GLY A 18 -2.25 -12.20 -9.46
CA GLY A 18 -3.10 -11.14 -9.95
C GLY A 18 -2.45 -10.31 -11.05
N GLY A 19 -1.31 -10.77 -11.57
CA GLY A 19 -0.65 -10.03 -12.63
C GLY A 19 0.85 -9.90 -12.47
N TYR A 20 1.32 -9.79 -11.22
CA TYR A 20 2.75 -9.63 -10.96
C TYR A 20 3.24 -10.62 -9.91
N SER A 21 4.55 -10.60 -9.66
CA SER A 21 5.16 -11.49 -8.67
C SER A 21 5.48 -10.73 -7.38
N VAL A 22 5.60 -11.49 -6.29
CA VAL A 22 5.90 -10.92 -4.98
C VAL A 22 7.05 -9.91 -5.03
N ALA A 23 8.16 -10.34 -5.63
CA ALA A 23 9.34 -9.48 -5.73
C ALA A 23 9.04 -8.15 -6.43
N ASP A 24 7.88 -8.05 -7.08
CA ASP A 24 7.48 -6.81 -7.71
C ASP A 24 6.54 -6.05 -6.79
N LEU A 25 5.58 -6.78 -6.22
CA LEU A 25 4.63 -6.18 -5.30
C LEU A 25 5.34 -5.53 -4.11
N GLN A 26 6.59 -5.93 -3.89
CA GLN A 26 7.37 -5.41 -2.77
C GLN A 26 8.51 -4.48 -3.24
N GLN A 27 8.77 -4.47 -4.55
CA GLN A 27 9.87 -3.64 -5.06
C GLN A 27 9.39 -2.56 -6.04
N ARG A 28 8.33 -2.81 -6.78
CA ARG A 28 7.85 -1.84 -7.77
C ARG A 28 6.39 -1.41 -7.55
N TYR A 29 5.49 -2.37 -7.39
CA TYR A 29 4.09 -2.05 -7.24
C TYR A 29 3.61 -2.25 -5.80
N ASN A 30 3.44 -1.13 -5.10
CA ASN A 30 2.97 -1.14 -3.71
C ASN A 30 2.76 0.26 -3.12
N THR A 31 2.79 1.29 -3.96
CA THR A 31 2.60 2.65 -3.45
C THR A 31 1.30 3.28 -3.96
N VAL A 32 0.51 3.81 -3.03
CA VAL A 32 -0.76 4.46 -3.37
C VAL A 32 -0.64 5.97 -3.18
N TYR A 33 -1.41 6.73 -3.95
CA TYR A 33 -1.35 8.20 -3.87
C TYR A 33 -2.64 8.81 -3.31
N PHE A 34 -2.56 10.07 -2.88
CA PHE A 34 -3.70 10.78 -2.31
C PHE A 34 -3.59 12.29 -2.54
N GLY A 35 -4.68 13.01 -2.27
CA GLY A 35 -4.66 14.46 -2.43
C GLY A 35 -4.63 15.17 -1.08
N PHE A 36 -4.71 16.50 -1.09
CA PHE A 36 -4.69 17.27 0.16
C PHE A 36 -5.85 16.87 1.06
N ASP A 37 -5.54 16.56 2.31
CA ASP A 37 -6.55 16.15 3.29
C ASP A 37 -7.58 15.18 2.70
N LYS A 38 -7.13 14.39 1.73
CA LYS A 38 -8.00 13.42 1.09
C LYS A 38 -7.74 12.01 1.64
N TYR A 39 -8.80 11.26 1.89
CA TYR A 39 -8.68 9.91 2.43
C TYR A 39 -9.40 8.89 1.55
N ASP A 40 -8.97 8.78 0.30
CA ASP A 40 -9.57 7.84 -0.65
C ASP A 40 -8.53 7.40 -1.68
N ILE A 41 -8.68 6.18 -2.19
CA ILE A 41 -7.75 5.66 -3.19
C ILE A 41 -8.26 5.91 -4.61
N THR A 42 -7.37 5.80 -5.59
CA THR A 42 -7.75 6.02 -6.98
C THR A 42 -7.67 4.72 -7.79
N GLY A 43 -8.62 4.55 -8.70
CA GLY A 43 -8.66 3.35 -9.53
C GLY A 43 -7.30 3.00 -10.13
N GLU A 44 -6.46 4.01 -10.37
CA GLU A 44 -5.14 3.79 -10.95
C GLU A 44 -4.25 2.96 -10.03
N TYR A 45 -4.43 3.13 -8.73
CA TYR A 45 -3.63 2.42 -7.73
C TYR A 45 -4.38 1.24 -7.10
N VAL A 46 -5.60 0.99 -7.57
CA VAL A 46 -6.41 -0.10 -7.04
C VAL A 46 -5.83 -1.47 -7.37
N GLN A 47 -5.34 -1.63 -8.60
CA GLN A 47 -4.78 -2.91 -9.03
C GLN A 47 -3.84 -3.51 -7.98
N ILE A 48 -3.06 -2.66 -7.30
CA ILE A 48 -2.15 -3.15 -6.28
C ILE A 48 -2.91 -3.91 -5.20
N LEU A 49 -3.94 -3.26 -4.66
CA LEU A 49 -4.77 -3.88 -3.63
C LEU A 49 -5.29 -5.24 -4.11
N ASP A 50 -5.52 -5.35 -5.41
CA ASP A 50 -6.01 -6.59 -6.00
C ASP A 50 -4.91 -7.64 -6.07
N ALA A 51 -3.70 -7.21 -6.43
CA ALA A 51 -2.57 -8.14 -6.54
C ALA A 51 -2.06 -8.54 -5.17
N HIS A 52 -1.94 -7.56 -4.27
CA HIS A 52 -1.48 -7.85 -2.91
C HIS A 52 -2.49 -8.77 -2.22
N ALA A 53 -3.77 -8.53 -2.47
CA ALA A 53 -4.83 -9.33 -1.88
C ALA A 53 -4.72 -10.79 -2.32
N ALA A 54 -4.51 -11.02 -3.62
CA ALA A 54 -4.38 -12.37 -4.13
C ALA A 54 -3.24 -13.10 -3.43
N TYR A 55 -2.11 -12.41 -3.25
CA TYR A 55 -0.96 -13.01 -2.60
C TYR A 55 -1.20 -13.13 -1.10
N LEU A 56 -1.79 -12.10 -0.51
CA LEU A 56 -2.06 -12.09 0.92
C LEU A 56 -2.99 -13.23 1.32
N ASN A 57 -4.04 -13.42 0.54
CA ASN A 57 -5.01 -14.48 0.82
C ASN A 57 -4.39 -15.85 0.53
N ALA A 58 -3.64 -15.94 -0.55
CA ALA A 58 -2.99 -17.18 -0.95
C ALA A 58 -2.12 -17.74 0.17
N THR A 59 -1.64 -16.87 1.04
CA THR A 59 -0.80 -17.29 2.16
C THR A 59 -1.51 -17.02 3.49
N PRO A 60 -1.86 -18.09 4.23
CA PRO A 60 -2.56 -17.97 5.52
C PRO A 60 -1.87 -17.05 6.51
N ALA A 61 -0.58 -17.27 6.76
CA ALA A 61 0.18 -16.47 7.72
C ALA A 61 0.84 -15.26 7.07
N ALA A 62 0.37 -14.86 5.90
CA ALA A 62 0.93 -13.72 5.21
C ALA A 62 0.20 -12.46 5.62
N LYS A 63 0.94 -11.52 6.20
CA LYS A 63 0.37 -10.26 6.67
C LYS A 63 0.98 -9.06 5.95
N VAL A 64 0.14 -8.15 5.48
CA VAL A 64 0.63 -6.96 4.80
C VAL A 64 0.64 -5.76 5.76
N LEU A 65 1.63 -4.91 5.57
CA LEU A 65 1.77 -3.74 6.42
C LEU A 65 1.63 -2.45 5.61
N VAL A 66 0.50 -1.78 5.81
CA VAL A 66 0.24 -0.53 5.07
C VAL A 66 0.87 0.66 5.80
N GLU A 67 1.87 1.27 5.17
CA GLU A 67 2.55 2.43 5.74
C GLU A 67 2.01 3.72 5.16
N GLY A 68 1.49 4.58 6.03
CA GLY A 68 0.93 5.85 5.57
C GLY A 68 2.00 6.92 5.43
N ASN A 69 1.83 7.78 4.42
CA ASN A 69 2.77 8.86 4.17
C ASN A 69 2.03 10.10 3.66
N THR A 70 2.67 11.26 3.79
CA THR A 70 2.07 12.51 3.36
C THR A 70 3.08 13.64 3.39
N ASP A 71 2.62 14.86 3.15
CA ASP A 71 3.49 16.03 3.16
C ASP A 71 4.08 16.24 4.56
N GLU A 72 5.20 16.93 4.63
CA GLU A 72 5.85 17.18 5.90
C GLU A 72 5.06 18.19 6.76
N ARG A 73 4.37 19.10 6.10
CA ARG A 73 3.61 20.13 6.80
C ARG A 73 2.69 19.57 7.89
N GLY A 74 2.93 20.02 9.11
CA GLY A 74 2.14 19.58 10.25
C GLY A 74 2.92 18.74 11.25
N THR A 75 2.22 18.21 12.24
CA THR A 75 2.85 17.40 13.28
C THR A 75 2.50 15.92 13.11
N PRO A 76 3.46 15.02 13.38
CA PRO A 76 3.27 13.57 13.25
C PRO A 76 1.90 13.10 13.73
N GLU A 77 1.45 13.62 14.86
CA GLU A 77 0.16 13.21 15.42
C GLU A 77 -0.99 13.51 14.46
N TYR A 78 -0.98 14.71 13.87
CA TYR A 78 -2.02 15.09 12.93
C TYR A 78 -1.86 14.30 11.63
N ASN A 79 -0.63 14.16 11.17
CA ASN A 79 -0.37 13.41 9.96
C ASN A 79 -0.69 11.94 10.21
N ILE A 80 0.20 11.26 10.93
CA ILE A 80 0.01 9.84 11.26
C ILE A 80 -1.46 9.48 11.36
N ALA A 81 -2.23 10.32 12.03
CA ALA A 81 -3.64 10.05 12.18
C ALA A 81 -4.34 10.04 10.83
N LEU A 82 -4.26 11.17 10.11
CA LEU A 82 -4.87 11.24 8.78
C LEU A 82 -4.47 10.01 7.95
N GLY A 83 -3.17 9.73 7.88
CA GLY A 83 -2.70 8.57 7.15
C GLY A 83 -3.24 7.29 7.74
N GLN A 84 -3.26 7.23 9.08
CA GLN A 84 -3.77 6.05 9.77
C GLN A 84 -5.16 5.68 9.24
N ARG A 85 -5.97 6.70 8.98
CA ARG A 85 -7.30 6.48 8.43
C ARG A 85 -7.17 5.88 7.03
N ARG A 86 -6.18 6.38 6.28
CA ARG A 86 -5.94 5.87 4.94
C ARG A 86 -5.63 4.38 5.02
N ALA A 87 -4.87 4.02 6.06
CA ALA A 87 -4.51 2.64 6.29
C ALA A 87 -5.76 1.82 6.57
N ASP A 88 -6.72 2.45 7.24
CA ASP A 88 -7.99 1.81 7.56
C ASP A 88 -8.77 1.53 6.29
N ALA A 89 -8.63 2.43 5.32
CA ALA A 89 -9.31 2.29 4.04
C ALA A 89 -8.81 1.05 3.30
N VAL A 90 -7.49 0.93 3.18
CA VAL A 90 -6.89 -0.20 2.49
C VAL A 90 -6.97 -1.48 3.32
N LYS A 91 -6.77 -1.35 4.63
CA LYS A 91 -6.82 -2.51 5.51
C LYS A 91 -8.20 -3.15 5.45
N GLY A 92 -9.24 -2.32 5.40
CA GLY A 92 -10.60 -2.80 5.31
C GLY A 92 -10.91 -3.33 3.93
N TYR A 93 -10.22 -2.79 2.93
CA TYR A 93 -10.41 -3.23 1.55
C TYR A 93 -10.07 -4.71 1.45
N LEU A 94 -8.85 -5.06 1.84
CA LEU A 94 -8.42 -6.44 1.82
C LEU A 94 -9.30 -7.26 2.74
N ALA A 95 -9.78 -6.63 3.82
CA ALA A 95 -10.65 -7.29 4.77
C ALA A 95 -11.95 -7.70 4.08
N GLY A 96 -12.45 -6.83 3.21
CA GLY A 96 -13.67 -7.12 2.49
C GLY A 96 -13.48 -8.23 1.48
N LYS A 97 -12.25 -8.37 1.00
CA LYS A 97 -11.91 -9.42 0.04
C LYS A 97 -11.91 -10.79 0.69
N GLY A 98 -11.96 -10.81 2.02
CA GLY A 98 -11.97 -12.07 2.75
C GLY A 98 -10.71 -12.30 3.57
N VAL A 99 -9.81 -11.32 3.56
CA VAL A 99 -8.56 -11.44 4.31
C VAL A 99 -8.76 -11.07 5.77
N ASP A 100 -8.26 -11.92 6.66
CA ASP A 100 -8.38 -11.69 8.10
C ASP A 100 -7.70 -10.39 8.51
N ALA A 101 -8.03 -9.94 9.71
CA ALA A 101 -7.45 -8.71 10.25
C ALA A 101 -6.10 -9.00 10.90
N GLY A 102 -5.96 -10.22 11.42
CA GLY A 102 -4.72 -10.60 12.06
C GLY A 102 -3.52 -10.51 11.15
N LYS A 103 -3.77 -10.56 9.84
CA LYS A 103 -2.68 -10.47 8.85
C LYS A 103 -2.56 -9.05 8.29
N LEU A 104 -3.46 -8.17 8.70
CA LEU A 104 -3.43 -6.79 8.24
C LEU A 104 -2.57 -5.94 9.17
N GLY A 105 -1.94 -4.89 8.64
CA GLY A 105 -1.10 -4.02 9.44
C GLY A 105 -1.19 -2.59 8.95
N THR A 106 -1.25 -1.65 9.89
CA THR A 106 -1.34 -0.23 9.52
C THR A 106 -0.33 0.60 10.32
N VAL A 107 0.07 1.73 9.75
CA VAL A 107 1.03 2.62 10.38
C VAL A 107 1.20 3.88 9.53
N SER A 108 1.89 4.87 10.07
CA SER A 108 2.11 6.12 9.34
C SER A 108 3.26 6.92 9.95
N TYR A 109 4.09 7.50 9.08
CA TYR A 109 5.22 8.31 9.52
C TYR A 109 5.15 9.71 8.93
N GLY A 110 3.95 10.10 8.49
CA GLY A 110 3.71 11.42 7.90
C GLY A 110 4.95 12.25 7.65
N GLU A 111 5.09 13.32 8.42
CA GLU A 111 6.24 14.23 8.29
C GLU A 111 7.45 13.76 9.09
N GLU A 112 7.36 12.55 9.65
CA GLU A 112 8.47 12.01 10.43
C GLU A 112 9.77 12.11 9.61
N LYS A 113 9.78 11.46 8.45
CA LYS A 113 10.94 11.47 7.58
C LYS A 113 10.49 11.71 6.14
N PRO A 114 10.41 12.98 5.70
CA PRO A 114 9.97 13.33 4.35
C PRO A 114 10.80 12.66 3.26
N ALA A 115 10.24 12.60 2.06
CA ALA A 115 10.92 11.99 0.92
C ALA A 115 11.28 13.05 -0.11
N VAL A 116 10.27 13.61 -0.77
CA VAL A 116 10.50 14.63 -1.79
C VAL A 116 10.56 16.01 -1.16
N LEU A 117 11.76 16.56 -1.10
CA LEU A 117 11.97 17.89 -0.52
C LEU A 117 11.38 18.98 -1.41
N GLY A 118 10.68 19.90 -0.78
CA GLY A 118 10.06 21.00 -1.51
C GLY A 118 8.67 21.28 -0.99
N HIS A 119 8.04 22.33 -1.50
CA HIS A 119 6.70 22.69 -1.04
C HIS A 119 5.81 23.17 -2.19
N ASP A 120 5.14 22.23 -2.86
CA ASP A 120 4.26 22.56 -3.97
C ASP A 120 3.52 21.31 -4.42
N GLU A 121 2.48 21.48 -5.22
CA GLU A 121 1.68 20.34 -5.70
C GLU A 121 2.55 19.20 -6.24
N ALA A 122 3.78 19.52 -6.64
CA ALA A 122 4.70 18.53 -7.17
C ALA A 122 5.23 17.62 -6.06
N ALA A 123 5.92 18.20 -5.09
CA ALA A 123 6.49 17.44 -3.99
C ALA A 123 5.38 16.95 -3.05
N TYR A 124 4.39 17.79 -2.80
CA TYR A 124 3.28 17.44 -1.93
C TYR A 124 2.54 16.23 -2.47
N SER A 125 2.25 16.25 -3.77
CA SER A 125 1.54 15.15 -4.41
C SER A 125 2.39 13.88 -4.38
N LYS A 126 3.71 14.07 -4.43
CA LYS A 126 4.63 12.94 -4.42
C LYS A 126 4.76 12.34 -3.03
N ASN A 127 4.49 13.15 -2.01
CA ASN A 127 4.59 12.69 -0.62
C ASN A 127 3.28 12.06 -0.15
N ARG A 128 2.16 12.51 -0.72
CA ARG A 128 0.86 11.96 -0.37
C ARG A 128 0.74 10.52 -0.83
N ARG A 129 1.18 9.59 0.01
CA ARG A 129 1.15 8.18 -0.37
C ARG A 129 1.20 7.22 0.81
N ALA A 130 0.76 5.99 0.56
CA ALA A 130 0.79 4.92 1.54
C ALA A 130 1.55 3.75 0.94
N VAL A 131 2.77 3.53 1.41
CA VAL A 131 3.61 2.46 0.87
C VAL A 131 3.33 1.11 1.49
N LEU A 132 2.79 0.23 0.68
CA LEU A 132 2.48 -1.14 1.10
C LEU A 132 3.76 -1.87 1.50
N ALA A 133 4.00 -1.98 2.81
CA ALA A 133 5.18 -2.65 3.32
C ALA A 133 4.86 -4.06 3.81
N TYR A 134 5.66 -5.03 3.37
CA TYR A 134 5.45 -6.41 3.77
C TYR A 134 6.24 -6.74 5.04
N ALA B 1 -5.66 25.21 13.91
CA ALA B 1 -5.53 25.77 12.57
C ALA B 1 -5.86 24.69 11.52
N CYS A 1 -15.65 -24.06 -10.85
CA CYS A 1 -14.25 -24.37 -11.26
C CYS A 1 -13.50 -23.10 -11.65
N SER A 2 -12.17 -23.19 -11.68
CA SER A 2 -11.34 -22.05 -12.05
C SER A 2 -9.88 -22.47 -12.19
N SER A 3 -9.00 -21.48 -12.36
CA SER A 3 -7.57 -21.75 -12.52
C SER A 3 -7.32 -22.61 -13.75
N SER A 4 -7.10 -21.95 -14.88
CA SER A 4 -6.84 -22.65 -16.15
C SER A 4 -5.35 -22.92 -16.31
N ASN A 5 -4.52 -22.07 -15.72
CA ASN A 5 -3.07 -22.22 -15.81
C ASN A 5 -2.52 -22.91 -14.57
N ASN A 6 -1.44 -23.68 -14.75
CA ASN A 6 -0.82 -24.39 -13.64
C ASN A 6 0.25 -23.54 -12.97
N ASP A 7 0.40 -23.72 -11.67
CA ASP A 7 1.40 -22.96 -10.91
C ASP A 7 2.72 -23.72 -10.85
N ALA A 8 2.66 -24.96 -10.38
CA ALA A 8 3.87 -25.79 -10.27
C ALA A 8 4.88 -25.18 -9.30
N ALA A 9 5.47 -26.03 -8.46
CA ALA A 9 6.46 -25.58 -7.50
C ALA A 9 7.86 -25.50 -8.11
N GLY A 10 7.95 -25.77 -9.41
CA GLY A 10 9.24 -25.72 -10.09
C GLY A 10 9.84 -24.32 -10.08
N ASN A 11 8.97 -23.31 -10.04
CA ASN A 11 9.41 -21.91 -10.03
C ASN A 11 10.52 -21.67 -11.03
N GLY A 12 10.51 -22.43 -12.13
CA GLY A 12 11.53 -22.28 -13.16
C GLY A 12 11.39 -20.99 -13.93
N ALA A 13 10.16 -20.69 -14.35
CA ALA A 13 9.89 -19.48 -15.12
C ALA A 13 9.55 -18.31 -14.20
N ALA A 14 8.35 -18.35 -13.62
CA ALA A 14 7.91 -17.29 -12.72
C ALA A 14 6.50 -17.57 -12.19
N GLN A 15 6.03 -16.71 -11.29
CA GLN A 15 4.70 -16.85 -10.71
C GLN A 15 3.93 -15.54 -10.80
N THR A 16 2.61 -15.64 -10.95
CA THR A 16 1.78 -14.44 -11.06
C THR A 16 0.61 -14.48 -10.08
N PHE A 17 0.17 -13.30 -9.65
CA PHE A 17 -0.95 -13.17 -8.71
C PHE A 17 -1.80 -11.96 -9.09
N GLY A 18 -2.98 -12.21 -9.64
CA GLY A 18 -3.86 -11.14 -10.02
C GLY A 18 -3.32 -10.28 -11.15
N GLY A 19 -2.22 -10.72 -11.76
CA GLY A 19 -1.65 -9.94 -12.86
C GLY A 19 -0.15 -9.74 -12.77
N TYR A 20 0.37 -9.59 -11.56
CA TYR A 20 1.81 -9.38 -11.37
C TYR A 20 2.43 -10.48 -10.53
N SER A 21 3.76 -10.51 -10.48
CA SER A 21 4.48 -11.52 -9.71
C SER A 21 4.96 -10.96 -8.38
N VAL A 22 4.97 -11.79 -7.34
CA VAL A 22 5.42 -11.38 -6.02
C VAL A 22 6.70 -10.54 -6.10
N ALA A 23 7.50 -10.81 -7.11
CA ALA A 23 8.77 -10.11 -7.30
C ALA A 23 8.59 -8.62 -7.52
N ASP A 24 7.41 -8.19 -7.95
CA ASP A 24 7.14 -6.76 -8.16
C ASP A 24 6.36 -6.22 -6.97
N LEU A 25 5.24 -6.91 -6.70
CA LEU A 25 4.35 -6.56 -5.59
C LEU A 25 5.15 -6.26 -4.32
N GLN A 26 6.34 -6.87 -4.20
CA GLN A 26 7.20 -6.68 -3.04
C GLN A 26 8.27 -5.65 -3.33
N GLN A 27 8.68 -5.58 -4.58
CA GLN A 27 9.70 -4.63 -5.01
C GLN A 27 9.46 -4.20 -6.44
N ARG A 28 8.49 -3.31 -6.62
CA ARG A 28 8.15 -2.75 -7.93
C ARG A 28 6.78 -2.07 -7.89
N TYR A 29 5.75 -2.89 -7.74
CA TYR A 29 4.37 -2.38 -7.71
C TYR A 29 3.75 -2.47 -6.31
N ASN A 30 3.90 -1.43 -5.51
CA ASN A 30 3.33 -1.42 -4.17
C ASN A 30 3.37 -0.02 -3.53
N THR A 31 2.65 0.94 -4.12
CA THR A 31 2.63 2.30 -3.58
C THR A 31 1.46 3.09 -4.16
N VAL A 32 0.63 3.68 -3.28
CA VAL A 32 -0.52 4.47 -3.73
C VAL A 32 -0.22 5.96 -3.68
N TYR A 33 -0.86 6.73 -4.58
CA TYR A 33 -0.65 8.17 -4.65
C TYR A 33 -1.93 8.93 -4.32
N PHE A 34 -1.93 9.55 -3.15
CA PHE A 34 -3.08 10.29 -2.64
C PHE A 34 -3.05 11.76 -3.06
N GLY A 35 -4.14 12.48 -2.76
CA GLY A 35 -4.23 13.89 -3.07
C GLY A 35 -4.21 14.73 -1.81
N PHE A 36 -4.41 16.04 -1.93
CA PHE A 36 -4.41 16.91 -0.75
C PHE A 36 -5.47 16.47 0.25
N ASP A 37 -5.03 16.19 1.48
CA ASP A 37 -5.93 15.77 2.54
C ASP A 37 -6.95 14.74 2.07
N LYS A 38 -6.56 13.94 1.08
CA LYS A 38 -7.43 12.91 0.52
C LYS A 38 -7.20 11.57 1.21
N TYR A 39 -8.28 10.83 1.44
CA TYR A 39 -8.18 9.52 2.08
C TYR A 39 -8.96 8.47 1.29
N ASP A 40 -8.67 8.39 0.00
CA ASP A 40 -9.32 7.43 -0.88
C ASP A 40 -8.36 7.04 -1.99
N ILE A 41 -8.49 5.82 -2.49
CA ILE A 41 -7.61 5.35 -3.56
C ILE A 41 -8.30 5.44 -4.92
N THR A 42 -7.51 5.37 -5.99
CA THR A 42 -8.06 5.47 -7.34
C THR A 42 -7.99 4.13 -8.08
N GLY A 43 -8.93 3.93 -9.00
CA GLY A 43 -8.98 2.69 -9.76
C GLY A 43 -7.62 2.25 -10.27
N GLU A 44 -6.73 3.22 -10.51
CA GLU A 44 -5.40 2.92 -11.01
C GLU A 44 -4.59 2.14 -9.97
N TYR A 45 -4.88 2.38 -8.70
CA TYR A 45 -4.19 1.72 -7.60
C TYR A 45 -5.02 0.62 -6.97
N VAL A 46 -6.23 0.40 -7.49
CA VAL A 46 -7.11 -0.62 -6.94
C VAL A 46 -6.63 -2.03 -7.31
N GLN A 47 -6.11 -2.18 -8.52
CA GLN A 47 -5.62 -3.48 -8.98
C GLN A 47 -4.63 -4.09 -8.00
N ILE A 48 -3.75 -3.27 -7.45
CA ILE A 48 -2.75 -3.76 -6.51
C ILE A 48 -3.39 -4.23 -5.21
N LEU A 49 -4.44 -3.54 -4.80
CA LEU A 49 -5.14 -3.94 -3.59
C LEU A 49 -5.73 -5.34 -3.78
N ASP A 50 -6.26 -5.56 -4.99
CA ASP A 50 -6.85 -6.85 -5.35
C ASP A 50 -5.75 -7.89 -5.59
N ALA A 51 -4.62 -7.45 -6.14
CA ALA A 51 -3.50 -8.35 -6.41
C ALA A 51 -2.77 -8.70 -5.12
N HIS A 52 -2.36 -7.68 -4.38
CA HIS A 52 -1.68 -7.88 -3.12
C HIS A 52 -2.52 -8.78 -2.22
N ALA A 53 -3.84 -8.62 -2.33
CA ALA A 53 -4.78 -9.41 -1.55
C ALA A 53 -4.75 -10.88 -1.98
N ALA A 54 -4.65 -11.12 -3.29
CA ALA A 54 -4.60 -12.49 -3.80
C ALA A 54 -3.40 -13.23 -3.20
N TYR A 55 -2.28 -12.52 -3.11
CA TYR A 55 -1.06 -13.10 -2.56
C TYR A 55 -1.17 -13.26 -1.05
N LEU A 56 -1.78 -12.28 -0.41
CA LEU A 56 -1.94 -12.30 1.04
C LEU A 56 -2.76 -13.50 1.49
N ASN A 57 -3.84 -13.76 0.77
CA ASN A 57 -4.72 -14.88 1.09
C ASN A 57 -4.02 -16.21 0.77
N ALA A 58 -3.34 -16.26 -0.36
CA ALA A 58 -2.64 -17.45 -0.79
C ALA A 58 -1.63 -17.91 0.27
N THR A 59 -1.13 -16.98 1.07
CA THR A 59 -0.18 -17.30 2.12
C THR A 59 -0.80 -17.08 3.49
N PRO A 60 -1.03 -18.16 4.26
CA PRO A 60 -1.65 -18.09 5.59
C PRO A 60 -0.93 -17.15 6.56
N ALA A 61 0.39 -17.28 6.67
CA ALA A 61 1.16 -16.44 7.59
C ALA A 61 1.68 -15.16 6.92
N ALA A 62 1.10 -14.80 5.78
CA ALA A 62 1.51 -13.60 5.08
C ALA A 62 0.71 -12.39 5.54
N LYS A 63 1.41 -11.42 6.10
CA LYS A 63 0.78 -10.20 6.60
C LYS A 63 1.32 -8.97 5.86
N VAL A 64 0.42 -8.12 5.37
CA VAL A 64 0.84 -6.92 4.65
C VAL A 64 0.92 -5.72 5.58
N LEU A 65 1.95 -4.91 5.38
CA LEU A 65 2.15 -3.72 6.19
C LEU A 65 1.90 -2.46 5.38
N VAL A 66 0.76 -1.83 5.61
CA VAL A 66 0.39 -0.61 4.89
C VAL A 66 0.99 0.62 5.57
N GLU A 67 1.99 1.22 4.93
CA GLU A 67 2.65 2.40 5.48
C GLU A 67 2.16 3.65 4.76
N GLY A 68 1.54 4.55 5.51
CA GLY A 68 1.03 5.78 4.93
C GLY A 68 2.02 6.93 5.04
N ASN A 69 1.94 7.88 4.11
CA ASN A 69 2.83 9.02 4.11
C ASN A 69 2.13 10.25 3.53
N THR A 70 2.78 11.41 3.65
CA THR A 70 2.23 12.65 3.13
C THR A 70 3.11 13.84 3.49
N ASP A 71 2.76 15.01 2.97
CA ASP A 71 3.53 16.23 3.23
C ASP A 71 3.70 16.47 4.73
N GLU A 72 4.87 16.97 5.10
CA GLU A 72 5.19 17.25 6.50
C GLU A 72 4.27 18.31 7.10
N ARG A 73 3.74 19.19 6.24
CA ARG A 73 2.86 20.27 6.69
C ARG A 73 1.90 19.84 7.80
N GLY A 74 2.14 20.37 8.99
CA GLY A 74 1.31 20.05 10.14
C GLY A 74 2.08 19.27 11.19
N THR A 75 1.35 18.74 12.17
CA THR A 75 1.97 17.97 13.25
C THR A 75 1.76 16.47 13.05
N PRO A 76 2.76 15.64 13.43
CA PRO A 76 2.67 14.18 13.30
C PRO A 76 1.33 13.64 13.76
N GLU A 77 0.81 14.19 14.85
CA GLU A 77 -0.48 13.75 15.38
C GLU A 77 -1.60 14.02 14.39
N TYR A 78 -1.57 15.22 13.77
CA TYR A 78 -2.57 15.57 12.79
C TYR A 78 -2.40 14.72 11.55
N ASN A 79 -1.15 14.51 11.15
CA ASN A 79 -0.85 13.69 9.99
C ASN A 79 -1.14 12.25 10.32
N ILE A 80 -0.26 11.61 11.10
CA ILE A 80 -0.43 10.21 11.49
C ILE A 80 -1.90 9.81 11.58
N ALA A 81 -2.72 10.71 12.11
CA ALA A 81 -4.14 10.41 12.22
C ALA A 81 -4.80 10.40 10.85
N LEU A 82 -4.68 11.52 10.13
CA LEU A 82 -5.24 11.61 8.80
C LEU A 82 -4.68 10.50 7.90
N GLY A 83 -3.37 10.25 8.02
CA GLY A 83 -2.75 9.19 7.24
C GLY A 83 -3.18 7.82 7.70
N GLN A 84 -3.04 7.58 9.01
CA GLN A 84 -3.45 6.29 9.58
C GLN A 84 -4.84 5.94 9.08
N ARG A 85 -5.68 6.95 8.92
CA ARG A 85 -7.02 6.75 8.41
C ARG A 85 -6.95 6.18 7.01
N ARG A 86 -6.12 6.81 6.17
CA ARG A 86 -5.93 6.31 4.80
C ARG A 86 -5.50 4.85 4.87
N ALA A 87 -4.62 4.58 5.83
CA ALA A 87 -4.13 3.24 6.07
C ALA A 87 -5.30 2.33 6.42
N ASP A 88 -6.28 2.89 7.12
CA ASP A 88 -7.48 2.16 7.50
C ASP A 88 -8.28 1.82 6.25
N ALA A 89 -8.22 2.72 5.27
CA ALA A 89 -8.92 2.53 4.01
C ALA A 89 -8.44 1.26 3.32
N VAL A 90 -7.14 1.15 3.13
CA VAL A 90 -6.56 -0.03 2.49
C VAL A 90 -6.69 -1.26 3.37
N LYS A 91 -6.59 -1.05 4.69
CA LYS A 91 -6.71 -2.15 5.63
C LYS A 91 -8.07 -2.82 5.53
N GLY A 92 -9.12 -2.01 5.60
CA GLY A 92 -10.47 -2.53 5.50
C GLY A 92 -10.74 -3.11 4.13
N TYR A 93 -10.03 -2.59 3.12
CA TYR A 93 -10.18 -3.08 1.77
C TYR A 93 -9.85 -4.56 1.72
N LEU A 94 -8.64 -4.90 2.14
CA LEU A 94 -8.21 -6.29 2.20
C LEU A 94 -9.17 -7.08 3.08
N ALA A 95 -9.76 -6.38 4.06
CA ALA A 95 -10.73 -6.99 4.95
C ALA A 95 -12.02 -7.28 4.19
N GLY A 96 -12.40 -6.38 3.30
CA GLY A 96 -13.60 -6.55 2.52
C GLY A 96 -13.53 -7.80 1.66
N LYS A 97 -12.33 -8.10 1.18
CA LYS A 97 -12.12 -9.29 0.36
C LYS A 97 -12.41 -10.53 1.20
N GLY A 98 -12.04 -10.45 2.49
CA GLY A 98 -12.25 -11.56 3.40
C GLY A 98 -10.94 -12.04 4.00
N VAL A 99 -9.96 -11.15 4.07
CA VAL A 99 -8.66 -11.49 4.64
C VAL A 99 -8.63 -11.18 6.14
N ASP A 100 -7.90 -11.99 6.90
CA ASP A 100 -7.79 -11.80 8.34
C ASP A 100 -7.33 -10.40 8.70
N ALA A 101 -7.57 -10.01 9.95
CA ALA A 101 -7.18 -8.70 10.44
C ALA A 101 -5.78 -8.75 11.02
N GLY A 102 -5.42 -9.90 11.57
CA GLY A 102 -4.10 -10.08 12.16
C GLY A 102 -2.98 -10.08 11.13
N LYS A 103 -3.35 -10.20 9.86
CA LYS A 103 -2.35 -10.21 8.78
C LYS A 103 -2.16 -8.81 8.20
N LEU A 104 -3.03 -7.89 8.57
CA LEU A 104 -2.94 -6.52 8.09
C LEU A 104 -2.28 -5.62 9.13
N GLY A 105 -1.59 -4.58 8.68
CA GLY A 105 -0.93 -3.66 9.58
C GLY A 105 -0.82 -2.28 8.98
N THR A 106 -0.94 -1.26 9.82
CA THR A 106 -0.85 0.12 9.37
C THR A 106 0.22 0.88 10.13
N VAL A 107 0.70 1.97 9.54
CA VAL A 107 1.73 2.79 10.17
C VAL A 107 1.99 4.04 9.32
N SER A 108 1.73 5.21 9.90
CA SER A 108 1.92 6.46 9.18
C SER A 108 3.24 7.13 9.58
N TYR A 109 3.90 7.76 8.61
CA TYR A 109 5.16 8.47 8.87
C TYR A 109 4.95 9.98 8.87
N GLY A 110 3.67 10.40 8.81
CA GLY A 110 3.32 11.81 8.83
C GLY A 110 4.48 12.75 8.51
N GLU A 111 4.69 13.72 9.39
CA GLU A 111 5.78 14.68 9.21
C GLU A 111 6.97 14.33 10.09
N GLU A 112 6.98 13.11 10.65
CA GLU A 112 8.08 12.68 11.50
C GLU A 112 9.39 12.74 10.72
N LYS A 113 9.45 12.01 9.61
CA LYS A 113 10.62 12.00 8.75
C LYS A 113 10.19 12.07 7.30
N PRO A 114 10.04 13.29 6.75
CA PRO A 114 9.59 13.50 5.37
C PRO A 114 10.55 12.89 4.35
N ALA A 115 10.06 12.75 3.11
CA ALA A 115 10.85 12.19 2.03
C ALA A 115 11.29 13.30 1.09
N VAL A 116 10.33 13.89 0.38
CA VAL A 116 10.63 14.96 -0.57
C VAL A 116 10.60 16.32 0.14
N LEU A 117 11.78 16.90 0.29
CA LEU A 117 11.93 18.19 0.95
C LEU A 117 11.32 19.31 0.12
N GLY A 118 10.64 20.22 0.81
CA GLY A 118 10.00 21.34 0.13
C GLY A 118 8.51 21.40 0.41
N HIS A 119 7.84 22.43 -0.11
CA HIS A 119 6.41 22.59 0.12
C HIS A 119 5.71 23.09 -1.14
N ASP A 120 5.77 22.30 -2.21
CA ASP A 120 5.13 22.65 -3.47
C ASP A 120 4.25 21.47 -3.91
N GLU A 121 3.22 21.75 -4.71
CA GLU A 121 2.32 20.70 -5.17
C GLU A 121 3.09 19.52 -5.75
N ALA A 122 4.32 19.76 -6.19
CA ALA A 122 5.15 18.70 -6.76
C ALA A 122 5.70 17.80 -5.66
N ALA A 123 6.45 18.40 -4.73
CA ALA A 123 7.03 17.64 -3.63
C ALA A 123 5.93 17.05 -2.75
N TYR A 124 4.91 17.83 -2.49
CA TYR A 124 3.78 17.39 -1.67
C TYR A 124 3.00 16.27 -2.35
N SER A 125 2.85 16.37 -3.68
CA SER A 125 2.12 15.35 -4.44
C SER A 125 2.80 14.00 -4.32
N LYS A 126 4.13 14.01 -4.31
CA LYS A 126 4.88 12.76 -4.19
C LYS A 126 4.99 12.35 -2.72
N ASN A 127 4.65 13.26 -1.80
CA ASN A 127 4.73 12.96 -0.38
C ASN A 127 3.52 12.15 0.10
N ARG A 128 2.32 12.42 -0.43
CA ARG A 128 1.13 11.67 0.00
C ARG A 128 1.09 10.31 -0.69
N ARG A 129 1.66 9.33 0.00
CA ARG A 129 1.72 7.97 -0.54
C ARG A 129 1.62 6.91 0.55
N ALA A 130 0.98 5.79 0.21
CA ALA A 130 0.84 4.67 1.12
C ALA A 130 1.61 3.49 0.54
N VAL A 131 2.85 3.34 0.96
CA VAL A 131 3.70 2.28 0.46
C VAL A 131 3.40 0.93 1.09
N LEU A 132 2.89 0.02 0.25
CA LEU A 132 2.57 -1.33 0.69
C LEU A 132 3.85 -2.04 1.11
N ALA A 133 4.09 -2.10 2.41
CA ALA A 133 5.29 -2.74 2.94
C ALA A 133 5.03 -4.17 3.38
N TYR A 134 5.78 -5.11 2.80
CA TYR A 134 5.64 -6.51 3.15
C TYR A 134 6.57 -6.91 4.29
N ALA B 1 -6.56 26.50 10.19
CA ALA B 1 -5.84 25.63 11.14
C ALA B 1 -5.80 24.18 10.64
N CYS A 1 -13.79 -26.07 -18.70
CA CYS A 1 -13.04 -26.67 -17.58
C CYS A 1 -12.82 -28.17 -17.82
N SER A 2 -11.56 -28.59 -17.74
CA SER A 2 -11.21 -29.99 -17.95
C SER A 2 -9.72 -30.23 -17.67
N SER A 3 -9.43 -31.29 -16.92
CA SER A 3 -8.06 -31.63 -16.59
C SER A 3 -7.53 -32.72 -17.51
N SER A 4 -7.95 -32.68 -18.77
CA SER A 4 -7.53 -33.67 -19.75
C SER A 4 -6.09 -33.41 -20.21
N ASN A 5 -5.64 -32.16 -20.06
CA ASN A 5 -4.28 -31.78 -20.45
C ASN A 5 -3.40 -31.59 -19.22
N ASN A 6 -2.16 -32.08 -19.32
CA ASN A 6 -1.21 -31.96 -18.23
C ASN A 6 -0.09 -30.98 -18.56
N ASP A 7 0.44 -30.33 -17.54
CA ASP A 7 1.52 -29.36 -17.73
C ASP A 7 2.84 -30.06 -18.01
N ALA A 8 3.10 -31.14 -17.27
CA ALA A 8 4.33 -31.90 -17.43
C ALA A 8 5.56 -31.07 -17.04
N ALA A 9 5.95 -30.16 -17.92
CA ALA A 9 7.10 -29.30 -17.67
C ALA A 9 6.82 -28.32 -16.54
N GLY A 10 7.67 -28.32 -15.52
CA GLY A 10 7.50 -27.42 -14.39
C GLY A 10 7.20 -25.99 -14.80
N ASN A 11 8.23 -25.30 -15.31
CA ASN A 11 8.07 -23.91 -15.74
C ASN A 11 7.68 -23.03 -14.56
N GLY A 12 8.13 -23.39 -13.38
CA GLY A 12 7.82 -22.62 -12.19
C GLY A 12 8.30 -21.18 -12.28
N ALA A 13 9.28 -20.94 -13.15
CA ALA A 13 9.82 -19.60 -13.33
C ALA A 13 8.72 -18.59 -13.63
N ALA A 14 7.65 -19.06 -14.26
CA ALA A 14 6.53 -18.19 -14.61
C ALA A 14 5.45 -18.23 -13.53
N GLN A 15 5.35 -17.16 -12.76
CA GLN A 15 4.36 -17.07 -11.69
C GLN A 15 3.96 -15.63 -11.43
N THR A 16 2.77 -15.25 -11.91
CA THR A 16 2.26 -13.90 -11.74
C THR A 16 1.05 -13.89 -10.80
N PHE A 17 1.14 -13.11 -9.74
CA PHE A 17 0.05 -13.02 -8.77
C PHE A 17 -0.91 -11.88 -9.13
N GLY A 18 -2.09 -12.25 -9.61
CA GLY A 18 -3.08 -11.25 -9.96
C GLY A 18 -2.63 -10.34 -11.09
N GLY A 19 -1.52 -10.68 -11.74
CA GLY A 19 -1.05 -9.85 -12.82
C GLY A 19 0.45 -9.62 -12.78
N TYR A 20 1.01 -9.50 -11.58
CA TYR A 20 2.44 -9.25 -11.43
C TYR A 20 3.06 -10.20 -10.41
N SER A 21 4.20 -10.79 -10.77
CA SER A 21 4.90 -11.72 -9.89
C SER A 21 5.31 -11.00 -8.61
N VAL A 22 5.43 -11.76 -7.52
CA VAL A 22 5.81 -11.21 -6.22
C VAL A 22 6.97 -10.23 -6.34
N ALA A 23 7.95 -10.55 -7.18
CA ALA A 23 9.11 -9.70 -7.37
C ALA A 23 8.74 -8.31 -7.90
N ASP A 24 7.52 -8.16 -8.38
CA ASP A 24 7.05 -6.87 -8.88
C ASP A 24 6.24 -6.16 -7.79
N LEU A 25 5.41 -6.95 -7.10
CA LEU A 25 4.58 -6.42 -6.03
C LEU A 25 5.43 -5.83 -4.90
N GLN A 26 6.70 -6.24 -4.84
CA GLN A 26 7.59 -5.78 -3.78
C GLN A 26 8.50 -4.63 -4.21
N GLN A 27 8.61 -4.37 -5.51
CA GLN A 27 9.49 -3.29 -5.96
C GLN A 27 8.85 -2.38 -7.01
N ARG A 28 7.78 -2.82 -7.66
CA ARG A 28 7.15 -2.02 -8.70
C ARG A 28 5.81 -1.43 -8.26
N TYR A 29 4.83 -2.30 -8.07
CA TYR A 29 3.49 -1.86 -7.66
C TYR A 29 3.22 -2.15 -6.19
N ASN A 30 3.70 -1.28 -5.31
CA ASN A 30 3.52 -1.45 -3.87
C ASN A 30 3.21 -0.13 -3.17
N THR A 31 2.94 0.92 -3.95
CA THR A 31 2.67 2.23 -3.34
C THR A 31 1.45 2.93 -3.98
N VAL A 32 0.61 3.52 -3.13
CA VAL A 32 -0.58 4.24 -3.60
C VAL A 32 -0.38 5.75 -3.46
N TYR A 33 -1.00 6.53 -4.35
CA TYR A 33 -0.86 7.98 -4.31
C TYR A 33 -2.18 8.67 -3.96
N PHE A 34 -2.18 9.34 -2.81
CA PHE A 34 -3.35 10.04 -2.30
C PHE A 34 -3.21 11.55 -2.49
N GLY A 35 -4.30 12.29 -2.28
CA GLY A 35 -4.26 13.74 -2.42
C GLY A 35 -4.46 14.45 -1.11
N PHE A 36 -4.43 15.78 -1.15
CA PHE A 36 -4.61 16.60 0.04
C PHE A 36 -5.98 16.35 0.68
N ASP A 37 -5.99 16.25 2.00
CA ASP A 37 -7.24 16.02 2.73
C ASP A 37 -8.07 14.91 2.10
N LYS A 38 -7.39 13.97 1.43
CA LYS A 38 -8.08 12.86 0.77
C LYS A 38 -7.82 11.56 1.52
N TYR A 39 -8.87 10.77 1.71
CA TYR A 39 -8.75 9.49 2.40
C TYR A 39 -9.42 8.37 1.60
N ASP A 40 -9.09 8.29 0.32
CA ASP A 40 -9.65 7.27 -0.56
C ASP A 40 -8.65 6.94 -1.67
N ILE A 41 -8.69 5.70 -2.16
CA ILE A 41 -7.77 5.28 -3.21
C ILE A 41 -8.42 5.47 -4.59
N THR A 42 -7.60 5.44 -5.64
CA THR A 42 -8.09 5.62 -7.00
C THR A 42 -8.01 4.31 -7.78
N GLY A 43 -9.01 4.10 -8.65
CA GLY A 43 -9.06 2.89 -9.46
C GLY A 43 -7.71 2.52 -10.07
N GLU A 44 -6.88 3.53 -10.33
CA GLU A 44 -5.57 3.30 -10.91
C GLU A 44 -4.65 2.51 -9.97
N TYR A 45 -4.83 2.70 -8.66
CA TYR A 45 -4.01 2.03 -7.67
C TYR A 45 -4.74 0.87 -6.99
N VAL A 46 -5.96 0.60 -7.42
CA VAL A 46 -6.75 -0.48 -6.82
C VAL A 46 -6.17 -1.85 -7.19
N GLN A 47 -5.71 -1.98 -8.44
CA GLN A 47 -5.15 -3.26 -8.89
C GLN A 47 -4.18 -3.85 -7.87
N ILE A 48 -3.36 -2.99 -7.26
CA ILE A 48 -2.40 -3.46 -6.26
C ILE A 48 -3.12 -4.23 -5.16
N LEU A 49 -4.09 -3.58 -4.54
CA LEU A 49 -4.86 -4.21 -3.47
C LEU A 49 -5.40 -5.56 -3.91
N ASP A 50 -5.70 -5.68 -5.20
CA ASP A 50 -6.21 -6.92 -5.75
C ASP A 50 -5.10 -7.96 -5.88
N ALA A 51 -3.91 -7.49 -6.27
CA ALA A 51 -2.78 -8.38 -6.43
C ALA A 51 -2.20 -8.78 -5.07
N HIS A 52 -2.03 -7.80 -4.18
CA HIS A 52 -1.51 -8.08 -2.85
C HIS A 52 -2.49 -8.95 -2.09
N ALA A 53 -3.78 -8.69 -2.29
CA ALA A 53 -4.82 -9.46 -1.62
C ALA A 53 -4.77 -10.92 -2.05
N ALA A 54 -4.51 -11.17 -3.34
CA ALA A 54 -4.42 -12.54 -3.84
C ALA A 54 -3.25 -13.26 -3.18
N TYR A 55 -2.14 -12.55 -3.04
CA TYR A 55 -0.94 -13.12 -2.44
C TYR A 55 -1.10 -13.21 -0.93
N LEU A 56 -1.74 -12.21 -0.34
CA LEU A 56 -1.94 -12.17 1.10
C LEU A 56 -2.76 -13.37 1.56
N ASN A 57 -3.87 -13.61 0.89
CA ASN A 57 -4.74 -14.73 1.23
C ASN A 57 -4.08 -16.05 0.88
N ALA A 58 -3.41 -16.08 -0.27
CA ALA A 58 -2.72 -17.28 -0.73
C ALA A 58 -1.75 -17.81 0.32
N THR A 59 -1.24 -16.92 1.16
CA THR A 59 -0.31 -17.31 2.21
C THR A 59 -0.94 -17.11 3.59
N PRO A 60 -1.15 -18.20 4.35
CA PRO A 60 -1.77 -18.13 5.67
C PRO A 60 -1.13 -17.12 6.62
N ALA A 61 0.17 -17.29 6.88
CA ALA A 61 0.88 -16.39 7.80
C ALA A 61 1.45 -15.16 7.09
N ALA A 62 0.92 -14.82 5.93
CA ALA A 62 1.38 -13.66 5.19
C ALA A 62 0.61 -12.42 5.63
N LYS A 63 1.32 -11.49 6.24
CA LYS A 63 0.72 -10.25 6.71
C LYS A 63 1.28 -9.04 5.97
N VAL A 64 0.37 -8.19 5.47
CA VAL A 64 0.79 -6.99 4.75
C VAL A 64 0.81 -5.78 5.68
N LEU A 65 1.95 -5.12 5.70
CA LEU A 65 2.13 -3.95 6.54
C LEU A 65 1.96 -2.67 5.74
N VAL A 66 0.83 -2.01 5.93
CA VAL A 66 0.54 -0.77 5.21
C VAL A 66 1.20 0.42 5.89
N GLU A 67 2.07 1.11 5.15
CA GLU A 67 2.77 2.27 5.67
C GLU A 67 2.21 3.55 5.07
N GLY A 68 1.63 4.40 5.90
CA GLY A 68 1.04 5.64 5.43
C GLY A 68 2.06 6.77 5.36
N ASN A 69 1.93 7.60 4.33
CA ASN A 69 2.84 8.73 4.15
C ASN A 69 2.08 9.95 3.64
N THR A 70 2.70 11.12 3.80
CA THR A 70 2.09 12.38 3.36
C THR A 70 3.10 13.51 3.45
N ASP A 71 2.64 14.74 3.20
CA ASP A 71 3.51 15.90 3.26
C ASP A 71 3.81 16.28 4.71
N GLU A 72 4.96 16.91 4.92
CA GLU A 72 5.38 17.29 6.26
C GLU A 72 4.44 18.33 6.88
N ARG A 73 3.86 19.18 6.04
CA ARG A 73 2.95 20.23 6.50
C ARG A 73 2.01 19.77 7.62
N GLY A 74 2.27 20.29 8.82
CA GLY A 74 1.46 19.95 9.98
C GLY A 74 2.22 19.17 11.04
N THR A 75 1.54 18.84 12.13
CA THR A 75 2.15 18.11 13.24
C THR A 75 1.83 16.61 13.13
N PRO A 76 2.76 15.74 13.56
CA PRO A 76 2.57 14.29 13.51
C PRO A 76 1.16 13.84 13.92
N GLU A 77 0.63 14.46 14.97
CA GLU A 77 -0.71 14.11 15.43
C GLU A 77 -1.75 14.41 14.35
N TYR A 78 -1.60 15.56 13.71
CA TYR A 78 -2.50 15.95 12.63
C TYR A 78 -2.29 15.04 11.44
N ASN A 79 -1.02 14.78 11.12
CA ASN A 79 -0.69 13.90 10.01
C ASN A 79 -1.07 12.47 10.35
N ILE A 80 -0.27 11.82 11.20
CA ILE A 80 -0.51 10.44 11.61
C ILE A 80 -2.00 10.10 11.61
N ALA A 81 -2.82 11.00 12.15
CA ALA A 81 -4.25 10.76 12.20
C ALA A 81 -4.84 10.77 10.79
N LEU A 82 -4.62 11.87 10.09
CA LEU A 82 -5.11 12.00 8.71
C LEU A 82 -4.70 10.73 7.92
N GLY A 83 -3.39 10.44 7.89
CA GLY A 83 -2.93 9.25 7.21
C GLY A 83 -3.52 7.99 7.83
N GLN A 84 -3.60 7.97 9.16
CA GLN A 84 -4.15 6.81 9.87
C GLN A 84 -5.47 6.37 9.25
N ARG A 85 -6.40 7.32 9.08
CA ARG A 85 -7.69 6.97 8.47
C ARG A 85 -7.45 6.46 7.06
N ARG A 86 -6.42 7.02 6.41
CA ARG A 86 -6.05 6.58 5.07
C ARG A 86 -5.62 5.11 5.11
N ALA A 87 -4.73 4.82 6.05
CA ALA A 87 -4.23 3.46 6.24
C ALA A 87 -5.40 2.52 6.53
N ASP A 88 -6.36 3.00 7.30
CA ASP A 88 -7.55 2.22 7.63
C ASP A 88 -8.33 1.92 6.37
N ALA A 89 -8.24 2.83 5.39
CA ALA A 89 -8.93 2.67 4.12
C ALA A 89 -8.37 1.46 3.38
N VAL A 90 -7.04 1.33 3.38
CA VAL A 90 -6.39 0.21 2.71
C VAL A 90 -6.54 -1.08 3.51
N LYS A 91 -6.37 -0.99 4.81
CA LYS A 91 -6.49 -2.16 5.68
C LYS A 91 -7.91 -2.73 5.62
N GLY A 92 -8.89 -1.83 5.58
CA GLY A 92 -10.28 -2.25 5.51
C GLY A 92 -10.60 -2.81 4.15
N TYR A 93 -9.93 -2.31 3.12
CA TYR A 93 -10.13 -2.79 1.77
C TYR A 93 -9.84 -4.28 1.72
N LEU A 94 -8.62 -4.64 2.12
CA LEU A 94 -8.22 -6.03 2.16
C LEU A 94 -9.18 -6.81 3.06
N ALA A 95 -9.71 -6.12 4.06
CA ALA A 95 -10.68 -6.71 4.98
C ALA A 95 -11.98 -6.99 4.25
N GLY A 96 -12.38 -6.07 3.39
CA GLY A 96 -13.61 -6.23 2.63
C GLY A 96 -13.58 -7.46 1.76
N LYS A 97 -12.41 -7.74 1.21
CA LYS A 97 -12.23 -8.91 0.37
C LYS A 97 -12.53 -10.17 1.18
N GLY A 98 -12.15 -10.12 2.45
CA GLY A 98 -12.35 -11.24 3.35
C GLY A 98 -11.05 -11.73 3.94
N VAL A 99 -10.07 -10.84 4.03
CA VAL A 99 -8.77 -11.16 4.60
C VAL A 99 -8.75 -10.90 6.11
N ASP A 100 -8.03 -11.72 6.85
CA ASP A 100 -7.94 -11.58 8.30
C ASP A 100 -7.26 -10.27 8.69
N ALA A 101 -7.47 -9.88 9.94
CA ALA A 101 -6.88 -8.66 10.46
C ALA A 101 -5.53 -8.96 11.10
N GLY A 102 -5.40 -10.15 11.68
CA GLY A 102 -4.16 -10.55 12.32
C GLY A 102 -2.97 -10.45 11.39
N LYS A 103 -3.22 -10.51 10.08
CA LYS A 103 -2.17 -10.42 9.08
C LYS A 103 -2.10 -9.00 8.49
N LEU A 104 -3.02 -8.14 8.92
CA LEU A 104 -3.05 -6.76 8.47
C LEU A 104 -2.18 -5.89 9.38
N GLY A 105 -1.58 -4.84 8.83
CA GLY A 105 -0.76 -3.96 9.62
C GLY A 105 -0.79 -2.54 9.10
N THR A 106 -0.82 -1.58 10.02
CA THR A 106 -0.86 -0.17 9.64
C THR A 106 0.19 0.63 10.39
N VAL A 107 0.63 1.73 9.80
CA VAL A 107 1.64 2.59 10.40
C VAL A 107 1.81 3.84 9.54
N SER A 108 1.52 5.00 10.11
CA SER A 108 1.63 6.26 9.38
C SER A 108 2.85 7.05 9.84
N TYR A 109 3.57 7.63 8.88
CA TYR A 109 4.75 8.44 9.19
C TYR A 109 4.59 9.87 8.66
N GLY A 110 3.35 10.23 8.32
CA GLY A 110 3.03 11.55 7.79
C GLY A 110 4.20 12.51 7.77
N GLU A 111 4.18 13.49 8.68
CA GLU A 111 5.26 14.48 8.74
C GLU A 111 6.40 14.02 9.65
N GLU A 112 6.27 12.82 10.24
CA GLU A 112 7.29 12.29 11.12
C GLU A 112 8.63 12.28 10.39
N LYS A 113 8.69 11.55 9.28
CA LYS A 113 9.90 11.47 8.47
C LYS A 113 9.51 11.42 6.99
N PRO A 114 9.36 12.59 6.35
CA PRO A 114 8.97 12.68 4.93
C PRO A 114 9.95 12.00 3.99
N ALA A 115 9.53 11.83 2.74
CA ALA A 115 10.37 11.20 1.72
C ALA A 115 11.06 12.27 0.87
N VAL A 116 10.27 13.02 0.13
CA VAL A 116 10.80 14.09 -0.72
C VAL A 116 10.89 15.40 0.06
N LEU A 117 11.84 16.23 -0.33
CA LEU A 117 12.06 17.52 0.31
C LEU A 117 11.62 18.67 -0.58
N GLY A 118 10.93 19.63 0.01
CA GLY A 118 10.44 20.77 -0.75
C GLY A 118 9.07 21.19 -0.27
N HIS A 119 8.51 22.22 -0.90
CA HIS A 119 7.19 22.71 -0.52
C HIS A 119 6.36 23.09 -1.74
N ASP A 120 6.37 22.24 -2.77
CA ASP A 120 5.58 22.49 -3.96
C ASP A 120 4.78 21.24 -4.32
N GLU A 121 3.67 21.41 -5.05
CA GLU A 121 2.82 20.28 -5.42
C GLU A 121 3.66 19.09 -5.92
N ALA A 122 4.84 19.38 -6.46
CA ALA A 122 5.72 18.34 -6.96
C ALA A 122 6.15 17.40 -5.83
N ALA A 123 6.78 17.98 -4.81
CA ALA A 123 7.22 17.19 -3.67
C ALA A 123 6.04 16.77 -2.82
N TYR A 124 5.08 17.68 -2.64
CA TYR A 124 3.88 17.38 -1.86
C TYR A 124 3.15 16.18 -2.42
N SER A 125 2.91 16.19 -3.73
CA SER A 125 2.23 15.10 -4.38
C SER A 125 3.05 13.83 -4.26
N LYS A 126 4.38 13.98 -4.26
CA LYS A 126 5.29 12.84 -4.13
C LYS A 126 5.34 12.32 -2.71
N ASN A 127 4.83 13.10 -1.75
CA ASN A 127 4.86 12.68 -0.35
C ASN A 127 3.55 11.98 0.05
N ARG A 128 2.47 12.27 -0.67
CA ARG A 128 1.16 11.66 -0.37
C ARG A 128 1.07 10.23 -0.89
N ARG A 129 1.43 9.27 -0.04
CA ARG A 129 1.38 7.85 -0.44
C ARG A 129 1.37 6.89 0.74
N ALA A 130 0.82 5.70 0.50
CA ALA A 130 0.82 4.63 1.49
C ALA A 130 1.56 3.45 0.88
N VAL A 131 2.79 3.25 1.32
CA VAL A 131 3.63 2.20 0.77
C VAL A 131 3.36 0.84 1.39
N LEU A 132 2.77 -0.03 0.59
CA LEU A 132 2.45 -1.39 1.00
C LEU A 132 3.75 -2.09 1.41
N ALA A 133 3.99 -2.17 2.71
CA ALA A 133 5.20 -2.80 3.24
C ALA A 133 4.95 -4.23 3.68
N TYR A 134 5.71 -5.16 3.11
CA TYR A 134 5.58 -6.57 3.45
C TYR A 134 6.47 -6.93 4.63
N ALA B 1 -7.27 25.61 4.61
CA ALA B 1 -7.52 24.19 4.34
C ALA B 1 -6.90 23.31 5.43
N CYS A 1 -2.70 -24.19 -6.19
CA CYS A 1 -2.12 -24.67 -4.90
C CYS A 1 -0.75 -24.05 -4.65
N SER A 2 -0.48 -23.72 -3.39
CA SER A 2 0.79 -23.13 -3.01
C SER A 2 1.24 -23.63 -1.65
N SER A 3 1.92 -24.78 -1.64
CA SER A 3 2.41 -25.36 -0.39
C SER A 3 3.20 -26.64 -0.67
N SER A 4 2.51 -27.65 -1.19
CA SER A 4 3.15 -28.93 -1.50
C SER A 4 3.71 -28.94 -2.93
N ASN A 5 3.16 -28.08 -3.78
CA ASN A 5 3.61 -27.99 -5.17
C ASN A 5 4.43 -26.72 -5.39
N ASN A 6 5.37 -26.80 -6.33
CA ASN A 6 6.23 -25.66 -6.64
C ASN A 6 5.94 -25.12 -8.04
N ASP A 7 6.17 -23.82 -8.21
CA ASP A 7 5.92 -23.17 -9.50
C ASP A 7 6.83 -23.74 -10.59
N ALA A 8 7.84 -24.52 -10.19
CA ALA A 8 8.77 -25.13 -11.14
C ALA A 8 9.90 -24.16 -11.50
N ALA A 9 10.79 -24.61 -12.38
CA ALA A 9 11.92 -23.80 -12.80
C ALA A 9 11.61 -23.03 -14.09
N GLY A 10 10.61 -23.49 -14.83
CA GLY A 10 10.25 -22.82 -16.08
C GLY A 10 9.21 -21.74 -15.91
N ASN A 11 7.99 -22.14 -15.59
CA ASN A 11 6.88 -21.19 -15.41
C ASN A 11 6.58 -20.48 -16.72
N GLY A 12 5.31 -20.46 -17.10
CA GLY A 12 4.91 -19.81 -18.34
C GLY A 12 5.50 -18.41 -18.47
N ALA A 13 4.97 -17.47 -17.69
CA ALA A 13 5.46 -16.09 -17.73
C ALA A 13 6.58 -15.90 -16.71
N ALA A 14 6.21 -15.86 -15.43
CA ALA A 14 7.17 -15.68 -14.35
C ALA A 14 6.45 -15.53 -13.01
N GLN A 15 5.58 -16.49 -12.70
CA GLN A 15 4.82 -16.44 -11.45
C GLN A 15 3.95 -15.20 -11.40
N THR A 16 2.64 -15.39 -11.49
CA THR A 16 1.70 -14.26 -11.48
C THR A 16 0.67 -14.40 -10.37
N PHE A 17 0.21 -13.26 -9.87
CA PHE A 17 -0.79 -13.20 -8.81
C PHE A 17 -1.79 -12.10 -9.15
N GLY A 18 -2.97 -12.48 -9.63
CA GLY A 18 -3.96 -11.49 -9.97
C GLY A 18 -3.48 -10.56 -11.08
N GLY A 19 -2.35 -10.92 -11.70
CA GLY A 19 -1.82 -10.08 -12.76
C GLY A 19 -0.35 -9.76 -12.61
N TYR A 20 0.12 -9.62 -11.37
CA TYR A 20 1.52 -9.28 -11.11
C TYR A 20 2.25 -10.39 -10.37
N SER A 21 3.58 -10.36 -10.44
CA SER A 21 4.42 -11.34 -9.75
C SER A 21 4.92 -10.77 -8.43
N VAL A 22 4.98 -11.62 -7.41
CA VAL A 22 5.43 -11.22 -6.07
C VAL A 22 6.63 -10.27 -6.13
N ALA A 23 7.67 -10.69 -6.84
CA ALA A 23 8.89 -9.90 -6.96
C ALA A 23 8.63 -8.50 -7.52
N ASP A 24 7.46 -8.32 -8.14
CA ASP A 24 7.09 -7.02 -8.68
C ASP A 24 6.16 -6.28 -7.71
N LEU A 25 5.17 -7.00 -7.20
CA LEU A 25 4.20 -6.42 -6.27
C LEU A 25 4.90 -5.81 -5.05
N GLN A 26 6.12 -6.26 -4.79
CA GLN A 26 6.87 -5.78 -3.63
C GLN A 26 8.01 -4.82 -4.01
N GLN A 27 8.32 -4.75 -5.30
CA GLN A 27 9.42 -3.88 -5.74
C GLN A 27 8.98 -2.78 -6.70
N ARG A 28 7.91 -3.01 -7.46
CA ARG A 28 7.46 -2.01 -8.43
C ARG A 28 6.05 -1.47 -8.14
N TYR A 29 5.09 -2.35 -7.96
CA TYR A 29 3.70 -1.93 -7.72
C TYR A 29 3.25 -2.19 -6.29
N ASN A 30 3.34 -1.17 -5.44
CA ASN A 30 2.92 -1.29 -4.04
C ASN A 30 2.75 0.07 -3.35
N THR A 31 2.74 1.16 -4.14
CA THR A 31 2.59 2.49 -3.56
C THR A 31 1.35 3.20 -4.09
N VAL A 32 0.54 3.76 -3.18
CA VAL A 32 -0.67 4.49 -3.56
C VAL A 32 -0.48 5.98 -3.30
N TYR A 33 -0.99 6.83 -4.20
CA TYR A 33 -0.83 8.28 -4.05
C TYR A 33 -2.15 9.02 -3.85
N PHE A 34 -2.27 9.67 -2.68
CA PHE A 34 -3.47 10.44 -2.33
C PHE A 34 -3.28 11.92 -2.65
N GLY A 35 -4.37 12.67 -2.61
CA GLY A 35 -4.30 14.10 -2.86
C GLY A 35 -4.32 14.91 -1.58
N PHE A 36 -4.47 16.22 -1.70
CA PHE A 36 -4.50 17.10 -0.52
C PHE A 36 -5.59 16.67 0.45
N ASP A 37 -5.18 16.25 1.64
CA ASP A 37 -6.12 15.84 2.68
C ASP A 37 -7.19 14.90 2.13
N LYS A 38 -6.82 14.11 1.12
CA LYS A 38 -7.75 13.18 0.50
C LYS A 38 -7.67 11.81 1.18
N TYR A 39 -8.82 11.17 1.33
CA TYR A 39 -8.89 9.86 1.97
C TYR A 39 -9.62 8.87 1.06
N ASP A 40 -9.10 8.70 -0.15
CA ASP A 40 -9.67 7.79 -1.12
C ASP A 40 -8.59 7.25 -2.04
N ILE A 41 -8.77 6.04 -2.56
CA ILE A 41 -7.80 5.45 -3.45
C ILE A 41 -8.27 5.58 -4.90
N THR A 42 -7.33 5.47 -5.85
CA THR A 42 -7.67 5.59 -7.26
C THR A 42 -7.59 4.25 -7.99
N GLY A 43 -8.56 4.02 -8.86
CA GLY A 43 -8.60 2.77 -9.63
C GLY A 43 -7.25 2.38 -10.18
N GLU A 44 -6.40 3.38 -10.44
CA GLU A 44 -5.07 3.12 -10.99
C GLU A 44 -4.20 2.38 -9.97
N TYR A 45 -4.44 2.64 -8.69
CA TYR A 45 -3.66 2.01 -7.63
C TYR A 45 -4.47 0.95 -6.88
N VAL A 46 -5.68 0.65 -7.36
CA VAL A 46 -6.51 -0.36 -6.71
C VAL A 46 -6.04 -1.77 -7.03
N GLN A 47 -5.43 -1.95 -8.20
CA GLN A 47 -4.96 -3.28 -8.61
C GLN A 47 -3.99 -3.87 -7.58
N ILE A 48 -3.15 -3.04 -6.98
CA ILE A 48 -2.19 -3.53 -5.98
C ILE A 48 -2.94 -4.20 -4.84
N LEU A 49 -3.99 -3.53 -4.36
CA LEU A 49 -4.79 -4.07 -3.27
C LEU A 49 -5.41 -5.41 -3.66
N ASP A 50 -5.83 -5.52 -4.92
CA ASP A 50 -6.44 -6.76 -5.42
C ASP A 50 -5.39 -7.83 -5.67
N ALA A 51 -4.28 -7.46 -6.30
CA ALA A 51 -3.21 -8.39 -6.60
C ALA A 51 -2.57 -8.89 -5.31
N HIS A 52 -2.20 -7.95 -4.44
CA HIS A 52 -1.60 -8.29 -3.16
C HIS A 52 -2.55 -9.16 -2.36
N ALA A 53 -3.84 -8.88 -2.48
CA ALA A 53 -4.85 -9.63 -1.76
C ALA A 53 -4.83 -11.09 -2.17
N ALA A 54 -4.56 -11.35 -3.46
CA ALA A 54 -4.49 -12.72 -3.96
C ALA A 54 -3.27 -13.43 -3.38
N TYR A 55 -2.16 -12.72 -3.32
CA TYR A 55 -0.92 -13.30 -2.79
C TYR A 55 -0.94 -13.35 -1.28
N LEU A 56 -1.58 -12.36 -0.66
CA LEU A 56 -1.65 -12.30 0.78
C LEU A 56 -2.50 -13.44 1.33
N ASN A 57 -3.59 -13.73 0.66
CA ASN A 57 -4.48 -14.80 1.06
C ASN A 57 -3.84 -16.16 0.77
N ALA A 58 -3.09 -16.22 -0.33
CA ALA A 58 -2.42 -17.44 -0.73
C ALA A 58 -1.38 -17.88 0.30
N THR A 59 -0.90 -16.93 1.10
CA THR A 59 0.10 -17.24 2.14
C THR A 59 -0.51 -17.12 3.53
N PRO A 60 -0.60 -18.23 4.27
CA PRO A 60 -1.18 -18.26 5.62
C PRO A 60 -0.64 -17.17 6.55
N ALA A 61 0.66 -17.20 6.82
CA ALA A 61 1.28 -16.24 7.72
C ALA A 61 1.73 -14.96 7.01
N ALA A 62 1.11 -14.63 5.89
CA ALA A 62 1.46 -13.43 5.14
C ALA A 62 0.61 -12.25 5.60
N LYS A 63 1.29 -11.21 6.05
CA LYS A 63 0.62 -9.99 6.52
C LYS A 63 1.20 -8.76 5.83
N VAL A 64 0.33 -7.87 5.33
CA VAL A 64 0.80 -6.66 4.66
C VAL A 64 0.84 -5.48 5.62
N LEU A 65 1.81 -4.61 5.39
CA LEU A 65 1.99 -3.42 6.22
C LEU A 65 1.64 -2.16 5.44
N VAL A 66 0.47 -1.61 5.72
CA VAL A 66 0.05 -0.39 5.04
C VAL A 66 0.62 0.84 5.73
N GLU A 67 1.75 1.32 5.23
CA GLU A 67 2.40 2.49 5.81
C GLU A 67 1.89 3.77 5.16
N GLY A 68 1.31 4.63 5.98
CA GLY A 68 0.78 5.89 5.46
C GLY A 68 1.81 7.00 5.47
N ASN A 69 1.72 7.87 4.48
CA ASN A 69 2.64 9.01 4.36
C ASN A 69 1.89 10.23 3.85
N THR A 70 2.48 11.40 4.05
CA THR A 70 1.84 12.64 3.61
C THR A 70 2.83 13.82 3.61
N ASP A 71 2.28 15.02 3.43
CA ASP A 71 3.09 16.24 3.42
C ASP A 71 3.86 16.39 4.70
N GLU A 72 4.93 17.18 4.66
CA GLU A 72 5.75 17.44 5.83
C GLU A 72 5.05 18.47 6.73
N ARG A 73 4.29 19.36 6.10
CA ARG A 73 3.59 20.41 6.82
C ARG A 73 2.50 19.86 7.75
N GLY A 74 2.57 20.32 9.00
CA GLY A 74 1.62 19.89 10.01
C GLY A 74 2.27 19.12 11.15
N THR A 75 1.47 18.70 12.12
CA THR A 75 1.97 17.96 13.28
C THR A 75 1.64 16.48 13.20
N PRO A 76 2.55 15.60 13.68
CA PRO A 76 2.36 14.16 13.67
C PRO A 76 0.94 13.72 13.98
N GLU A 77 0.38 14.24 15.07
CA GLU A 77 -0.97 13.90 15.47
C GLU A 77 -1.98 14.16 14.35
N TYR A 78 -1.83 15.31 13.70
CA TYR A 78 -2.72 15.66 12.60
C TYR A 78 -2.44 14.81 11.37
N ASN A 79 -1.17 14.65 11.03
CA ASN A 79 -0.81 13.84 9.88
C ASN A 79 -1.07 12.37 10.20
N ILE A 80 -0.18 11.75 10.98
CA ILE A 80 -0.31 10.34 11.36
C ILE A 80 -1.77 9.93 11.48
N ALA A 81 -2.58 10.75 12.15
CA ALA A 81 -3.98 10.41 12.30
C ALA A 81 -4.70 10.38 10.96
N LEU A 82 -4.65 11.50 10.24
CA LEU A 82 -5.27 11.59 8.93
C LEU A 82 -4.83 10.39 8.06
N GLY A 83 -3.53 10.11 8.06
CA GLY A 83 -3.02 8.98 7.29
C GLY A 83 -3.46 7.65 7.87
N GLN A 84 -3.40 7.52 9.19
CA GLN A 84 -3.82 6.29 9.84
C GLN A 84 -5.22 5.89 9.37
N ARG A 85 -6.06 6.90 9.18
CA ARG A 85 -7.42 6.67 8.71
C ARG A 85 -7.38 6.09 7.30
N ARG A 86 -6.64 6.76 6.41
CA ARG A 86 -6.51 6.26 5.03
C ARG A 86 -5.93 4.85 5.07
N ALA A 87 -4.97 4.67 5.97
CA ALA A 87 -4.34 3.36 6.16
C ALA A 87 -5.41 2.36 6.56
N ASP A 88 -6.42 2.86 7.30
CA ASP A 88 -7.53 2.05 7.73
C ASP A 88 -8.36 1.66 6.51
N ALA A 89 -8.39 2.54 5.52
CA ALA A 89 -9.12 2.31 4.29
C ALA A 89 -8.61 1.06 3.59
N VAL A 90 -7.31 1.03 3.31
CA VAL A 90 -6.70 -0.11 2.64
C VAL A 90 -6.80 -1.37 3.51
N LYS A 91 -6.66 -1.18 4.82
CA LYS A 91 -6.73 -2.29 5.76
C LYS A 91 -8.09 -2.98 5.67
N GLY A 92 -9.14 -2.19 5.54
CA GLY A 92 -10.48 -2.71 5.44
C GLY A 92 -10.75 -3.30 4.08
N TYR A 93 -10.01 -2.84 3.08
CA TYR A 93 -10.13 -3.34 1.73
C TYR A 93 -9.76 -4.81 1.70
N LEU A 94 -8.54 -5.10 2.12
CA LEU A 94 -8.05 -6.46 2.17
C LEU A 94 -8.92 -7.28 3.12
N ALA A 95 -9.42 -6.62 4.16
CA ALA A 95 -10.28 -7.27 5.14
C ALA A 95 -11.55 -7.79 4.46
N GLY A 96 -12.13 -6.96 3.61
CA GLY A 96 -13.34 -7.35 2.89
C GLY A 96 -13.07 -8.42 1.87
N LYS A 97 -11.81 -8.54 1.45
CA LYS A 97 -11.41 -9.53 0.47
C LYS A 97 -11.26 -10.91 1.10
N GLY A 98 -11.29 -10.97 2.43
CA GLY A 98 -11.19 -12.25 3.12
C GLY A 98 -9.96 -12.35 4.00
N VAL A 99 -9.09 -11.35 3.95
CA VAL A 99 -7.88 -11.35 4.75
C VAL A 99 -8.17 -10.97 6.19
N ASP A 100 -7.72 -11.79 7.13
CA ASP A 100 -7.94 -11.53 8.54
C ASP A 100 -7.19 -10.30 9.02
N ALA A 101 -7.83 -9.57 9.92
CA ALA A 101 -7.25 -8.34 10.46
C ALA A 101 -5.82 -8.57 10.95
N GLY A 102 -5.57 -9.75 11.50
CA GLY A 102 -4.25 -10.07 12.00
C GLY A 102 -3.15 -10.01 10.96
N LYS A 103 -3.52 -10.10 9.69
CA LYS A 103 -2.54 -10.05 8.59
C LYS A 103 -2.37 -8.63 8.06
N LEU A 104 -3.25 -7.74 8.49
CA LEU A 104 -3.20 -6.36 8.03
C LEU A 104 -2.68 -5.45 9.15
N GLY A 105 -1.84 -4.47 8.79
CA GLY A 105 -1.30 -3.56 9.78
C GLY A 105 -1.04 -2.20 9.15
N THR A 106 -1.27 -1.15 9.92
CA THR A 106 -1.06 0.21 9.44
C THR A 106 0.05 0.90 10.22
N VAL A 107 0.61 1.95 9.64
CA VAL A 107 1.68 2.73 10.25
C VAL A 107 1.83 4.05 9.51
N SER A 108 1.54 5.16 10.17
CA SER A 108 1.64 6.47 9.53
C SER A 108 2.79 7.28 10.12
N TYR A 109 3.58 7.90 9.24
CA TYR A 109 4.69 8.74 9.66
C TYR A 109 4.57 10.14 9.07
N GLY A 110 3.34 10.50 8.65
CA GLY A 110 3.06 11.80 8.06
C GLY A 110 4.28 12.68 7.87
N GLU A 111 4.37 13.74 8.67
CA GLU A 111 5.48 14.66 8.59
C GLU A 111 6.65 14.23 9.48
N GLU A 112 6.56 13.03 10.06
CA GLU A 112 7.61 12.54 10.92
C GLU A 112 8.96 12.59 10.21
N LYS A 113 9.06 11.89 9.09
CA LYS A 113 10.28 11.87 8.29
C LYS A 113 9.94 11.86 6.81
N PRO A 114 9.79 13.05 6.20
CA PRO A 114 9.45 13.17 4.78
C PRO A 114 10.50 12.54 3.87
N ALA A 115 10.14 12.37 2.59
CA ALA A 115 11.05 11.78 1.62
C ALA A 115 11.62 12.86 0.71
N VAL A 116 10.74 13.50 -0.05
CA VAL A 116 11.16 14.57 -0.97
C VAL A 116 11.16 15.92 -0.27
N LEU A 117 12.35 16.47 -0.09
CA LEU A 117 12.51 17.76 0.59
C LEU A 117 11.86 18.88 -0.23
N GLY A 118 11.18 19.78 0.47
CA GLY A 118 10.51 20.89 -0.18
C GLY A 118 9.03 20.92 0.13
N HIS A 119 8.33 21.94 -0.36
CA HIS A 119 6.91 22.08 -0.09
C HIS A 119 6.17 22.57 -1.33
N ASP A 120 6.23 21.83 -2.42
CA ASP A 120 5.54 22.19 -3.65
C ASP A 120 4.77 20.99 -4.19
N GLU A 121 3.72 21.25 -4.97
CA GLU A 121 2.88 20.19 -5.54
C GLU A 121 3.70 18.99 -6.01
N ALA A 122 4.93 19.24 -6.46
CA ALA A 122 5.80 18.17 -6.94
C ALA A 122 6.30 17.31 -5.78
N ALA A 123 6.94 17.95 -4.80
CA ALA A 123 7.45 17.23 -3.65
C ALA A 123 6.32 16.70 -2.79
N TYR A 124 5.29 17.53 -2.58
CA TYR A 124 4.15 17.15 -1.78
C TYR A 124 3.41 15.97 -2.40
N SER A 125 3.29 15.97 -3.73
CA SER A 125 2.63 14.89 -4.43
C SER A 125 3.40 13.60 -4.26
N LYS A 126 4.73 13.72 -4.18
CA LYS A 126 5.58 12.56 -4.02
C LYS A 126 5.52 12.00 -2.60
N ASN A 127 5.14 12.85 -1.64
CA ASN A 127 5.06 12.42 -0.24
C ASN A 127 3.66 11.90 0.10
N ARG A 128 2.64 12.45 -0.55
CA ARG A 128 1.25 12.02 -0.30
C ARG A 128 1.05 10.58 -0.78
N ARG A 129 1.31 9.62 0.11
CA ARG A 129 1.18 8.22 -0.29
C ARG A 129 1.00 7.25 0.87
N ALA A 130 0.41 6.11 0.55
CA ALA A 130 0.22 5.02 1.48
C ALA A 130 0.82 3.77 0.85
N VAL A 131 2.04 3.43 1.27
CA VAL A 131 2.76 2.31 0.71
C VAL A 131 2.61 1.04 1.54
N LEU A 132 1.97 0.03 0.94
CA LEU A 132 1.81 -1.24 1.62
C LEU A 132 3.04 -2.11 1.41
N ALA A 133 3.66 -2.54 2.52
CA ALA A 133 4.87 -3.34 2.46
C ALA A 133 4.79 -4.57 3.37
N TYR A 134 5.51 -5.62 3.00
CA TYR A 134 5.51 -6.85 3.79
C TYR A 134 6.63 -6.83 4.83
N ALA B 1 -2.92 27.01 9.60
CA ALA B 1 -4.17 26.63 10.28
C ALA B 1 -4.78 25.36 9.67
N CYS A 1 -2.52 -7.40 -26.23
CA CYS A 1 -1.12 -7.57 -25.78
C CYS A 1 -1.00 -8.67 -24.73
N SER A 2 0.04 -9.49 -24.86
CA SER A 2 0.26 -10.59 -23.91
C SER A 2 1.61 -10.46 -23.23
N SER A 3 2.65 -10.19 -24.02
CA SER A 3 4.00 -10.04 -23.49
C SER A 3 4.17 -8.68 -22.82
N SER A 4 3.41 -8.46 -21.75
CA SER A 4 3.47 -7.19 -21.02
C SER A 4 4.51 -7.26 -19.91
N ASN A 5 4.47 -8.33 -19.12
CA ASN A 5 5.41 -8.52 -18.03
C ASN A 5 5.63 -10.00 -17.75
N ASN A 6 6.74 -10.53 -18.27
CA ASN A 6 7.08 -11.94 -18.08
C ASN A 6 8.52 -12.09 -17.61
N ASP A 7 8.69 -12.76 -16.48
CA ASP A 7 10.03 -12.98 -15.92
C ASP A 7 10.64 -14.28 -16.44
N ALA A 8 9.80 -15.31 -16.56
CA ALA A 8 10.26 -16.60 -17.06
C ALA A 8 11.29 -17.22 -16.11
N ALA A 9 12.53 -16.77 -16.22
CA ALA A 9 13.61 -17.26 -15.37
C ALA A 9 13.91 -16.28 -14.25
N GLY A 10 12.90 -15.52 -13.84
CA GLY A 10 13.07 -14.55 -12.78
C GLY A 10 13.65 -15.16 -11.53
N ASN A 11 13.16 -16.36 -11.17
CA ASN A 11 13.65 -17.05 -9.97
C ASN A 11 12.95 -18.39 -9.81
N GLY A 12 13.29 -19.10 -8.74
CA GLY A 12 12.68 -20.40 -8.49
C GLY A 12 11.18 -20.31 -8.30
N ALA A 13 10.72 -19.16 -7.83
CA ALA A 13 9.29 -18.95 -7.61
C ALA A 13 8.50 -19.11 -8.91
N ALA A 14 8.71 -18.18 -9.83
CA ALA A 14 8.02 -18.21 -11.13
C ALA A 14 6.50 -18.24 -10.94
N GLN A 15 5.98 -17.25 -10.22
CA GLN A 15 4.55 -17.16 -9.97
C GLN A 15 4.05 -15.73 -10.13
N THR A 16 2.74 -15.59 -10.32
CA THR A 16 2.14 -14.26 -10.48
C THR A 16 0.80 -14.18 -9.74
N PHE A 17 0.46 -12.98 -9.30
CA PHE A 17 -0.78 -12.74 -8.57
C PHE A 17 -1.50 -11.52 -9.12
N GLY A 18 -2.62 -11.75 -9.81
CA GLY A 18 -3.39 -10.64 -10.36
C GLY A 18 -2.60 -9.84 -11.39
N GLY A 19 -1.44 -10.34 -11.79
CA GLY A 19 -0.65 -9.63 -12.78
C GLY A 19 0.82 -9.51 -12.41
N TYR A 20 1.10 -9.34 -11.12
CA TYR A 20 2.48 -9.20 -10.67
C TYR A 20 2.85 -10.28 -9.66
N SER A 21 4.15 -10.47 -9.45
CA SER A 21 4.65 -11.46 -8.51
C SER A 21 5.08 -10.80 -7.21
N VAL A 22 5.10 -11.58 -6.13
CA VAL A 22 5.49 -11.08 -4.81
C VAL A 22 6.76 -10.23 -4.87
N ALA A 23 7.74 -10.68 -5.65
CA ALA A 23 9.00 -9.97 -5.78
C ALA A 23 8.85 -8.61 -6.44
N ASP A 24 7.73 -8.40 -7.15
CA ASP A 24 7.48 -7.12 -7.79
C ASP A 24 6.53 -6.28 -6.93
N LEU A 25 5.50 -6.94 -6.42
CA LEU A 25 4.52 -6.26 -5.58
C LEU A 25 5.18 -5.77 -4.29
N GLN A 26 6.34 -6.34 -3.96
CA GLN A 26 7.05 -5.98 -2.73
C GLN A 26 8.02 -4.82 -2.91
N GLN A 27 8.50 -4.60 -4.13
CA GLN A 27 9.45 -3.50 -4.34
C GLN A 27 9.12 -2.63 -5.55
N ARG A 28 8.14 -3.02 -6.36
CA ARG A 28 7.79 -2.25 -7.55
C ARG A 28 6.43 -1.56 -7.41
N TYR A 29 5.37 -2.36 -7.37
CA TYR A 29 4.01 -1.81 -7.26
C TYR A 29 3.42 -2.04 -5.86
N ASN A 30 3.67 -1.09 -4.97
CA ASN A 30 3.17 -1.17 -3.60
C ASN A 30 2.97 0.22 -2.98
N THR A 31 2.93 1.25 -3.80
CA THR A 31 2.76 2.61 -3.29
C THR A 31 1.52 3.29 -3.89
N VAL A 32 0.69 3.85 -3.02
CA VAL A 32 -0.52 4.56 -3.45
C VAL A 32 -0.34 6.06 -3.26
N TYR A 33 -1.00 6.86 -4.09
CA TYR A 33 -0.87 8.32 -4.00
C TYR A 33 -2.20 9.03 -3.81
N PHE A 34 -2.37 9.62 -2.61
CA PHE A 34 -3.57 10.36 -2.26
C PHE A 34 -3.41 11.85 -2.57
N GLY A 35 -4.51 12.60 -2.47
CA GLY A 35 -4.44 14.03 -2.72
C GLY A 35 -4.36 14.82 -1.44
N PHE A 36 -4.29 16.14 -1.54
CA PHE A 36 -4.21 16.99 -0.36
C PHE A 36 -5.47 16.85 0.48
N ASP A 37 -5.30 16.42 1.73
CA ASP A 37 -6.43 16.23 2.64
C ASP A 37 -7.42 15.20 2.10
N LYS A 38 -6.89 14.16 1.47
CA LYS A 38 -7.73 13.10 0.91
C LYS A 38 -7.38 11.75 1.52
N TYR A 39 -8.40 10.96 1.83
CA TYR A 39 -8.21 9.64 2.42
C TYR A 39 -8.96 8.58 1.63
N ASP A 40 -8.65 8.49 0.34
CA ASP A 40 -9.29 7.52 -0.55
C ASP A 40 -8.33 7.13 -1.66
N ILE A 41 -8.46 5.91 -2.17
CA ILE A 41 -7.59 5.44 -3.24
C ILE A 41 -8.24 5.67 -4.61
N THR A 42 -7.41 5.61 -5.66
CA THR A 42 -7.91 5.81 -7.02
C THR A 42 -7.81 4.53 -7.84
N GLY A 43 -8.74 4.37 -8.79
CA GLY A 43 -8.76 3.19 -9.64
C GLY A 43 -7.38 2.82 -10.17
N GLU A 44 -6.54 3.82 -10.40
CA GLU A 44 -5.19 3.58 -10.91
C GLU A 44 -4.35 2.77 -9.94
N TYR A 45 -4.57 2.98 -8.65
CA TYR A 45 -3.81 2.29 -7.61
C TYR A 45 -4.58 1.11 -7.02
N VAL A 46 -5.82 0.92 -7.44
CA VAL A 46 -6.64 -0.18 -6.93
C VAL A 46 -6.02 -1.53 -7.26
N GLN A 47 -5.53 -1.68 -8.49
CA GLN A 47 -4.93 -2.94 -8.92
C GLN A 47 -3.99 -3.54 -7.86
N ILE A 48 -3.17 -2.70 -7.24
CA ILE A 48 -2.24 -3.19 -6.21
C ILE A 48 -3.01 -3.91 -5.11
N LEU A 49 -4.09 -3.28 -4.65
CA LEU A 49 -4.91 -3.86 -3.59
C LEU A 49 -5.45 -5.23 -4.01
N ASP A 50 -5.89 -5.34 -5.26
CA ASP A 50 -6.43 -6.58 -5.78
C ASP A 50 -5.34 -7.64 -5.92
N ALA A 51 -4.17 -7.23 -6.43
CA ALA A 51 -3.05 -8.14 -6.61
C ALA A 51 -2.43 -8.52 -5.26
N HIS A 52 -2.29 -7.54 -4.38
CA HIS A 52 -1.72 -7.77 -3.07
C HIS A 52 -2.59 -8.73 -2.27
N ALA A 53 -3.90 -8.57 -2.42
CA ALA A 53 -4.86 -9.42 -1.71
C ALA A 53 -4.82 -10.87 -2.21
N ALA A 54 -4.73 -11.06 -3.52
CA ALA A 54 -4.68 -12.40 -4.10
C ALA A 54 -3.46 -13.18 -3.61
N TYR A 55 -2.31 -12.52 -3.57
CA TYR A 55 -1.09 -13.18 -3.12
C TYR A 55 -1.13 -13.40 -1.61
N LEU A 56 -1.69 -12.44 -0.90
CA LEU A 56 -1.77 -12.50 0.55
C LEU A 56 -2.83 -13.49 1.01
N ASN A 57 -3.91 -13.60 0.26
CA ASN A 57 -4.98 -14.53 0.60
C ASN A 57 -4.54 -15.95 0.33
N ALA A 58 -3.65 -16.12 -0.66
CA ALA A 58 -3.14 -17.43 -1.01
C ALA A 58 -2.15 -17.95 0.04
N THR A 59 -1.62 -17.04 0.86
CA THR A 59 -0.68 -17.41 1.91
C THR A 59 -1.31 -17.23 3.29
N PRO A 60 -1.57 -18.34 4.01
CA PRO A 60 -2.19 -18.29 5.33
C PRO A 60 -1.57 -17.28 6.29
N ALA A 61 -0.29 -17.48 6.64
CA ALA A 61 0.39 -16.59 7.58
C ALA A 61 1.03 -15.38 6.90
N ALA A 62 0.54 -15.02 5.72
CA ALA A 62 1.08 -13.86 5.02
C ALA A 62 0.34 -12.60 5.43
N LYS A 63 1.06 -11.71 6.10
CA LYS A 63 0.47 -10.45 6.56
C LYS A 63 1.17 -9.26 5.91
N VAL A 64 0.38 -8.31 5.40
CA VAL A 64 0.93 -7.13 4.76
C VAL A 64 0.96 -5.94 5.72
N LEU A 65 1.97 -5.12 5.56
CA LEU A 65 2.13 -3.93 6.39
C LEU A 65 1.81 -2.68 5.59
N VAL A 66 0.63 -2.12 5.83
CA VAL A 66 0.22 -0.91 5.13
C VAL A 66 0.79 0.33 5.81
N GLU A 67 1.88 0.87 5.25
CA GLU A 67 2.52 2.04 5.82
C GLU A 67 1.97 3.32 5.23
N GLY A 68 1.44 4.18 6.09
CA GLY A 68 0.89 5.44 5.63
C GLY A 68 1.94 6.54 5.54
N ASN A 69 1.78 7.42 4.57
CA ASN A 69 2.72 8.52 4.38
C ASN A 69 1.99 9.77 3.89
N THR A 70 2.64 10.92 4.04
CA THR A 70 2.03 12.18 3.62
C THR A 70 3.08 13.29 3.49
N ASP A 71 2.60 14.50 3.25
CA ASP A 71 3.47 15.65 3.10
C ASP A 71 3.88 16.22 4.45
N GLU A 72 4.89 17.09 4.43
CA GLU A 72 5.40 17.71 5.65
C GLU A 72 4.35 18.59 6.33
N ARG A 73 3.57 19.32 5.53
CA ARG A 73 2.56 20.24 6.05
C ARG A 73 1.82 19.68 7.26
N GLY A 74 2.15 20.23 8.43
CA GLY A 74 1.51 19.81 9.67
C GLY A 74 2.46 19.10 10.61
N THR A 75 1.92 18.58 11.70
CA THR A 75 2.72 17.88 12.71
C THR A 75 2.60 16.36 12.53
N PRO A 76 3.67 15.60 12.83
CA PRO A 76 3.66 14.14 12.69
C PRO A 76 2.41 13.50 13.27
N GLU A 77 1.96 14.00 14.42
CA GLU A 77 0.77 13.47 15.06
C GLU A 77 -0.48 13.75 14.22
N TYR A 78 -0.57 14.96 13.66
CA TYR A 78 -1.70 15.30 12.83
C TYR A 78 -1.65 14.51 11.54
N ASN A 79 -0.45 14.44 10.95
CA ASN A 79 -0.27 13.69 9.72
C ASN A 79 -0.60 12.23 9.98
N ILE A 80 0.31 11.52 10.65
CA ILE A 80 0.11 10.12 10.97
C ILE A 80 -1.36 9.77 11.13
N ALA A 81 -2.08 10.60 11.87
CA ALA A 81 -3.50 10.35 12.08
C ALA A 81 -4.24 10.30 10.74
N LEU A 82 -4.19 11.41 10.00
CA LEU A 82 -4.84 11.45 8.69
C LEU A 82 -4.51 10.17 7.92
N GLY A 83 -3.23 9.78 7.93
CA GLY A 83 -2.81 8.56 7.27
C GLY A 83 -3.39 7.33 7.93
N GLN A 84 -3.46 7.35 9.26
CA GLN A 84 -4.01 6.23 10.01
C GLN A 84 -5.39 5.86 9.47
N ARG A 85 -6.21 6.87 9.21
CA ARG A 85 -7.54 6.64 8.66
C ARG A 85 -7.39 6.07 7.26
N ARG A 86 -6.44 6.60 6.50
CA ARG A 86 -6.18 6.11 5.15
C ARG A 86 -5.78 4.65 5.22
N ALA A 87 -4.97 4.34 6.24
CA ALA A 87 -4.51 2.98 6.47
C ALA A 87 -5.71 2.09 6.71
N ASP A 88 -6.70 2.63 7.41
CA ASP A 88 -7.94 1.91 7.70
C ASP A 88 -8.65 1.60 6.39
N ALA A 89 -8.50 2.50 5.42
CA ALA A 89 -9.11 2.33 4.11
C ALA A 89 -8.60 1.08 3.44
N VAL A 90 -7.30 1.04 3.15
CA VAL A 90 -6.70 -0.12 2.49
C VAL A 90 -6.82 -1.38 3.36
N LYS A 91 -6.70 -1.20 4.67
CA LYS A 91 -6.80 -2.32 5.60
C LYS A 91 -8.14 -3.04 5.44
N GLY A 92 -9.23 -2.31 5.69
CA GLY A 92 -10.55 -2.88 5.57
C GLY A 92 -10.86 -3.33 4.15
N TYR A 93 -10.10 -2.80 3.18
CA TYR A 93 -10.29 -3.17 1.79
C TYR A 93 -9.96 -4.65 1.62
N LEU A 94 -8.73 -5.01 1.96
CA LEU A 94 -8.30 -6.39 1.88
C LEU A 94 -9.20 -7.25 2.77
N ALA A 95 -9.70 -6.64 3.85
CA ALA A 95 -10.59 -7.33 4.78
C ALA A 95 -11.87 -7.73 4.07
N GLY A 96 -12.37 -6.85 3.21
CA GLY A 96 -13.59 -7.12 2.48
C GLY A 96 -13.39 -8.19 1.43
N LYS A 97 -12.16 -8.31 0.95
CA LYS A 97 -11.80 -9.31 -0.05
C LYS A 97 -11.65 -10.70 0.58
N GLY A 98 -11.65 -10.76 1.91
CA GLY A 98 -11.52 -12.03 2.59
C GLY A 98 -10.22 -12.16 3.37
N VAL A 99 -9.37 -11.15 3.28
CA VAL A 99 -8.09 -11.17 4.00
C VAL A 99 -8.30 -10.92 5.49
N ASP A 100 -7.79 -11.81 6.32
CA ASP A 100 -7.93 -11.68 7.77
C ASP A 100 -7.25 -10.42 8.29
N ALA A 101 -7.92 -9.76 9.23
CA ALA A 101 -7.40 -8.54 9.81
C ALA A 101 -6.08 -8.79 10.56
N GLY A 102 -5.96 -9.98 11.14
CA GLY A 102 -4.76 -10.32 11.88
C GLY A 102 -3.50 -10.31 11.02
N LYS A 103 -3.69 -10.41 9.70
CA LYS A 103 -2.56 -10.41 8.77
C LYS A 103 -2.41 -9.04 8.10
N LEU A 104 -3.34 -8.14 8.38
CA LEU A 104 -3.30 -6.79 7.83
C LEU A 104 -3.00 -5.78 8.93
N GLY A 105 -1.90 -5.03 8.81
CA GLY A 105 -1.55 -4.06 9.80
C GLY A 105 -1.37 -2.68 9.19
N THR A 106 -0.94 -1.74 10.02
CA THR A 106 -0.73 -0.37 9.56
C THR A 106 0.38 0.31 10.35
N VAL A 107 0.89 1.41 9.80
CA VAL A 107 1.96 2.18 10.42
C VAL A 107 2.25 3.42 9.58
N SER A 108 1.93 4.59 10.10
CA SER A 108 2.15 5.83 9.35
C SER A 108 3.24 6.68 9.99
N TYR A 109 4.00 7.38 9.15
CA TYR A 109 5.08 8.24 9.61
C TYR A 109 4.85 9.68 9.15
N GLY A 110 3.57 10.00 8.88
CA GLY A 110 3.18 11.33 8.43
C GLY A 110 4.32 12.25 8.02
N GLU A 111 4.49 13.33 8.77
CA GLU A 111 5.56 14.30 8.49
C GLU A 111 6.79 14.01 9.34
N GLU A 112 6.88 12.80 9.88
CA GLU A 112 8.02 12.41 10.70
C GLU A 112 9.30 12.52 9.89
N LYS A 113 9.33 11.86 8.74
CA LYS A 113 10.49 11.89 7.87
C LYS A 113 10.07 11.95 6.40
N PRO A 114 9.89 13.16 5.86
CA PRO A 114 9.47 13.35 4.46
C PRO A 114 10.46 12.75 3.47
N ALA A 115 10.02 12.61 2.21
CA ALA A 115 10.87 12.06 1.16
C ALA A 115 11.25 13.13 0.15
N VAL A 116 10.24 13.73 -0.49
CA VAL A 116 10.47 14.76 -1.49
C VAL A 116 10.55 16.13 -0.85
N LEU A 117 11.76 16.69 -0.83
CA LEU A 117 11.99 18.01 -0.25
C LEU A 117 11.48 19.11 -1.19
N GLY A 118 10.77 20.07 -0.63
CA GLY A 118 10.23 21.16 -1.42
C GLY A 118 8.94 21.68 -0.83
N HIS A 119 8.34 22.68 -1.48
CA HIS A 119 7.10 23.25 -0.97
C HIS A 119 6.14 23.62 -2.10
N ASP A 120 5.52 22.63 -2.73
CA ASP A 120 4.58 22.88 -3.81
C ASP A 120 3.80 21.61 -4.15
N GLU A 121 2.67 21.76 -4.84
CA GLU A 121 1.84 20.61 -5.20
C GLU A 121 2.68 19.47 -5.79
N ALA A 122 3.84 19.79 -6.34
CA ALA A 122 4.71 18.78 -6.91
C ALA A 122 5.27 17.86 -5.83
N ALA A 123 5.97 18.45 -4.87
CA ALA A 123 6.56 17.68 -3.78
C ALA A 123 5.47 17.20 -2.82
N TYR A 124 4.51 18.06 -2.54
CA TYR A 124 3.42 17.73 -1.63
C TYR A 124 2.62 16.53 -2.15
N SER A 125 2.35 16.52 -3.45
CA SER A 125 1.61 15.43 -4.07
C SER A 125 2.45 14.14 -4.06
N LYS A 126 3.77 14.31 -4.20
CA LYS A 126 4.67 13.17 -4.21
C LYS A 126 4.80 12.55 -2.82
N ASN A 127 4.51 13.33 -1.79
CA ASN A 127 4.60 12.83 -0.42
C ASN A 127 3.30 12.17 0.03
N ARG A 128 2.18 12.61 -0.54
CA ARG A 128 0.87 12.02 -0.21
C ARG A 128 0.80 10.58 -0.69
N ARG A 129 1.21 9.64 0.17
CA ARG A 129 1.20 8.24 -0.24
C ARG A 129 1.17 7.27 0.94
N ALA A 130 0.72 6.05 0.65
CA ALA A 130 0.68 4.97 1.62
C ALA A 130 1.37 3.75 1.01
N VAL A 131 2.56 3.45 1.51
CA VAL A 131 3.35 2.35 0.98
C VAL A 131 2.95 0.99 1.55
N LEU A 132 3.09 -0.03 0.72
CA LEU A 132 2.75 -1.40 1.10
C LEU A 132 4.03 -2.16 1.46
N ALA A 133 4.30 -2.28 2.76
CA ALA A 133 5.49 -2.98 3.24
C ALA A 133 5.13 -4.35 3.79
N TYR A 134 6.00 -5.33 3.58
CA TYR A 134 5.75 -6.68 4.06
C TYR A 134 6.03 -6.78 5.56
N ALA B 1 -11.16 21.82 9.54
CA ALA B 1 -9.85 22.28 9.04
C ALA B 1 -8.77 22.05 10.10
N CYS A 1 -18.40 -30.28 -21.40
CA CYS A 1 -18.24 -29.06 -20.57
C CYS A 1 -18.70 -27.81 -21.33
N SER A 2 -19.12 -26.80 -20.58
CA SER A 2 -19.59 -25.55 -21.18
C SER A 2 -18.67 -24.39 -20.80
N SER A 3 -18.65 -23.36 -21.64
CA SER A 3 -17.81 -22.19 -21.38
C SER A 3 -18.53 -21.20 -20.47
N SER A 4 -17.98 -21.02 -19.27
CA SER A 4 -18.57 -20.10 -18.30
C SER A 4 -18.00 -18.69 -18.46
N ASN A 5 -16.67 -18.59 -18.41
CA ASN A 5 -15.99 -17.30 -18.56
C ASN A 5 -14.62 -17.48 -19.19
N ASN A 6 -14.18 -16.45 -19.91
CA ASN A 6 -12.89 -16.48 -20.58
C ASN A 6 -11.79 -15.94 -19.66
N ASP A 7 -10.65 -16.62 -19.65
CA ASP A 7 -9.53 -16.19 -18.82
C ASP A 7 -8.61 -15.23 -19.56
N ALA A 8 -8.64 -15.28 -20.89
CA ALA A 8 -7.81 -14.42 -21.72
C ALA A 8 -6.34 -14.77 -21.57
N ALA A 9 -5.71 -14.28 -20.50
CA ALA A 9 -4.30 -14.55 -20.25
C ALA A 9 -4.05 -16.05 -20.15
N GLY A 10 -2.79 -16.46 -20.27
CA GLY A 10 -2.44 -17.87 -20.16
C GLY A 10 -2.08 -18.28 -18.75
N ASN A 11 -1.08 -17.61 -18.18
CA ASN A 11 -0.62 -17.90 -16.83
C ASN A 11 -0.52 -19.40 -16.58
N GLY A 12 0.25 -20.08 -17.42
CA GLY A 12 0.42 -21.51 -17.27
C GLY A 12 1.60 -21.88 -16.38
N ALA A 13 2.80 -21.57 -16.84
CA ALA A 13 4.01 -21.87 -16.08
C ALA A 13 4.39 -20.71 -15.16
N ALA A 14 4.54 -19.52 -15.75
CA ALA A 14 4.90 -18.34 -14.98
C ALA A 14 3.96 -18.11 -13.80
N GLN A 15 4.47 -17.49 -12.74
CA GLN A 15 3.67 -17.22 -11.56
C GLN A 15 3.33 -15.74 -11.45
N THR A 16 2.06 -15.42 -11.66
CA THR A 16 1.60 -14.03 -11.60
C THR A 16 0.34 -13.92 -10.74
N PHE A 17 0.43 -13.16 -9.66
CA PHE A 17 -0.69 -12.97 -8.76
C PHE A 17 -1.53 -11.76 -9.18
N GLY A 18 -2.71 -12.05 -9.74
CA GLY A 18 -3.60 -10.98 -10.18
C GLY A 18 -3.00 -10.11 -11.27
N GLY A 19 -1.87 -10.52 -11.83
CA GLY A 19 -1.27 -9.73 -12.89
C GLY A 19 0.24 -9.60 -12.76
N TYR A 20 0.73 -9.45 -11.54
CA TYR A 20 2.17 -9.29 -11.32
C TYR A 20 2.73 -10.39 -10.41
N SER A 21 4.05 -10.43 -10.30
CA SER A 21 4.73 -11.41 -9.47
C SER A 21 5.21 -10.77 -8.16
N VAL A 22 5.28 -11.59 -7.11
CA VAL A 22 5.70 -11.13 -5.78
C VAL A 22 6.84 -10.12 -5.83
N ALA A 23 7.99 -10.55 -6.34
CA ALA A 23 9.17 -9.69 -6.42
C ALA A 23 8.90 -8.39 -7.18
N ASP A 24 7.79 -8.31 -7.90
CA ASP A 24 7.44 -7.08 -8.61
C ASP A 24 6.43 -6.30 -7.77
N LEU A 25 5.41 -7.01 -7.27
CA LEU A 25 4.40 -6.38 -6.45
C LEU A 25 5.03 -5.70 -5.24
N GLN A 26 6.23 -6.14 -4.88
CA GLN A 26 6.94 -5.59 -3.72
C GLN A 26 8.09 -4.65 -4.10
N GLN A 27 8.45 -4.64 -5.38
CA GLN A 27 9.55 -3.79 -5.82
C GLN A 27 9.10 -2.70 -6.80
N ARG A 28 8.03 -2.95 -7.53
CA ARG A 28 7.55 -1.99 -8.51
C ARG A 28 6.19 -1.40 -8.14
N TYR A 29 5.21 -2.27 -7.93
CA TYR A 29 3.85 -1.82 -7.60
C TYR A 29 3.50 -2.11 -6.14
N ASN A 30 3.95 -1.24 -5.24
CA ASN A 30 3.68 -1.40 -3.82
C ASN A 30 3.37 -0.06 -3.14
N THR A 31 3.11 0.98 -3.93
CA THR A 31 2.83 2.30 -3.35
C THR A 31 1.62 2.99 -3.99
N VAL A 32 0.78 3.59 -3.15
CA VAL A 32 -0.41 4.31 -3.63
C VAL A 32 -0.21 5.82 -3.45
N TYR A 33 -0.84 6.64 -4.30
CA TYR A 33 -0.67 8.09 -4.21
C TYR A 33 -2.00 8.85 -4.04
N PHE A 34 -2.16 9.49 -2.88
CA PHE A 34 -3.35 10.28 -2.57
C PHE A 34 -3.14 11.75 -2.93
N GLY A 35 -4.21 12.53 -2.87
CA GLY A 35 -4.11 13.95 -3.16
C GLY A 35 -4.03 14.76 -1.89
N PHE A 36 -4.09 16.09 -2.00
CA PHE A 36 -4.03 16.95 -0.83
C PHE A 36 -5.19 16.66 0.12
N ASP A 37 -4.87 16.38 1.38
CA ASP A 37 -5.87 16.08 2.40
C ASP A 37 -6.90 15.07 1.87
N LYS A 38 -6.45 14.16 1.03
CA LYS A 38 -7.31 13.14 0.47
C LYS A 38 -7.25 11.84 1.26
N TYR A 39 -8.39 11.19 1.43
CA TYR A 39 -8.46 9.94 2.17
C TYR A 39 -9.21 8.89 1.34
N ASP A 40 -8.80 8.76 0.08
CA ASP A 40 -9.41 7.80 -0.83
C ASP A 40 -8.38 7.32 -1.86
N ILE A 41 -8.53 6.10 -2.34
CA ILE A 41 -7.61 5.56 -3.33
C ILE A 41 -8.15 5.75 -4.74
N THR A 42 -7.26 5.66 -5.75
CA THR A 42 -7.67 5.84 -7.13
C THR A 42 -7.60 4.53 -7.92
N GLY A 43 -8.54 4.37 -8.85
CA GLY A 43 -8.58 3.17 -9.66
C GLY A 43 -7.22 2.76 -10.21
N GLU A 44 -6.36 3.75 -10.44
CA GLU A 44 -5.03 3.49 -10.98
C GLU A 44 -4.18 2.63 -10.03
N TYR A 45 -4.42 2.79 -8.73
CA TYR A 45 -3.67 2.05 -7.73
C TYR A 45 -4.49 0.92 -7.10
N VAL A 46 -5.71 0.70 -7.59
CA VAL A 46 -6.59 -0.33 -7.04
C VAL A 46 -6.10 -1.76 -7.37
N GLN A 47 -5.56 -1.95 -8.57
CA GLN A 47 -5.11 -3.29 -8.96
C GLN A 47 -4.16 -3.90 -7.92
N ILE A 48 -3.38 -3.05 -7.25
CA ILE A 48 -2.45 -3.54 -6.23
C ILE A 48 -3.22 -4.20 -5.10
N LEU A 49 -4.23 -3.50 -4.59
CA LEU A 49 -5.04 -4.04 -3.51
C LEU A 49 -5.59 -5.41 -3.90
N ASP A 50 -5.95 -5.55 -5.16
CA ASP A 50 -6.47 -6.80 -5.68
C ASP A 50 -5.35 -7.82 -5.86
N ALA A 51 -4.20 -7.36 -6.33
CA ALA A 51 -3.04 -8.23 -6.54
C ALA A 51 -2.45 -8.67 -5.22
N HIS A 52 -2.05 -7.71 -4.39
CA HIS A 52 -1.46 -8.02 -3.08
C HIS A 52 -2.43 -8.91 -2.30
N ALA A 53 -3.72 -8.64 -2.44
CA ALA A 53 -4.74 -9.42 -1.76
C ALA A 53 -4.67 -10.89 -2.16
N ALA A 54 -4.50 -11.14 -3.46
CA ALA A 54 -4.41 -12.50 -3.97
C ALA A 54 -3.20 -13.22 -3.35
N TYR A 55 -2.08 -12.50 -3.25
CA TYR A 55 -0.87 -13.08 -2.69
C TYR A 55 -0.98 -13.21 -1.17
N LEU A 56 -1.60 -12.22 -0.55
CA LEU A 56 -1.76 -12.22 0.90
C LEU A 56 -2.66 -13.36 1.35
N ASN A 57 -3.75 -13.56 0.64
CA ASN A 57 -4.70 -14.63 0.97
C ASN A 57 -4.07 -16.00 0.70
N ALA A 58 -3.29 -16.08 -0.37
CA ALA A 58 -2.64 -17.33 -0.74
C ALA A 58 -1.74 -17.85 0.37
N THR A 59 -1.29 -16.94 1.24
CA THR A 59 -0.42 -17.33 2.36
C THR A 59 -1.12 -17.08 3.69
N PRO A 60 -1.42 -18.15 4.45
CA PRO A 60 -2.11 -18.04 5.75
C PRO A 60 -1.43 -17.09 6.74
N ALA A 61 -0.12 -17.26 6.92
CA ALA A 61 0.62 -16.42 7.87
C ALA A 61 1.20 -15.18 7.21
N ALA A 62 0.68 -14.81 6.04
CA ALA A 62 1.16 -13.64 5.34
C ALA A 62 0.37 -12.40 5.75
N LYS A 63 1.05 -11.45 6.36
CA LYS A 63 0.41 -10.21 6.80
C LYS A 63 1.01 -9.00 6.10
N VAL A 64 0.16 -8.10 5.61
CA VAL A 64 0.63 -6.91 4.93
C VAL A 64 0.72 -5.73 5.87
N LEU A 65 1.76 -4.93 5.69
CA LEU A 65 1.97 -3.76 6.53
C LEU A 65 1.71 -2.48 5.74
N VAL A 66 0.55 -1.89 5.95
CA VAL A 66 0.19 -0.66 5.26
C VAL A 66 0.85 0.54 5.93
N GLU A 67 1.79 1.16 5.22
CA GLU A 67 2.51 2.31 5.76
C GLU A 67 1.92 3.60 5.20
N GLY A 68 1.40 4.43 6.09
CA GLY A 68 0.83 5.69 5.68
C GLY A 68 1.89 6.76 5.51
N ASN A 69 1.71 7.61 4.50
CA ASN A 69 2.65 8.69 4.23
C ASN A 69 1.93 9.92 3.71
N THR A 70 2.55 11.07 3.87
CA THR A 70 1.96 12.32 3.41
C THR A 70 2.98 13.45 3.42
N ASP A 71 2.51 14.65 3.10
CA ASP A 71 3.37 15.82 3.09
C ASP A 71 3.72 16.25 4.50
N GLU A 72 4.85 16.94 4.64
CA GLU A 72 5.31 17.40 5.95
C GLU A 72 4.32 18.37 6.60
N ARG A 73 3.67 19.18 5.78
CA ARG A 73 2.72 20.19 6.26
C ARG A 73 1.85 19.69 7.42
N GLY A 74 2.14 20.19 8.61
CA GLY A 74 1.38 19.82 9.80
C GLY A 74 2.18 19.01 10.80
N THR A 75 1.61 18.84 12.00
CA THR A 75 2.28 18.08 13.07
C THR A 75 2.02 16.58 12.90
N PRO A 76 3.01 15.74 13.27
CA PRO A 76 2.90 14.28 13.14
C PRO A 76 1.67 13.68 13.80
N GLU A 77 1.25 14.23 14.95
CA GLU A 77 0.09 13.70 15.67
C GLU A 77 -1.20 13.86 14.85
N TYR A 78 -1.42 15.06 14.33
CA TYR A 78 -2.61 15.29 13.51
C TYR A 78 -2.39 14.65 12.15
N ASN A 79 -1.12 14.60 11.72
CA ASN A 79 -0.78 13.97 10.46
C ASN A 79 -1.10 12.48 10.60
N ILE A 80 -0.24 11.76 11.34
CA ILE A 80 -0.42 10.33 11.56
C ILE A 80 -1.90 9.97 11.61
N ALA A 81 -2.71 10.83 12.22
CA ALA A 81 -4.15 10.56 12.28
C ALA A 81 -4.73 10.48 10.88
N LEU A 82 -4.60 11.57 10.12
CA LEU A 82 -5.11 11.59 8.75
C LEU A 82 -4.68 10.32 7.99
N GLY A 83 -3.39 9.99 8.03
CA GLY A 83 -2.90 8.81 7.35
C GLY A 83 -3.41 7.53 7.98
N GLN A 84 -3.36 7.46 9.30
CA GLN A 84 -3.84 6.28 10.01
C GLN A 84 -5.22 5.88 9.50
N ARG A 85 -6.06 6.88 9.23
CA ARG A 85 -7.40 6.64 8.72
C ARG A 85 -7.31 6.05 7.32
N ARG A 86 -6.48 6.68 6.48
CA ARG A 86 -6.30 6.19 5.12
C ARG A 86 -5.80 4.75 5.17
N ALA A 87 -4.90 4.50 6.11
CA ALA A 87 -4.35 3.17 6.33
C ALA A 87 -5.49 2.22 6.68
N ASP A 88 -6.50 2.76 7.35
CA ASP A 88 -7.67 2.00 7.73
C ASP A 88 -8.48 1.64 6.49
N ALA A 89 -8.44 2.55 5.51
CA ALA A 89 -9.15 2.35 4.26
C ALA A 89 -8.66 1.10 3.55
N VAL A 90 -7.36 1.07 3.22
CA VAL A 90 -6.78 -0.08 2.55
C VAL A 90 -6.84 -1.33 3.43
N LYS A 91 -6.68 -1.14 4.74
CA LYS A 91 -6.73 -2.25 5.67
C LYS A 91 -8.09 -2.94 5.62
N GLY A 92 -9.14 -2.14 5.55
CA GLY A 92 -10.49 -2.68 5.47
C GLY A 92 -10.76 -3.27 4.11
N TYR A 93 -10.01 -2.82 3.12
CA TYR A 93 -10.15 -3.31 1.75
C TYR A 93 -9.79 -4.79 1.72
N LEU A 94 -8.53 -5.09 2.07
CA LEU A 94 -8.07 -6.46 2.11
C LEU A 94 -8.94 -7.26 3.06
N ALA A 95 -9.46 -6.59 4.09
CA ALA A 95 -10.35 -7.24 5.06
C ALA A 95 -11.58 -7.78 4.35
N GLY A 96 -12.10 -6.98 3.42
CA GLY A 96 -13.27 -7.39 2.66
C GLY A 96 -12.94 -8.52 1.71
N LYS A 97 -11.66 -8.61 1.34
CA LYS A 97 -11.18 -9.66 0.45
C LYS A 97 -11.12 -11.00 1.17
N GLY A 98 -11.31 -10.98 2.48
CA GLY A 98 -11.29 -12.21 3.25
C GLY A 98 -10.02 -12.36 4.09
N VAL A 99 -9.15 -11.36 4.04
CA VAL A 99 -7.91 -11.39 4.81
C VAL A 99 -8.16 -11.11 6.27
N ASP A 100 -7.65 -11.98 7.14
CA ASP A 100 -7.81 -11.83 8.58
C ASP A 100 -7.20 -10.53 9.08
N ALA A 101 -7.92 -9.88 9.99
CA ALA A 101 -7.47 -8.62 10.56
C ALA A 101 -6.06 -8.74 11.12
N GLY A 102 -5.75 -9.90 11.69
CA GLY A 102 -4.43 -10.13 12.26
C GLY A 102 -3.33 -10.12 11.22
N LYS A 103 -3.70 -10.24 9.95
CA LYS A 103 -2.73 -10.24 8.86
C LYS A 103 -2.52 -8.83 8.31
N LEU A 104 -3.39 -7.91 8.71
CA LEU A 104 -3.30 -6.54 8.26
C LEU A 104 -2.72 -5.64 9.36
N GLY A 105 -1.91 -4.66 8.97
CA GLY A 105 -1.30 -3.76 9.91
C GLY A 105 -1.11 -2.38 9.31
N THR A 106 -1.26 -1.35 10.12
CA THR A 106 -1.11 0.02 9.64
C THR A 106 -0.04 0.77 10.43
N VAL A 107 0.43 1.88 9.87
CA VAL A 107 1.45 2.72 10.49
C VAL A 107 1.78 3.88 9.58
N SER A 108 1.47 5.10 10.02
CA SER A 108 1.73 6.29 9.22
C SER A 108 3.02 6.99 9.63
N TYR A 109 3.74 7.51 8.64
CA TYR A 109 4.98 8.25 8.90
C TYR A 109 4.82 9.73 8.53
N GLY A 110 3.57 10.15 8.35
CA GLY A 110 3.22 11.52 8.02
C GLY A 110 4.41 12.45 7.82
N GLU A 111 4.60 13.36 8.77
CA GLU A 111 5.69 14.33 8.69
C GLU A 111 6.81 14.05 9.68
N GLU A 112 6.85 12.86 10.26
CA GLU A 112 7.91 12.54 11.21
C GLU A 112 9.26 12.57 10.50
N LYS A 113 9.32 11.96 9.31
CA LYS A 113 10.53 11.95 8.51
C LYS A 113 10.17 11.98 7.04
N PRO A 114 10.03 13.19 6.46
CA PRO A 114 9.66 13.36 5.04
C PRO A 114 10.67 12.74 4.08
N ALA A 115 10.25 12.57 2.83
CA ALA A 115 11.09 12.00 1.80
C ALA A 115 11.51 13.07 0.79
N VAL A 116 10.52 13.66 0.11
CA VAL A 116 10.80 14.69 -0.88
C VAL A 116 10.82 16.06 -0.23
N LEU A 117 12.02 16.64 -0.17
CA LEU A 117 12.21 17.96 0.44
C LEU A 117 11.63 19.06 -0.44
N GLY A 118 10.92 19.99 0.20
CA GLY A 118 10.31 21.09 -0.53
C GLY A 118 8.83 21.17 -0.27
N HIS A 119 8.18 22.22 -0.77
CA HIS A 119 6.76 22.39 -0.54
C HIS A 119 6.04 22.93 -1.77
N ASP A 120 5.52 22.02 -2.59
CA ASP A 120 4.79 22.37 -3.81
C ASP A 120 4.05 21.12 -4.31
N GLU A 121 3.06 21.30 -5.17
CA GLU A 121 2.30 20.16 -5.69
C GLU A 121 3.22 19.03 -6.14
N ALA A 122 4.45 19.36 -6.49
CA ALA A 122 5.41 18.36 -6.93
C ALA A 122 5.84 17.47 -5.76
N ALA A 123 6.41 18.09 -4.73
CA ALA A 123 6.85 17.35 -3.55
C ALA A 123 5.65 16.87 -2.74
N TYR A 124 4.65 17.73 -2.57
CA TYR A 124 3.45 17.39 -1.81
C TYR A 124 2.81 16.12 -2.34
N SER A 125 2.59 16.05 -3.65
CA SER A 125 1.99 14.88 -4.27
C SER A 125 2.92 13.68 -4.15
N LYS A 126 4.22 13.93 -4.21
CA LYS A 126 5.20 12.86 -4.11
C LYS A 126 5.21 12.25 -2.71
N ASN A 127 4.86 13.05 -1.71
CA ASN A 127 4.83 12.59 -0.33
C ASN A 127 3.47 11.98 0.01
N ARG A 128 2.41 12.46 -0.64
CA ARG A 128 1.07 11.96 -0.41
C ARG A 128 0.96 10.50 -0.87
N ARG A 129 1.28 9.57 0.02
CA ARG A 129 1.25 8.15 -0.36
C ARG A 129 1.12 7.20 0.82
N ALA A 130 0.62 6.01 0.50
CA ALA A 130 0.47 4.92 1.45
C ALA A 130 1.17 3.70 0.86
N VAL A 131 2.42 3.50 1.24
CA VAL A 131 3.23 2.41 0.70
C VAL A 131 2.97 1.08 1.38
N LEU A 132 2.38 0.16 0.61
CA LEU A 132 2.10 -1.19 1.10
C LEU A 132 3.42 -1.90 1.41
N ALA A 133 3.72 -2.04 2.69
CA ALA A 133 4.96 -2.70 3.12
C ALA A 133 4.71 -4.14 3.55
N TYR A 134 5.49 -5.06 2.98
CA TYR A 134 5.34 -6.47 3.32
C TYR A 134 6.26 -6.84 4.50
N ALA B 1 -5.56 23.39 13.09
CA ALA B 1 -6.65 23.56 12.11
C ALA B 1 -6.74 22.36 11.18
N CYS A 1 -13.07 -18.94 -11.73
CA CYS A 1 -13.55 -17.83 -12.60
C CYS A 1 -12.87 -17.86 -13.97
N SER A 2 -13.66 -17.81 -15.03
CA SER A 2 -13.13 -17.84 -16.39
C SER A 2 -14.17 -17.31 -17.38
N SER A 3 -13.85 -17.42 -18.67
CA SER A 3 -14.75 -16.96 -19.72
C SER A 3 -14.83 -15.43 -19.75
N SER A 4 -15.34 -14.86 -18.67
CA SER A 4 -15.47 -13.40 -18.58
C SER A 4 -14.19 -12.69 -19.00
N ASN A 5 -13.10 -12.98 -18.29
CA ASN A 5 -11.81 -12.37 -18.60
C ASN A 5 -10.68 -13.39 -18.47
N ASN A 6 -9.92 -13.57 -19.55
CA ASN A 6 -8.82 -14.52 -19.57
C ASN A 6 -7.70 -14.02 -20.49
N ASP A 7 -6.46 -14.11 -20.00
CA ASP A 7 -5.30 -13.69 -20.78
C ASP A 7 -4.74 -14.83 -21.61
N ALA A 8 -4.13 -15.80 -20.93
CA ALA A 8 -3.55 -16.96 -21.61
C ALA A 8 -2.94 -17.92 -20.61
N ALA A 9 -2.61 -19.12 -21.07
CA ALA A 9 -2.00 -20.14 -20.22
C ALA A 9 -0.48 -20.15 -20.37
N GLY A 10 0.08 -19.02 -20.77
CA GLY A 10 1.52 -18.93 -20.96
C GLY A 10 2.25 -18.73 -19.64
N ASN A 11 1.59 -18.09 -18.69
CA ASN A 11 2.19 -17.83 -17.38
C ASN A 11 1.20 -17.13 -16.45
N GLY A 12 -0.02 -17.67 -16.37
CA GLY A 12 -1.02 -17.08 -15.52
C GLY A 12 -0.86 -17.46 -14.07
N ALA A 13 -0.83 -18.75 -13.79
CA ALA A 13 -0.67 -19.24 -12.43
C ALA A 13 0.80 -19.44 -12.08
N ALA A 14 1.66 -19.42 -13.09
CA ALA A 14 3.09 -19.60 -12.89
C ALA A 14 3.68 -18.50 -12.01
N GLN A 15 3.52 -18.65 -10.70
CA GLN A 15 4.03 -17.67 -9.75
C GLN A 15 3.52 -16.26 -10.08
N THR A 16 2.22 -16.15 -10.30
CA THR A 16 1.61 -14.87 -10.61
C THR A 16 0.34 -14.67 -9.77
N PHE A 17 0.05 -13.43 -9.42
CA PHE A 17 -1.12 -13.12 -8.60
C PHE A 17 -1.87 -11.91 -9.14
N GLY A 18 -3.05 -12.16 -9.71
CA GLY A 18 -3.86 -11.07 -10.24
C GLY A 18 -3.19 -10.33 -11.38
N GLY A 19 -2.08 -10.86 -11.89
CA GLY A 19 -1.41 -10.19 -12.98
C GLY A 19 0.08 -9.97 -12.74
N TYR A 20 0.45 -9.77 -11.47
CA TYR A 20 1.84 -9.52 -11.13
C TYR A 20 2.40 -10.61 -10.23
N SER A 21 3.73 -10.69 -10.17
CA SER A 21 4.41 -11.67 -9.34
C SER A 21 5.13 -11.00 -8.16
N VAL A 22 5.44 -11.78 -7.14
CA VAL A 22 6.12 -11.29 -5.94
C VAL A 22 7.21 -10.27 -6.26
N ALA A 23 8.16 -10.68 -7.10
CA ALA A 23 9.29 -9.82 -7.48
C ALA A 23 8.85 -8.47 -8.04
N ASP A 24 7.59 -8.38 -8.49
CA ASP A 24 7.09 -7.11 -9.00
C ASP A 24 6.24 -6.41 -7.94
N LEU A 25 5.39 -7.21 -7.28
CA LEU A 25 4.53 -6.67 -6.23
C LEU A 25 5.34 -6.22 -5.02
N GLN A 26 6.54 -6.77 -4.88
CA GLN A 26 7.41 -6.46 -3.74
C GLN A 26 8.27 -5.22 -3.97
N GLN A 27 8.50 -4.85 -5.22
CA GLN A 27 9.36 -3.69 -5.48
C GLN A 27 8.91 -2.82 -6.67
N ARG A 28 7.86 -3.23 -7.37
CA ARG A 28 7.40 -2.47 -8.53
C ARG A 28 6.10 -1.71 -8.28
N TYR A 29 4.99 -2.44 -8.15
CA TYR A 29 3.69 -1.81 -7.94
C TYR A 29 3.19 -2.03 -6.51
N ASN A 30 3.53 -1.11 -5.61
CA ASN A 30 3.11 -1.20 -4.22
C ASN A 30 2.97 0.19 -3.58
N THR A 31 2.87 1.22 -4.41
CA THR A 31 2.75 2.59 -3.88
C THR A 31 1.52 3.31 -4.46
N VAL A 32 0.74 3.94 -3.57
CA VAL A 32 -0.44 4.68 -3.98
C VAL A 32 -0.22 6.19 -3.84
N TYR A 33 -0.89 6.98 -4.69
CA TYR A 33 -0.74 8.43 -4.65
C TYR A 33 -2.03 9.14 -4.22
N PHE A 34 -1.96 9.77 -3.06
CA PHE A 34 -3.08 10.48 -2.45
C PHE A 34 -3.14 11.95 -2.86
N GLY A 35 -4.21 12.64 -2.44
CA GLY A 35 -4.37 14.05 -2.74
C GLY A 35 -4.60 14.86 -1.48
N PHE A 36 -4.81 16.18 -1.62
CA PHE A 36 -5.04 17.03 -0.46
C PHE A 36 -6.31 16.61 0.27
N ASP A 37 -6.23 16.56 1.60
CA ASP A 37 -7.37 16.18 2.44
C ASP A 37 -8.06 14.93 1.88
N LYS A 38 -7.30 14.10 1.19
CA LYS A 38 -7.84 12.87 0.62
C LYS A 38 -7.40 11.65 1.43
N TYR A 39 -8.36 10.84 1.84
CA TYR A 39 -8.07 9.63 2.61
C TYR A 39 -8.73 8.42 1.96
N ASP A 40 -8.62 8.35 0.64
CA ASP A 40 -9.18 7.25 -0.13
C ASP A 40 -8.31 6.98 -1.34
N ILE A 41 -8.27 5.73 -1.81
CA ILE A 41 -7.46 5.37 -2.95
C ILE A 41 -8.25 5.55 -4.25
N THR A 42 -7.55 5.54 -5.38
CA THR A 42 -8.20 5.72 -6.68
C THR A 42 -8.17 4.42 -7.50
N GLY A 43 -9.19 4.26 -8.35
CA GLY A 43 -9.29 3.08 -9.19
C GLY A 43 -7.98 2.72 -9.87
N GLU A 44 -7.17 3.73 -10.18
CA GLU A 44 -5.89 3.51 -10.84
C GLU A 44 -4.94 2.68 -9.99
N TYR A 45 -5.03 2.82 -8.66
CA TYR A 45 -4.15 2.09 -7.76
C TYR A 45 -4.87 0.91 -7.07
N VAL A 46 -6.11 0.65 -7.46
CA VAL A 46 -6.88 -0.44 -6.85
C VAL A 46 -6.35 -1.82 -7.24
N GLN A 47 -5.98 -2.00 -8.51
CA GLN A 47 -5.50 -3.31 -8.97
C GLN A 47 -4.43 -3.87 -8.04
N ILE A 48 -3.61 -3.01 -7.45
CA ILE A 48 -2.57 -3.46 -6.54
C ILE A 48 -3.19 -4.22 -5.37
N LEU A 49 -4.16 -3.59 -4.72
CA LEU A 49 -4.84 -4.21 -3.59
C LEU A 49 -5.44 -5.55 -4.00
N ASP A 50 -5.86 -5.65 -5.24
CA ASP A 50 -6.44 -6.90 -5.75
C ASP A 50 -5.37 -7.97 -5.92
N ALA A 51 -4.22 -7.57 -6.45
CA ALA A 51 -3.12 -8.50 -6.66
C ALA A 51 -2.42 -8.82 -5.35
N HIS A 52 -2.31 -7.81 -4.47
CA HIS A 52 -1.69 -8.01 -3.17
C HIS A 52 -2.57 -8.90 -2.30
N ALA A 53 -3.88 -8.69 -2.40
CA ALA A 53 -4.84 -9.46 -1.62
C ALA A 53 -4.82 -10.94 -2.02
N ALA A 54 -4.72 -11.21 -3.32
CA ALA A 54 -4.68 -12.60 -3.80
C ALA A 54 -3.41 -13.28 -3.32
N TYR A 55 -2.30 -12.54 -3.33
CA TYR A 55 -1.02 -13.08 -2.90
C TYR A 55 -0.99 -13.25 -1.39
N LEU A 56 -1.55 -12.27 -0.69
CA LEU A 56 -1.58 -12.30 0.77
C LEU A 56 -2.37 -13.50 1.28
N ASN A 57 -3.51 -13.75 0.66
CA ASN A 57 -4.36 -14.87 1.05
C ASN A 57 -3.65 -16.18 0.75
N ALA A 58 -3.01 -16.25 -0.41
CA ALA A 58 -2.30 -17.45 -0.84
C ALA A 58 -1.38 -17.98 0.27
N THR A 59 -0.89 -17.09 1.13
CA THR A 59 -0.01 -17.49 2.22
C THR A 59 -0.70 -17.25 3.56
N PRO A 60 -0.92 -18.32 4.34
CA PRO A 60 -1.59 -18.23 5.65
C PRO A 60 -0.96 -17.19 6.59
N ALA A 61 0.33 -17.34 6.86
CA ALA A 61 1.03 -16.41 7.76
C ALA A 61 1.55 -15.17 7.05
N ALA A 62 0.94 -14.82 5.93
CA ALA A 62 1.34 -13.64 5.19
C ALA A 62 0.53 -12.43 5.63
N LYS A 63 1.23 -11.34 5.90
CA LYS A 63 0.59 -10.10 6.34
C LYS A 63 1.19 -8.90 5.63
N VAL A 64 0.34 -7.96 5.20
CA VAL A 64 0.83 -6.77 4.52
C VAL A 64 0.91 -5.58 5.48
N LEU A 65 1.98 -4.80 5.29
CA LEU A 65 2.20 -3.63 6.13
C LEU A 65 1.96 -2.36 5.34
N VAL A 66 0.82 -1.72 5.58
CA VAL A 66 0.46 -0.49 4.88
C VAL A 66 1.15 0.71 5.51
N GLU A 67 2.06 1.32 4.78
CA GLU A 67 2.79 2.49 5.26
C GLU A 67 2.20 3.76 4.69
N GLY A 68 1.71 4.63 5.58
CA GLY A 68 1.12 5.87 5.14
C GLY A 68 2.03 7.06 5.36
N ASN A 69 2.06 7.97 4.39
CA ASN A 69 2.90 9.16 4.49
C ASN A 69 2.22 10.35 3.82
N THR A 70 1.70 11.26 4.64
CA THR A 70 1.02 12.44 4.13
C THR A 70 2.03 13.56 3.87
N ASP A 71 1.53 14.72 3.47
CA ASP A 71 2.39 15.87 3.19
C ASP A 71 2.98 16.44 4.48
N GLU A 72 4.00 17.29 4.34
CA GLU A 72 4.65 17.90 5.48
C GLU A 72 3.70 18.86 6.20
N ARG A 73 2.87 19.55 5.43
CA ARG A 73 1.93 20.53 5.98
C ARG A 73 1.20 20.03 7.23
N GLY A 74 1.49 20.68 8.37
CA GLY A 74 0.85 20.33 9.64
C GLY A 74 1.81 19.75 10.66
N THR A 75 1.33 18.77 11.42
CA THR A 75 2.14 18.12 12.46
C THR A 75 1.94 16.60 12.42
N PRO A 76 3.00 15.83 12.74
CA PRO A 76 2.94 14.37 12.75
C PRO A 76 1.68 13.81 13.40
N GLU A 77 1.30 14.37 14.55
CA GLU A 77 0.12 13.89 15.27
C GLU A 77 -1.16 14.09 14.45
N TYR A 78 -1.32 15.27 13.87
CA TYR A 78 -2.49 15.55 13.06
C TYR A 78 -2.40 14.81 11.74
N ASN A 79 -1.19 14.71 11.21
CA ASN A 79 -0.98 14.00 9.97
C ASN A 79 -1.23 12.52 10.22
N ILE A 80 -0.30 11.84 10.90
CA ILE A 80 -0.45 10.41 11.21
C ILE A 80 -1.92 10.05 11.36
N ALA A 81 -2.66 10.89 12.09
CA ALA A 81 -4.08 10.62 12.28
C ALA A 81 -4.79 10.56 10.94
N LEU A 82 -4.69 11.66 10.18
CA LEU A 82 -5.29 11.69 8.84
C LEU A 82 -4.93 10.39 8.10
N GLY A 83 -3.65 10.00 8.19
CA GLY A 83 -3.21 8.78 7.56
C GLY A 83 -3.86 7.57 8.19
N GLN A 84 -4.02 7.61 9.51
CA GLN A 84 -4.66 6.49 10.21
C GLN A 84 -5.96 6.11 9.50
N ARG A 85 -6.73 7.14 9.13
CA ARG A 85 -7.98 6.91 8.41
C ARG A 85 -7.68 6.37 7.02
N ARG A 86 -6.57 6.81 6.44
CA ARG A 86 -6.15 6.32 5.13
C ARG A 86 -5.81 4.83 5.23
N ALA A 87 -5.00 4.50 6.23
CA ALA A 87 -4.61 3.12 6.48
C ALA A 87 -5.85 2.28 6.76
N ASP A 88 -6.82 2.89 7.42
CA ASP A 88 -8.07 2.21 7.73
C ASP A 88 -8.78 1.83 6.43
N ALA A 89 -8.60 2.67 5.42
CA ALA A 89 -9.20 2.41 4.12
C ALA A 89 -8.60 1.14 3.52
N VAL A 90 -7.31 1.20 3.19
CA VAL A 90 -6.63 0.04 2.62
C VAL A 90 -6.81 -1.19 3.50
N LYS A 91 -6.67 -1.00 4.81
CA LYS A 91 -6.82 -2.10 5.76
C LYS A 91 -8.20 -2.73 5.63
N GLY A 92 -9.22 -1.88 5.47
CA GLY A 92 -10.58 -2.35 5.32
C GLY A 92 -10.82 -2.95 3.95
N TYR A 93 -9.92 -2.66 3.02
CA TYR A 93 -10.02 -3.19 1.66
C TYR A 93 -9.69 -4.67 1.68
N LEU A 94 -8.45 -4.99 2.03
CA LEU A 94 -8.01 -6.38 2.11
C LEU A 94 -8.92 -7.13 3.06
N ALA A 95 -9.42 -6.43 4.08
CA ALA A 95 -10.33 -7.02 5.05
C ALA A 95 -11.58 -7.54 4.34
N GLY A 96 -12.07 -6.75 3.39
CA GLY A 96 -13.24 -7.14 2.63
C GLY A 96 -12.93 -8.30 1.69
N LYS A 97 -11.66 -8.44 1.35
CA LYS A 97 -11.20 -9.50 0.47
C LYS A 97 -11.15 -10.85 1.20
N GLY A 98 -11.32 -10.80 2.52
CA GLY A 98 -11.31 -12.02 3.31
C GLY A 98 -10.04 -12.18 4.14
N VAL A 99 -9.13 -11.22 4.03
CA VAL A 99 -7.88 -11.26 4.78
C VAL A 99 -8.12 -10.92 6.25
N ASP A 100 -7.69 -11.81 7.15
CA ASP A 100 -7.86 -11.58 8.58
C ASP A 100 -7.12 -10.34 9.05
N ALA A 101 -7.77 -9.60 9.94
CA ALA A 101 -7.20 -8.37 10.49
C ALA A 101 -5.75 -8.59 10.94
N GLY A 102 -5.48 -9.76 11.48
CA GLY A 102 -4.14 -10.08 11.96
C GLY A 102 -3.10 -10.10 10.85
N LYS A 103 -3.56 -10.20 9.61
CA LYS A 103 -2.67 -10.24 8.45
C LYS A 103 -2.42 -8.83 7.91
N LEU A 104 -3.24 -7.88 8.33
CA LEU A 104 -3.11 -6.50 7.88
C LEU A 104 -2.44 -5.65 8.96
N GLY A 105 -1.61 -4.71 8.55
CA GLY A 105 -0.94 -3.83 9.47
C GLY A 105 -0.89 -2.42 8.94
N THR A 106 -0.97 -1.44 9.84
CA THR A 106 -0.93 -0.05 9.45
C THR A 106 0.11 0.71 10.25
N VAL A 107 0.65 1.77 9.67
CA VAL A 107 1.66 2.59 10.33
C VAL A 107 2.00 3.79 9.46
N SER A 108 1.76 4.99 9.97
CA SER A 108 2.04 6.20 9.23
C SER A 108 3.08 7.06 9.95
N TYR A 109 4.07 7.55 9.20
CA TYR A 109 5.11 8.39 9.76
C TYR A 109 4.84 9.84 9.41
N GLY A 110 3.55 10.17 9.31
CA GLY A 110 3.12 11.52 8.98
C GLY A 110 4.24 12.48 8.64
N GLU A 111 4.57 13.35 9.59
CA GLU A 111 5.63 14.34 9.39
C GLU A 111 6.82 14.08 10.31
N GLU A 112 6.90 12.88 10.88
CA GLU A 112 8.02 12.56 11.77
C GLU A 112 9.32 12.48 10.97
N LYS A 113 9.29 11.77 9.85
CA LYS A 113 10.46 11.63 9.00
C LYS A 113 10.05 11.71 7.53
N PRO A 114 10.02 12.93 6.95
CA PRO A 114 9.62 13.14 5.56
C PRO A 114 10.53 12.41 4.57
N ALA A 115 10.04 12.28 3.34
CA ALA A 115 10.79 11.60 2.29
C ALA A 115 11.32 12.61 1.28
N VAL A 116 10.41 13.28 0.57
CA VAL A 116 10.78 14.27 -0.42
C VAL A 116 10.91 15.65 0.21
N LEU A 117 12.16 16.12 0.33
CA LEU A 117 12.44 17.42 0.93
C LEU A 117 11.89 18.56 0.06
N GLY A 118 11.25 19.52 0.71
CA GLY A 118 10.69 20.65 0.00
C GLY A 118 9.21 20.81 0.26
N HIS A 119 8.63 21.90 -0.25
CA HIS A 119 7.21 22.16 -0.04
C HIS A 119 6.56 22.72 -1.29
N ASP A 120 6.58 21.96 -2.38
CA ASP A 120 5.97 22.38 -3.64
C ASP A 120 5.17 21.21 -4.22
N GLU A 121 4.12 21.51 -4.98
CA GLU A 121 3.27 20.48 -5.57
C GLU A 121 4.07 19.25 -6.02
N ALA A 122 5.30 19.47 -6.47
CA ALA A 122 6.15 18.37 -6.92
C ALA A 122 6.53 17.48 -5.75
N ALA A 123 7.20 18.04 -4.76
CA ALA A 123 7.61 17.29 -3.57
C ALA A 123 6.37 16.86 -2.80
N TYR A 124 5.41 17.77 -2.67
CA TYR A 124 4.17 17.50 -1.96
C TYR A 124 3.45 16.29 -2.55
N SER A 125 3.21 16.32 -3.86
CA SER A 125 2.53 15.22 -4.54
C SER A 125 3.25 13.91 -4.31
N LYS A 126 4.57 13.98 -4.24
CA LYS A 126 5.38 12.79 -4.02
C LYS A 126 5.31 12.32 -2.57
N ASN A 127 4.95 13.22 -1.67
CA ASN A 127 4.90 12.88 -0.24
C ASN A 127 3.60 12.16 0.14
N ARG A 128 2.45 12.60 -0.37
CA ARG A 128 1.19 11.93 -0.04
C ARG A 128 1.10 10.57 -0.71
N ARG A 129 1.87 9.63 -0.17
CA ARG A 129 1.90 8.27 -0.73
C ARG A 129 1.78 7.21 0.37
N ALA A 130 1.08 6.13 0.05
CA ALA A 130 0.92 5.01 0.97
C ALA A 130 1.62 3.79 0.37
N VAL A 131 2.84 3.55 0.81
CA VAL A 131 3.64 2.46 0.28
C VAL A 131 3.34 1.12 0.94
N LEU A 132 2.75 0.22 0.16
CA LEU A 132 2.43 -1.12 0.64
C LEU A 132 3.71 -1.87 0.98
N ALA A 133 4.02 -1.95 2.27
CA ALA A 133 5.24 -2.62 2.72
C ALA A 133 4.94 -4.05 3.17
N TYR A 134 5.65 -5.01 2.59
CA TYR A 134 5.48 -6.41 2.94
C TYR A 134 6.40 -6.82 4.08
N ALA B 1 -7.52 21.80 14.59
CA ALA B 1 -6.24 21.46 13.96
C ALA B 1 -6.08 22.18 12.61
N CYS A 1 21.33 -1.42 -14.50
CA CYS A 1 21.85 -1.82 -13.16
C CYS A 1 20.74 -2.42 -12.30
N SER A 2 19.63 -1.68 -12.18
CA SER A 2 18.50 -2.13 -11.39
C SER A 2 18.88 -2.26 -9.91
N SER A 3 19.54 -3.35 -9.57
CA SER A 3 19.96 -3.59 -8.19
C SER A 3 21.14 -4.56 -8.13
N SER A 4 21.76 -4.67 -6.97
CA SER A 4 22.90 -5.54 -6.78
C SER A 4 22.47 -7.01 -6.78
N ASN A 5 21.47 -7.33 -5.96
CA ASN A 5 20.97 -8.69 -5.87
C ASN A 5 19.47 -8.74 -6.19
N ASN A 6 19.14 -9.21 -7.38
CA ASN A 6 17.75 -9.30 -7.81
C ASN A 6 17.36 -10.75 -8.08
N ASP A 7 16.53 -11.31 -7.20
CA ASP A 7 16.08 -12.69 -7.35
C ASP A 7 14.86 -12.78 -8.29
N ALA A 8 14.23 -11.64 -8.55
CA ALA A 8 13.07 -11.60 -9.43
C ALA A 8 11.92 -12.39 -8.84
N ALA A 9 11.92 -12.57 -7.52
CA ALA A 9 10.87 -13.31 -6.84
C ALA A 9 10.66 -14.69 -7.47
N GLY A 10 11.74 -15.28 -7.98
CA GLY A 10 11.67 -16.58 -8.59
C GLY A 10 11.94 -17.70 -7.60
N ASN A 11 13.19 -17.81 -7.18
CA ASN A 11 13.60 -18.83 -6.23
C ASN A 11 13.44 -20.24 -6.81
N GLY A 12 12.45 -21.00 -6.33
CA GLY A 12 12.24 -22.34 -6.83
C GLY A 12 11.29 -22.42 -8.00
N ALA A 13 10.00 -22.25 -7.75
CA ALA A 13 8.99 -22.33 -8.79
C ALA A 13 8.72 -20.97 -9.43
N ALA A 14 8.38 -19.98 -8.62
CA ALA A 14 8.08 -18.64 -9.12
C ALA A 14 6.68 -18.61 -9.75
N GLN A 15 5.83 -17.71 -9.26
CA GLN A 15 4.47 -17.60 -9.78
C GLN A 15 3.99 -16.16 -9.83
N THR A 16 2.75 -15.97 -10.26
CA THR A 16 2.15 -14.65 -10.36
C THR A 16 0.83 -14.62 -9.59
N PHE A 17 0.47 -13.44 -9.09
CA PHE A 17 -0.77 -13.29 -8.33
C PHE A 17 -1.60 -12.12 -8.84
N GLY A 18 -2.76 -12.44 -9.42
CA GLY A 18 -3.64 -11.40 -9.92
C GLY A 18 -3.12 -10.65 -11.13
N GLY A 19 -2.03 -11.14 -11.72
CA GLY A 19 -1.50 -10.46 -12.88
C GLY A 19 -0.01 -10.19 -12.83
N TYR A 20 0.54 -10.04 -11.63
CA TYR A 20 1.97 -9.74 -11.49
C TYR A 20 2.66 -10.74 -10.58
N SER A 21 3.99 -10.62 -10.49
CA SER A 21 4.79 -11.50 -9.65
C SER A 21 5.17 -10.81 -8.35
N VAL A 22 5.35 -11.61 -7.29
CA VAL A 22 5.72 -11.08 -5.98
C VAL A 22 6.82 -10.02 -6.08
N ALA A 23 7.73 -10.23 -7.01
CA ALA A 23 8.85 -9.30 -7.19
C ALA A 23 8.39 -7.90 -7.62
N ASP A 24 7.14 -7.78 -8.02
CA ASP A 24 6.59 -6.47 -8.38
C ASP A 24 5.82 -5.90 -7.19
N LEU A 25 5.03 -6.77 -6.58
CA LEU A 25 4.24 -6.41 -5.41
C LEU A 25 5.16 -5.92 -4.30
N GLN A 26 6.42 -6.33 -4.33
CA GLN A 26 7.39 -5.96 -3.31
C GLN A 26 8.48 -5.02 -3.84
N GLN A 27 8.66 -4.99 -5.16
CA GLN A 27 9.71 -4.15 -5.74
C GLN A 27 9.20 -3.18 -6.80
N ARG A 28 8.16 -3.57 -7.54
CA ARG A 28 7.62 -2.73 -8.59
C ARG A 28 6.09 -2.79 -8.66
N TYR A 29 5.43 -2.42 -7.56
CA TYR A 29 3.97 -2.40 -7.48
C TYR A 29 3.50 -2.48 -6.04
N ASN A 30 3.22 -1.33 -5.43
CA ASN A 30 2.76 -1.30 -4.03
C ASN A 30 2.65 0.11 -3.45
N THR A 31 2.64 1.15 -4.29
CA THR A 31 2.56 2.51 -3.77
C THR A 31 1.33 3.25 -4.29
N VAL A 32 0.55 3.80 -3.36
CA VAL A 32 -0.65 4.56 -3.71
C VAL A 32 -0.42 6.05 -3.45
N TYR A 33 -1.00 6.92 -4.29
CA TYR A 33 -0.79 8.36 -4.13
C TYR A 33 -2.11 9.12 -3.88
N PHE A 34 -2.21 9.70 -2.69
CA PHE A 34 -3.38 10.48 -2.30
C PHE A 34 -3.16 11.97 -2.56
N GLY A 35 -4.24 12.76 -2.47
CA GLY A 35 -4.12 14.19 -2.67
C GLY A 35 -4.12 14.95 -1.35
N PHE A 36 -4.18 16.28 -1.43
CA PHE A 36 -4.20 17.11 -0.23
C PHE A 36 -5.43 16.80 0.63
N ASP A 37 -5.18 16.30 1.83
CA ASP A 37 -6.26 15.97 2.75
C ASP A 37 -7.21 14.95 2.14
N LYS A 38 -6.66 13.98 1.42
CA LYS A 38 -7.46 12.94 0.78
C LYS A 38 -7.20 11.58 1.40
N TYR A 39 -8.27 10.83 1.66
CA TYR A 39 -8.15 9.50 2.26
C TYR A 39 -8.94 8.47 1.46
N ASP A 40 -8.65 8.39 0.17
CA ASP A 40 -9.32 7.45 -0.71
C ASP A 40 -8.36 7.02 -1.81
N ILE A 41 -8.52 5.79 -2.32
CA ILE A 41 -7.65 5.29 -3.38
C ILE A 41 -8.30 5.48 -4.75
N THR A 42 -7.48 5.43 -5.80
CA THR A 42 -7.99 5.61 -7.15
C THR A 42 -7.88 4.32 -7.96
N GLY A 43 -8.82 4.12 -8.88
CA GLY A 43 -8.83 2.93 -9.70
C GLY A 43 -7.45 2.60 -10.28
N GLU A 44 -6.65 3.64 -10.52
CA GLU A 44 -5.31 3.45 -11.07
C GLU A 44 -4.43 2.62 -10.14
N TYR A 45 -4.63 2.78 -8.83
CA TYR A 45 -3.83 2.05 -7.85
C TYR A 45 -4.62 0.90 -7.22
N VAL A 46 -5.84 0.67 -7.69
CA VAL A 46 -6.68 -0.39 -7.15
C VAL A 46 -6.13 -1.77 -7.50
N GLN A 47 -5.67 -1.93 -8.74
CA GLN A 47 -5.14 -3.21 -9.20
C GLN A 47 -4.16 -3.82 -8.19
N ILE A 48 -3.39 -2.97 -7.51
CA ILE A 48 -2.44 -3.46 -6.51
C ILE A 48 -3.16 -4.13 -5.37
N LEU A 49 -4.20 -3.46 -4.86
CA LEU A 49 -4.98 -4.00 -3.75
C LEU A 49 -5.54 -5.37 -4.06
N ASP A 50 -6.14 -5.52 -5.24
CA ASP A 50 -6.72 -6.81 -5.63
C ASP A 50 -5.63 -7.86 -5.85
N ALA A 51 -4.46 -7.44 -6.34
CA ALA A 51 -3.37 -8.38 -6.57
C ALA A 51 -2.68 -8.73 -5.26
N HIS A 52 -2.49 -7.74 -4.40
CA HIS A 52 -1.87 -7.95 -3.10
C HIS A 52 -2.76 -8.86 -2.27
N ALA A 53 -4.06 -8.65 -2.38
CA ALA A 53 -5.04 -9.43 -1.65
C ALA A 53 -5.03 -10.88 -2.10
N ALA A 54 -4.85 -11.11 -3.40
CA ALA A 54 -4.81 -12.47 -3.94
C ALA A 54 -3.62 -13.22 -3.35
N TYR A 55 -2.50 -12.52 -3.23
CA TYR A 55 -1.29 -13.12 -2.69
C TYR A 55 -1.35 -13.19 -1.16
N LEU A 56 -1.96 -12.17 -0.56
CA LEU A 56 -2.07 -12.11 0.89
C LEU A 56 -2.96 -13.23 1.42
N ASN A 57 -4.06 -13.49 0.71
CA ASN A 57 -4.98 -14.54 1.10
C ASN A 57 -4.41 -15.92 0.76
N ALA A 58 -3.68 -15.99 -0.34
CA ALA A 58 -3.09 -17.24 -0.80
C ALA A 58 -2.06 -17.76 0.21
N THR A 59 -1.47 -16.86 1.00
CA THR A 59 -0.49 -17.24 1.99
C THR A 59 -1.04 -17.02 3.40
N PRO A 60 -1.22 -18.12 4.17
CA PRO A 60 -1.76 -18.04 5.53
C PRO A 60 -1.08 -17.00 6.41
N ALA A 61 0.21 -17.18 6.68
CA ALA A 61 0.95 -16.27 7.54
C ALA A 61 1.50 -15.05 6.79
N ALA A 62 0.97 -14.77 5.61
CA ALA A 62 1.44 -13.62 4.84
C ALA A 62 0.71 -12.36 5.31
N LYS A 63 1.46 -11.46 5.90
CA LYS A 63 0.90 -10.21 6.42
C LYS A 63 1.44 -8.99 5.68
N VAL A 64 0.55 -8.14 5.19
CA VAL A 64 0.96 -6.93 4.48
C VAL A 64 0.99 -5.73 5.43
N LEU A 65 2.01 -4.91 5.26
CA LEU A 65 2.17 -3.73 6.10
C LEU A 65 1.97 -2.46 5.31
N VAL A 66 0.80 -1.85 5.47
CA VAL A 66 0.48 -0.62 4.76
C VAL A 66 1.09 0.58 5.48
N GLU A 67 2.16 1.13 4.90
CA GLU A 67 2.83 2.28 5.48
C GLU A 67 2.23 3.57 4.98
N GLY A 68 1.70 4.37 5.90
CA GLY A 68 1.10 5.63 5.53
C GLY A 68 2.10 6.76 5.48
N ASN A 69 2.03 7.55 4.42
CA ASN A 69 2.93 8.68 4.25
C ASN A 69 2.17 9.92 3.82
N THR A 70 2.76 11.08 4.05
CA THR A 70 2.12 12.35 3.69
C THR A 70 3.13 13.49 3.70
N ASP A 71 2.65 14.69 3.44
CA ASP A 71 3.49 15.88 3.41
C ASP A 71 3.89 16.29 4.82
N GLU A 72 5.01 17.00 4.93
CA GLU A 72 5.49 17.46 6.23
C GLU A 72 4.49 18.43 6.86
N ARG A 73 3.84 19.23 6.02
CA ARG A 73 2.88 20.22 6.46
C ARG A 73 1.96 19.68 7.57
N GLY A 74 1.27 20.60 8.23
CA GLY A 74 0.35 20.24 9.30
C GLY A 74 1.06 19.93 10.61
N THR A 75 0.81 18.74 11.14
CA THR A 75 1.42 18.31 12.40
C THR A 75 1.29 16.80 12.58
N PRO A 76 2.30 16.13 13.19
CA PRO A 76 2.29 14.69 13.42
C PRO A 76 0.92 14.15 13.82
N GLU A 77 0.33 14.73 14.85
CA GLU A 77 -0.98 14.28 15.32
C GLU A 77 -2.04 14.44 14.23
N TYR A 78 -1.97 15.54 13.49
CA TYR A 78 -2.92 15.78 12.41
C TYR A 78 -2.63 14.86 11.24
N ASN A 79 -1.34 14.59 11.00
CA ASN A 79 -0.96 13.70 9.92
C ASN A 79 -1.22 12.27 10.35
N ILE A 80 -0.34 11.72 11.19
CA ILE A 80 -0.50 10.35 11.67
C ILE A 80 -1.96 9.95 11.74
N ALA A 81 -2.81 10.85 12.25
CA ALA A 81 -4.23 10.55 12.37
C ALA A 81 -4.91 10.48 11.00
N LEU A 82 -4.87 11.58 10.26
CA LEU A 82 -5.48 11.59 8.93
C LEU A 82 -4.88 10.47 8.05
N GLY A 83 -3.57 10.25 8.18
CA GLY A 83 -2.92 9.20 7.43
C GLY A 83 -3.37 7.83 7.90
N GLN A 84 -3.29 7.62 9.22
CA GLN A 84 -3.72 6.34 9.79
C GLN A 84 -5.07 5.94 9.21
N ARG A 85 -5.93 6.95 9.05
CA ARG A 85 -7.25 6.72 8.48
C ARG A 85 -7.10 6.14 7.07
N ARG A 86 -6.22 6.75 6.28
CA ARG A 86 -5.95 6.25 4.94
C ARG A 86 -5.51 4.80 5.03
N ALA A 87 -4.64 4.54 6.01
CA ALA A 87 -4.14 3.20 6.25
C ALA A 87 -5.31 2.29 6.56
N ASP A 88 -6.28 2.82 7.29
CA ASP A 88 -7.48 2.09 7.65
C ASP A 88 -8.27 1.75 6.38
N ALA A 89 -8.18 2.65 5.40
CA ALA A 89 -8.87 2.47 4.14
C ALA A 89 -8.38 1.21 3.44
N VAL A 90 -7.07 1.06 3.36
CA VAL A 90 -6.47 -0.09 2.70
C VAL A 90 -6.57 -1.35 3.57
N LYS A 91 -6.46 -1.18 4.88
CA LYS A 91 -6.54 -2.31 5.79
C LYS A 91 -7.94 -2.92 5.78
N GLY A 92 -8.95 -2.05 5.70
CA GLY A 92 -10.32 -2.50 5.66
C GLY A 92 -10.68 -3.05 4.29
N TYR A 93 -10.01 -2.52 3.27
CA TYR A 93 -10.21 -2.98 1.91
C TYR A 93 -9.79 -4.44 1.81
N LEU A 94 -8.56 -4.70 2.25
CA LEU A 94 -8.05 -6.06 2.26
C LEU A 94 -8.93 -6.93 3.14
N ALA A 95 -9.56 -6.29 4.12
CA ALA A 95 -10.46 -6.97 5.04
C ALA A 95 -11.77 -7.29 4.32
N GLY A 96 -12.19 -6.37 3.45
CA GLY A 96 -13.43 -6.55 2.71
C GLY A 96 -13.43 -7.82 1.89
N LYS A 97 -12.37 -7.99 1.10
CA LYS A 97 -12.24 -9.19 0.27
C LYS A 97 -12.47 -10.42 1.13
N GLY A 98 -12.04 -10.34 2.39
CA GLY A 98 -12.19 -11.43 3.33
C GLY A 98 -10.87 -11.91 3.88
N VAL A 99 -9.90 -11.00 3.95
CA VAL A 99 -8.58 -11.32 4.48
C VAL A 99 -8.52 -11.07 5.98
N ASP A 100 -7.75 -11.90 6.69
CA ASP A 100 -7.61 -11.77 8.14
C ASP A 100 -7.00 -10.43 8.52
N ALA A 101 -7.21 -10.06 9.78
CA ALA A 101 -6.68 -8.81 10.30
C ALA A 101 -5.30 -9.03 10.90
N GLY A 102 -5.08 -10.22 11.46
CA GLY A 102 -3.81 -10.56 12.06
C GLY A 102 -2.65 -10.44 11.08
N LYS A 103 -2.97 -10.51 9.79
CA LYS A 103 -1.96 -10.40 8.75
C LYS A 103 -1.92 -8.99 8.17
N LEU A 104 -2.84 -8.14 8.62
CA LEU A 104 -2.89 -6.76 8.16
C LEU A 104 -1.95 -5.89 8.99
N GLY A 105 -1.42 -4.83 8.39
CA GLY A 105 -0.52 -3.94 9.10
C GLY A 105 -0.67 -2.51 8.63
N THR A 106 -0.63 -1.57 9.56
CA THR A 106 -0.77 -0.16 9.21
C THR A 106 0.15 0.70 10.06
N VAL A 107 0.56 1.83 9.51
CA VAL A 107 1.45 2.76 10.21
C VAL A 107 1.49 4.09 9.47
N SER A 108 2.10 5.09 10.08
CA SER A 108 2.18 6.41 9.45
C SER A 108 3.35 7.22 10.01
N TYR A 109 4.19 7.72 9.12
CA TYR A 109 5.33 8.54 9.51
C TYR A 109 5.18 9.97 8.98
N GLY A 110 3.95 10.33 8.60
CA GLY A 110 3.63 11.65 8.08
C GLY A 110 4.81 12.60 8.00
N GLU A 111 4.75 13.67 8.80
CA GLU A 111 5.81 14.66 8.82
C GLU A 111 6.94 14.27 9.76
N GLU A 112 6.85 13.09 10.35
CA GLU A 112 7.88 12.59 11.26
C GLU A 112 9.22 12.55 10.55
N LYS A 113 9.27 11.81 9.44
CA LYS A 113 10.49 11.70 8.65
C LYS A 113 10.12 11.55 7.18
N PRO A 114 9.95 12.69 6.47
CA PRO A 114 9.56 12.69 5.06
C PRO A 114 10.69 12.25 4.13
N ALA A 115 10.34 12.05 2.85
CA ALA A 115 11.32 11.64 1.86
C ALA A 115 11.72 12.82 0.99
N VAL A 116 10.72 13.45 0.37
CA VAL A 116 10.97 14.60 -0.48
C VAL A 116 10.94 15.90 0.32
N LEU A 117 11.88 16.78 0.01
CA LEU A 117 12.00 18.06 0.70
C LEU A 117 11.31 19.18 -0.08
N GLY A 118 10.63 20.05 0.65
CA GLY A 118 9.92 21.15 0.02
C GLY A 118 8.43 21.11 0.30
N HIS A 119 7.71 22.11 -0.18
CA HIS A 119 6.28 22.18 0.04
C HIS A 119 5.54 22.69 -1.20
N ASP A 120 5.62 21.94 -2.29
CA ASP A 120 4.96 22.30 -3.54
C ASP A 120 4.23 21.08 -4.08
N GLU A 121 3.17 21.30 -4.88
CA GLU A 121 2.40 20.20 -5.44
C GLU A 121 3.29 19.07 -5.95
N ALA A 122 4.53 19.41 -6.33
CA ALA A 122 5.47 18.41 -6.82
C ALA A 122 5.98 17.52 -5.69
N ALA A 123 6.64 18.13 -4.72
CA ALA A 123 7.16 17.38 -3.58
C ALA A 123 6.02 16.90 -2.69
N TYR A 124 5.05 17.77 -2.45
CA TYR A 124 3.89 17.44 -1.62
C TYR A 124 3.20 16.19 -2.15
N SER A 125 2.93 16.16 -3.44
CA SER A 125 2.27 15.02 -4.07
C SER A 125 3.14 13.77 -3.95
N LYS A 126 4.46 13.98 -3.98
CA LYS A 126 5.40 12.87 -3.88
C LYS A 126 5.37 12.24 -2.49
N ASN A 127 4.99 13.02 -1.49
CA ASN A 127 4.94 12.52 -0.11
C ASN A 127 3.58 11.91 0.23
N ARG A 128 2.53 12.41 -0.42
CA ARG A 128 1.18 11.89 -0.17
C ARG A 128 1.03 10.47 -0.73
N ARG A 129 1.40 9.49 0.09
CA ARG A 129 1.31 8.09 -0.38
C ARG A 129 1.28 7.07 0.74
N ALA A 130 0.77 5.88 0.40
CA ALA A 130 0.73 4.75 1.31
C ALA A 130 1.46 3.59 0.65
N VAL A 131 2.68 3.35 1.08
CA VAL A 131 3.51 2.31 0.48
C VAL A 131 3.29 0.93 1.09
N LEU A 132 2.66 0.06 0.30
CA LEU A 132 2.41 -1.31 0.72
C LEU A 132 3.73 -2.01 1.04
N ALA A 133 4.04 -2.14 2.32
CA ALA A 133 5.28 -2.78 2.75
C ALA A 133 5.05 -4.21 3.20
N TYR A 134 5.81 -5.14 2.63
CA TYR A 134 5.70 -6.55 2.98
C TYR A 134 6.55 -6.87 4.20
N ALA B 1 -7.51 26.33 9.90
CA ALA B 1 -7.60 25.37 11.00
C ALA B 1 -7.49 23.92 10.48
N CYS A 1 21.70 6.71 -16.91
CA CYS A 1 21.46 5.25 -17.07
C CYS A 1 20.36 4.77 -16.15
N SER A 2 19.26 4.29 -16.73
CA SER A 2 18.13 3.79 -15.95
C SER A 2 18.09 2.27 -15.97
N SER A 3 18.08 1.69 -17.17
CA SER A 3 18.05 0.25 -17.32
C SER A 3 19.45 -0.33 -17.45
N SER A 4 20.22 -0.26 -16.36
CA SER A 4 21.58 -0.78 -16.36
C SER A 4 21.61 -2.24 -15.94
N ASN A 5 20.73 -2.60 -15.01
CA ASN A 5 20.66 -3.98 -14.54
C ASN A 5 19.24 -4.32 -14.10
N ASN A 6 18.72 -5.43 -14.63
CA ASN A 6 17.37 -5.87 -14.29
C ASN A 6 17.38 -6.79 -13.08
N ASP A 7 16.30 -6.77 -12.30
CA ASP A 7 16.19 -7.62 -11.11
C ASP A 7 15.54 -8.95 -11.46
N ALA A 8 14.37 -8.89 -12.09
CA ALA A 8 13.65 -10.09 -12.47
C ALA A 8 12.51 -9.75 -13.44
N ALA A 9 12.62 -10.28 -14.66
CA ALA A 9 11.59 -10.04 -15.67
C ALA A 9 11.29 -11.31 -16.46
N GLY A 10 11.70 -12.45 -15.92
CA GLY A 10 11.44 -13.72 -16.59
C GLY A 10 9.97 -13.96 -16.85
N ASN A 11 9.13 -13.55 -15.91
CA ASN A 11 7.69 -13.73 -16.04
C ASN A 11 7.29 -15.20 -15.99
N GLY A 12 7.68 -15.95 -17.02
CA GLY A 12 7.36 -17.36 -17.06
C GLY A 12 8.01 -18.14 -15.93
N ALA A 13 9.13 -17.63 -15.42
CA ALA A 13 9.84 -18.28 -14.33
C ALA A 13 8.95 -18.42 -13.10
N ALA A 14 8.39 -17.30 -12.65
CA ALA A 14 7.52 -17.30 -11.48
C ALA A 14 6.05 -17.28 -11.88
N GLN A 15 5.17 -17.04 -10.91
CA GLN A 15 3.74 -16.99 -11.16
C GLN A 15 3.24 -15.55 -11.21
N THR A 16 1.97 -15.37 -11.51
CA THR A 16 1.37 -14.04 -11.58
C THR A 16 0.12 -13.94 -10.71
N PHE A 17 0.22 -13.18 -9.63
CA PHE A 17 -0.91 -13.00 -8.71
C PHE A 17 -1.77 -11.81 -9.13
N GLY A 18 -2.95 -12.10 -9.67
CA GLY A 18 -3.85 -11.05 -10.08
C GLY A 18 -3.32 -10.20 -11.23
N GLY A 19 -2.21 -10.62 -11.83
CA GLY A 19 -1.66 -9.85 -12.93
C GLY A 19 -0.15 -9.71 -12.90
N TYR A 20 0.41 -9.56 -11.70
CA TYR A 20 1.86 -9.41 -11.56
C TYR A 20 2.47 -10.51 -10.71
N SER A 21 3.80 -10.58 -10.71
CA SER A 21 4.51 -11.58 -9.92
C SER A 21 5.11 -10.95 -8.67
N VAL A 22 5.28 -11.76 -7.63
CA VAL A 22 5.81 -11.29 -6.35
C VAL A 22 6.96 -10.29 -6.53
N ALA A 23 7.92 -10.65 -7.38
CA ALA A 23 9.09 -9.80 -7.62
C ALA A 23 8.72 -8.42 -8.16
N ASP A 24 7.49 -8.26 -8.66
CA ASP A 24 7.03 -6.96 -9.15
C ASP A 24 6.17 -6.26 -8.10
N LEU A 25 5.30 -7.04 -7.47
CA LEU A 25 4.41 -6.49 -6.45
C LEU A 25 5.20 -5.87 -5.29
N GLN A 26 6.46 -6.27 -5.14
CA GLN A 26 7.29 -5.77 -4.06
C GLN A 26 8.31 -4.72 -4.50
N GLN A 27 8.51 -4.58 -5.81
CA GLN A 27 9.48 -3.60 -6.30
C GLN A 27 8.90 -2.60 -7.29
N ARG A 28 7.80 -2.95 -7.93
CA ARG A 28 7.19 -2.06 -8.93
C ARG A 28 5.86 -1.46 -8.47
N TYR A 29 4.87 -2.31 -8.23
CA TYR A 29 3.56 -1.82 -7.81
C TYR A 29 3.28 -2.12 -6.33
N ASN A 30 3.77 -1.25 -5.45
CA ASN A 30 3.56 -1.41 -4.01
C ASN A 30 3.32 -0.08 -3.31
N THR A 31 3.04 0.98 -4.08
CA THR A 31 2.81 2.31 -3.48
C THR A 31 1.59 3.02 -4.06
N VAL A 32 0.79 3.61 -3.17
CA VAL A 32 -0.41 4.36 -3.59
C VAL A 32 -0.18 5.86 -3.39
N TYR A 33 -0.83 6.69 -4.21
CA TYR A 33 -0.64 8.15 -4.11
C TYR A 33 -1.96 8.90 -3.89
N PHE A 34 -2.05 9.55 -2.72
CA PHE A 34 -3.25 10.32 -2.34
C PHE A 34 -3.07 11.81 -2.65
N GLY A 35 -4.16 12.57 -2.54
CA GLY A 35 -4.10 14.00 -2.80
C GLY A 35 -4.28 14.80 -1.52
N PHE A 36 -4.48 16.11 -1.66
CA PHE A 36 -4.66 16.98 -0.50
C PHE A 36 -5.92 16.57 0.28
N ASP A 37 -5.74 16.33 1.58
CA ASP A 37 -6.85 15.96 2.46
C ASP A 37 -7.66 14.81 1.86
N LYS A 38 -6.99 13.94 1.09
CA LYS A 38 -7.67 12.80 0.48
C LYS A 38 -7.39 11.53 1.27
N TYR A 39 -8.45 10.76 1.55
CA TYR A 39 -8.30 9.52 2.29
C TYR A 39 -9.01 8.37 1.57
N ASP A 40 -8.77 8.28 0.26
CA ASP A 40 -9.35 7.23 -0.56
C ASP A 40 -8.43 6.90 -1.72
N ILE A 41 -8.47 5.66 -2.19
CA ILE A 41 -7.61 5.24 -3.30
C ILE A 41 -8.32 5.44 -4.64
N THR A 42 -7.56 5.40 -5.73
CA THR A 42 -8.12 5.58 -7.06
C THR A 42 -8.04 4.29 -7.87
N GLY A 43 -9.00 4.12 -8.79
CA GLY A 43 -9.03 2.94 -9.62
C GLY A 43 -7.66 2.56 -10.18
N GLU A 44 -6.83 3.56 -10.43
CA GLU A 44 -5.50 3.32 -10.97
C GLU A 44 -4.63 2.53 -9.99
N TYR A 45 -4.85 2.74 -8.70
CA TYR A 45 -4.07 2.06 -7.67
C TYR A 45 -4.84 0.90 -7.03
N VAL A 46 -6.08 0.69 -7.46
CA VAL A 46 -6.90 -0.39 -6.91
C VAL A 46 -6.31 -1.75 -7.25
N GLN A 47 -5.83 -1.91 -8.48
CA GLN A 47 -5.26 -3.18 -8.93
C GLN A 47 -4.34 -3.79 -7.88
N ILE A 48 -3.49 -2.96 -7.25
CA ILE A 48 -2.57 -3.45 -6.24
C ILE A 48 -3.33 -4.13 -5.11
N LEU A 49 -4.34 -3.44 -4.59
CA LEU A 49 -5.16 -3.99 -3.50
C LEU A 49 -5.69 -5.36 -3.88
N ASP A 50 -6.05 -5.53 -5.15
CA ASP A 50 -6.58 -6.80 -5.64
C ASP A 50 -5.45 -7.82 -5.81
N ALA A 51 -4.31 -7.37 -6.31
CA ALA A 51 -3.17 -8.25 -6.52
C ALA A 51 -2.55 -8.66 -5.19
N HIS A 52 -2.19 -7.68 -4.36
CA HIS A 52 -1.60 -7.96 -3.06
C HIS A 52 -2.54 -8.84 -2.25
N ALA A 53 -3.84 -8.59 -2.40
CA ALA A 53 -4.85 -9.37 -1.70
C ALA A 53 -4.77 -10.85 -2.07
N ALA A 54 -4.59 -11.12 -3.36
CA ALA A 54 -4.49 -12.51 -3.83
C ALA A 54 -3.26 -13.19 -3.25
N TYR A 55 -2.16 -12.44 -3.18
CA TYR A 55 -0.91 -12.98 -2.65
C TYR A 55 -0.95 -13.05 -1.13
N LEU A 56 -1.56 -12.06 -0.50
CA LEU A 56 -1.65 -12.01 0.94
C LEU A 56 -2.54 -13.11 1.48
N ASN A 57 -3.64 -13.36 0.79
CA ASN A 57 -4.58 -14.40 1.18
C ASN A 57 -3.99 -15.78 0.91
N ALA A 58 -3.26 -15.89 -0.20
CA ALA A 58 -2.62 -17.15 -0.58
C ALA A 58 -1.59 -17.60 0.44
N THR A 59 -1.06 -16.65 1.21
CA THR A 59 -0.07 -16.97 2.23
C THR A 59 -0.66 -16.79 3.63
N PRO A 60 -0.85 -17.89 4.36
CA PRO A 60 -1.44 -17.87 5.71
C PRO A 60 -0.76 -16.88 6.65
N ALA A 61 0.54 -17.04 6.88
CA ALA A 61 1.27 -16.16 7.78
C ALA A 61 1.79 -14.89 7.10
N ALA A 62 1.20 -14.53 5.96
CA ALA A 62 1.62 -13.34 5.25
C ALA A 62 0.82 -12.14 5.74
N LYS A 63 1.52 -11.19 6.32
CA LYS A 63 0.88 -9.98 6.84
C LYS A 63 1.34 -8.73 6.08
N VAL A 64 0.39 -7.91 5.66
CA VAL A 64 0.73 -6.69 4.92
C VAL A 64 0.79 -5.49 5.86
N LEU A 65 1.84 -4.70 5.71
CA LEU A 65 2.03 -3.52 6.54
C LEU A 65 1.84 -2.25 5.72
N VAL A 66 0.69 -1.61 5.89
CA VAL A 66 0.39 -0.38 5.16
C VAL A 66 1.03 0.83 5.85
N GLU A 67 2.06 1.38 5.22
CA GLU A 67 2.77 2.53 5.77
C GLU A 67 2.15 3.83 5.26
N GLY A 68 1.67 4.65 6.18
CA GLY A 68 1.07 5.92 5.81
C GLY A 68 2.08 7.03 5.64
N ASN A 69 2.02 7.71 4.50
CA ASN A 69 2.93 8.81 4.22
C ASN A 69 2.14 10.02 3.73
N THR A 70 2.72 11.20 3.87
CA THR A 70 2.06 12.43 3.45
C THR A 70 3.00 13.63 3.48
N ASP A 71 2.46 14.80 3.20
CA ASP A 71 3.25 16.03 3.21
C ASP A 71 3.50 16.50 4.64
N GLU A 72 4.64 17.14 4.86
CA GLU A 72 5.00 17.62 6.20
C GLU A 72 3.94 18.56 6.78
N ARG A 73 3.27 19.30 5.90
CA ARG A 73 2.24 20.27 6.31
C ARG A 73 1.34 19.75 7.43
N GLY A 74 1.55 20.30 8.62
CA GLY A 74 0.76 19.93 9.79
C GLY A 74 1.59 19.24 10.87
N THR A 75 0.91 18.75 11.91
CA THR A 75 1.58 18.09 13.03
C THR A 75 1.40 16.57 12.98
N PRO A 76 2.43 15.81 13.42
CA PRO A 76 2.39 14.34 13.41
C PRO A 76 1.03 13.78 13.83
N GLU A 77 0.49 14.31 14.92
CA GLU A 77 -0.80 13.86 15.41
C GLU A 77 -1.90 14.08 14.36
N TYR A 78 -1.85 15.23 13.69
CA TYR A 78 -2.81 15.54 12.66
C TYR A 78 -2.52 14.72 11.41
N ASN A 79 -1.23 14.57 11.09
CA ASN A 79 -0.84 13.78 9.94
C ASN A 79 -1.18 12.32 10.21
N ILE A 80 -0.34 11.67 11.02
CA ILE A 80 -0.54 10.27 11.38
C ILE A 80 -2.02 9.90 11.40
N ALA A 81 -2.82 10.77 12.01
CA ALA A 81 -4.25 10.50 12.08
C ALA A 81 -4.84 10.42 10.68
N LEU A 82 -4.67 11.50 9.90
CA LEU A 82 -5.15 11.50 8.53
C LEU A 82 -4.78 10.19 7.83
N GLY A 83 -3.49 9.82 7.89
CA GLY A 83 -3.06 8.57 7.30
C GLY A 83 -3.73 7.38 7.96
N GLN A 84 -3.94 7.48 9.27
CA GLN A 84 -4.59 6.41 10.02
C GLN A 84 -5.90 6.00 9.36
N ARG A 85 -6.74 6.98 9.02
CA ARG A 85 -8.01 6.67 8.37
C ARG A 85 -7.76 6.13 6.96
N ARG A 86 -6.69 6.62 6.33
CA ARG A 86 -6.32 6.15 4.99
C ARG A 86 -5.93 4.68 5.07
N ALA A 87 -5.10 4.37 6.07
CA ALA A 87 -4.64 3.02 6.30
C ALA A 87 -5.83 2.11 6.57
N ASP A 88 -6.84 2.65 7.26
CA ASP A 88 -8.05 1.91 7.56
C ASP A 88 -8.79 1.61 6.26
N ALA A 89 -8.64 2.50 5.29
CA ALA A 89 -9.28 2.33 3.99
C ALA A 89 -8.76 1.07 3.32
N VAL A 90 -7.44 0.99 3.15
CA VAL A 90 -6.83 -0.18 2.53
C VAL A 90 -6.95 -1.41 3.43
N LYS A 91 -6.84 -1.18 4.74
CA LYS A 91 -6.94 -2.28 5.70
C LYS A 91 -8.30 -2.94 5.63
N GLY A 92 -9.34 -2.12 5.53
CA GLY A 92 -10.69 -2.64 5.43
C GLY A 92 -10.96 -3.26 4.08
N TYR A 93 -10.20 -2.81 3.07
CA TYR A 93 -10.34 -3.34 1.73
C TYR A 93 -9.95 -4.81 1.73
N LEU A 94 -8.68 -5.08 2.04
CA LEU A 94 -8.20 -6.45 2.12
C LEU A 94 -9.09 -7.26 3.05
N ALA A 95 -9.61 -6.59 4.07
CA ALA A 95 -10.50 -7.22 5.04
C ALA A 95 -11.72 -7.78 4.33
N GLY A 96 -12.25 -7.01 3.38
CA GLY A 96 -13.39 -7.45 2.62
C GLY A 96 -13.03 -8.57 1.67
N LYS A 97 -11.75 -8.67 1.35
CA LYS A 97 -11.22 -9.70 0.46
C LYS A 97 -11.06 -11.03 1.21
N GLY A 98 -11.21 -10.99 2.54
CA GLY A 98 -11.08 -12.20 3.33
C GLY A 98 -9.80 -12.22 4.14
N VAL A 99 -8.99 -11.18 4.01
CA VAL A 99 -7.73 -11.10 4.73
C VAL A 99 -7.96 -10.81 6.21
N ASP A 100 -7.42 -11.67 7.07
CA ASP A 100 -7.57 -11.51 8.51
C ASP A 100 -6.91 -10.23 8.99
N ALA A 101 -7.48 -9.65 10.05
CA ALA A 101 -6.95 -8.43 10.62
C ALA A 101 -5.59 -8.67 11.27
N GLY A 102 -5.44 -9.86 11.85
CA GLY A 102 -4.19 -10.21 12.51
C GLY A 102 -3.00 -10.16 11.58
N LYS A 103 -3.24 -10.27 10.27
CA LYS A 103 -2.16 -10.23 9.30
C LYS A 103 -2.06 -8.84 8.64
N LEU A 104 -2.98 -7.96 8.99
CA LEU A 104 -2.97 -6.61 8.46
C LEU A 104 -2.27 -5.65 9.43
N GLY A 105 -1.64 -4.60 8.90
CA GLY A 105 -0.96 -3.64 9.72
C GLY A 105 -1.00 -2.27 9.12
N THR A 106 -1.15 -1.26 9.97
CA THR A 106 -1.21 0.13 9.50
C THR A 106 -0.32 1.03 10.35
N VAL A 107 0.11 2.14 9.76
CA VAL A 107 0.97 3.10 10.46
C VAL A 107 1.10 4.37 9.65
N SER A 108 1.71 5.40 10.23
CA SER A 108 1.88 6.67 9.54
C SER A 108 2.94 7.53 10.21
N TYR A 109 3.83 8.10 9.40
CA TYR A 109 4.91 8.95 9.91
C TYR A 109 4.86 10.34 9.26
N GLY A 110 3.67 10.72 8.78
CA GLY A 110 3.46 12.02 8.13
C GLY A 110 4.70 12.89 8.03
N GLU A 111 4.72 13.98 8.79
CA GLU A 111 5.86 14.90 8.79
C GLU A 111 6.97 14.44 9.72
N GLU A 112 6.80 13.25 10.32
CA GLU A 112 7.81 12.72 11.23
C GLU A 112 9.17 12.68 10.54
N LYS A 113 9.24 11.94 9.43
CA LYS A 113 10.47 11.83 8.66
C LYS A 113 10.14 11.77 7.18
N PRO A 114 10.04 12.94 6.52
CA PRO A 114 9.70 13.03 5.10
C PRO A 114 10.73 12.36 4.19
N ALA A 115 10.36 12.17 2.93
CA ALA A 115 11.24 11.55 1.95
C ALA A 115 11.76 12.60 0.98
N VAL A 116 10.84 13.22 0.24
CA VAL A 116 11.20 14.25 -0.72
C VAL A 116 11.23 15.63 -0.06
N LEU A 117 12.44 16.15 0.09
CA LEU A 117 12.63 17.46 0.72
C LEU A 117 12.01 18.56 -0.12
N GLY A 118 11.32 19.49 0.55
CA GLY A 118 10.68 20.60 -0.14
C GLY A 118 9.19 20.65 0.14
N HIS A 119 8.53 21.68 -0.36
CA HIS A 119 7.10 21.84 -0.15
C HIS A 119 6.39 22.37 -1.39
N ASP A 120 6.46 21.61 -2.48
CA ASP A 120 5.81 22.00 -3.72
C ASP A 120 4.99 20.82 -4.25
N GLU A 121 3.97 21.10 -5.08
CA GLU A 121 3.12 20.04 -5.61
C GLU A 121 3.93 18.84 -6.09
N ALA A 122 5.19 19.08 -6.45
CA ALA A 122 6.06 17.99 -6.90
C ALA A 122 6.53 17.13 -5.74
N ALA A 123 7.16 17.77 -4.76
CA ALA A 123 7.64 17.05 -3.58
C ALA A 123 6.49 16.61 -2.70
N TYR A 124 5.51 17.50 -2.52
CA TYR A 124 4.35 17.20 -1.70
C TYR A 124 3.58 16.00 -2.25
N SER A 125 3.34 16.00 -3.56
CA SER A 125 2.63 14.90 -4.20
C SER A 125 3.42 13.62 -4.08
N LYS A 126 4.74 13.74 -4.09
CA LYS A 126 5.62 12.58 -3.98
C LYS A 126 5.55 12.00 -2.57
N ASN A 127 5.19 12.83 -1.60
CA ASN A 127 5.11 12.39 -0.21
C ASN A 127 3.71 11.82 0.11
N ARG A 128 2.69 12.35 -0.56
CA ARG A 128 1.32 11.89 -0.34
C ARG A 128 1.18 10.45 -0.82
N ARG A 129 1.48 9.50 0.08
CA ARG A 129 1.41 8.09 -0.32
C ARG A 129 1.29 7.13 0.85
N ALA A 130 0.76 5.96 0.53
CA ALA A 130 0.61 4.87 1.47
C ALA A 130 1.33 3.66 0.87
N VAL A 131 2.58 3.46 1.28
CA VAL A 131 3.39 2.39 0.72
C VAL A 131 3.12 1.04 1.37
N LEU A 132 2.50 0.16 0.60
CA LEU A 132 2.20 -1.19 1.06
C LEU A 132 3.50 -1.91 1.39
N ALA A 133 3.82 -2.00 2.68
CA ALA A 133 5.06 -2.63 3.12
C ALA A 133 4.82 -4.06 3.62
N TYR A 134 5.58 -5.00 3.07
CA TYR A 134 5.46 -6.40 3.46
C TYR A 134 6.39 -6.73 4.63
N ALA B 1 -7.17 25.63 11.64
CA ALA B 1 -8.54 25.37 11.20
C ALA B 1 -8.61 24.27 10.14
N CYS A 1 -3.06 -24.86 -31.96
CA CYS A 1 -4.38 -25.49 -31.73
C CYS A 1 -5.19 -24.72 -30.69
N SER A 2 -6.44 -24.42 -31.00
CA SER A 2 -7.32 -23.69 -30.10
C SER A 2 -8.75 -24.21 -30.18
N SER A 3 -9.11 -25.07 -29.24
CA SER A 3 -10.45 -25.64 -29.20
C SER A 3 -10.95 -25.76 -27.76
N SER A 4 -10.46 -26.77 -27.05
CA SER A 4 -10.85 -27.00 -25.66
C SER A 4 -9.94 -26.25 -24.70
N ASN A 5 -8.68 -26.10 -25.10
CA ASN A 5 -7.70 -25.41 -24.27
C ASN A 5 -6.63 -24.75 -25.13
N ASN A 6 -6.07 -23.65 -24.64
CA ASN A 6 -5.03 -22.92 -25.37
C ASN A 6 -3.64 -23.44 -25.02
N ASP A 7 -2.79 -23.57 -26.02
CA ASP A 7 -1.43 -24.06 -25.82
C ASP A 7 -0.58 -23.05 -25.06
N ALA A 8 -1.08 -21.82 -24.93
CA ALA A 8 -0.35 -20.78 -24.22
C ALA A 8 -0.72 -20.75 -22.74
N ALA A 9 0.28 -20.93 -21.88
CA ALA A 9 0.07 -20.93 -20.44
C ALA A 9 0.32 -19.55 -19.85
N GLY A 10 0.69 -19.49 -18.57
CA GLY A 10 0.95 -18.23 -17.92
C GLY A 10 2.41 -17.81 -18.03
N ASN A 11 3.27 -18.53 -17.32
CA ASN A 11 4.71 -18.23 -17.35
C ASN A 11 5.47 -19.25 -16.50
N GLY A 12 6.26 -20.09 -17.17
CA GLY A 12 7.04 -21.09 -16.47
C GLY A 12 8.15 -20.49 -15.62
N ALA A 13 8.64 -19.33 -16.03
CA ALA A 13 9.71 -18.64 -15.31
C ALA A 13 9.29 -18.36 -13.87
N ALA A 14 8.28 -17.51 -13.70
CA ALA A 14 7.79 -17.14 -12.38
C ALA A 14 6.27 -17.19 -12.33
N GLN A 15 5.72 -17.31 -11.13
CA GLN A 15 4.28 -17.37 -10.94
C GLN A 15 3.66 -15.98 -11.02
N THR A 16 2.33 -15.93 -11.14
CA THR A 16 1.63 -14.66 -11.24
C THR A 16 0.46 -14.61 -10.26
N PHE A 17 0.13 -13.40 -9.81
CA PHE A 17 -0.96 -13.19 -8.87
C PHE A 17 -1.80 -11.98 -9.28
N GLY A 18 -3.00 -12.23 -9.78
CA GLY A 18 -3.87 -11.14 -10.19
C GLY A 18 -3.26 -10.27 -11.28
N GLY A 19 -2.14 -10.70 -11.85
CA GLY A 19 -1.52 -9.92 -12.90
C GLY A 19 0.00 -9.87 -12.82
N TYR A 20 0.53 -9.74 -11.60
CA TYR A 20 1.99 -9.68 -11.42
C TYR A 20 2.47 -10.71 -10.41
N SER A 21 3.78 -10.84 -10.29
CA SER A 21 4.38 -11.78 -9.36
C SER A 21 4.83 -11.07 -8.08
N VAL A 22 4.86 -11.82 -6.98
CA VAL A 22 5.25 -11.29 -5.67
C VAL A 22 6.47 -10.37 -5.78
N ALA A 23 7.55 -10.88 -6.37
CA ALA A 23 8.78 -10.12 -6.51
C ALA A 23 8.59 -8.80 -7.26
N ASP A 24 7.44 -8.66 -7.93
CA ASP A 24 7.13 -7.41 -8.62
C ASP A 24 6.21 -6.56 -7.77
N LEU A 25 5.20 -7.21 -7.20
CA LEU A 25 4.25 -6.52 -6.35
C LEU A 25 4.95 -5.87 -5.15
N GLN A 26 6.13 -6.38 -4.81
CA GLN A 26 6.89 -5.86 -3.66
C GLN A 26 8.01 -4.91 -4.08
N GLN A 27 8.33 -4.85 -5.36
CA GLN A 27 9.41 -3.98 -5.82
C GLN A 27 8.96 -2.95 -6.85
N ARG A 28 7.85 -3.21 -7.53
CA ARG A 28 7.37 -2.30 -8.56
C ARG A 28 5.99 -1.71 -8.25
N TYR A 29 5.01 -2.58 -8.03
CA TYR A 29 3.65 -2.12 -7.76
C TYR A 29 3.25 -2.34 -6.29
N ASN A 30 3.30 -1.26 -5.52
CA ASN A 30 2.93 -1.30 -4.11
C ASN A 30 2.85 0.09 -3.49
N THR A 31 2.70 1.13 -4.30
CA THR A 31 2.63 2.48 -3.78
C THR A 31 1.41 3.25 -4.32
N VAL A 32 0.68 3.88 -3.40
CA VAL A 32 -0.50 4.67 -3.77
C VAL A 32 -0.24 6.15 -3.53
N TYR A 33 -0.76 7.02 -4.41
CA TYR A 33 -0.54 8.46 -4.28
C TYR A 33 -1.83 9.23 -4.05
N PHE A 34 -1.89 9.91 -2.90
CA PHE A 34 -3.05 10.70 -2.51
C PHE A 34 -2.80 12.20 -2.72
N GLY A 35 -3.84 13.01 -2.58
CA GLY A 35 -3.71 14.45 -2.75
C GLY A 35 -3.95 15.21 -1.47
N PHE A 36 -4.14 16.52 -1.58
CA PHE A 36 -4.38 17.37 -0.42
C PHE A 36 -5.61 16.91 0.36
N ASP A 37 -5.41 16.63 1.65
CA ASP A 37 -6.50 16.19 2.52
C ASP A 37 -7.42 15.19 1.84
N LYS A 38 -6.87 14.42 0.91
CA LYS A 38 -7.64 13.43 0.19
C LYS A 38 -7.58 12.08 0.90
N TYR A 39 -8.76 11.49 1.12
CA TYR A 39 -8.82 10.19 1.79
C TYR A 39 -9.59 9.19 0.93
N ASP A 40 -9.07 8.95 -0.27
CA ASP A 40 -9.69 8.01 -1.20
C ASP A 40 -8.63 7.42 -2.11
N ILE A 41 -8.82 6.19 -2.56
CA ILE A 41 -7.87 5.55 -3.46
C ILE A 41 -8.32 5.70 -4.91
N THR A 42 -7.42 5.52 -5.86
CA THR A 42 -7.75 5.67 -7.27
C THR A 42 -7.74 4.34 -8.01
N GLY A 43 -8.71 4.18 -8.90
CA GLY A 43 -8.81 2.96 -9.69
C GLY A 43 -7.48 2.50 -10.26
N GLU A 44 -6.59 3.46 -10.54
CA GLU A 44 -5.28 3.16 -11.10
C GLU A 44 -4.43 2.34 -10.12
N TYR A 45 -4.60 2.60 -8.83
CA TYR A 45 -3.83 1.89 -7.81
C TYR A 45 -4.63 0.79 -7.14
N VAL A 46 -5.88 0.60 -7.56
CA VAL A 46 -6.72 -0.44 -6.98
C VAL A 46 -6.21 -1.85 -7.31
N GLN A 47 -5.75 -2.04 -8.55
CA GLN A 47 -5.26 -3.35 -8.97
C GLN A 47 -4.33 -3.96 -7.92
N ILE A 48 -3.42 -3.15 -7.36
CA ILE A 48 -2.50 -3.64 -6.34
C ILE A 48 -3.27 -4.30 -5.21
N LEU A 49 -4.25 -3.59 -4.66
CA LEU A 49 -5.06 -4.12 -3.57
C LEU A 49 -5.61 -5.49 -3.94
N ASP A 50 -6.02 -5.64 -5.20
CA ASP A 50 -6.56 -6.91 -5.69
C ASP A 50 -5.44 -7.94 -5.88
N ALA A 51 -4.29 -7.48 -6.36
CA ALA A 51 -3.16 -8.36 -6.60
C ALA A 51 -2.53 -8.79 -5.27
N HIS A 52 -2.08 -7.82 -4.47
CA HIS A 52 -1.50 -8.12 -3.18
C HIS A 52 -2.43 -9.03 -2.38
N ALA A 53 -3.73 -8.77 -2.53
CA ALA A 53 -4.74 -9.55 -1.84
C ALA A 53 -4.68 -11.02 -2.24
N ALA A 54 -4.61 -11.29 -3.55
CA ALA A 54 -4.54 -12.66 -4.04
C ALA A 54 -3.35 -13.38 -3.42
N TYR A 55 -2.22 -12.69 -3.34
CA TYR A 55 -1.02 -13.27 -2.77
C TYR A 55 -1.17 -13.42 -1.25
N LEU A 56 -1.72 -12.40 -0.62
CA LEU A 56 -1.90 -12.39 0.83
C LEU A 56 -2.83 -13.51 1.26
N ASN A 57 -3.91 -13.69 0.53
CA ASN A 57 -4.89 -14.73 0.83
C ASN A 57 -4.27 -16.11 0.60
N ALA A 58 -3.55 -16.25 -0.50
CA ALA A 58 -2.91 -17.51 -0.85
C ALA A 58 -2.00 -18.00 0.28
N THR A 59 -1.50 -17.06 1.08
CA THR A 59 -0.63 -17.41 2.20
C THR A 59 -1.21 -16.87 3.50
N PRO A 60 -1.94 -17.71 4.24
CA PRO A 60 -2.58 -17.31 5.51
C PRO A 60 -1.59 -16.72 6.51
N ALA A 61 -0.32 -17.07 6.40
CA ALA A 61 0.70 -16.58 7.30
C ALA A 61 1.39 -15.32 6.77
N ALA A 62 0.90 -14.81 5.64
CA ALA A 62 1.45 -13.61 5.04
C ALA A 62 0.75 -12.38 5.57
N LYS A 63 1.53 -11.44 6.07
CA LYS A 63 1.00 -10.20 6.63
C LYS A 63 1.56 -8.99 5.90
N VAL A 64 0.68 -8.07 5.48
CA VAL A 64 1.11 -6.87 4.79
C VAL A 64 1.23 -5.69 5.73
N LEU A 65 2.18 -4.82 5.43
CA LEU A 65 2.41 -3.64 6.25
C LEU A 65 2.22 -2.37 5.42
N VAL A 66 1.10 -1.69 5.62
CA VAL A 66 0.80 -0.47 4.88
C VAL A 66 1.48 0.72 5.55
N GLU A 67 2.49 1.26 4.89
CA GLU A 67 3.23 2.41 5.42
C GLU A 67 2.59 3.72 4.95
N GLY A 68 2.18 4.54 5.91
CA GLY A 68 1.55 5.80 5.56
C GLY A 68 2.51 6.99 5.66
N ASN A 69 2.49 7.84 4.65
CA ASN A 69 3.36 9.01 4.62
C ASN A 69 2.65 10.18 3.93
N THR A 70 2.13 11.10 4.72
CA THR A 70 1.45 12.27 4.19
C THR A 70 2.43 13.41 3.93
N ASP A 71 1.90 14.60 3.67
CA ASP A 71 2.73 15.76 3.39
C ASP A 71 3.24 16.41 4.67
N GLU A 72 4.25 17.27 4.53
CA GLU A 72 4.85 17.94 5.68
C GLU A 72 3.88 18.93 6.34
N ARG A 73 3.12 19.67 5.54
CA ARG A 73 2.19 20.66 6.05
C ARG A 73 1.37 20.16 7.25
N GLY A 74 1.71 20.66 8.43
CA GLY A 74 1.00 20.28 9.64
C GLY A 74 1.85 19.48 10.62
N THR A 75 1.20 18.85 11.59
CA THR A 75 1.90 18.05 12.61
C THR A 75 1.59 16.56 12.46
N PRO A 76 2.58 15.70 12.75
CA PRO A 76 2.44 14.24 12.64
C PRO A 76 1.21 13.67 13.33
N GLU A 77 0.84 14.22 14.49
CA GLU A 77 -0.32 13.73 15.22
C GLU A 77 -1.60 13.80 14.39
N TYR A 78 -1.79 14.90 13.68
CA TYR A 78 -2.97 15.09 12.85
C TYR A 78 -2.81 14.39 11.50
N ASN A 79 -1.57 14.28 11.04
CA ASN A 79 -1.28 13.63 9.77
C ASN A 79 -1.03 12.14 9.93
N ILE A 80 -0.87 11.68 11.17
CA ILE A 80 -0.69 10.26 11.43
C ILE A 80 -2.08 9.67 11.58
N ALA A 81 -2.92 10.42 12.28
CA ALA A 81 -4.28 9.99 12.48
C ALA A 81 -5.06 9.99 11.16
N LEU A 82 -4.95 11.11 10.43
CA LEU A 82 -5.61 11.20 9.14
C LEU A 82 -5.06 10.09 8.21
N GLY A 83 -3.76 9.84 8.31
CA GLY A 83 -3.16 8.78 7.51
C GLY A 83 -3.62 7.40 7.99
N GLN A 84 -3.61 7.22 9.31
CA GLN A 84 -4.06 5.96 9.90
C GLN A 84 -5.43 5.59 9.32
N ARG A 85 -6.30 6.59 9.18
CA ARG A 85 -7.61 6.36 8.61
C ARG A 85 -7.45 5.92 7.17
N ARG A 86 -6.43 6.47 6.50
CA ARG A 86 -6.12 6.09 5.12
C ARG A 86 -5.70 4.63 5.11
N ALA A 87 -4.73 4.31 5.96
CA ALA A 87 -4.23 2.95 6.09
C ALA A 87 -5.38 2.02 6.48
N ASP A 88 -6.30 2.56 7.28
CA ASP A 88 -7.47 1.80 7.71
C ASP A 88 -8.36 1.52 6.50
N ALA A 89 -8.31 2.43 5.53
CA ALA A 89 -9.09 2.28 4.31
C ALA A 89 -8.64 1.08 3.50
N VAL A 90 -7.33 1.00 3.27
CA VAL A 90 -6.78 -0.12 2.51
C VAL A 90 -6.76 -1.40 3.34
N LYS A 91 -6.45 -1.26 4.62
CA LYS A 91 -6.40 -2.42 5.51
C LYS A 91 -7.78 -3.07 5.60
N GLY A 92 -8.82 -2.24 5.67
CA GLY A 92 -10.18 -2.74 5.74
C GLY A 92 -10.61 -3.30 4.41
N TYR A 93 -10.04 -2.78 3.34
CA TYR A 93 -10.34 -3.26 1.99
C TYR A 93 -9.98 -4.73 1.90
N LEU A 94 -8.69 -5.02 2.08
CA LEU A 94 -8.20 -6.39 2.05
C LEU A 94 -8.99 -7.23 3.05
N ALA A 95 -9.41 -6.59 4.15
CA ALA A 95 -10.18 -7.25 5.19
C ALA A 95 -11.58 -7.60 4.69
N GLY A 96 -12.17 -6.70 3.91
CA GLY A 96 -13.51 -6.93 3.39
C GLY A 96 -13.58 -8.10 2.44
N LYS A 97 -12.47 -8.36 1.74
CA LYS A 97 -12.40 -9.46 0.79
C LYS A 97 -12.30 -10.81 1.50
N GLY A 98 -12.06 -10.78 2.81
CA GLY A 98 -11.96 -12.02 3.56
C GLY A 98 -10.59 -12.23 4.20
N VAL A 99 -9.70 -11.25 4.05
CA VAL A 99 -8.37 -11.34 4.62
C VAL A 99 -8.38 -10.97 6.10
N ASP A 100 -7.74 -11.82 6.91
CA ASP A 100 -7.68 -11.59 8.36
C ASP A 100 -7.00 -10.27 8.70
N ALA A 101 -7.28 -9.78 9.89
CA ALA A 101 -6.71 -8.52 10.36
C ALA A 101 -5.36 -8.77 11.02
N GLY A 102 -5.20 -9.95 11.61
CA GLY A 102 -3.96 -10.30 12.28
C GLY A 102 -2.77 -10.26 11.35
N LYS A 103 -3.02 -10.35 10.04
CA LYS A 103 -1.96 -10.31 9.05
C LYS A 103 -1.84 -8.92 8.42
N LEU A 104 -2.74 -8.02 8.80
CA LEU A 104 -2.70 -6.66 8.29
C LEU A 104 -1.88 -5.76 9.21
N GLY A 105 -1.24 -4.74 8.64
CA GLY A 105 -0.44 -3.82 9.42
C GLY A 105 -0.51 -2.42 8.85
N THR A 106 -0.59 -1.43 9.72
CA THR A 106 -0.68 -0.04 9.29
C THR A 106 0.19 0.85 10.16
N VAL A 107 0.68 1.94 9.58
CA VAL A 107 1.52 2.89 10.29
C VAL A 107 1.54 4.23 9.57
N SER A 108 2.10 5.25 10.22
CA SER A 108 2.16 6.57 9.61
C SER A 108 3.18 7.46 10.33
N TYR A 109 4.06 8.07 9.56
CA TYR A 109 5.08 8.97 10.11
C TYR A 109 4.84 10.40 9.64
N GLY A 110 3.56 10.75 9.45
CA GLY A 110 3.18 12.08 9.01
C GLY A 110 4.35 12.99 8.69
N GLU A 111 4.53 14.03 9.49
CA GLU A 111 5.61 14.98 9.30
C GLU A 111 6.80 14.66 10.20
N GLU A 112 6.79 13.48 10.80
CA GLU A 112 7.88 13.07 11.69
C GLU A 112 9.19 13.02 10.91
N LYS A 113 9.21 12.25 9.83
CA LYS A 113 10.40 12.13 8.99
C LYS A 113 10.02 12.26 7.52
N PRO A 114 10.03 13.49 6.98
CA PRO A 114 9.67 13.74 5.58
C PRO A 114 10.50 12.94 4.59
N ALA A 115 10.00 12.80 3.37
CA ALA A 115 10.68 12.07 2.33
C ALA A 115 11.25 13.02 1.27
N VAL A 116 10.36 13.64 0.50
CA VAL A 116 10.77 14.57 -0.54
C VAL A 116 10.88 15.97 0.01
N LEU A 117 12.12 16.45 0.13
CA LEU A 117 12.38 17.78 0.66
C LEU A 117 11.74 18.87 -0.20
N GLY A 118 11.10 19.82 0.46
CA GLY A 118 10.44 20.90 -0.25
C GLY A 118 8.96 20.96 0.05
N HIS A 119 8.28 21.99 -0.43
CA HIS A 119 6.86 22.14 -0.18
C HIS A 119 6.12 22.67 -1.41
N ASP A 120 6.11 21.89 -2.48
CA ASP A 120 5.42 22.26 -3.71
C ASP A 120 4.67 21.05 -4.26
N GLU A 121 3.59 21.30 -5.00
CA GLU A 121 2.78 20.21 -5.58
C GLU A 121 3.64 19.04 -6.06
N ALA A 122 4.85 19.34 -6.52
CA ALA A 122 5.75 18.30 -7.00
C ALA A 122 6.23 17.42 -5.85
N ALA A 123 6.91 18.04 -4.89
CA ALA A 123 7.41 17.33 -3.72
C ALA A 123 6.27 16.87 -2.83
N TYR A 124 5.30 17.76 -2.61
CA TYR A 124 4.15 17.46 -1.77
C TYR A 124 3.39 16.24 -2.30
N SER A 125 3.02 16.27 -3.58
CA SER A 125 2.29 15.16 -4.17
C SER A 125 3.11 13.87 -4.07
N LYS A 126 4.43 14.02 -4.17
CA LYS A 126 5.33 12.89 -4.07
C LYS A 126 5.32 12.30 -2.67
N ASN A 127 5.03 13.14 -1.69
CA ASN A 127 4.99 12.71 -0.29
C ASN A 127 3.66 12.07 0.07
N ARG A 128 2.57 12.54 -0.52
CA ARG A 128 1.24 11.98 -0.24
C ARG A 128 1.11 10.57 -0.80
N ARG A 129 1.66 9.60 -0.08
CA ARG A 129 1.63 8.22 -0.53
C ARG A 129 1.76 7.20 0.62
N ALA A 130 1.16 6.03 0.41
CA ALA A 130 1.25 4.93 1.36
C ALA A 130 1.91 3.76 0.66
N VAL A 131 3.09 3.38 1.12
CA VAL A 131 3.85 2.32 0.48
C VAL A 131 3.58 0.94 1.09
N LEU A 132 2.94 0.09 0.30
CA LEU A 132 2.63 -1.28 0.71
C LEU A 132 3.93 -2.02 1.05
N ALA A 133 4.26 -2.10 2.33
CA ALA A 133 5.48 -2.77 2.77
C ALA A 133 5.18 -4.16 3.33
N TYR A 134 5.91 -5.16 2.84
CA TYR A 134 5.73 -6.53 3.30
C TYR A 134 6.66 -6.84 4.47
N ALA B 1 -7.94 25.46 11.70
CA ALA B 1 -8.92 24.39 11.70
C ALA B 1 -8.84 23.53 10.44
N CYS A 1 5.02 -5.53 14.76
CA CYS A 1 4.07 -6.63 14.47
C CYS A 1 4.46 -7.91 15.21
N SER A 2 5.75 -8.23 15.19
CA SER A 2 6.25 -9.43 15.85
C SER A 2 5.62 -10.68 15.26
N SER A 3 6.45 -11.51 14.62
CA SER A 3 5.97 -12.74 14.00
C SER A 3 6.20 -13.93 14.93
N SER A 4 5.29 -14.89 14.90
CA SER A 4 5.38 -16.08 15.74
C SER A 4 6.22 -17.15 15.05
N ASN A 5 5.94 -17.38 13.77
CA ASN A 5 6.67 -18.39 12.99
C ASN A 5 7.38 -17.75 11.81
N ASN A 6 8.71 -17.79 11.83
CA ASN A 6 9.51 -17.21 10.76
C ASN A 6 9.81 -18.26 9.68
N ASP A 7 9.06 -18.21 8.59
CA ASP A 7 9.25 -19.16 7.48
C ASP A 7 10.24 -18.60 6.46
N ALA A 8 10.37 -17.27 6.43
CA ALA A 8 11.26 -16.61 5.49
C ALA A 8 10.79 -16.77 4.06
N ALA A 9 11.63 -16.37 3.11
CA ALA A 9 11.29 -16.48 1.70
C ALA A 9 11.22 -17.93 1.24
N GLY A 10 10.11 -18.29 0.63
CA GLY A 10 9.94 -19.66 0.15
C GLY A 10 10.43 -19.84 -1.28
N ASN A 11 10.15 -18.85 -2.12
CA ASN A 11 10.57 -18.90 -3.52
C ASN A 11 9.84 -20.00 -4.28
N GLY A 12 8.81 -20.58 -3.66
CA GLY A 12 8.05 -21.63 -4.31
C GLY A 12 6.87 -21.10 -5.11
N ALA A 13 6.39 -19.93 -4.73
CA ALA A 13 5.26 -19.31 -5.42
C ALA A 13 5.56 -19.09 -6.90
N ALA A 14 6.40 -18.09 -7.18
CA ALA A 14 6.77 -17.77 -8.56
C ALA A 14 5.53 -17.74 -9.46
N GLN A 15 4.54 -16.96 -9.05
CA GLN A 15 3.29 -16.85 -9.81
C GLN A 15 2.93 -15.39 -10.06
N THR A 16 1.78 -15.18 -10.70
CA THR A 16 1.29 -13.84 -11.00
C THR A 16 -0.06 -13.61 -10.33
N PHE A 17 -0.05 -12.81 -9.27
CA PHE A 17 -1.27 -12.52 -8.53
C PHE A 17 -1.98 -11.29 -9.08
N GLY A 18 -3.12 -11.52 -9.75
CA GLY A 18 -3.88 -10.43 -10.30
C GLY A 18 -3.15 -9.68 -11.41
N GLY A 19 -2.02 -10.22 -11.85
CA GLY A 19 -1.28 -9.55 -12.90
C GLY A 19 0.20 -9.40 -12.59
N TYR A 20 0.53 -9.21 -11.32
CA TYR A 20 1.92 -9.03 -10.92
C TYR A 20 2.40 -10.17 -10.02
N SER A 21 3.72 -10.32 -9.93
CA SER A 21 4.32 -11.35 -9.11
C SER A 21 4.86 -10.74 -7.82
N VAL A 22 4.95 -11.57 -6.77
CA VAL A 22 5.43 -11.12 -5.46
C VAL A 22 6.68 -10.23 -5.58
N ALA A 23 7.59 -10.61 -6.47
CA ALA A 23 8.83 -9.86 -6.66
C ALA A 23 8.59 -8.44 -7.14
N ASP A 24 7.39 -8.15 -7.65
CA ASP A 24 7.04 -6.81 -8.11
C ASP A 24 6.26 -6.08 -7.02
N LEU A 25 5.36 -6.82 -6.39
CA LEU A 25 4.54 -6.25 -5.32
C LEU A 25 5.41 -5.84 -4.14
N GLN A 26 6.65 -6.33 -4.13
CA GLN A 26 7.58 -6.05 -3.04
C GLN A 26 8.47 -4.84 -3.31
N GLN A 27 8.69 -4.51 -4.59
CA GLN A 27 9.57 -3.38 -4.89
C GLN A 27 9.12 -2.52 -6.07
N ARG A 28 8.12 -2.95 -6.83
CA ARG A 28 7.68 -2.17 -7.99
C ARG A 28 6.25 -1.68 -7.88
N TYR A 29 5.29 -2.61 -7.78
CA TYR A 29 3.89 -2.25 -7.71
C TYR A 29 3.31 -2.44 -6.31
N ASN A 30 3.22 -1.34 -5.56
CA ASN A 30 2.68 -1.39 -4.20
C ASN A 30 2.63 0.00 -3.56
N THR A 31 2.52 1.05 -4.37
CA THR A 31 2.47 2.41 -3.84
C THR A 31 1.25 3.18 -4.34
N VAL A 32 0.47 3.75 -3.41
CA VAL A 32 -0.71 4.53 -3.76
C VAL A 32 -0.42 6.02 -3.60
N TYR A 33 -1.08 6.86 -4.40
CA TYR A 33 -0.85 8.31 -4.33
C TYR A 33 -2.14 9.09 -4.08
N PHE A 34 -2.22 9.70 -2.90
CA PHE A 34 -3.40 10.49 -2.52
C PHE A 34 -3.22 11.96 -2.89
N GLY A 35 -4.32 12.72 -2.84
CA GLY A 35 -4.27 14.12 -3.16
C GLY A 35 -4.47 14.99 -1.93
N PHE A 36 -4.70 16.28 -2.15
CA PHE A 36 -4.90 17.22 -1.04
C PHE A 36 -6.14 16.85 -0.24
N ASP A 37 -5.97 16.71 1.07
CA ASP A 37 -7.08 16.37 1.96
C ASP A 37 -7.83 15.13 1.49
N LYS A 38 -7.12 14.24 0.78
CA LYS A 38 -7.74 13.02 0.28
C LYS A 38 -7.38 11.82 1.17
N TYR A 39 -8.37 10.98 1.46
CA TYR A 39 -8.15 9.80 2.28
C TYR A 39 -8.85 8.59 1.68
N ASP A 40 -8.85 8.53 0.35
CA ASP A 40 -9.47 7.41 -0.37
C ASP A 40 -8.66 7.09 -1.61
N ILE A 41 -8.68 5.83 -2.04
CA ILE A 41 -7.92 5.43 -3.22
C ILE A 41 -8.75 5.60 -4.48
N THR A 42 -8.07 5.57 -5.63
CA THR A 42 -8.74 5.74 -6.92
C THR A 42 -8.64 4.46 -7.75
N GLY A 43 -9.66 4.23 -8.57
CA GLY A 43 -9.71 3.03 -9.41
C GLY A 43 -8.36 2.67 -10.04
N GLU A 44 -7.58 3.69 -10.36
CA GLU A 44 -6.27 3.48 -10.97
C GLU A 44 -5.33 2.70 -10.04
N TYR A 45 -5.50 2.88 -8.74
CA TYR A 45 -4.65 2.22 -7.76
C TYR A 45 -5.32 1.00 -7.15
N VAL A 46 -6.53 0.68 -7.59
CA VAL A 46 -7.26 -0.46 -7.06
C VAL A 46 -6.55 -1.77 -7.42
N GLN A 47 -6.12 -1.89 -8.67
CA GLN A 47 -5.43 -3.09 -9.15
C GLN A 47 -4.47 -3.66 -8.11
N ILE A 48 -3.68 -2.80 -7.47
CA ILE A 48 -2.72 -3.27 -6.47
C ILE A 48 -3.43 -3.94 -5.30
N LEU A 49 -4.47 -3.30 -4.79
CA LEU A 49 -5.23 -3.85 -3.66
C LEU A 49 -5.77 -5.24 -3.96
N ASP A 50 -6.46 -5.39 -5.08
CA ASP A 50 -7.03 -6.68 -5.47
C ASP A 50 -5.94 -7.73 -5.65
N ALA A 51 -4.85 -7.35 -6.32
CA ALA A 51 -3.75 -8.27 -6.56
C ALA A 51 -2.99 -8.55 -5.27
N HIS A 52 -2.85 -7.52 -4.44
CA HIS A 52 -2.15 -7.66 -3.17
C HIS A 52 -2.93 -8.58 -2.24
N ALA A 53 -4.24 -8.55 -2.35
CA ALA A 53 -5.11 -9.37 -1.52
C ALA A 53 -5.11 -10.84 -1.97
N ALA A 54 -4.94 -11.08 -3.27
CA ALA A 54 -4.91 -12.45 -3.80
C ALA A 54 -3.64 -13.19 -3.38
N TYR A 55 -2.51 -12.50 -3.45
CA TYR A 55 -1.24 -13.12 -3.08
C TYR A 55 -1.12 -13.26 -1.58
N LEU A 56 -1.68 -12.30 -0.86
CA LEU A 56 -1.62 -12.30 0.59
C LEU A 56 -2.53 -13.37 1.18
N ASN A 57 -3.67 -13.58 0.53
CA ASN A 57 -4.61 -14.59 0.98
C ASN A 57 -4.07 -15.99 0.68
N ALA A 58 -3.31 -16.08 -0.41
CA ALA A 58 -2.71 -17.36 -0.80
C ALA A 58 -1.55 -17.75 0.10
N THR A 59 -1.01 -16.79 0.84
CA THR A 59 0.10 -17.04 1.75
C THR A 59 -0.36 -16.94 3.20
N PRO A 60 -0.38 -18.07 3.94
CA PRO A 60 -0.83 -18.11 5.33
C PRO A 60 -0.21 -17.03 6.23
N ALA A 61 1.11 -17.06 6.38
CA ALA A 61 1.80 -16.10 7.25
C ALA A 61 2.20 -14.82 6.53
N ALA A 62 1.54 -14.51 5.42
CA ALA A 62 1.86 -13.31 4.66
C ALA A 62 1.02 -12.13 5.15
N LYS A 63 1.70 -11.13 5.69
CA LYS A 63 1.04 -9.93 6.21
C LYS A 63 1.57 -8.68 5.51
N VAL A 64 0.65 -7.82 5.06
CA VAL A 64 1.04 -6.59 4.39
C VAL A 64 1.09 -5.41 5.36
N LEU A 65 2.13 -4.61 5.22
CA LEU A 65 2.31 -3.44 6.07
C LEU A 65 1.98 -2.16 5.32
N VAL A 66 0.84 -1.58 5.65
CA VAL A 66 0.41 -0.35 4.99
C VAL A 66 1.04 0.87 5.67
N GLU A 67 2.05 1.45 5.02
CA GLU A 67 2.72 2.62 5.57
C GLU A 67 2.04 3.91 5.10
N GLY A 68 1.55 4.70 6.05
CA GLY A 68 0.87 5.94 5.73
C GLY A 68 1.83 7.09 5.49
N ASN A 69 2.15 7.32 4.22
CA ASN A 69 3.05 8.42 3.86
C ASN A 69 2.25 9.64 3.43
N THR A 70 2.84 10.82 3.56
CA THR A 70 2.17 12.06 3.20
C THR A 70 3.12 13.26 3.29
N ASP A 71 2.63 14.42 2.91
CA ASP A 71 3.42 15.64 2.96
C ASP A 71 3.57 16.12 4.41
N GLU A 72 4.69 16.74 4.71
CA GLU A 72 4.94 17.23 6.07
C GLU A 72 3.82 18.16 6.52
N ARG A 73 3.18 18.83 5.56
CA ARG A 73 2.09 19.77 5.84
C ARG A 73 1.17 19.27 6.96
N GLY A 74 1.33 19.86 8.13
CA GLY A 74 0.53 19.49 9.29
C GLY A 74 1.36 18.82 10.37
N THR A 75 0.82 18.75 11.58
CA THR A 75 1.53 18.12 12.71
C THR A 75 1.44 16.59 12.61
N PRO A 76 2.50 15.87 13.05
CA PRO A 76 2.52 14.40 12.99
C PRO A 76 1.29 13.72 13.58
N GLU A 77 0.81 14.23 14.72
CA GLU A 77 -0.35 13.64 15.37
C GLU A 77 -1.61 13.74 14.51
N TYR A 78 -1.85 14.92 13.96
CA TYR A 78 -3.00 15.10 13.09
C TYR A 78 -2.69 14.51 11.72
N ASN A 79 -1.43 14.56 11.34
CA ASN A 79 -1.01 13.97 10.07
C ASN A 79 -1.25 12.48 10.17
N ILE A 80 -0.39 11.77 10.92
CA ILE A 80 -0.52 10.34 11.13
C ILE A 80 -1.99 9.94 11.13
N ALA A 81 -2.81 10.75 11.76
CA ALA A 81 -4.24 10.46 11.79
C ALA A 81 -4.81 10.45 10.37
N LEU A 82 -4.60 11.56 9.66
CA LEU A 82 -5.05 11.66 8.27
C LEU A 82 -4.71 10.36 7.52
N GLY A 83 -3.43 9.96 7.60
CA GLY A 83 -3.00 8.72 6.95
C GLY A 83 -3.59 7.49 7.63
N GLN A 84 -3.75 7.56 8.95
CA GLN A 84 -4.32 6.44 9.69
C GLN A 84 -5.66 6.06 9.09
N ARG A 85 -6.49 7.06 8.81
CA ARG A 85 -7.78 6.82 8.19
C ARG A 85 -7.58 6.22 6.82
N ARG A 86 -6.58 6.75 6.10
CA ARG A 86 -6.25 6.23 4.78
C ARG A 86 -5.86 4.77 4.91
N ALA A 87 -5.12 4.48 5.98
CA ALA A 87 -4.70 3.14 6.28
C ALA A 87 -5.91 2.26 6.56
N ASP A 88 -6.88 2.84 7.26
CA ASP A 88 -8.12 2.15 7.59
C ASP A 88 -8.83 1.76 6.31
N ALA A 89 -8.71 2.62 5.30
CA ALA A 89 -9.34 2.38 4.00
C ALA A 89 -8.78 1.11 3.38
N VAL A 90 -7.47 1.09 3.13
CA VAL A 90 -6.83 -0.07 2.53
C VAL A 90 -6.90 -1.29 3.45
N LYS A 91 -6.77 -1.04 4.75
CA LYS A 91 -6.82 -2.13 5.73
C LYS A 91 -8.17 -2.84 5.67
N GLY A 92 -9.24 -2.08 5.64
CA GLY A 92 -10.58 -2.65 5.56
C GLY A 92 -10.83 -3.29 4.21
N TYR A 93 -10.09 -2.84 3.20
CA TYR A 93 -10.23 -3.38 1.85
C TYR A 93 -9.81 -4.84 1.85
N LEU A 94 -8.54 -5.09 2.16
CA LEU A 94 -8.02 -6.44 2.22
C LEU A 94 -8.86 -7.26 3.19
N ALA A 95 -9.38 -6.59 4.22
CA ALA A 95 -10.21 -7.24 5.22
C ALA A 95 -11.45 -7.83 4.55
N GLY A 96 -12.04 -7.07 3.64
CA GLY A 96 -13.21 -7.53 2.91
C GLY A 96 -12.87 -8.67 1.98
N LYS A 97 -11.62 -8.73 1.57
CA LYS A 97 -11.13 -9.77 0.68
C LYS A 97 -10.98 -11.10 1.42
N GLY A 98 -11.10 -11.06 2.74
CA GLY A 98 -10.98 -12.27 3.54
C GLY A 98 -9.64 -12.39 4.24
N VAL A 99 -8.82 -11.35 4.14
CA VAL A 99 -7.51 -11.34 4.76
C VAL A 99 -7.62 -11.10 6.26
N ASP A 100 -6.95 -11.94 7.04
CA ASP A 100 -6.97 -11.83 8.50
C ASP A 100 -6.39 -10.51 8.96
N ALA A 101 -7.01 -9.93 9.98
CA ALA A 101 -6.55 -8.66 10.54
C ALA A 101 -5.09 -8.76 10.97
N GLY A 102 -4.72 -9.91 11.52
CA GLY A 102 -3.35 -10.11 11.97
C GLY A 102 -2.34 -10.03 10.84
N LYS A 103 -2.82 -10.16 9.60
CA LYS A 103 -1.94 -10.10 8.43
C LYS A 103 -1.84 -8.67 7.89
N LEU A 104 -2.73 -7.82 8.36
CA LEU A 104 -2.75 -6.42 7.93
C LEU A 104 -2.12 -5.53 9.00
N GLY A 105 -1.39 -4.50 8.58
CA GLY A 105 -0.76 -3.60 9.51
C GLY A 105 -0.73 -2.18 8.97
N THR A 106 -0.83 -1.22 9.87
CA THR A 106 -0.81 0.19 9.47
C THR A 106 0.22 0.96 10.27
N VAL A 107 0.72 2.05 9.69
CA VAL A 107 1.72 2.89 10.34
C VAL A 107 2.00 4.11 9.48
N SER A 108 1.65 5.29 9.98
CA SER A 108 1.87 6.53 9.24
C SER A 108 2.91 7.39 9.93
N TYR A 109 3.81 7.97 9.14
CA TYR A 109 4.87 8.82 9.66
C TYR A 109 4.67 10.27 9.23
N GLY A 110 3.41 10.63 8.97
CA GLY A 110 3.04 11.97 8.54
C GLY A 110 4.23 12.89 8.29
N GLU A 111 4.40 13.89 9.13
CA GLU A 111 5.51 14.83 8.99
C GLU A 111 6.63 14.50 9.98
N GLU A 112 6.57 13.30 10.55
CA GLU A 112 7.60 12.87 11.50
C GLU A 112 8.96 12.81 10.81
N LYS A 113 9.02 12.05 9.72
CA LYS A 113 10.24 11.91 8.94
C LYS A 113 9.89 11.73 7.47
N PRO A 114 9.76 12.85 6.72
CA PRO A 114 9.40 12.83 5.30
C PRO A 114 10.48 12.19 4.43
N ALA A 115 10.13 11.96 3.16
CA ALA A 115 11.05 11.35 2.21
C ALA A 115 11.66 12.43 1.33
N VAL A 116 10.82 13.12 0.56
CA VAL A 116 11.28 14.19 -0.30
C VAL A 116 11.28 15.52 0.42
N LEU A 117 12.49 16.06 0.61
CA LEU A 117 12.66 17.33 1.31
C LEU A 117 12.06 18.48 0.51
N GLY A 118 11.39 19.39 1.20
CA GLY A 118 10.78 20.53 0.55
C GLY A 118 9.27 20.51 0.67
N HIS A 119 8.62 21.54 0.13
CA HIS A 119 7.17 21.63 0.19
C HIS A 119 6.59 22.20 -1.10
N ASP A 120 6.70 21.44 -2.18
CA ASP A 120 6.16 21.87 -3.48
C ASP A 120 5.35 20.73 -4.10
N GLU A 121 4.38 21.07 -4.94
CA GLU A 121 3.51 20.08 -5.58
C GLU A 121 4.29 18.83 -6.00
N ALA A 122 5.54 19.00 -6.37
CA ALA A 122 6.38 17.88 -6.79
C ALA A 122 6.80 17.02 -5.60
N ALA A 123 7.35 17.67 -4.58
CA ALA A 123 7.80 16.95 -3.39
C ALA A 123 6.60 16.46 -2.57
N TYR A 124 5.60 17.32 -2.41
CA TYR A 124 4.41 16.98 -1.64
C TYR A 124 3.64 15.84 -2.30
N SER A 125 3.54 15.86 -3.62
CA SER A 125 2.84 14.82 -4.35
C SER A 125 3.59 13.49 -4.20
N LYS A 126 4.91 13.58 -4.16
CA LYS A 126 5.75 12.40 -4.01
C LYS A 126 5.61 11.81 -2.62
N ASN A 127 5.25 12.66 -1.65
CA ASN A 127 5.08 12.21 -0.28
C ASN A 127 3.66 11.70 -0.02
N ARG A 128 2.69 12.27 -0.74
CA ARG A 128 1.29 11.86 -0.59
C ARG A 128 1.11 10.43 -1.07
N ARG A 129 1.43 9.46 -0.20
CA ARG A 129 1.31 8.06 -0.59
C ARG A 129 1.20 7.10 0.58
N ALA A 130 0.74 5.89 0.26
CA ALA A 130 0.62 4.80 1.21
C ALA A 130 1.31 3.60 0.60
N VAL A 131 2.52 3.31 1.05
CA VAL A 131 3.30 2.22 0.47
C VAL A 131 3.11 0.88 1.16
N LEU A 132 2.58 -0.08 0.39
CA LEU A 132 2.37 -1.42 0.91
C LEU A 132 3.71 -2.12 1.08
N ALA A 133 4.17 -2.25 2.32
CA ALA A 133 5.45 -2.89 2.61
C ALA A 133 5.27 -4.17 3.40
N TYR A 134 6.13 -5.15 3.14
CA TYR A 134 6.06 -6.43 3.85
C TYR A 134 6.56 -6.28 5.28
N ALA B 1 -6.85 22.64 12.74
CA ALA B 1 -7.77 22.80 11.60
C ALA B 1 -7.73 21.60 10.65
N CYS A 1 -9.86 -28.05 4.19
CA CYS A 1 -9.62 -29.45 3.77
C CYS A 1 -9.00 -29.51 2.38
N SER A 2 -7.75 -29.93 2.32
CA SER A 2 -7.03 -30.03 1.05
C SER A 2 -7.16 -31.44 0.47
N SER A 3 -8.23 -31.67 -0.27
CA SER A 3 -8.47 -32.98 -0.88
C SER A 3 -9.69 -32.94 -1.78
N SER A 4 -10.74 -32.27 -1.33
CA SER A 4 -11.98 -32.16 -2.09
C SER A 4 -11.79 -31.23 -3.29
N ASN A 5 -11.36 -30.00 -3.01
CA ASN A 5 -11.14 -29.02 -4.07
C ASN A 5 -9.96 -28.11 -3.73
N ASN A 6 -8.89 -28.25 -4.50
CA ASN A 6 -7.69 -27.44 -4.28
C ASN A 6 -6.93 -27.21 -5.59
N ASP A 7 -6.60 -25.96 -5.86
CA ASP A 7 -5.88 -25.61 -7.08
C ASP A 7 -4.38 -25.68 -6.87
N ALA A 8 -3.90 -25.00 -5.83
CA ALA A 8 -2.47 -24.99 -5.51
C ALA A 8 -1.65 -24.44 -6.68
N ALA A 9 -1.22 -23.19 -6.55
CA ALA A 9 -0.42 -22.55 -7.59
C ALA A 9 0.05 -21.17 -7.15
N GLY A 10 0.81 -21.13 -6.06
CA GLY A 10 1.31 -19.87 -5.55
C GLY A 10 2.66 -19.50 -6.14
N ASN A 11 3.71 -20.20 -5.70
CA ASN A 11 5.07 -19.95 -6.18
C ASN A 11 5.52 -18.55 -5.82
N GLY A 12 6.69 -18.46 -5.18
CA GLY A 12 7.22 -17.17 -4.79
C GLY A 12 8.10 -16.56 -5.86
N ALA A 13 9.00 -17.36 -6.41
CA ALA A 13 9.91 -16.89 -7.45
C ALA A 13 9.17 -16.66 -8.77
N ALA A 14 8.40 -17.66 -9.18
CA ALA A 14 7.64 -17.57 -10.42
C ALA A 14 6.16 -17.30 -10.13
N GLN A 15 5.30 -17.60 -11.11
CA GLN A 15 3.86 -17.39 -10.96
C GLN A 15 3.52 -15.90 -10.86
N THR A 16 2.30 -15.56 -11.24
CA THR A 16 1.84 -14.17 -11.21
C THR A 16 0.52 -14.05 -10.46
N PHE A 17 0.53 -13.26 -9.39
CA PHE A 17 -0.66 -13.05 -8.58
C PHE A 17 -1.47 -11.87 -9.07
N GLY A 18 -2.63 -12.15 -9.67
CA GLY A 18 -3.49 -11.09 -10.16
C GLY A 18 -2.89 -10.28 -11.29
N GLY A 19 -1.77 -10.74 -11.83
CA GLY A 19 -1.16 -10.00 -12.92
C GLY A 19 0.36 -9.85 -12.81
N TYR A 20 0.85 -9.71 -11.58
CA TYR A 20 2.29 -9.55 -11.37
C TYR A 20 2.85 -10.64 -10.47
N SER A 21 4.17 -10.77 -10.46
CA SER A 21 4.85 -11.76 -9.65
C SER A 21 5.36 -11.11 -8.36
N VAL A 22 5.48 -11.92 -7.30
CA VAL A 22 5.94 -11.44 -6.00
C VAL A 22 7.10 -10.45 -6.11
N ALA A 23 8.11 -10.81 -6.90
CA ALA A 23 9.28 -9.96 -7.07
C ALA A 23 8.94 -8.56 -7.59
N ASP A 24 7.73 -8.38 -8.11
CA ASP A 24 7.30 -7.07 -8.60
C ASP A 24 6.41 -6.39 -7.54
N LEU A 25 5.46 -7.14 -7.02
CA LEU A 25 4.54 -6.62 -6.00
C LEU A 25 5.28 -6.02 -4.81
N GLN A 26 6.53 -6.45 -4.61
CA GLN A 26 7.32 -5.99 -3.47
C GLN A 26 8.47 -5.07 -3.88
N GLN A 27 8.78 -5.03 -5.17
CA GLN A 27 9.90 -4.20 -5.64
C GLN A 27 9.46 -3.01 -6.49
N ARG A 28 8.35 -3.12 -7.20
CA ARG A 28 7.92 -2.02 -8.05
C ARG A 28 6.45 -1.62 -7.86
N TYR A 29 5.57 -2.58 -7.66
CA TYR A 29 4.15 -2.27 -7.49
C TYR A 29 3.67 -2.49 -6.07
N ASN A 30 3.47 -1.39 -5.34
CA ASN A 30 3.00 -1.44 -3.97
C ASN A 30 2.87 -0.04 -3.34
N THR A 31 2.73 1.00 -4.17
CA THR A 31 2.62 2.35 -3.65
C THR A 31 1.39 3.08 -4.20
N VAL A 32 0.60 3.65 -3.29
CA VAL A 32 -0.60 4.39 -3.68
C VAL A 32 -0.39 5.90 -3.44
N TYR A 33 -1.05 6.74 -4.25
CA TYR A 33 -0.89 8.19 -4.11
C TYR A 33 -2.21 8.92 -3.85
N PHE A 34 -2.31 9.54 -2.68
CA PHE A 34 -3.49 10.29 -2.28
C PHE A 34 -3.32 11.78 -2.59
N GLY A 35 -4.41 12.54 -2.50
CA GLY A 35 -4.34 13.97 -2.76
C GLY A 35 -4.27 14.79 -1.48
N PHE A 36 -4.46 16.09 -1.60
CA PHE A 36 -4.42 16.98 -0.45
C PHE A 36 -5.45 16.58 0.61
N ASP A 37 -4.96 16.16 1.77
CA ASP A 37 -5.82 15.74 2.87
C ASP A 37 -6.88 14.74 2.40
N LYS A 38 -6.54 13.94 1.40
CA LYS A 38 -7.46 12.94 0.87
C LYS A 38 -7.21 11.57 1.50
N TYR A 39 -8.27 10.83 1.76
CA TYR A 39 -8.17 9.50 2.36
C TYR A 39 -8.96 8.47 1.56
N ASP A 40 -8.65 8.38 0.27
CA ASP A 40 -9.31 7.44 -0.62
C ASP A 40 -8.36 7.02 -1.73
N ILE A 41 -8.52 5.80 -2.23
CA ILE A 41 -7.64 5.31 -3.30
C ILE A 41 -8.30 5.50 -4.67
N THR A 42 -7.48 5.44 -5.72
CA THR A 42 -8.00 5.61 -7.08
C THR A 42 -7.88 4.31 -7.88
N GLY A 43 -8.83 4.10 -8.78
CA GLY A 43 -8.83 2.90 -9.60
C GLY A 43 -7.46 2.57 -10.16
N GLU A 44 -6.65 3.60 -10.41
CA GLU A 44 -5.31 3.41 -10.96
C GLU A 44 -4.44 2.60 -10.01
N TYR A 45 -4.65 2.78 -8.71
CA TYR A 45 -3.87 2.07 -7.71
C TYR A 45 -4.67 0.95 -7.04
N VAL A 46 -5.90 0.72 -7.52
CA VAL A 46 -6.76 -0.31 -6.95
C VAL A 46 -6.27 -1.72 -7.29
N GLN A 47 -5.76 -1.91 -8.51
CA GLN A 47 -5.30 -3.22 -8.94
C GLN A 47 -4.30 -3.82 -7.94
N ILE A 48 -3.51 -2.97 -7.30
CA ILE A 48 -2.54 -3.46 -6.31
C ILE A 48 -3.25 -4.12 -5.16
N LEU A 49 -4.28 -3.45 -4.65
CA LEU A 49 -5.06 -3.98 -3.54
C LEU A 49 -5.65 -5.34 -3.91
N ASP A 50 -6.01 -5.49 -5.18
CA ASP A 50 -6.59 -6.73 -5.67
C ASP A 50 -5.52 -7.80 -5.85
N ALA A 51 -4.35 -7.38 -6.35
CA ALA A 51 -3.25 -8.31 -6.58
C ALA A 51 -2.60 -8.71 -5.26
N HIS A 52 -2.33 -7.72 -4.41
CA HIS A 52 -1.73 -7.99 -3.10
C HIS A 52 -2.65 -8.86 -2.27
N ALA A 53 -3.95 -8.60 -2.39
CA ALA A 53 -4.95 -9.36 -1.66
C ALA A 53 -4.95 -10.82 -2.07
N ALA A 54 -4.80 -11.08 -3.38
CA ALA A 54 -4.76 -12.45 -3.88
C ALA A 54 -3.55 -13.18 -3.32
N TYR A 55 -2.42 -12.46 -3.26
CA TYR A 55 -1.19 -13.05 -2.74
C TYR A 55 -1.24 -13.19 -1.22
N LEU A 56 -1.87 -12.22 -0.57
CA LEU A 56 -1.95 -12.24 0.88
C LEU A 56 -2.75 -13.44 1.36
N ASN A 57 -3.86 -13.71 0.68
CA ASN A 57 -4.72 -14.84 1.04
C ASN A 57 -4.01 -16.15 0.70
N ALA A 58 -3.36 -16.19 -0.45
CA ALA A 58 -2.65 -17.37 -0.89
C ALA A 58 -1.60 -17.80 0.13
N THR A 59 -1.11 -16.85 0.91
CA THR A 59 -0.09 -17.15 1.93
C THR A 59 -0.69 -16.98 3.33
N PRO A 60 -0.88 -18.09 4.07
CA PRO A 60 -1.47 -18.05 5.42
C PRO A 60 -0.76 -17.10 6.38
N ALA A 61 0.57 -17.22 6.48
CA ALA A 61 1.34 -16.38 7.40
C ALA A 61 1.83 -15.09 6.73
N ALA A 62 1.22 -14.71 5.61
CA ALA A 62 1.62 -13.50 4.91
C ALA A 62 0.82 -12.31 5.44
N LYS A 63 1.53 -11.40 6.09
CA LYS A 63 0.90 -10.20 6.64
C LYS A 63 1.44 -8.95 5.96
N VAL A 64 0.54 -8.07 5.50
CA VAL A 64 0.97 -6.83 4.85
C VAL A 64 0.94 -5.64 5.79
N LEU A 65 1.87 -4.73 5.56
CA LEU A 65 1.97 -3.53 6.38
C LEU A 65 1.74 -2.29 5.52
N VAL A 66 0.57 -1.68 5.66
CA VAL A 66 0.25 -0.48 4.92
C VAL A 66 0.83 0.75 5.60
N GLU A 67 1.93 1.26 5.05
CA GLU A 67 2.59 2.43 5.62
C GLU A 67 2.05 3.71 5.00
N GLY A 68 1.48 4.57 5.83
CA GLY A 68 0.95 5.83 5.35
C GLY A 68 2.00 6.91 5.29
N ASN A 69 1.91 7.75 4.26
CA ASN A 69 2.87 8.83 4.09
C ASN A 69 2.16 10.11 3.64
N THR A 70 2.81 11.23 3.89
CA THR A 70 2.26 12.54 3.54
C THR A 70 3.35 13.61 3.58
N ASP A 71 2.93 14.87 3.58
CA ASP A 71 3.85 15.99 3.62
C ASP A 71 4.15 16.42 5.06
N GLU A 72 5.26 17.10 5.24
CA GLU A 72 5.68 17.57 6.56
C GLU A 72 4.66 18.54 7.16
N ARG A 73 4.02 19.32 6.30
CA ARG A 73 3.04 20.32 6.73
C ARG A 73 2.05 19.80 7.78
N GLY A 74 2.18 20.32 8.99
CA GLY A 74 1.31 19.94 10.09
C GLY A 74 2.05 19.21 11.21
N THR A 75 1.29 18.74 12.20
CA THR A 75 1.89 18.04 13.34
C THR A 75 1.56 16.55 13.33
N PRO A 76 2.49 15.69 13.79
CA PRO A 76 2.31 14.24 13.82
C PRO A 76 0.91 13.81 14.21
N GLU A 77 0.36 14.41 15.26
CA GLU A 77 -0.98 14.05 15.71
C GLU A 77 -2.01 14.31 14.61
N TYR A 78 -1.90 15.45 13.95
CA TYR A 78 -2.81 15.78 12.86
C TYR A 78 -2.55 14.90 11.66
N ASN A 79 -1.29 14.72 11.32
CA ASN A 79 -0.93 13.88 10.19
C ASN A 79 -1.19 12.42 10.54
N ILE A 80 -0.30 11.83 11.35
CA ILE A 80 -0.45 10.43 11.75
C ILE A 80 -1.91 10.01 11.83
N ALA A 81 -2.76 10.87 12.40
CA ALA A 81 -4.17 10.55 12.50
C ALA A 81 -4.82 10.51 11.10
N LEU A 82 -4.68 11.62 10.38
CA LEU A 82 -5.20 11.71 9.04
C LEU A 82 -4.76 10.47 8.23
N GLY A 83 -3.46 10.17 8.26
CA GLY A 83 -2.95 9.00 7.57
C GLY A 83 -3.52 7.73 8.15
N GLN A 84 -3.60 7.68 9.48
CA GLN A 84 -4.16 6.50 10.15
C GLN A 84 -5.49 6.11 9.50
N ARG A 85 -6.30 7.12 9.16
CA ARG A 85 -7.57 6.86 8.52
C ARG A 85 -7.34 6.31 7.13
N ARG A 86 -6.32 6.83 6.44
CA ARG A 86 -5.98 6.34 5.11
C ARG A 86 -5.58 4.86 5.21
N ALA A 87 -4.70 4.58 6.18
CA ALA A 87 -4.24 3.23 6.42
C ALA A 87 -5.43 2.33 6.73
N ASP A 88 -6.44 2.89 7.37
CA ASP A 88 -7.65 2.16 7.71
C ASP A 88 -8.42 1.83 6.44
N ALA A 89 -8.32 2.73 5.46
CA ALA A 89 -8.98 2.54 4.18
C ALA A 89 -8.50 1.26 3.51
N VAL A 90 -7.19 1.16 3.32
CA VAL A 90 -6.61 -0.03 2.69
C VAL A 90 -6.79 -1.27 3.56
N LYS A 91 -6.73 -1.07 4.88
CA LYS A 91 -6.88 -2.17 5.82
C LYS A 91 -8.26 -2.81 5.69
N GLY A 92 -9.29 -1.97 5.59
CA GLY A 92 -10.64 -2.46 5.44
C GLY A 92 -10.89 -3.03 4.07
N TYR A 93 -10.09 -2.59 3.09
CA TYR A 93 -10.21 -3.08 1.73
C TYR A 93 -9.86 -4.55 1.70
N LEU A 94 -8.64 -4.87 2.09
CA LEU A 94 -8.20 -6.26 2.14
C LEU A 94 -9.15 -7.05 3.02
N ALA A 95 -9.70 -6.37 4.03
CA ALA A 95 -10.66 -6.99 4.94
C ALA A 95 -11.96 -7.29 4.21
N GLY A 96 -12.36 -6.37 3.34
CA GLY A 96 -13.59 -6.55 2.57
C GLY A 96 -13.55 -7.80 1.72
N LYS A 97 -12.38 -8.07 1.13
CA LYS A 97 -12.20 -9.25 0.31
C LYS A 97 -12.47 -10.50 1.15
N GLY A 98 -12.09 -10.42 2.42
CA GLY A 98 -12.26 -11.53 3.33
C GLY A 98 -10.95 -11.98 3.93
N VAL A 99 -9.99 -11.06 4.00
CA VAL A 99 -8.68 -11.35 4.57
C VAL A 99 -8.66 -11.06 6.06
N ASP A 100 -7.94 -11.88 6.82
CA ASP A 100 -7.85 -11.70 8.27
C ASP A 100 -7.20 -10.38 8.63
N ALA A 101 -7.40 -9.98 9.88
CA ALA A 101 -6.83 -8.74 10.39
C ALA A 101 -5.46 -8.99 11.00
N GLY A 102 -5.30 -10.18 11.58
CA GLY A 102 -4.03 -10.54 12.20
C GLY A 102 -2.84 -10.44 11.25
N LYS A 103 -3.13 -10.53 9.96
CA LYS A 103 -2.07 -10.44 8.95
C LYS A 103 -2.04 -9.04 8.31
N LEU A 104 -2.98 -8.20 8.69
CA LEU A 104 -3.02 -6.84 8.18
C LEU A 104 -2.36 -5.89 9.18
N GLY A 105 -1.73 -4.83 8.67
CA GLY A 105 -1.08 -3.88 9.54
C GLY A 105 -1.05 -2.50 8.94
N THR A 106 -1.18 -1.49 9.77
CA THR A 106 -1.18 -0.10 9.33
C THR A 106 -0.10 0.69 10.06
N VAL A 107 0.32 1.79 9.45
CA VAL A 107 1.34 2.65 10.03
C VAL A 107 1.28 4.02 9.36
N SER A 108 1.88 5.03 9.98
CA SER A 108 1.86 6.38 9.41
C SER A 108 3.04 7.20 9.92
N TYR A 109 3.84 7.72 9.00
CA TYR A 109 4.99 8.54 9.36
C TYR A 109 4.83 9.96 8.80
N GLY A 110 3.59 10.31 8.44
CA GLY A 110 3.26 11.63 7.90
C GLY A 110 4.43 12.61 7.85
N GLU A 111 4.33 13.67 8.65
CA GLU A 111 5.38 14.69 8.70
C GLU A 111 6.56 14.24 9.54
N GLU A 112 6.48 13.05 10.13
CA GLU A 112 7.56 12.53 10.95
C GLU A 112 8.89 12.59 10.22
N LYS A 113 8.99 11.84 9.11
CA LYS A 113 10.19 11.81 8.31
C LYS A 113 9.84 11.89 6.82
N PRO A 114 9.75 13.12 6.27
CA PRO A 114 9.39 13.33 4.86
C PRO A 114 10.38 12.66 3.90
N ALA A 115 9.97 12.51 2.65
CA ALA A 115 10.81 11.90 1.63
C ALA A 115 11.38 12.96 0.70
N VAL A 116 10.50 13.61 -0.05
CA VAL A 116 10.91 14.65 -1.00
C VAL A 116 10.95 16.00 -0.31
N LEU A 117 12.16 16.56 -0.20
CA LEU A 117 12.36 17.85 0.43
C LEU A 117 11.76 18.97 -0.42
N GLY A 118 11.09 19.91 0.24
CA GLY A 118 10.47 21.01 -0.45
C GLY A 118 8.98 21.04 -0.25
N HIS A 119 8.32 22.08 -0.78
CA HIS A 119 6.88 22.20 -0.63
C HIS A 119 6.22 22.75 -1.89
N ASP A 120 5.64 21.85 -2.69
CA ASP A 120 4.96 22.21 -3.93
C ASP A 120 4.21 21.01 -4.47
N GLU A 121 3.26 21.22 -5.36
CA GLU A 121 2.47 20.11 -5.91
C GLU A 121 3.36 18.95 -6.36
N ALA A 122 4.62 19.25 -6.67
CA ALA A 122 5.56 18.22 -7.12
C ALA A 122 5.99 17.34 -5.94
N ALA A 123 6.62 17.96 -4.95
CA ALA A 123 7.07 17.24 -3.77
C ALA A 123 5.89 16.76 -2.93
N TYR A 124 4.88 17.62 -2.79
CA TYR A 124 3.70 17.29 -2.01
C TYR A 124 3.00 16.05 -2.56
N SER A 125 2.75 16.03 -3.87
CA SER A 125 2.10 14.89 -4.50
C SER A 125 2.96 13.64 -4.36
N LYS A 126 4.27 13.83 -4.36
CA LYS A 126 5.20 12.72 -4.23
C LYS A 126 5.23 12.17 -2.81
N ASN A 127 4.86 13.00 -1.84
CA ASN A 127 4.87 12.59 -0.43
C ASN A 127 3.52 11.97 -0.03
N ARG A 128 2.44 12.43 -0.65
CA ARG A 128 1.11 11.89 -0.34
C ARG A 128 0.98 10.46 -0.87
N ARG A 129 1.36 9.50 -0.04
CA ARG A 129 1.30 8.10 -0.48
C ARG A 129 1.26 7.10 0.67
N ALA A 130 0.75 5.91 0.36
CA ALA A 130 0.68 4.81 1.32
C ALA A 130 1.43 3.63 0.70
N VAL A 131 2.66 3.42 1.14
CA VAL A 131 3.50 2.36 0.59
C VAL A 131 3.26 1.01 1.24
N LEU A 132 2.72 0.08 0.44
CA LEU A 132 2.45 -1.27 0.90
C LEU A 132 3.77 -1.95 1.30
N ALA A 133 4.02 -2.03 2.59
CA ALA A 133 5.24 -2.64 3.10
C ALA A 133 4.96 -4.00 3.73
N TYR A 134 5.77 -4.99 3.39
CA TYR A 134 5.59 -6.33 3.93
C TYR A 134 6.44 -6.53 5.19
N ALA B 1 -8.76 25.49 10.95
CA ALA B 1 -7.36 25.13 11.25
C ALA B 1 -7.03 23.76 10.63
N CYS A 1 26.89 -11.68 2.25
CA CYS A 1 25.49 -11.36 1.85
C CYS A 1 24.83 -10.45 2.88
N SER A 2 23.95 -9.58 2.40
CA SER A 2 23.24 -8.65 3.28
C SER A 2 21.75 -8.97 3.33
N SER A 3 21.21 -9.40 2.19
CA SER A 3 19.80 -9.74 2.10
C SER A 3 18.92 -8.53 2.44
N SER A 4 18.27 -7.99 1.41
CA SER A 4 17.40 -6.83 1.60
C SER A 4 15.97 -7.25 1.92
N ASN A 5 15.51 -8.31 1.25
CA ASN A 5 14.16 -8.82 1.47
C ASN A 5 14.08 -10.31 1.19
N ASN A 6 13.18 -10.99 1.89
CA ASN A 6 13.01 -12.43 1.71
C ASN A 6 11.80 -12.73 0.83
N ASP A 7 12.01 -13.59 -0.16
CA ASP A 7 10.94 -13.96 -1.08
C ASP A 7 10.16 -15.17 -0.58
N ALA A 8 10.83 -16.03 0.19
CA ALA A 8 10.21 -17.23 0.73
C ALA A 8 9.77 -18.16 -0.39
N ALA A 9 10.53 -18.15 -1.48
CA ALA A 9 10.23 -19.00 -2.63
C ALA A 9 11.40 -19.00 -3.62
N GLY A 10 11.14 -19.33 -4.87
CA GLY A 10 12.18 -19.35 -5.87
C GLY A 10 12.36 -18.02 -6.58
N ASN A 11 11.41 -17.69 -7.46
CA ASN A 11 11.46 -16.44 -8.20
C ASN A 11 10.05 -15.97 -8.57
N GLY A 12 9.96 -14.71 -8.99
CA GLY A 12 8.66 -14.16 -9.37
C GLY A 12 8.36 -14.36 -10.85
N ALA A 13 9.36 -14.76 -11.62
CA ALA A 13 9.18 -14.97 -13.05
C ALA A 13 7.95 -15.84 -13.34
N ALA A 14 7.62 -16.71 -12.39
CA ALA A 14 6.47 -17.59 -12.54
C ALA A 14 5.33 -17.16 -11.64
N GLN A 15 4.16 -17.77 -11.84
CA GLN A 15 2.98 -17.44 -11.03
C GLN A 15 2.56 -15.99 -11.24
N THR A 16 1.27 -15.78 -11.44
CA THR A 16 0.73 -14.44 -11.66
C THR A 16 -0.48 -14.19 -10.77
N PHE A 17 -0.30 -13.41 -9.71
CA PHE A 17 -1.37 -13.09 -8.79
C PHE A 17 -2.11 -11.83 -9.23
N GLY A 18 -3.32 -12.00 -9.76
CA GLY A 18 -4.11 -10.86 -10.20
C GLY A 18 -3.46 -10.07 -11.33
N GLY A 19 -2.38 -10.61 -11.89
CA GLY A 19 -1.72 -9.90 -12.98
C GLY A 19 -0.21 -9.99 -12.94
N TYR A 20 0.37 -9.87 -11.74
CA TYR A 20 1.82 -9.93 -11.60
C TYR A 20 2.25 -10.93 -10.54
N SER A 21 3.57 -11.04 -10.35
CA SER A 21 4.14 -11.95 -9.37
C SER A 21 4.92 -11.18 -8.31
N VAL A 22 5.42 -11.91 -7.31
CA VAL A 22 6.19 -11.32 -6.21
C VAL A 22 7.20 -10.27 -6.70
N ALA A 23 8.03 -10.67 -7.64
CA ALA A 23 9.07 -9.79 -8.18
C ALA A 23 8.54 -8.44 -8.67
N ASP A 24 7.24 -8.36 -8.97
CA ASP A 24 6.65 -7.10 -9.41
C ASP A 24 5.94 -6.39 -8.25
N LEU A 25 5.18 -7.17 -7.50
CA LEU A 25 4.43 -6.62 -6.37
C LEU A 25 5.35 -5.91 -5.38
N GLN A 26 6.63 -6.24 -5.40
CA GLN A 26 7.59 -5.65 -4.47
C GLN A 26 8.53 -4.64 -5.14
N GLN A 27 8.52 -4.60 -6.47
CA GLN A 27 9.42 -3.67 -7.17
C GLN A 27 8.69 -2.72 -8.12
N ARG A 28 7.52 -3.11 -8.62
CA ARG A 28 6.79 -2.28 -9.57
C ARG A 28 5.50 -1.68 -8.99
N TYR A 29 4.54 -2.53 -8.67
CA TYR A 29 3.25 -2.07 -8.15
C TYR A 29 3.12 -2.30 -6.64
N ASN A 30 3.69 -1.39 -5.84
CA ASN A 30 3.62 -1.49 -4.40
C ASN A 30 3.39 -0.13 -3.73
N THR A 31 3.09 0.90 -4.53
CA THR A 31 2.88 2.24 -3.96
C THR A 31 1.65 2.94 -4.53
N VAL A 32 0.90 3.60 -3.66
CA VAL A 32 -0.29 4.35 -4.05
C VAL A 32 -0.04 5.86 -3.93
N TYR A 33 -0.70 6.67 -4.77
CA TYR A 33 -0.50 8.12 -4.74
C TYR A 33 -1.77 8.89 -4.38
N PHE A 34 -1.69 9.57 -3.24
CA PHE A 34 -2.80 10.35 -2.68
C PHE A 34 -2.76 11.81 -3.11
N GLY A 35 -3.81 12.55 -2.72
CA GLY A 35 -3.89 13.97 -3.03
C GLY A 35 -4.06 14.78 -1.76
N PHE A 36 -4.23 16.10 -1.88
CA PHE A 36 -4.39 16.95 -0.70
C PHE A 36 -5.65 16.55 0.07
N ASP A 37 -5.51 16.39 1.38
CA ASP A 37 -6.62 16.02 2.25
C ASP A 37 -7.45 14.89 1.64
N LYS A 38 -6.79 14.04 0.85
CA LYS A 38 -7.46 12.92 0.21
C LYS A 38 -7.32 11.66 1.05
N TYR A 39 -8.44 11.10 1.47
CA TYR A 39 -8.45 9.90 2.29
C TYR A 39 -9.19 8.77 1.56
N ASP A 40 -8.86 8.60 0.28
CA ASP A 40 -9.47 7.56 -0.54
C ASP A 40 -8.48 7.14 -1.62
N ILE A 41 -8.56 5.89 -2.04
CA ILE A 41 -7.66 5.38 -3.07
C ILE A 41 -8.29 5.55 -4.46
N THR A 42 -7.48 5.41 -5.50
CA THR A 42 -7.98 5.55 -6.86
C THR A 42 -8.00 4.22 -7.61
N GLY A 43 -9.05 4.03 -8.41
CA GLY A 43 -9.19 2.80 -9.18
C GLY A 43 -7.90 2.39 -9.89
N GLU A 44 -7.11 3.39 -10.28
CA GLU A 44 -5.86 3.13 -10.98
C GLU A 44 -4.89 2.36 -10.08
N TYR A 45 -4.96 2.63 -8.78
CA TYR A 45 -4.07 1.98 -7.82
C TYR A 45 -4.76 0.83 -7.10
N VAL A 46 -6.06 0.67 -7.33
CA VAL A 46 -6.82 -0.40 -6.68
C VAL A 46 -6.31 -1.77 -7.08
N GLN A 47 -6.00 -1.93 -8.36
CA GLN A 47 -5.52 -3.21 -8.88
C GLN A 47 -4.45 -3.79 -7.96
N ILE A 48 -3.54 -2.96 -7.47
CA ILE A 48 -2.49 -3.44 -6.56
C ILE A 48 -3.12 -4.23 -5.42
N LEU A 49 -4.05 -3.58 -4.73
CA LEU A 49 -4.75 -4.21 -3.62
C LEU A 49 -5.32 -5.57 -4.02
N ASP A 50 -5.71 -5.69 -5.29
CA ASP A 50 -6.26 -6.96 -5.79
C ASP A 50 -5.16 -8.01 -5.93
N ALA A 51 -3.99 -7.59 -6.43
CA ALA A 51 -2.87 -8.51 -6.61
C ALA A 51 -2.26 -8.86 -5.26
N HIS A 52 -2.10 -7.87 -4.39
CA HIS A 52 -1.53 -8.10 -3.07
C HIS A 52 -2.48 -8.97 -2.24
N ALA A 53 -3.77 -8.71 -2.38
CA ALA A 53 -4.79 -9.46 -1.64
C ALA A 53 -4.76 -10.95 -2.00
N ALA A 54 -4.78 -11.25 -3.31
CA ALA A 54 -4.75 -12.63 -3.76
C ALA A 54 -3.51 -13.34 -3.23
N TYR A 55 -2.39 -12.63 -3.24
CA TYR A 55 -1.13 -13.21 -2.77
C TYR A 55 -1.09 -13.27 -1.25
N LEU A 56 -1.62 -12.24 -0.59
CA LEU A 56 -1.61 -12.19 0.86
C LEU A 56 -2.57 -13.21 1.45
N ASN A 57 -3.70 -13.43 0.77
CA ASN A 57 -4.68 -14.39 1.23
C ASN A 57 -4.19 -15.81 0.98
N ALA A 58 -3.44 -15.98 -0.09
CA ALA A 58 -2.89 -17.29 -0.45
C ALA A 58 -1.90 -17.77 0.61
N THR A 59 -1.33 -16.84 1.37
CA THR A 59 -0.37 -17.19 2.41
C THR A 59 -0.95 -16.88 3.79
N PRO A 60 -1.21 -17.91 4.61
CA PRO A 60 -1.80 -17.73 5.94
C PRO A 60 -0.98 -16.80 6.85
N ALA A 61 0.31 -17.05 6.95
CA ALA A 61 1.18 -16.23 7.80
C ALA A 61 1.73 -15.01 7.06
N ALA A 62 1.11 -14.65 5.94
CA ALA A 62 1.55 -13.49 5.18
C ALA A 62 0.81 -12.25 5.65
N LYS A 63 1.57 -11.25 6.08
CA LYS A 63 0.99 -10.01 6.57
C LYS A 63 1.54 -8.80 5.81
N VAL A 64 0.64 -7.87 5.44
CA VAL A 64 1.05 -6.68 4.71
C VAL A 64 1.13 -5.47 5.63
N LEU A 65 2.03 -4.56 5.29
CA LEU A 65 2.22 -3.36 6.08
C LEU A 65 1.99 -2.11 5.23
N VAL A 66 0.88 -1.43 5.48
CA VAL A 66 0.54 -0.23 4.73
C VAL A 66 1.18 1.01 5.37
N GLU A 67 2.25 1.49 4.76
CA GLU A 67 2.96 2.67 5.25
C GLU A 67 2.37 3.94 4.65
N GLY A 68 1.92 4.84 5.51
CA GLY A 68 1.32 6.07 5.02
C GLY A 68 2.11 7.31 5.42
N ASN A 69 2.17 8.26 4.49
CA ASN A 69 2.87 9.52 4.73
C ASN A 69 2.18 10.64 3.94
N THR A 70 1.60 11.58 4.67
CA THR A 70 0.89 12.70 4.05
C THR A 70 1.77 13.95 4.03
N ASP A 71 1.26 15.01 3.42
CA ASP A 71 2.00 16.27 3.35
C ASP A 71 2.29 16.76 4.76
N GLU A 72 3.49 17.28 4.96
CA GLU A 72 3.89 17.77 6.27
C GLU A 72 2.86 18.75 6.85
N ARG A 73 2.13 19.43 5.97
CA ARG A 73 1.14 20.40 6.39
C ARG A 73 0.24 19.88 7.52
N GLY A 74 0.48 20.40 8.71
CA GLY A 74 -0.28 20.02 9.89
C GLY A 74 0.59 19.29 10.90
N THR A 75 0.00 18.86 12.01
CA THR A 75 0.76 18.17 13.07
C THR A 75 0.59 16.65 12.95
N PRO A 76 1.66 15.89 13.25
CA PRO A 76 1.63 14.42 13.19
C PRO A 76 0.42 13.81 13.88
N GLU A 77 -0.12 14.50 14.89
CA GLU A 77 -1.28 13.99 15.61
C GLU A 77 -2.49 13.87 14.68
N TYR A 78 -2.71 14.91 13.88
CA TYR A 78 -3.80 14.90 12.91
C TYR A 78 -3.29 14.33 11.60
N ASN A 79 -1.98 14.30 11.45
CA ASN A 79 -1.37 13.78 10.25
C ASN A 79 -1.19 12.26 10.36
N ILE A 80 -1.18 11.75 11.60
CA ILE A 80 -1.12 10.31 11.81
C ILE A 80 -2.54 9.79 11.68
N ALA A 81 -3.47 10.62 12.17
CA ALA A 81 -4.87 10.28 12.07
C ALA A 81 -5.32 10.29 10.60
N LEU A 82 -4.98 11.39 9.91
CA LEU A 82 -5.31 11.51 8.50
C LEU A 82 -4.79 10.28 7.73
N GLY A 83 -3.54 9.88 8.01
CA GLY A 83 -2.97 8.72 7.36
C GLY A 83 -3.54 7.41 7.90
N GLN A 84 -3.45 7.25 9.21
CA GLN A 84 -3.97 6.05 9.86
C GLN A 84 -5.36 5.73 9.32
N ARG A 85 -6.13 6.78 9.05
CA ARG A 85 -7.47 6.60 8.50
C ARG A 85 -7.35 6.06 7.08
N ARG A 86 -6.47 6.66 6.28
CA ARG A 86 -6.24 6.19 4.92
C ARG A 86 -5.80 4.73 5.00
N ALA A 87 -4.98 4.44 6.00
CA ALA A 87 -4.49 3.09 6.23
C ALA A 87 -5.66 2.20 6.64
N ASP A 88 -6.57 2.78 7.42
CA ASP A 88 -7.76 2.08 7.86
C ASP A 88 -8.60 1.71 6.65
N ALA A 89 -8.53 2.55 5.61
CA ALA A 89 -9.26 2.31 4.39
C ALA A 89 -8.76 1.05 3.71
N VAL A 90 -7.48 1.05 3.34
CA VAL A 90 -6.87 -0.10 2.68
C VAL A 90 -6.90 -1.34 3.58
N LYS A 91 -6.59 -1.15 4.86
CA LYS A 91 -6.59 -2.26 5.79
C LYS A 91 -7.97 -2.93 5.82
N GLY A 92 -9.00 -2.11 5.75
CA GLY A 92 -10.36 -2.63 5.75
C GLY A 92 -10.74 -3.20 4.40
N TYR A 93 -9.98 -2.82 3.37
CA TYR A 93 -10.19 -3.32 2.02
C TYR A 93 -9.81 -4.79 1.97
N LEU A 94 -8.55 -5.06 2.27
CA LEU A 94 -8.05 -6.42 2.29
C LEU A 94 -8.87 -7.24 3.28
N ALA A 95 -9.30 -6.57 4.36
CA ALA A 95 -10.12 -7.22 5.38
C ALA A 95 -11.41 -7.73 4.76
N GLY A 96 -11.96 -6.95 3.83
CA GLY A 96 -13.17 -7.35 3.16
C GLY A 96 -12.94 -8.52 2.24
N LYS A 97 -11.71 -8.66 1.76
CA LYS A 97 -11.33 -9.75 0.87
C LYS A 97 -11.02 -11.02 1.66
N GLY A 98 -10.95 -10.91 2.99
CA GLY A 98 -10.67 -12.07 3.82
C GLY A 98 -9.37 -11.95 4.59
N VAL A 99 -8.60 -10.89 4.31
CA VAL A 99 -7.33 -10.68 4.99
C VAL A 99 -7.55 -10.35 6.47
N ASP A 100 -7.11 -11.25 7.35
CA ASP A 100 -7.26 -11.06 8.78
C ASP A 100 -6.47 -9.85 9.27
N ALA A 101 -7.03 -9.17 10.25
CA ALA A 101 -6.38 -7.98 10.82
C ALA A 101 -5.00 -8.34 11.36
N GLY A 102 -4.89 -9.53 11.95
CA GLY A 102 -3.62 -9.97 12.50
C GLY A 102 -2.50 -10.00 11.47
N LYS A 103 -2.87 -10.12 10.20
CA LYS A 103 -1.88 -10.14 9.12
C LYS A 103 -1.82 -8.78 8.42
N LEU A 104 -2.68 -7.86 8.84
CA LEU A 104 -2.72 -6.52 8.26
C LEU A 104 -1.86 -5.58 9.11
N GLY A 105 -1.29 -4.55 8.48
CA GLY A 105 -0.47 -3.60 9.20
C GLY A 105 -0.68 -2.19 8.66
N THR A 106 -0.69 -1.23 9.56
CA THR A 106 -0.89 0.17 9.17
C THR A 106 -0.03 1.09 10.04
N VAL A 107 0.46 2.17 9.44
CA VAL A 107 1.29 3.12 10.17
C VAL A 107 1.32 4.46 9.44
N SER A 108 1.93 5.46 10.07
CA SER A 108 2.02 6.79 9.48
C SER A 108 3.11 7.62 10.14
N TYR A 109 3.99 8.21 9.33
CA TYR A 109 5.08 9.04 9.85
C TYR A 109 4.93 10.50 9.44
N GLY A 110 3.68 10.92 9.22
CA GLY A 110 3.38 12.30 8.84
C GLY A 110 4.59 13.23 8.83
N GLU A 111 4.59 14.23 9.71
CA GLU A 111 5.70 15.17 9.79
C GLU A 111 6.83 14.60 10.65
N GLU A 112 6.63 13.40 11.20
CA GLU A 112 7.63 12.77 12.03
C GLU A 112 8.95 12.63 11.28
N LYS A 113 8.94 11.86 10.19
CA LYS A 113 10.13 11.66 9.39
C LYS A 113 9.76 11.65 7.91
N PRO A 114 9.77 12.83 7.26
CA PRO A 114 9.43 12.97 5.84
C PRO A 114 10.35 12.14 4.93
N ALA A 115 9.91 11.96 3.69
CA ALA A 115 10.68 11.19 2.71
C ALA A 115 11.32 12.13 1.68
N VAL A 116 10.48 12.82 0.91
CA VAL A 116 10.96 13.74 -0.11
C VAL A 116 11.15 15.13 0.47
N LEU A 117 12.41 15.55 0.57
CA LEU A 117 12.74 16.86 1.12
C LEU A 117 12.35 17.96 0.14
N GLY A 118 11.72 19.02 0.67
CA GLY A 118 11.30 20.13 -0.17
C GLY A 118 9.90 20.57 0.15
N HIS A 119 9.47 21.68 -0.45
CA HIS A 119 8.14 22.21 -0.19
C HIS A 119 7.47 22.68 -1.48
N ASP A 120 7.50 21.84 -2.52
CA ASP A 120 6.88 22.17 -3.80
C ASP A 120 6.00 21.01 -4.25
N GLU A 121 5.02 21.29 -5.11
CA GLU A 121 4.11 20.25 -5.61
C GLU A 121 4.84 18.96 -5.95
N ALA A 122 6.04 19.08 -6.51
CA ALA A 122 6.84 17.91 -6.88
C ALA A 122 7.08 17.03 -5.67
N ALA A 123 7.74 17.58 -4.66
CA ALA A 123 8.02 16.84 -3.44
C ALA A 123 6.73 16.50 -2.72
N TYR A 124 5.81 17.46 -2.68
CA TYR A 124 4.53 17.28 -2.02
C TYR A 124 3.77 16.08 -2.58
N SER A 125 3.54 16.09 -3.90
CA SER A 125 2.84 14.99 -4.55
C SER A 125 3.52 13.67 -4.27
N LYS A 126 4.84 13.70 -4.19
CA LYS A 126 5.63 12.50 -3.92
C LYS A 126 5.49 12.06 -2.47
N ASN A 127 5.13 13.01 -1.59
CA ASN A 127 5.01 12.71 -0.17
C ASN A 127 3.68 12.05 0.20
N ARG A 128 2.56 12.53 -0.34
CA ARG A 128 1.26 11.92 -0.03
C ARG A 128 1.12 10.56 -0.69
N ARG A 129 1.88 9.61 -0.17
CA ARG A 129 1.86 8.25 -0.72
C ARG A 129 1.72 7.19 0.37
N ALA A 130 1.01 6.11 0.05
CA ALA A 130 0.83 5.00 0.96
C ALA A 130 1.47 3.77 0.33
N VAL A 131 2.73 3.53 0.66
CA VAL A 131 3.48 2.42 0.10
C VAL A 131 3.22 1.09 0.79
N LEU A 132 2.63 0.17 0.03
CA LEU A 132 2.34 -1.17 0.53
C LEU A 132 3.66 -1.88 0.86
N ALA A 133 4.01 -1.91 2.14
CA ALA A 133 5.25 -2.54 2.58
C ALA A 133 4.99 -3.91 3.20
N TYR A 134 5.74 -4.91 2.76
CA TYR A 134 5.58 -6.27 3.27
C TYR A 134 6.40 -6.46 4.55
N ALA B 1 -9.11 24.23 11.95
CA ALA B 1 -8.26 23.32 12.71
C ALA B 1 -8.09 21.99 11.97
N CYS A 1 1.10 -25.05 -13.03
CA CYS A 1 -0.29 -25.24 -12.58
C CYS A 1 -0.44 -24.93 -11.08
N SER A 2 -1.05 -23.79 -10.78
CA SER A 2 -1.24 -23.38 -9.40
C SER A 2 -2.67 -23.68 -8.94
N SER A 3 -3.64 -23.04 -9.57
CA SER A 3 -5.04 -23.25 -9.23
C SER A 3 -5.32 -22.86 -7.78
N SER A 4 -6.55 -23.07 -7.35
CA SER A 4 -6.95 -22.75 -5.98
C SER A 4 -6.23 -23.66 -4.97
N ASN A 5 -5.87 -24.85 -5.42
CA ASN A 5 -5.17 -25.81 -4.56
C ASN A 5 -3.72 -25.97 -4.99
N ASN A 6 -2.81 -25.52 -4.12
CA ASN A 6 -1.38 -25.61 -4.41
C ASN A 6 -0.78 -26.88 -3.82
N ASP A 7 0.06 -27.54 -4.60
CA ASP A 7 0.70 -28.79 -4.15
C ASP A 7 2.02 -28.49 -3.44
N ALA A 8 2.88 -27.71 -4.10
CA ALA A 8 4.17 -27.36 -3.53
C ALA A 8 4.96 -26.47 -4.47
N ALA A 9 5.70 -25.51 -3.91
CA ALA A 9 6.50 -24.58 -4.70
C ALA A 9 5.63 -23.76 -5.64
N GLY A 10 6.11 -22.57 -5.98
CA GLY A 10 5.35 -21.70 -6.87
C GLY A 10 5.67 -21.94 -8.34
N ASN A 11 6.73 -22.68 -8.61
CA ASN A 11 7.13 -22.98 -9.99
C ASN A 11 7.50 -21.70 -10.73
N GLY A 12 7.83 -21.84 -12.01
CA GLY A 12 8.22 -20.69 -12.80
C GLY A 12 7.06 -20.03 -13.50
N ALA A 13 6.54 -20.68 -14.54
CA ALA A 13 5.41 -20.15 -15.31
C ALA A 13 4.30 -19.63 -14.39
N ALA A 14 3.97 -20.40 -13.37
CA ALA A 14 2.94 -20.03 -12.42
C ALA A 14 3.33 -18.76 -11.66
N GLN A 15 3.04 -18.73 -10.35
CA GLN A 15 3.35 -17.59 -9.50
C GLN A 15 2.87 -16.27 -10.12
N THR A 16 1.59 -16.23 -10.45
CA THR A 16 0.98 -15.04 -11.04
C THR A 16 -0.31 -14.71 -10.31
N PHE A 17 -0.22 -13.85 -9.29
CA PHE A 17 -1.38 -13.49 -8.49
C PHE A 17 -2.11 -12.28 -9.09
N GLY A 18 -3.24 -12.56 -9.75
CA GLY A 18 -4.02 -11.49 -10.34
C GLY A 18 -3.32 -10.81 -11.49
N GLY A 19 -2.21 -11.38 -11.95
CA GLY A 19 -1.48 -10.79 -13.06
C GLY A 19 -0.11 -10.29 -12.68
N TYR A 20 0.11 -10.08 -11.39
CA TYR A 20 1.39 -9.58 -10.90
C TYR A 20 2.20 -10.66 -10.20
N SER A 21 3.52 -10.57 -10.32
CA SER A 21 4.42 -11.55 -9.71
C SER A 21 5.08 -10.97 -8.46
N VAL A 22 5.29 -11.82 -7.46
CA VAL A 22 5.91 -11.43 -6.19
C VAL A 22 7.05 -10.42 -6.39
N ALA A 23 8.03 -10.80 -7.20
CA ALA A 23 9.19 -9.95 -7.46
C ALA A 23 8.81 -8.56 -7.98
N ASP A 24 7.59 -8.42 -8.49
CA ASP A 24 7.13 -7.12 -8.98
C ASP A 24 6.25 -6.44 -7.93
N LEU A 25 5.33 -7.22 -7.36
CA LEU A 25 4.42 -6.69 -6.36
C LEU A 25 5.16 -6.06 -5.18
N GLN A 26 6.42 -6.43 -5.00
CA GLN A 26 7.22 -5.92 -3.88
C GLN A 26 8.29 -4.92 -4.30
N GLN A 27 8.54 -4.81 -5.60
CA GLN A 27 9.58 -3.89 -6.07
C GLN A 27 9.06 -2.87 -7.08
N ARG A 28 7.99 -3.20 -7.79
CA ARG A 28 7.46 -2.30 -8.81
C ARG A 28 6.10 -1.70 -8.45
N TYR A 29 5.10 -2.54 -8.28
CA TYR A 29 3.75 -2.07 -7.98
C TYR A 29 3.33 -2.33 -6.53
N ASN A 30 3.60 -1.35 -5.65
CA ASN A 30 3.25 -1.47 -4.24
C ASN A 30 3.06 -0.10 -3.57
N THR A 31 2.96 0.96 -4.36
CA THR A 31 2.79 2.30 -3.80
C THR A 31 1.56 3.03 -4.34
N VAL A 32 0.75 3.59 -3.44
CA VAL A 32 -0.44 4.33 -3.83
C VAL A 32 -0.25 5.82 -3.51
N TYR A 33 -0.86 6.70 -4.31
CA TYR A 33 -0.70 8.14 -4.09
C TYR A 33 -2.03 8.87 -3.93
N PHE A 34 -2.21 9.48 -2.76
CA PHE A 34 -3.42 10.25 -2.45
C PHE A 34 -3.21 11.74 -2.74
N GLY A 35 -4.30 12.51 -2.73
CA GLY A 35 -4.18 13.94 -2.96
C GLY A 35 -4.27 14.74 -1.68
N PHE A 36 -4.45 16.04 -1.80
CA PHE A 36 -4.54 16.92 -0.64
C PHE A 36 -5.72 16.53 0.25
N ASP A 37 -5.43 16.22 1.51
CA ASP A 37 -6.46 15.84 2.47
C ASP A 37 -7.38 14.75 1.91
N LYS A 38 -6.86 13.96 0.98
CA LYS A 38 -7.65 12.88 0.38
C LYS A 38 -7.40 11.57 1.12
N TYR A 39 -8.46 10.81 1.35
CA TYR A 39 -8.35 9.54 2.05
C TYR A 39 -9.07 8.42 1.29
N ASP A 40 -8.78 8.32 0.00
CA ASP A 40 -9.39 7.31 -0.85
C ASP A 40 -8.40 6.88 -1.93
N ILE A 41 -8.51 5.63 -2.39
CA ILE A 41 -7.62 5.13 -3.42
C ILE A 41 -8.27 5.27 -4.80
N THR A 42 -7.44 5.20 -5.85
CA THR A 42 -7.95 5.34 -7.21
C THR A 42 -7.87 4.00 -7.95
N GLY A 43 -8.95 3.67 -8.67
CA GLY A 43 -8.99 2.43 -9.43
C GLY A 43 -7.72 2.19 -10.24
N GLU A 44 -7.04 3.26 -10.61
CA GLU A 44 -5.81 3.16 -11.39
C GLU A 44 -4.74 2.39 -10.63
N TYR A 45 -4.75 2.53 -9.31
CA TYR A 45 -3.78 1.86 -8.44
C TYR A 45 -4.42 0.68 -7.71
N VAL A 46 -5.62 0.29 -8.13
CA VAL A 46 -6.31 -0.81 -7.51
C VAL A 46 -5.69 -2.15 -7.89
N GLN A 47 -5.16 -2.25 -9.12
CA GLN A 47 -4.53 -3.49 -9.57
C GLN A 47 -3.64 -4.05 -8.47
N ILE A 48 -2.85 -3.18 -7.87
CA ILE A 48 -1.97 -3.58 -6.76
C ILE A 48 -2.81 -4.23 -5.67
N LEU A 49 -3.86 -3.52 -5.29
CA LEU A 49 -4.78 -3.96 -4.26
C LEU A 49 -5.31 -5.36 -4.55
N ASP A 50 -6.02 -5.52 -5.66
CA ASP A 50 -6.59 -6.82 -6.03
C ASP A 50 -5.53 -7.90 -6.10
N ALA A 51 -4.43 -7.61 -6.80
CA ALA A 51 -3.34 -8.58 -6.95
C ALA A 51 -2.66 -8.85 -5.61
N HIS A 52 -2.58 -7.83 -4.75
CA HIS A 52 -1.95 -8.00 -3.44
C HIS A 52 -2.83 -8.83 -2.52
N ALA A 53 -4.12 -8.57 -2.53
CA ALA A 53 -5.07 -9.29 -1.69
C ALA A 53 -5.13 -10.76 -2.09
N ALA A 54 -4.83 -11.06 -3.36
CA ALA A 54 -4.85 -12.44 -3.85
C ALA A 54 -3.58 -13.16 -3.39
N TYR A 55 -2.46 -12.43 -3.38
CA TYR A 55 -1.18 -13.01 -2.97
C TYR A 55 -1.14 -13.15 -1.46
N LEU A 56 -1.74 -12.20 -0.76
CA LEU A 56 -1.76 -12.22 0.70
C LEU A 56 -2.68 -13.32 1.22
N ASN A 57 -3.78 -13.55 0.53
CA ASN A 57 -4.72 -14.59 0.92
C ASN A 57 -4.15 -15.96 0.62
N ALA A 58 -3.35 -16.04 -0.44
CA ALA A 58 -2.73 -17.30 -0.83
C ALA A 58 -1.65 -17.73 0.15
N THR A 59 -1.15 -16.79 0.95
CA THR A 59 -0.11 -17.09 1.93
C THR A 59 -0.67 -16.99 3.34
N PRO A 60 -0.79 -18.13 4.06
CA PRO A 60 -1.33 -18.18 5.42
C PRO A 60 -0.75 -17.12 6.36
N ALA A 61 0.55 -17.20 6.62
CA ALA A 61 1.21 -16.27 7.54
C ALA A 61 1.68 -14.98 6.86
N ALA A 62 1.06 -14.62 5.75
CA ALA A 62 1.42 -13.41 5.04
C ALA A 62 0.60 -12.23 5.53
N LYS A 63 1.30 -11.21 5.99
CA LYS A 63 0.65 -10.00 6.51
C LYS A 63 1.21 -8.75 5.81
N VAL A 64 0.31 -7.88 5.34
CA VAL A 64 0.74 -6.66 4.66
C VAL A 64 0.78 -5.47 5.61
N LEU A 65 1.76 -4.62 5.39
CA LEU A 65 1.95 -3.43 6.22
C LEU A 65 1.78 -2.16 5.39
N VAL A 66 0.64 -1.50 5.56
CA VAL A 66 0.36 -0.27 4.83
C VAL A 66 0.97 0.93 5.55
N GLU A 67 1.96 1.56 4.93
CA GLU A 67 2.64 2.72 5.52
C GLU A 67 1.94 4.00 5.12
N GLY A 68 1.45 4.74 6.10
CA GLY A 68 0.76 5.99 5.84
C GLY A 68 1.69 7.18 5.77
N ASN A 69 2.25 7.43 4.59
CA ASN A 69 3.16 8.55 4.41
C ASN A 69 2.42 9.74 3.80
N THR A 70 2.98 10.93 3.99
CA THR A 70 2.38 12.16 3.47
C THR A 70 3.38 13.32 3.50
N ASP A 71 2.88 14.54 3.33
CA ASP A 71 3.73 15.73 3.36
C ASP A 71 3.97 16.18 4.79
N GLU A 72 5.09 16.87 4.99
CA GLU A 72 5.44 17.36 6.33
C GLU A 72 4.44 18.40 6.83
N ARG A 73 3.91 19.21 5.92
CA ARG A 73 2.96 20.27 6.28
C ARG A 73 1.96 19.83 7.34
N GLY A 74 2.11 20.40 8.53
CA GLY A 74 1.23 20.09 9.65
C GLY A 74 1.96 19.36 10.77
N THR A 75 1.21 18.92 11.77
CA THR A 75 1.79 18.23 12.91
C THR A 75 1.68 16.71 12.76
N PRO A 76 2.69 15.95 13.25
CA PRO A 76 2.68 14.50 13.16
C PRO A 76 1.36 13.89 13.62
N GLU A 77 0.84 14.38 14.74
CA GLU A 77 -0.41 13.88 15.28
C GLU A 77 -1.56 14.13 14.31
N TYR A 78 -1.57 15.31 13.70
CA TYR A 78 -2.60 15.67 12.74
C TYR A 78 -2.45 14.81 11.49
N ASN A 79 -1.20 14.65 11.05
CA ASN A 79 -0.92 13.84 9.87
C ASN A 79 -1.18 12.38 10.20
N ILE A 80 -0.25 11.76 10.95
CA ILE A 80 -0.37 10.34 11.33
C ILE A 80 -1.82 9.91 11.45
N ALA A 81 -2.63 10.73 12.11
CA ALA A 81 -4.04 10.39 12.27
C ALA A 81 -4.75 10.37 10.92
N LEU A 82 -4.68 11.50 10.22
CA LEU A 82 -5.29 11.61 8.91
C LEU A 82 -4.78 10.47 8.01
N GLY A 83 -3.46 10.21 8.05
CA GLY A 83 -2.89 9.14 7.26
C GLY A 83 -3.32 7.77 7.75
N GLN A 84 -3.35 7.61 9.07
CA GLN A 84 -3.78 6.34 9.66
C GLN A 84 -5.18 6.00 9.17
N ARG A 85 -5.97 7.05 8.91
CA ARG A 85 -7.34 6.88 8.42
C ARG A 85 -7.31 6.27 7.03
N ARG A 86 -6.70 6.96 6.07
CA ARG A 86 -6.62 6.42 4.71
C ARG A 86 -5.98 5.04 4.76
N ALA A 87 -4.93 4.92 5.57
CA ALA A 87 -4.25 3.65 5.75
C ALA A 87 -5.28 2.62 6.21
N ASP A 88 -6.26 3.10 6.99
CA ASP A 88 -7.33 2.27 7.48
C ASP A 88 -8.18 1.79 6.31
N ALA A 89 -8.25 2.63 5.29
CA ALA A 89 -9.01 2.31 4.09
C ALA A 89 -8.43 1.07 3.43
N VAL A 90 -7.11 1.00 3.37
CA VAL A 90 -6.43 -0.15 2.76
C VAL A 90 -6.57 -1.42 3.61
N LYS A 91 -6.50 -1.27 4.93
CA LYS A 91 -6.61 -2.43 5.81
C LYS A 91 -8.06 -2.92 5.88
N GLY A 92 -9.01 -2.00 5.69
CA GLY A 92 -10.41 -2.35 5.74
C GLY A 92 -10.86 -3.11 4.51
N TYR A 93 -10.62 -2.53 3.33
CA TYR A 93 -10.99 -3.18 2.08
C TYR A 93 -10.34 -4.56 1.99
N LEU A 94 -9.04 -4.64 2.34
CA LEU A 94 -8.36 -5.92 2.34
C LEU A 94 -9.09 -6.86 3.29
N ALA A 95 -9.61 -6.26 4.37
CA ALA A 95 -10.36 -7.00 5.37
C ALA A 95 -11.61 -7.62 4.76
N GLY A 96 -12.30 -6.85 3.92
CA GLY A 96 -13.50 -7.34 3.26
C GLY A 96 -13.19 -8.34 2.17
N LYS A 97 -11.92 -8.41 1.79
CA LYS A 97 -11.47 -9.34 0.75
C LYS A 97 -11.09 -10.69 1.34
N GLY A 98 -11.06 -10.77 2.68
CA GLY A 98 -10.71 -12.02 3.32
C GLY A 98 -9.46 -11.92 4.18
N VAL A 99 -8.72 -10.82 4.02
CA VAL A 99 -7.50 -10.61 4.78
C VAL A 99 -7.82 -10.32 6.24
N ASP A 100 -7.42 -11.21 7.14
CA ASP A 100 -7.68 -11.04 8.55
C ASP A 100 -6.85 -9.89 9.12
N ALA A 101 -7.44 -9.18 10.06
CA ALA A 101 -6.77 -8.05 10.70
C ALA A 101 -5.39 -8.47 11.21
N GLY A 102 -5.29 -9.69 11.72
CA GLY A 102 -4.02 -10.19 12.23
C GLY A 102 -2.90 -10.10 11.21
N LYS A 103 -3.25 -10.18 9.93
CA LYS A 103 -2.26 -10.10 8.85
C LYS A 103 -2.17 -8.67 8.31
N LEU A 104 -3.06 -7.82 8.78
CA LEU A 104 -3.06 -6.42 8.36
C LEU A 104 -2.16 -5.59 9.27
N GLY A 105 -1.58 -4.53 8.72
CA GLY A 105 -0.72 -3.68 9.51
C GLY A 105 -0.66 -2.27 8.95
N THR A 106 -0.75 -1.29 9.81
CA THR A 106 -0.72 0.10 9.38
C THR A 106 0.23 0.91 10.25
N VAL A 107 0.73 2.02 9.70
CA VAL A 107 1.65 2.89 10.43
C VAL A 107 1.90 4.16 9.61
N SER A 108 1.58 5.30 10.18
CA SER A 108 1.77 6.58 9.49
C SER A 108 2.87 7.40 10.14
N TYR A 109 3.71 8.01 9.32
CA TYR A 109 4.82 8.84 9.81
C TYR A 109 4.64 10.29 9.39
N GLY A 110 3.39 10.67 9.12
CA GLY A 110 3.06 12.02 8.71
C GLY A 110 4.24 12.94 8.49
N GLU A 111 4.39 13.93 9.36
CA GLU A 111 5.50 14.88 9.25
C GLU A 111 6.62 14.55 10.24
N GLU A 112 6.57 13.35 10.82
CA GLU A 112 7.61 12.94 11.76
C GLU A 112 8.97 12.96 11.09
N LYS A 113 9.07 12.25 9.97
CA LYS A 113 10.31 12.20 9.19
C LYS A 113 9.97 12.17 7.70
N PRO A 114 9.85 13.35 7.07
CA PRO A 114 9.51 13.47 5.65
C PRO A 114 10.54 12.81 4.74
N ALA A 115 10.17 12.62 3.48
CA ALA A 115 11.05 12.01 2.50
C ALA A 115 11.62 13.06 1.56
N VAL A 116 10.74 13.64 0.74
CA VAL A 116 11.15 14.66 -0.21
C VAL A 116 11.07 16.05 0.42
N LEU A 117 12.24 16.65 0.62
CA LEU A 117 12.34 17.96 1.24
C LEU A 117 11.71 19.05 0.38
N GLY A 118 11.00 19.96 1.04
CA GLY A 118 10.34 21.04 0.35
C GLY A 118 8.85 21.07 0.64
N HIS A 119 8.17 22.10 0.15
CA HIS A 119 6.74 22.23 0.39
C HIS A 119 6.02 22.74 -0.86
N ASP A 120 6.13 22.00 -1.95
CA ASP A 120 5.48 22.34 -3.20
C ASP A 120 4.67 21.15 -3.68
N GLU A 121 3.67 21.38 -4.52
CA GLU A 121 2.82 20.28 -5.02
C GLU A 121 3.66 19.07 -5.42
N ALA A 122 4.92 19.29 -5.81
CA ALA A 122 5.80 18.20 -6.19
C ALA A 122 6.07 17.30 -5.00
N ALA A 123 6.65 17.89 -3.96
CA ALA A 123 6.95 17.14 -2.75
C ALA A 123 5.67 16.68 -2.07
N TYR A 124 4.68 17.56 -2.01
CA TYR A 124 3.41 17.26 -1.37
C TYR A 124 2.64 16.18 -2.12
N SER A 125 2.58 16.25 -3.44
CA SER A 125 1.85 15.27 -4.25
C SER A 125 2.59 13.95 -4.30
N LYS A 126 3.90 14.00 -4.40
CA LYS A 126 4.71 12.78 -4.47
C LYS A 126 4.96 12.21 -3.07
N ASN A 127 4.74 13.02 -2.02
CA ASN A 127 4.93 12.55 -0.65
C ASN A 127 3.66 11.86 -0.15
N ARG A 128 2.50 12.30 -0.68
CA ARG A 128 1.21 11.73 -0.31
C ARG A 128 1.07 10.32 -0.86
N ARG A 129 1.41 9.33 -0.04
CA ARG A 129 1.32 7.95 -0.50
C ARG A 129 1.23 6.94 0.64
N ALA A 130 0.66 5.79 0.30
CA ALA A 130 0.54 4.67 1.21
C ALA A 130 1.33 3.51 0.62
N VAL A 131 2.54 3.31 1.12
CA VAL A 131 3.43 2.29 0.59
C VAL A 131 3.15 0.91 1.15
N LEU A 132 2.62 0.03 0.31
CA LEU A 132 2.34 -1.34 0.69
C LEU A 132 3.63 -2.03 1.09
N ALA A 133 3.89 -2.10 2.40
CA ALA A 133 5.11 -2.72 2.91
C ALA A 133 4.85 -4.13 3.43
N TYR A 134 5.62 -5.09 2.93
CA TYR A 134 5.47 -6.49 3.35
C TYR A 134 6.38 -6.79 4.53
N ALA B 1 -8.01 27.20 8.87
CA ALA B 1 -7.76 26.03 9.73
C ALA B 1 -7.76 24.75 8.89
N CYS A 1 -10.64 -15.59 -17.47
CA CYS A 1 -10.11 -16.65 -18.37
C CYS A 1 -10.36 -18.05 -17.80
N SER A 2 -10.01 -18.24 -16.54
CA SER A 2 -10.20 -19.53 -15.88
C SER A 2 -10.52 -19.36 -14.41
N SER A 3 -11.71 -19.80 -14.01
CA SER A 3 -12.14 -19.69 -12.63
C SER A 3 -12.16 -18.23 -12.17
N SER A 4 -12.42 -18.03 -10.88
CA SER A 4 -12.47 -16.68 -10.31
C SER A 4 -11.07 -16.19 -9.96
N ASN A 5 -10.20 -17.13 -9.60
CA ASN A 5 -8.82 -16.79 -9.23
C ASN A 5 -7.88 -17.94 -9.53
N ASN A 6 -7.29 -17.92 -10.73
CA ASN A 6 -6.36 -18.96 -11.15
C ASN A 6 -5.17 -18.36 -11.89
N ASP A 7 -3.98 -18.88 -11.63
CA ASP A 7 -2.77 -18.40 -12.28
C ASP A 7 -2.83 -18.62 -13.79
N ALA A 8 -2.94 -19.89 -14.19
CA ALA A 8 -3.00 -20.25 -15.61
C ALA A 8 -1.77 -19.72 -16.35
N ALA A 9 -1.54 -20.27 -17.54
CA ALA A 9 -0.39 -19.86 -18.36
C ALA A 9 0.91 -20.46 -17.83
N GLY A 10 1.20 -20.21 -16.56
CA GLY A 10 2.41 -20.73 -15.95
C GLY A 10 2.23 -22.11 -15.35
N ASN A 11 1.42 -22.17 -14.29
CA ASN A 11 1.15 -23.44 -13.60
C ASN A 11 2.40 -23.97 -12.91
N GLY A 12 3.41 -24.33 -13.71
CA GLY A 12 4.64 -24.86 -13.16
C GLY A 12 5.67 -23.78 -12.86
N ALA A 13 6.13 -23.11 -13.91
CA ALA A 13 7.13 -22.04 -13.77
C ALA A 13 6.47 -20.68 -13.57
N ALA A 14 5.91 -20.14 -14.64
CA ALA A 14 5.26 -18.83 -14.58
C ALA A 14 4.27 -18.74 -13.41
N GLN A 15 4.19 -17.57 -12.81
CA GLN A 15 3.28 -17.34 -11.69
C GLN A 15 2.87 -15.87 -11.60
N THR A 16 1.60 -15.60 -11.91
CA THR A 16 1.08 -14.24 -11.87
C THR A 16 -0.10 -14.13 -10.91
N PHE A 17 0.06 -13.36 -9.84
CA PHE A 17 -0.99 -13.16 -8.86
C PHE A 17 -1.84 -11.95 -9.20
N GLY A 18 -3.05 -12.20 -9.66
CA GLY A 18 -3.95 -11.11 -9.99
C GLY A 18 -3.46 -10.25 -11.14
N GLY A 19 -2.38 -10.69 -11.80
CA GLY A 19 -1.86 -9.90 -12.91
C GLY A 19 -0.34 -9.82 -12.94
N TYR A 20 0.27 -9.70 -11.77
CA TYR A 20 1.72 -9.59 -11.68
C TYR A 20 2.30 -10.67 -10.78
N SER A 21 3.63 -10.77 -10.76
CA SER A 21 4.32 -11.76 -9.94
C SER A 21 4.82 -11.11 -8.64
N VAL A 22 4.91 -11.90 -7.58
CA VAL A 22 5.36 -11.41 -6.28
C VAL A 22 6.58 -10.48 -6.40
N ALA A 23 7.54 -10.88 -7.24
CA ALA A 23 8.76 -10.11 -7.45
C ALA A 23 8.48 -8.72 -8.01
N ASP A 24 7.29 -8.50 -8.55
CA ASP A 24 6.91 -7.19 -9.08
C ASP A 24 6.09 -6.43 -8.06
N LEU A 25 5.21 -7.16 -7.38
CA LEU A 25 4.36 -6.55 -6.37
C LEU A 25 5.19 -5.97 -5.22
N GLN A 26 6.42 -6.45 -5.07
CA GLN A 26 7.30 -6.00 -3.98
C GLN A 26 8.28 -4.92 -4.42
N GLN A 27 8.48 -4.73 -5.72
CA GLN A 27 9.43 -3.73 -6.18
C GLN A 27 8.86 -2.77 -7.23
N ARG A 28 7.75 -3.15 -7.86
CA ARG A 28 7.15 -2.33 -8.90
C ARG A 28 5.86 -1.64 -8.44
N TYR A 29 4.83 -2.43 -8.20
CA TYR A 29 3.53 -1.89 -7.79
C TYR A 29 3.26 -2.13 -6.31
N ASN A 30 3.79 -1.25 -5.46
CA ASN A 30 3.62 -1.36 -4.01
C ASN A 30 3.33 -0.02 -3.34
N THR A 31 3.03 1.02 -4.13
CA THR A 31 2.79 2.34 -3.55
C THR A 31 1.56 3.04 -4.14
N VAL A 32 0.77 3.67 -3.27
CA VAL A 32 -0.43 4.41 -3.68
C VAL A 32 -0.23 5.91 -3.45
N TYR A 33 -0.84 6.75 -4.30
CA TYR A 33 -0.70 8.21 -4.17
C TYR A 33 -2.03 8.89 -3.89
N PHE A 34 -2.05 9.63 -2.78
CA PHE A 34 -3.23 10.36 -2.33
C PHE A 34 -3.05 11.87 -2.51
N GLY A 35 -4.11 12.65 -2.28
CA GLY A 35 -4.01 14.09 -2.43
C GLY A 35 -4.20 14.82 -1.10
N PHE A 36 -4.34 16.14 -1.17
CA PHE A 36 -4.54 16.95 0.04
C PHE A 36 -5.80 16.53 0.78
N ASP A 37 -5.64 16.22 2.07
CA ASP A 37 -6.76 15.80 2.90
C ASP A 37 -7.65 14.79 2.18
N LYS A 38 -7.04 14.01 1.28
CA LYS A 38 -7.78 13.00 0.52
C LYS A 38 -7.67 11.63 1.19
N TYR A 39 -8.81 11.00 1.45
CA TYR A 39 -8.83 9.70 2.08
C TYR A 39 -9.65 8.71 1.23
N ASP A 40 -9.21 8.55 -0.02
CA ASP A 40 -9.87 7.64 -0.95
C ASP A 40 -8.86 7.11 -1.96
N ILE A 41 -9.07 5.90 -2.47
CA ILE A 41 -8.16 5.32 -3.44
C ILE A 41 -8.68 5.51 -4.86
N THR A 42 -7.81 5.37 -5.85
CA THR A 42 -8.20 5.53 -7.25
C THR A 42 -8.14 4.21 -8.02
N GLY A 43 -9.07 4.04 -8.94
CA GLY A 43 -9.12 2.83 -9.75
C GLY A 43 -7.76 2.41 -10.29
N GLU A 44 -6.90 3.39 -10.56
CA GLU A 44 -5.57 3.12 -11.09
C GLU A 44 -4.72 2.33 -10.11
N TYR A 45 -4.90 2.58 -8.82
CA TYR A 45 -4.13 1.90 -7.78
C TYR A 45 -4.89 0.73 -7.15
N VAL A 46 -6.13 0.52 -7.58
CA VAL A 46 -6.94 -0.57 -7.04
C VAL A 46 -6.31 -1.93 -7.36
N GLN A 47 -5.85 -2.08 -8.61
CA GLN A 47 -5.24 -3.33 -9.05
C GLN A 47 -4.35 -3.94 -7.97
N ILE A 48 -3.52 -3.11 -7.35
CA ILE A 48 -2.63 -3.58 -6.29
C ILE A 48 -3.41 -4.25 -5.18
N LEU A 49 -4.39 -3.53 -4.65
CA LEU A 49 -5.21 -4.03 -3.55
C LEU A 49 -5.68 -5.47 -3.83
N ASP A 50 -6.19 -5.70 -5.04
CA ASP A 50 -6.67 -7.03 -5.40
C ASP A 50 -5.52 -8.01 -5.63
N ALA A 51 -4.39 -7.51 -6.13
CA ALA A 51 -3.23 -8.36 -6.38
C ALA A 51 -2.53 -8.73 -5.07
N HIS A 52 -2.23 -7.74 -4.25
CA HIS A 52 -1.58 -7.97 -2.96
C HIS A 52 -2.43 -8.91 -2.12
N ALA A 53 -3.74 -8.73 -2.21
CA ALA A 53 -4.68 -9.56 -1.45
C ALA A 53 -4.55 -11.02 -1.87
N ALA A 54 -4.48 -11.27 -3.19
CA ALA A 54 -4.35 -12.64 -3.69
C ALA A 54 -3.09 -13.29 -3.11
N TYR A 55 -1.99 -12.53 -3.09
CA TYR A 55 -0.73 -13.04 -2.58
C TYR A 55 -0.81 -13.23 -1.07
N LEU A 56 -1.38 -12.25 -0.41
CA LEU A 56 -1.50 -12.28 1.04
C LEU A 56 -2.48 -13.36 1.51
N ASN A 57 -3.55 -13.55 0.76
CA ASN A 57 -4.54 -14.56 1.11
C ASN A 57 -3.96 -15.95 0.93
N ALA A 58 -3.14 -16.11 -0.09
CA ALA A 58 -2.51 -17.39 -0.38
C ALA A 58 -1.61 -17.85 0.76
N THR A 59 -1.13 -16.91 1.57
CA THR A 59 -0.27 -17.24 2.70
C THR A 59 -0.97 -16.91 4.02
N PRO A 60 -1.30 -17.94 4.82
CA PRO A 60 -2.00 -17.76 6.09
C PRO A 60 -1.26 -16.85 7.07
N ALA A 61 0.06 -17.04 7.19
CA ALA A 61 0.86 -16.23 8.11
C ALA A 61 1.47 -15.01 7.42
N ALA A 62 0.94 -14.64 6.26
CA ALA A 62 1.44 -13.49 5.55
C ALA A 62 0.69 -12.23 5.96
N LYS A 63 1.45 -11.24 6.41
CA LYS A 63 0.85 -9.98 6.87
C LYS A 63 1.42 -8.79 6.10
N VAL A 64 0.53 -7.90 5.64
CA VAL A 64 0.96 -6.71 4.92
C VAL A 64 1.06 -5.51 5.85
N LEU A 65 2.06 -4.68 5.59
CA LEU A 65 2.26 -3.49 6.41
C LEU A 65 2.02 -2.23 5.58
N VAL A 66 0.93 -1.54 5.87
CA VAL A 66 0.59 -0.32 5.16
C VAL A 66 1.22 0.90 5.81
N GLU A 67 2.22 1.48 5.14
CA GLU A 67 2.90 2.66 5.65
C GLU A 67 2.36 3.93 4.99
N GLY A 68 1.83 4.83 5.80
CA GLY A 68 1.28 6.06 5.27
C GLY A 68 2.25 7.22 5.31
N ASN A 69 2.15 8.10 4.30
CA ASN A 69 3.00 9.28 4.21
C ASN A 69 2.18 10.48 3.74
N THR A 70 2.77 11.67 3.85
CA THR A 70 2.09 12.90 3.45
C THR A 70 3.04 14.09 3.41
N ASP A 71 2.53 15.23 2.95
CA ASP A 71 3.32 16.45 2.88
C ASP A 71 3.81 16.85 4.27
N GLU A 72 4.95 17.54 4.31
CA GLU A 72 5.53 17.98 5.58
C GLU A 72 4.65 19.03 6.26
N ARG A 73 3.96 19.83 5.47
CA ARG A 73 3.11 20.90 5.98
C ARG A 73 2.11 20.43 7.04
N GLY A 74 2.31 20.92 8.27
CA GLY A 74 1.41 20.57 9.36
C GLY A 74 2.05 19.74 10.46
N THR A 75 1.21 19.22 11.36
CA THR A 75 1.67 18.41 12.48
C THR A 75 1.31 16.93 12.29
N PRO A 76 2.16 16.02 12.78
CA PRO A 76 1.95 14.57 12.66
C PRO A 76 0.61 14.11 13.21
N GLU A 77 0.15 14.72 14.29
CA GLU A 77 -1.12 14.31 14.92
C GLU A 77 -2.25 14.04 13.92
N TYR A 78 -2.58 15.03 13.07
CA TYR A 78 -3.64 14.81 12.09
C TYR A 78 -3.09 14.33 10.75
N ASN A 79 -1.77 14.44 10.58
CA ASN A 79 -1.16 13.99 9.34
C ASN A 79 -0.88 12.49 9.39
N ILE A 80 -0.71 11.96 10.59
CA ILE A 80 -0.50 10.54 10.79
C ILE A 80 -1.86 9.90 10.99
N ALA A 81 -2.73 10.63 11.68
CA ALA A 81 -4.07 10.14 11.92
C ALA A 81 -4.85 10.04 10.62
N LEU A 82 -4.85 11.14 9.85
CA LEU A 82 -5.55 11.13 8.58
C LEU A 82 -4.83 10.19 7.59
N GLY A 83 -3.50 10.12 7.68
CA GLY A 83 -2.76 9.22 6.82
C GLY A 83 -3.02 7.77 7.20
N GLN A 84 -2.74 7.45 8.46
CA GLN A 84 -2.98 6.11 8.96
C GLN A 84 -4.40 5.68 8.62
N ARG A 85 -5.31 6.65 8.61
CA ARG A 85 -6.70 6.36 8.27
C ARG A 85 -6.77 5.79 6.87
N ARG A 86 -6.10 6.46 5.93
CA ARG A 86 -6.07 5.97 4.56
C ARG A 86 -5.53 4.55 4.56
N ALA A 87 -4.54 4.32 5.44
CA ALA A 87 -3.95 3.01 5.59
C ALA A 87 -5.01 2.03 6.10
N ASP A 88 -5.91 2.55 6.93
CA ASP A 88 -7.01 1.76 7.47
C ASP A 88 -8.00 1.45 6.36
N ALA A 89 -8.10 2.37 5.40
CA ALA A 89 -9.00 2.19 4.27
C ALA A 89 -8.61 0.96 3.48
N VAL A 90 -7.31 0.83 3.20
CA VAL A 90 -6.80 -0.31 2.47
C VAL A 90 -6.77 -1.54 3.35
N LYS A 91 -6.55 -1.32 4.65
CA LYS A 91 -6.50 -2.42 5.60
C LYS A 91 -7.85 -3.12 5.67
N GLY A 92 -8.93 -2.33 5.70
CA GLY A 92 -10.26 -2.88 5.73
C GLY A 92 -10.67 -3.45 4.38
N TYR A 93 -10.07 -2.90 3.32
CA TYR A 93 -10.35 -3.36 1.98
C TYR A 93 -9.98 -4.83 1.86
N LEU A 94 -8.72 -5.14 2.17
CA LEU A 94 -8.25 -6.51 2.14
C LEU A 94 -9.04 -7.34 3.13
N ALA A 95 -9.46 -6.70 4.22
CA ALA A 95 -10.24 -7.36 5.26
C ALA A 95 -11.57 -7.84 4.68
N GLY A 96 -12.20 -7.00 3.87
CA GLY A 96 -13.47 -7.36 3.27
C GLY A 96 -13.30 -8.41 2.19
N LYS A 97 -12.08 -8.52 1.68
CA LYS A 97 -11.76 -9.49 0.64
C LYS A 97 -11.62 -10.90 1.21
N GLY A 98 -11.57 -10.99 2.54
CA GLY A 98 -11.42 -12.29 3.18
C GLY A 98 -10.14 -12.44 3.97
N VAL A 99 -9.25 -11.45 3.84
CA VAL A 99 -7.98 -11.49 4.55
C VAL A 99 -8.15 -11.08 6.01
N ASP A 100 -7.66 -11.92 6.91
CA ASP A 100 -7.77 -11.66 8.34
C ASP A 100 -7.10 -10.35 8.72
N ALA A 101 -7.43 -9.86 9.91
CA ALA A 101 -6.86 -8.61 10.39
C ALA A 101 -5.47 -8.85 10.98
N GLY A 102 -5.28 -10.04 11.53
CA GLY A 102 -4.00 -10.39 12.11
C GLY A 102 -2.85 -10.24 11.13
N LYS A 103 -3.15 -10.30 9.84
CA LYS A 103 -2.12 -10.14 8.82
C LYS A 103 -2.05 -8.70 8.31
N LEU A 104 -2.96 -7.86 8.79
CA LEU A 104 -2.98 -6.45 8.38
C LEU A 104 -2.22 -5.60 9.39
N GLY A 105 -1.45 -4.64 8.90
CA GLY A 105 -0.70 -3.76 9.76
C GLY A 105 -0.65 -2.36 9.21
N THR A 106 -0.74 -1.38 10.10
CA THR A 106 -0.71 0.01 9.67
C THR A 106 0.24 0.84 10.53
N VAL A 107 0.77 1.91 9.95
CA VAL A 107 1.69 2.80 10.63
C VAL A 107 2.02 3.97 9.71
N SER A 108 1.72 5.18 10.15
CA SER A 108 1.97 6.36 9.34
C SER A 108 2.97 7.29 10.02
N TYR A 109 3.86 7.85 9.22
CA TYR A 109 4.87 8.79 9.72
C TYR A 109 4.72 10.13 9.01
N GLY A 110 3.49 10.42 8.58
CA GLY A 110 3.15 11.64 7.88
C GLY A 110 4.11 12.78 8.11
N GLU A 111 4.08 13.35 9.31
CA GLU A 111 4.93 14.50 9.62
C GLU A 111 6.10 14.16 10.54
N GLU A 112 6.21 12.92 11.01
CA GLU A 112 7.31 12.54 11.89
C GLU A 112 8.64 12.58 11.14
N LYS A 113 8.72 11.81 10.05
CA LYS A 113 9.92 11.76 9.23
C LYS A 113 9.57 11.86 7.74
N PRO A 114 9.51 13.09 7.20
CA PRO A 114 9.18 13.30 5.78
C PRO A 114 10.13 12.57 4.83
N ALA A 115 9.71 12.42 3.58
CA ALA A 115 10.51 11.74 2.58
C ALA A 115 11.22 12.75 1.68
N VAL A 116 10.45 13.46 0.85
CA VAL A 116 11.00 14.45 -0.05
C VAL A 116 11.09 15.81 0.62
N LEU A 117 12.32 16.33 0.71
CA LEU A 117 12.57 17.63 1.32
C LEU A 117 12.08 18.76 0.41
N GLY A 118 11.43 19.74 1.01
CA GLY A 118 10.93 20.87 0.25
C GLY A 118 9.44 21.07 0.46
N HIS A 119 8.89 22.13 -0.12
CA HIS A 119 7.47 22.41 0.04
C HIS A 119 6.86 22.93 -1.25
N ASP A 120 6.21 22.04 -2.00
CA ASP A 120 5.58 22.40 -3.27
C ASP A 120 4.84 21.20 -3.83
N GLU A 121 3.97 21.41 -4.81
CA GLU A 121 3.21 20.31 -5.42
C GLU A 121 4.11 19.14 -5.78
N ALA A 122 5.39 19.41 -6.03
CA ALA A 122 6.33 18.36 -6.38
C ALA A 122 6.63 17.46 -5.19
N ALA A 123 7.22 18.04 -4.15
CA ALA A 123 7.55 17.29 -2.95
C ALA A 123 6.27 16.86 -2.22
N TYR A 124 5.31 17.77 -2.16
CA TYR A 124 4.04 17.50 -1.49
C TYR A 124 3.34 16.27 -2.07
N SER A 125 3.28 16.19 -3.40
CA SER A 125 2.63 15.07 -4.06
C SER A 125 3.42 13.78 -3.88
N LYS A 126 4.74 13.89 -3.88
CA LYS A 126 5.60 12.74 -3.72
C LYS A 126 5.49 12.16 -2.31
N ASN A 127 5.15 13.00 -1.34
CA ASN A 127 5.02 12.57 0.04
C ASN A 127 3.62 12.03 0.33
N ARG A 128 2.62 12.54 -0.38
CA ARG A 128 1.24 12.09 -0.20
C ARG A 128 1.08 10.66 -0.71
N ARG A 129 1.48 9.69 0.12
CA ARG A 129 1.40 8.30 -0.31
C ARG A 129 1.40 7.29 0.83
N ALA A 130 0.78 6.14 0.58
CA ALA A 130 0.78 5.05 1.54
C ALA A 130 1.42 3.85 0.85
N VAL A 131 2.66 3.56 1.23
CA VAL A 131 3.42 2.48 0.61
C VAL A 131 3.17 1.12 1.25
N LEU A 132 2.55 0.24 0.46
CA LEU A 132 2.27 -1.12 0.90
C LEU A 132 3.58 -1.82 1.21
N ALA A 133 3.94 -1.88 2.49
CA ALA A 133 5.18 -2.52 2.92
C ALA A 133 4.94 -3.92 3.44
N TYR A 134 5.64 -4.89 2.86
CA TYR A 134 5.49 -6.29 3.27
C TYR A 134 6.50 -6.63 4.36
N ALA B 1 -6.28 25.12 12.46
CA ALA B 1 -7.15 25.39 11.31
C ALA B 1 -7.27 24.17 10.39
N CYS A 1 4.24 -33.96 -12.00
CA CYS A 1 3.21 -34.62 -12.84
C CYS A 1 3.08 -33.97 -14.21
N SER A 2 3.22 -34.77 -15.25
CA SER A 2 3.12 -34.27 -16.62
C SER A 2 3.12 -35.41 -17.62
N SER A 3 2.29 -35.29 -18.67
CA SER A 3 2.20 -36.32 -19.69
C SER A 3 3.54 -36.49 -20.40
N SER A 4 3.51 -36.99 -21.63
CA SER A 4 4.73 -37.21 -22.41
C SER A 4 5.38 -35.89 -22.81
N ASN A 5 4.55 -34.89 -23.10
CA ASN A 5 5.08 -33.58 -23.50
C ASN A 5 4.13 -32.45 -23.08
N ASN A 6 4.62 -31.57 -22.21
CA ASN A 6 3.83 -30.44 -21.73
C ASN A 6 4.74 -29.26 -21.38
N ASP A 7 4.20 -28.06 -21.53
CA ASP A 7 4.96 -26.85 -21.22
C ASP A 7 5.10 -26.67 -19.71
N ALA A 8 3.98 -26.72 -19.01
CA ALA A 8 3.97 -26.57 -17.55
C ALA A 8 4.84 -25.39 -17.10
N ALA A 9 5.07 -25.30 -15.80
CA ALA A 9 5.88 -24.22 -15.24
C ALA A 9 6.94 -24.78 -14.27
N GLY A 10 7.87 -25.56 -14.81
CA GLY A 10 8.92 -26.14 -13.99
C GLY A 10 9.71 -25.11 -13.23
N ASN A 11 9.66 -23.86 -13.70
CA ASN A 11 10.39 -22.77 -13.04
C ASN A 11 9.47 -21.99 -12.10
N GLY A 12 9.91 -21.81 -10.86
CA GLY A 12 9.12 -21.08 -9.89
C GLY A 12 8.82 -19.66 -10.34
N ALA A 13 9.65 -19.14 -11.25
CA ALA A 13 9.46 -17.80 -11.77
C ALA A 13 8.07 -17.61 -12.37
N ALA A 14 7.51 -18.69 -12.87
CA ALA A 14 6.18 -18.65 -13.47
C ALA A 14 5.09 -18.63 -12.39
N GLN A 15 4.60 -17.44 -12.09
CA GLN A 15 3.56 -17.27 -11.07
C GLN A 15 3.13 -15.82 -10.97
N THR A 16 1.88 -15.55 -11.33
CA THR A 16 1.35 -14.19 -11.28
C THR A 16 0.08 -14.12 -10.44
N PHE A 17 0.13 -13.31 -9.38
CA PHE A 17 -1.00 -13.14 -8.49
C PHE A 17 -1.87 -11.98 -8.95
N GLY A 18 -3.05 -12.30 -9.48
CA GLY A 18 -3.95 -11.26 -9.94
C GLY A 18 -3.40 -10.45 -11.09
N GLY A 19 -2.27 -10.88 -11.66
CA GLY A 19 -1.69 -10.13 -12.75
C GLY A 19 -0.19 -9.93 -12.63
N TYR A 20 0.30 -9.74 -11.41
CA TYR A 20 1.72 -9.51 -11.19
C TYR A 20 2.34 -10.61 -10.32
N SER A 21 3.66 -10.71 -10.37
CA SER A 21 4.39 -11.70 -9.59
C SER A 21 5.02 -11.05 -8.35
N VAL A 22 5.23 -11.85 -7.31
CA VAL A 22 5.82 -11.37 -6.06
C VAL A 22 6.95 -10.37 -6.29
N ALA A 23 7.90 -10.75 -7.13
CA ALA A 23 9.06 -9.89 -7.42
C ALA A 23 8.66 -8.52 -7.96
N ASP A 24 7.42 -8.38 -8.44
CA ASP A 24 6.95 -7.11 -8.95
C ASP A 24 6.12 -6.39 -7.87
N LEU A 25 5.32 -7.18 -7.17
CA LEU A 25 4.47 -6.63 -6.12
C LEU A 25 5.31 -6.17 -4.92
N GLN A 26 6.52 -6.68 -4.81
CA GLN A 26 7.41 -6.35 -3.69
C GLN A 26 8.26 -5.12 -3.96
N GLN A 27 8.46 -4.76 -5.23
CA GLN A 27 9.30 -3.60 -5.53
C GLN A 27 8.81 -2.76 -6.70
N ARG A 28 7.78 -3.21 -7.41
CA ARG A 28 7.29 -2.47 -8.57
C ARG A 28 5.95 -1.76 -8.32
N TYR A 29 4.88 -2.55 -8.18
CA TYR A 29 3.56 -1.99 -7.95
C TYR A 29 3.06 -2.22 -6.53
N ASN A 30 3.44 -1.32 -5.63
CA ASN A 30 3.02 -1.42 -4.23
C ASN A 30 2.92 -0.04 -3.59
N THR A 31 2.82 1.01 -4.41
CA THR A 31 2.74 2.37 -3.89
C THR A 31 1.53 3.13 -4.44
N VAL A 32 0.76 3.73 -3.53
CA VAL A 32 -0.42 4.51 -3.92
C VAL A 32 -0.15 6.01 -3.71
N TYR A 33 -0.78 6.85 -4.52
CA TYR A 33 -0.56 8.30 -4.42
C TYR A 33 -1.85 9.08 -4.13
N PHE A 34 -1.87 9.72 -2.96
CA PHE A 34 -3.03 10.51 -2.53
C PHE A 34 -2.81 12.01 -2.81
N GLY A 35 -3.88 12.78 -2.71
CA GLY A 35 -3.80 14.21 -2.93
C GLY A 35 -4.05 14.97 -1.65
N PHE A 36 -4.26 16.29 -1.75
CA PHE A 36 -4.52 17.10 -0.57
C PHE A 36 -5.85 16.73 0.06
N ASP A 37 -5.80 16.37 1.34
CA ASP A 37 -7.01 15.99 2.07
C ASP A 37 -7.67 14.75 1.46
N LYS A 38 -6.95 14.03 0.62
CA LYS A 38 -7.49 12.82 0.01
C LYS A 38 -7.16 11.60 0.86
N TYR A 39 -8.20 10.85 1.22
CA TYR A 39 -8.04 9.66 2.06
C TYR A 39 -8.70 8.46 1.42
N ASP A 40 -8.61 8.36 0.10
CA ASP A 40 -9.21 7.24 -0.63
C ASP A 40 -8.35 6.92 -1.85
N ILE A 41 -8.35 5.65 -2.25
CA ILE A 41 -7.57 5.23 -3.41
C ILE A 41 -8.37 5.39 -4.70
N THR A 42 -7.68 5.35 -5.83
CA THR A 42 -8.32 5.50 -7.13
C THR A 42 -8.27 4.21 -7.94
N GLY A 43 -9.27 4.01 -8.78
CA GLY A 43 -9.33 2.82 -9.62
C GLY A 43 -7.98 2.44 -10.22
N GLU A 44 -7.17 3.45 -10.52
CA GLU A 44 -5.85 3.23 -11.11
C GLU A 44 -4.94 2.43 -10.16
N TYR A 45 -5.11 2.65 -8.86
CA TYR A 45 -4.29 1.97 -7.85
C TYR A 45 -5.04 0.83 -7.17
N VAL A 46 -6.26 0.56 -7.62
CA VAL A 46 -7.05 -0.51 -7.03
C VAL A 46 -6.47 -1.89 -7.35
N GLN A 47 -6.02 -2.06 -8.59
CA GLN A 47 -5.45 -3.33 -9.03
C GLN A 47 -4.50 -3.92 -7.99
N ILE A 48 -3.64 -3.07 -7.42
CA ILE A 48 -2.69 -3.54 -6.41
C ILE A 48 -3.41 -4.20 -5.25
N LEU A 49 -4.40 -3.51 -4.71
CA LEU A 49 -5.17 -4.05 -3.59
C LEU A 49 -5.72 -5.43 -3.93
N ASP A 50 -6.07 -5.63 -5.19
CA ASP A 50 -6.59 -6.91 -5.65
C ASP A 50 -5.47 -7.93 -5.81
N ALA A 51 -4.32 -7.48 -6.30
CA ALA A 51 -3.18 -8.37 -6.50
C ALA A 51 -2.56 -8.75 -5.15
N HIS A 52 -2.27 -7.75 -4.32
CA HIS A 52 -1.69 -8.00 -3.02
C HIS A 52 -2.62 -8.87 -2.18
N ALA A 53 -3.92 -8.66 -2.36
CA ALA A 53 -4.92 -9.43 -1.63
C ALA A 53 -4.86 -10.90 -1.99
N ALA A 54 -4.68 -11.20 -3.28
CA ALA A 54 -4.59 -12.59 -3.72
C ALA A 54 -3.35 -13.26 -3.16
N TYR A 55 -2.25 -12.52 -3.15
CA TYR A 55 -0.99 -13.05 -2.64
C TYR A 55 -1.00 -13.16 -1.12
N LEU A 56 -1.60 -12.17 -0.47
CA LEU A 56 -1.67 -12.15 0.98
C LEU A 56 -2.46 -13.33 1.51
N ASN A 57 -3.55 -13.66 0.84
CA ASN A 57 -4.39 -14.78 1.24
C ASN A 57 -3.68 -16.11 0.95
N ALA A 58 -3.03 -16.18 -0.22
CA ALA A 58 -2.32 -17.38 -0.63
C ALA A 58 -1.33 -17.85 0.43
N THR A 59 -0.81 -16.90 1.23
CA THR A 59 0.14 -17.23 2.28
C THR A 59 -0.50 -17.07 3.66
N PRO A 60 -0.65 -18.18 4.41
CA PRO A 60 -1.27 -18.16 5.74
C PRO A 60 -0.69 -17.11 6.68
N ALA A 61 0.62 -17.18 6.94
CA ALA A 61 1.27 -16.25 7.85
C ALA A 61 1.76 -14.99 7.15
N ALA A 62 1.16 -14.66 6.01
CA ALA A 62 1.55 -13.46 5.27
C ALA A 62 0.71 -12.27 5.71
N LYS A 63 1.40 -11.23 6.14
CA LYS A 63 0.73 -10.01 6.59
C LYS A 63 1.31 -8.78 5.89
N VAL A 64 0.42 -7.89 5.41
CA VAL A 64 0.88 -6.69 4.71
C VAL A 64 0.91 -5.49 5.64
N LEU A 65 1.88 -4.62 5.40
CA LEU A 65 2.04 -3.42 6.20
C LEU A 65 1.85 -2.18 5.34
N VAL A 66 0.70 -1.52 5.50
CA VAL A 66 0.41 -0.31 4.74
C VAL A 66 1.05 0.91 5.40
N GLU A 67 2.09 1.45 4.77
CA GLU A 67 2.79 2.61 5.29
C GLU A 67 2.32 3.88 4.59
N GLY A 68 1.74 4.80 5.34
CA GLY A 68 1.26 6.04 4.77
C GLY A 68 2.11 7.24 5.14
N ASN A 69 2.17 8.22 4.25
CA ASN A 69 2.95 9.42 4.49
C ASN A 69 2.37 10.61 3.73
N THR A 70 1.76 11.53 4.45
CA THR A 70 1.16 12.72 3.84
C THR A 70 2.08 13.92 3.98
N ASP A 71 1.57 15.10 3.62
CA ASP A 71 2.34 16.33 3.72
C ASP A 71 2.66 16.64 5.18
N GLU A 72 3.84 17.19 5.41
CA GLU A 72 4.27 17.53 6.77
C GLU A 72 3.36 18.61 7.39
N ARG A 73 2.76 19.44 6.54
CA ARG A 73 1.90 20.52 7.01
C ARG A 73 1.03 20.08 8.20
N GLY A 74 1.34 20.64 9.36
CA GLY A 74 0.62 20.31 10.58
C GLY A 74 1.46 19.62 11.61
N THR A 75 0.84 18.78 12.45
CA THR A 75 1.55 18.06 13.50
C THR A 75 1.38 16.55 13.34
N PRO A 76 2.38 15.75 13.74
CA PRO A 76 2.31 14.28 13.64
C PRO A 76 0.94 13.75 14.05
N GLU A 77 0.36 14.36 15.08
CA GLU A 77 -0.95 13.95 15.56
C GLU A 77 -2.00 14.15 14.46
N TYR A 78 -1.90 15.28 13.75
CA TYR A 78 -2.82 15.58 12.66
C TYR A 78 -2.52 14.68 11.48
N ASN A 79 -1.24 14.59 11.12
CA ASN A 79 -0.86 13.74 10.01
C ASN A 79 -1.16 12.29 10.36
N ILE A 80 -0.33 11.68 11.20
CA ILE A 80 -0.53 10.29 11.59
C ILE A 80 -2.01 9.94 11.72
N ALA A 81 -2.80 10.86 12.25
CA ALA A 81 -4.23 10.61 12.41
C ALA A 81 -4.95 10.46 11.06
N LEU A 82 -4.97 11.54 10.29
CA LEU A 82 -5.64 11.47 8.98
C LEU A 82 -4.92 10.47 8.06
N GLY A 83 -3.59 10.37 8.22
CA GLY A 83 -2.83 9.41 7.44
C GLY A 83 -3.17 7.99 7.85
N GLN A 84 -3.08 7.72 9.15
CA GLN A 84 -3.42 6.39 9.67
C GLN A 84 -4.79 5.97 9.14
N ARG A 85 -5.68 6.95 9.00
CA ARG A 85 -7.01 6.68 8.48
C ARG A 85 -6.91 6.09 7.08
N ARG A 86 -6.02 6.66 6.25
CA ARG A 86 -5.81 6.11 4.91
C ARG A 86 -5.43 4.64 5.03
N ALA A 87 -4.54 4.38 5.99
CA ALA A 87 -4.10 3.03 6.27
C ALA A 87 -5.29 2.16 6.61
N ASP A 88 -6.29 2.77 7.24
CA ASP A 88 -7.51 2.09 7.60
C ASP A 88 -8.29 1.73 6.34
N ALA A 89 -8.17 2.60 5.33
CA ALA A 89 -8.85 2.39 4.06
C ALA A 89 -8.39 1.09 3.42
N VAL A 90 -7.09 0.95 3.21
CA VAL A 90 -6.53 -0.25 2.60
C VAL A 90 -6.67 -1.45 3.52
N LYS A 91 -6.55 -1.21 4.82
CA LYS A 91 -6.67 -2.29 5.80
C LYS A 91 -8.03 -2.97 5.71
N GLY A 92 -9.09 -2.17 5.74
CA GLY A 92 -10.43 -2.71 5.66
C GLY A 92 -10.72 -3.29 4.29
N TYR A 93 -10.03 -2.78 3.27
CA TYR A 93 -10.20 -3.27 1.91
C TYR A 93 -9.86 -4.75 1.85
N LEU A 94 -8.62 -5.08 2.18
CA LEU A 94 -8.18 -6.46 2.19
C LEU A 94 -9.01 -7.27 3.17
N ALA A 95 -9.49 -6.60 4.22
CA ALA A 95 -10.32 -7.24 5.23
C ALA A 95 -11.63 -7.73 4.61
N GLY A 96 -12.21 -6.89 3.76
CA GLY A 96 -13.45 -7.26 3.09
C GLY A 96 -13.23 -8.34 2.05
N LYS A 97 -11.98 -8.46 1.60
CA LYS A 97 -11.62 -9.46 0.61
C LYS A 97 -11.54 -10.85 1.22
N GLY A 98 -11.56 -10.91 2.56
CA GLY A 98 -11.50 -12.19 3.23
C GLY A 98 -10.25 -12.36 4.08
N VAL A 99 -9.35 -11.38 4.03
CA VAL A 99 -8.11 -11.46 4.79
C VAL A 99 -8.33 -11.02 6.23
N ASP A 100 -7.83 -11.83 7.18
CA ASP A 100 -7.95 -11.54 8.59
C ASP A 100 -7.33 -10.20 8.94
N ALA A 101 -7.63 -9.72 10.14
CA ALA A 101 -7.10 -8.45 10.61
C ALA A 101 -5.66 -8.64 11.08
N GLY A 102 -5.37 -9.82 11.60
CA GLY A 102 -4.03 -10.13 12.09
C GLY A 102 -2.96 -10.08 11.01
N LYS A 103 -3.38 -10.22 9.74
CA LYS A 103 -2.44 -10.18 8.62
C LYS A 103 -2.27 -8.76 8.10
N LEU A 104 -3.14 -7.86 8.53
CA LEU A 104 -3.07 -6.48 8.09
C LEU A 104 -2.23 -5.64 9.05
N GLY A 105 -1.58 -4.61 8.53
CA GLY A 105 -0.76 -3.74 9.35
C GLY A 105 -0.82 -2.32 8.83
N THR A 106 -0.95 -1.37 9.74
CA THR A 106 -1.02 0.04 9.35
C THR A 106 0.15 0.83 9.91
N VAL A 107 0.45 1.93 9.25
CA VAL A 107 1.53 2.82 9.66
C VAL A 107 1.35 4.19 9.03
N SER A 108 1.95 5.20 9.64
CA SER A 108 1.84 6.56 9.13
C SER A 108 2.95 7.43 9.68
N TYR A 109 3.65 8.12 8.79
CA TYR A 109 4.71 9.00 9.21
C TYR A 109 4.19 10.41 9.42
N GLY A 110 3.80 11.07 8.34
CA GLY A 110 3.31 12.42 8.46
C GLY A 110 4.46 13.38 8.68
N GLU A 111 4.43 14.11 9.78
CA GLU A 111 5.52 15.06 10.09
C GLU A 111 6.76 14.33 10.58
N GLU A 112 6.59 13.08 11.04
CA GLU A 112 7.71 12.31 11.56
C GLU A 112 8.92 12.38 10.64
N LYS A 113 8.88 11.69 9.50
CA LYS A 113 10.01 11.70 8.57
C LYS A 113 9.52 11.71 7.12
N PRO A 114 9.56 12.88 6.45
CA PRO A 114 9.14 13.02 5.05
C PRO A 114 10.06 12.27 4.09
N ALA A 115 9.61 12.12 2.84
CA ALA A 115 10.41 11.43 1.84
C ALA A 115 11.34 12.38 1.10
N VAL A 116 10.79 13.16 0.18
CA VAL A 116 11.60 14.12 -0.59
C VAL A 116 11.50 15.51 0.02
N LEU A 117 12.67 16.11 0.21
CA LEU A 117 12.79 17.44 0.81
C LEU A 117 12.27 18.54 -0.13
N GLY A 118 11.59 19.51 0.45
CA GLY A 118 11.05 20.60 -0.33
C GLY A 118 9.61 20.88 0.01
N HIS A 119 9.05 21.96 -0.52
CA HIS A 119 7.67 22.31 -0.24
C HIS A 119 6.97 22.86 -1.48
N ASP A 120 6.32 21.97 -2.22
CA ASP A 120 5.61 22.34 -3.44
C ASP A 120 4.97 21.08 -4.03
N GLU A 121 4.07 21.25 -4.99
CA GLU A 121 3.40 20.11 -5.60
C GLU A 121 4.37 18.97 -5.92
N ALA A 122 5.63 19.31 -6.14
CA ALA A 122 6.65 18.30 -6.44
C ALA A 122 6.84 17.37 -5.24
N ALA A 123 7.37 17.94 -4.16
CA ALA A 123 7.61 17.15 -2.96
C ALA A 123 6.28 16.77 -2.30
N TYR A 124 5.31 17.68 -2.34
CA TYR A 124 4.01 17.44 -1.73
C TYR A 124 3.26 16.29 -2.41
N SER A 125 3.21 16.31 -3.75
CA SER A 125 2.49 15.28 -4.50
C SER A 125 3.20 13.93 -4.45
N LYS A 126 4.53 13.93 -4.49
CA LYS A 126 5.28 12.69 -4.46
C LYS A 126 5.38 12.14 -3.04
N ASN A 127 5.10 12.98 -2.04
CA ASN A 127 5.16 12.55 -0.65
C ASN A 127 3.83 11.94 -0.22
N ARG A 128 2.74 12.42 -0.81
CA ARG A 128 1.41 11.89 -0.49
C ARG A 128 1.26 10.48 -1.05
N ARG A 129 1.75 9.50 -0.30
CA ARG A 129 1.69 8.11 -0.76
C ARG A 129 1.61 7.11 0.38
N ALA A 130 1.01 5.96 0.08
CA ALA A 130 0.91 4.86 1.02
C ALA A 130 1.62 3.65 0.42
N VAL A 131 2.86 3.43 0.86
CA VAL A 131 3.67 2.34 0.32
C VAL A 131 3.39 1.01 0.99
N LEU A 132 2.82 0.09 0.21
CA LEU A 132 2.51 -1.25 0.68
C LEU A 132 3.80 -1.96 1.10
N ALA A 133 4.05 -2.00 2.41
CA ALA A 133 5.25 -2.65 2.93
C ALA A 133 4.99 -4.08 3.37
N TYR A 134 5.72 -5.01 2.79
CA TYR A 134 5.58 -6.43 3.12
C TYR A 134 6.51 -6.82 4.26
N ALA B 1 -8.53 23.36 12.42
CA ALA B 1 -8.24 22.26 11.52
C ALA B 1 -6.98 22.52 10.70
N CYS A 1 18.75 -14.65 -24.84
CA CYS A 1 20.15 -14.41 -24.40
C CYS A 1 21.04 -14.01 -25.58
N SER A 2 21.26 -14.95 -26.49
CA SER A 2 22.09 -14.71 -27.66
C SER A 2 21.49 -15.36 -28.90
N SER A 3 20.64 -14.61 -29.61
CA SER A 3 20.00 -15.13 -30.82
C SER A 3 19.42 -13.98 -31.64
N SER A 4 18.75 -14.33 -32.73
CA SER A 4 18.14 -13.33 -33.60
C SER A 4 16.94 -12.67 -32.93
N ASN A 5 16.08 -13.50 -32.32
CA ASN A 5 14.89 -12.99 -31.64
C ASN A 5 14.52 -13.89 -30.48
N ASN A 6 14.17 -13.28 -29.35
CA ASN A 6 13.79 -14.03 -28.15
C ASN A 6 12.49 -13.50 -27.57
N ASP A 7 11.72 -14.38 -26.93
CA ASP A 7 10.45 -13.99 -26.33
C ASP A 7 10.65 -13.52 -24.89
N ALA A 8 11.04 -14.44 -24.03
CA ALA A 8 11.27 -14.12 -22.63
C ALA A 8 12.03 -15.23 -21.91
N ALA A 9 11.33 -16.32 -21.61
CA ALA A 9 11.93 -17.46 -20.93
C ALA A 9 11.17 -18.75 -21.22
N GLY A 10 11.70 -19.86 -20.74
CA GLY A 10 11.06 -21.14 -20.95
C GLY A 10 9.95 -21.41 -19.94
N ASN A 11 10.23 -21.12 -18.67
CA ASN A 11 9.26 -21.32 -17.62
C ASN A 11 9.65 -20.55 -16.35
N GLY A 12 10.34 -19.43 -16.55
CA GLY A 12 10.78 -18.61 -15.43
C GLY A 12 9.76 -17.55 -15.03
N ALA A 13 8.76 -17.34 -15.89
CA ALA A 13 7.72 -16.35 -15.62
C ALA A 13 7.14 -16.51 -14.22
N ALA A 14 7.19 -17.73 -13.70
CA ALA A 14 6.67 -18.01 -12.36
C ALA A 14 5.16 -17.82 -12.31
N GLN A 15 4.63 -17.77 -11.10
CA GLN A 15 3.18 -17.60 -10.91
C GLN A 15 2.80 -16.11 -10.93
N THR A 16 1.52 -15.86 -11.13
CA THR A 16 1.01 -14.49 -11.17
C THR A 16 -0.19 -14.33 -10.23
N PHE A 17 -0.01 -13.51 -9.20
CA PHE A 17 -1.07 -13.27 -8.22
C PHE A 17 -1.96 -12.11 -8.66
N GLY A 18 -3.16 -12.43 -9.12
CA GLY A 18 -4.09 -11.39 -9.54
C GLY A 18 -3.59 -10.60 -10.74
N GLY A 19 -2.51 -11.08 -11.36
CA GLY A 19 -1.98 -10.37 -12.52
C GLY A 19 -0.49 -10.09 -12.41
N TYR A 20 0.00 -9.92 -11.20
CA TYR A 20 1.43 -9.62 -10.99
C TYR A 20 2.14 -10.74 -10.26
N SER A 21 3.45 -10.78 -10.41
CA SER A 21 4.29 -11.77 -9.75
C SER A 21 5.02 -11.14 -8.56
N VAL A 22 5.31 -11.95 -7.55
CA VAL A 22 5.99 -11.48 -6.34
C VAL A 22 7.10 -10.47 -6.65
N ALA A 23 7.95 -10.80 -7.61
CA ALA A 23 9.08 -9.94 -7.97
C ALA A 23 8.63 -8.57 -8.49
N ASP A 24 7.37 -8.44 -8.90
CA ASP A 24 6.87 -7.16 -9.38
C ASP A 24 6.09 -6.44 -8.26
N LEU A 25 5.25 -7.22 -7.58
CA LEU A 25 4.44 -6.68 -6.49
C LEU A 25 5.31 -6.04 -5.41
N GLN A 26 6.58 -6.44 -5.36
CA GLN A 26 7.50 -5.94 -4.35
C GLN A 26 8.46 -4.86 -4.88
N GLN A 27 8.53 -4.69 -6.20
CA GLN A 27 9.45 -3.69 -6.75
C GLN A 27 8.77 -2.68 -7.68
N ARG A 28 7.61 -3.03 -8.24
CA ARG A 28 6.93 -2.14 -9.18
C ARG A 28 5.61 -1.59 -8.63
N TYR A 29 4.68 -2.48 -8.32
CA TYR A 29 3.37 -2.06 -7.83
C TYR A 29 3.26 -2.25 -6.31
N ASN A 30 3.71 -1.24 -5.55
CA ASN A 30 3.66 -1.32 -4.09
C ASN A 30 3.37 0.05 -3.44
N THR A 31 3.06 1.08 -4.23
CA THR A 31 2.82 2.40 -3.65
C THR A 31 1.62 3.12 -4.25
N VAL A 32 0.83 3.77 -3.38
CA VAL A 32 -0.34 4.55 -3.80
C VAL A 32 -0.08 6.05 -3.55
N TYR A 33 -0.69 6.93 -4.35
CA TYR A 33 -0.46 8.37 -4.19
C TYR A 33 -1.74 9.16 -3.89
N PHE A 34 -1.73 9.81 -2.72
CA PHE A 34 -2.86 10.63 -2.27
C PHE A 34 -2.67 12.10 -2.62
N GLY A 35 -3.72 12.91 -2.43
CA GLY A 35 -3.63 14.34 -2.70
C GLY A 35 -3.58 15.15 -1.42
N PHE A 36 -3.51 16.46 -1.55
CA PHE A 36 -3.47 17.34 -0.38
C PHE A 36 -4.75 17.25 0.43
N ASP A 37 -4.63 16.78 1.67
CA ASP A 37 -5.78 16.65 2.55
C ASP A 37 -6.86 15.77 1.91
N LYS A 38 -6.45 14.91 1.00
CA LYS A 38 -7.37 14.03 0.30
C LYS A 38 -7.14 12.59 0.74
N TYR A 39 -8.20 11.91 1.18
CA TYR A 39 -8.09 10.53 1.64
C TYR A 39 -8.91 9.59 0.77
N ASP A 40 -8.38 9.26 -0.40
CA ASP A 40 -9.04 8.37 -1.32
C ASP A 40 -8.01 7.66 -2.21
N ILE A 41 -8.33 6.45 -2.65
CA ILE A 41 -7.43 5.71 -3.52
C ILE A 41 -7.89 5.85 -4.97
N THR A 42 -6.97 5.69 -5.92
CA THR A 42 -7.32 5.83 -7.33
C THR A 42 -7.33 4.49 -8.06
N GLY A 43 -8.27 4.35 -8.99
CA GLY A 43 -8.37 3.13 -9.76
C GLY A 43 -7.04 2.65 -10.32
N GLU A 44 -6.13 3.58 -10.58
CA GLU A 44 -4.82 3.25 -11.13
C GLU A 44 -3.99 2.44 -10.13
N TYR A 45 -4.22 2.65 -8.84
CA TYR A 45 -3.47 1.95 -7.80
C TYR A 45 -4.28 0.81 -7.17
N VAL A 46 -5.51 0.62 -7.60
CA VAL A 46 -6.37 -0.44 -7.03
C VAL A 46 -5.84 -1.85 -7.31
N GLN A 47 -5.36 -2.09 -8.54
CA GLN A 47 -4.87 -3.41 -8.90
C GLN A 47 -3.90 -3.96 -7.85
N ILE A 48 -3.18 -3.07 -7.16
CA ILE A 48 -2.24 -3.51 -6.14
C ILE A 48 -2.98 -4.17 -4.99
N LEU A 49 -3.98 -3.47 -4.45
CA LEU A 49 -4.76 -3.99 -3.34
C LEU A 49 -5.30 -5.39 -3.65
N ASP A 50 -5.88 -5.56 -4.83
CA ASP A 50 -6.43 -6.86 -5.22
C ASP A 50 -5.32 -7.89 -5.47
N ALA A 51 -4.20 -7.44 -6.02
CA ALA A 51 -3.09 -8.35 -6.30
C ALA A 51 -2.37 -8.75 -5.01
N HIS A 52 -2.06 -7.76 -4.17
CA HIS A 52 -1.39 -8.03 -2.91
C HIS A 52 -2.27 -8.92 -2.04
N ALA A 53 -3.58 -8.68 -2.11
CA ALA A 53 -4.53 -9.46 -1.33
C ALA A 53 -4.50 -10.93 -1.73
N ALA A 54 -4.47 -11.20 -3.04
CA ALA A 54 -4.43 -12.58 -3.52
C ALA A 54 -3.17 -13.28 -3.02
N TYR A 55 -2.05 -12.55 -3.05
CA TYR A 55 -0.78 -13.12 -2.59
C TYR A 55 -0.78 -13.31 -1.08
N LEU A 56 -1.33 -12.32 -0.38
CA LEU A 56 -1.39 -12.37 1.08
C LEU A 56 -2.22 -13.55 1.56
N ASN A 57 -3.38 -13.74 0.95
CA ASN A 57 -4.25 -14.84 1.31
C ASN A 57 -3.58 -16.18 1.04
N ALA A 58 -2.88 -16.25 -0.09
CA ALA A 58 -2.18 -17.48 -0.47
C ALA A 58 -1.27 -17.99 0.64
N THR A 59 -0.83 -17.08 1.50
CA THR A 59 0.04 -17.45 2.63
C THR A 59 -0.66 -17.22 3.96
N PRO A 60 -0.92 -18.28 4.73
CA PRO A 60 -1.60 -18.18 6.03
C PRO A 60 -0.92 -17.22 7.00
N ALA A 61 0.39 -17.39 7.19
CA ALA A 61 1.14 -16.54 8.11
C ALA A 61 1.69 -15.28 7.44
N ALA A 62 1.11 -14.92 6.31
CA ALA A 62 1.52 -13.72 5.59
C ALA A 62 0.70 -12.53 6.02
N LYS A 63 1.36 -11.41 6.26
CA LYS A 63 0.67 -10.19 6.66
C LYS A 63 1.27 -8.97 5.95
N VAL A 64 0.40 -8.04 5.55
CA VAL A 64 0.86 -6.83 4.86
C VAL A 64 0.95 -5.63 5.79
N LEU A 65 1.87 -4.75 5.48
CA LEU A 65 2.06 -3.54 6.27
C LEU A 65 1.85 -2.30 5.43
N VAL A 66 0.68 -1.68 5.57
CA VAL A 66 0.37 -0.48 4.79
C VAL A 66 0.94 0.75 5.47
N GLU A 67 2.07 1.24 4.96
CA GLU A 67 2.73 2.41 5.52
C GLU A 67 2.23 3.68 4.85
N GLY A 68 1.72 4.61 5.65
CA GLY A 68 1.21 5.86 5.12
C GLY A 68 2.14 7.02 5.40
N ASN A 69 2.17 7.99 4.48
CA ASN A 69 3.00 9.18 4.65
C ASN A 69 2.53 10.30 3.75
N THR A 70 1.89 11.30 4.36
CA THR A 70 1.38 12.44 3.60
C THR A 70 2.24 13.67 3.83
N ASP A 71 1.77 14.82 3.35
CA ASP A 71 2.50 16.07 3.50
C ASP A 71 2.77 16.36 4.98
N GLU A 72 3.96 16.84 5.28
CA GLU A 72 4.34 17.15 6.64
C GLU A 72 3.43 18.23 7.24
N ARG A 73 2.79 19.02 6.38
CA ARG A 73 1.91 20.10 6.82
C ARG A 73 1.08 19.72 8.05
N GLY A 74 1.43 20.32 9.17
CA GLY A 74 0.75 20.06 10.43
C GLY A 74 1.64 19.37 11.44
N THR A 75 1.05 18.49 12.24
CA THR A 75 1.79 17.77 13.28
C THR A 75 1.58 16.25 13.16
N PRO A 76 2.59 15.44 13.49
CA PRO A 76 2.50 13.97 13.42
C PRO A 76 1.15 13.45 13.90
N GLU A 77 0.67 13.99 15.02
CA GLU A 77 -0.61 13.58 15.57
C GLU A 77 -1.75 13.90 14.59
N TYR A 78 -1.67 15.07 13.98
CA TYR A 78 -2.68 15.47 13.01
C TYR A 78 -2.49 14.68 11.72
N ASN A 79 -1.23 14.46 11.35
CA ASN A 79 -0.93 13.69 10.17
C ASN A 79 -1.34 12.25 10.42
N ILE A 80 -0.55 11.53 11.22
CA ILE A 80 -0.82 10.14 11.55
C ILE A 80 -2.32 9.85 11.55
N ALA A 81 -3.11 10.79 12.08
CA ALA A 81 -4.56 10.60 12.10
C ALA A 81 -5.11 10.57 10.67
N LEU A 82 -4.90 11.66 9.94
CA LEU A 82 -5.36 11.72 8.55
C LEU A 82 -4.93 10.45 7.80
N GLY A 83 -3.66 10.06 7.96
CA GLY A 83 -3.17 8.86 7.31
C GLY A 83 -3.85 7.62 7.85
N GLN A 84 -3.94 7.54 9.17
CA GLN A 84 -4.59 6.39 9.81
C GLN A 84 -5.92 6.09 9.13
N ARG A 85 -6.69 7.15 8.85
CA ARG A 85 -7.98 6.97 8.18
C ARG A 85 -7.76 6.43 6.77
N ARG A 86 -6.68 6.88 6.13
CA ARG A 86 -6.35 6.40 4.78
C ARG A 86 -5.94 4.93 4.86
N ALA A 87 -5.03 4.64 5.80
CA ALA A 87 -4.57 3.29 6.00
C ALA A 87 -5.73 2.40 6.42
N ASP A 88 -6.60 2.94 7.28
CA ASP A 88 -7.78 2.23 7.74
C ASP A 88 -8.62 1.78 6.55
N ALA A 89 -8.65 2.61 5.52
CA ALA A 89 -9.39 2.30 4.31
C ALA A 89 -8.78 1.06 3.65
N VAL A 90 -7.54 1.19 3.19
CA VAL A 90 -6.86 0.08 2.55
C VAL A 90 -6.84 -1.15 3.44
N LYS A 91 -6.63 -0.95 4.74
CA LYS A 91 -6.59 -2.07 5.67
C LYS A 91 -7.93 -2.80 5.66
N GLY A 92 -9.01 -2.02 5.68
CA GLY A 92 -10.35 -2.58 5.63
C GLY A 92 -10.65 -3.16 4.27
N TYR A 93 -9.79 -2.86 3.30
CA TYR A 93 -9.95 -3.35 1.95
C TYR A 93 -9.53 -4.81 1.91
N LEU A 94 -8.27 -5.07 2.21
CA LEU A 94 -7.76 -6.43 2.25
C LEU A 94 -8.65 -7.25 3.18
N ALA A 95 -9.19 -6.58 4.20
CA ALA A 95 -10.08 -7.21 5.15
C ALA A 95 -11.35 -7.69 4.45
N GLY A 96 -11.86 -6.88 3.53
CA GLY A 96 -13.06 -7.25 2.79
C GLY A 96 -12.83 -8.40 1.84
N LYS A 97 -11.57 -8.58 1.42
CA LYS A 97 -11.20 -9.65 0.51
C LYS A 97 -11.05 -10.98 1.25
N GLY A 98 -11.07 -10.93 2.58
CA GLY A 98 -10.94 -12.13 3.38
C GLY A 98 -9.71 -12.12 4.26
N VAL A 99 -8.85 -11.12 4.09
CA VAL A 99 -7.64 -11.01 4.89
C VAL A 99 -7.97 -10.64 6.32
N ASP A 100 -7.68 -11.54 7.25
CA ASP A 100 -7.95 -11.30 8.66
C ASP A 100 -7.28 -10.03 9.14
N ALA A 101 -7.97 -9.28 10.00
CA ALA A 101 -7.42 -8.05 10.54
C ALA A 101 -6.01 -8.28 11.07
N GLY A 102 -5.83 -9.41 11.73
CA GLY A 102 -4.53 -9.76 12.28
C GLY A 102 -3.51 -10.08 11.20
N LYS A 103 -3.98 -10.24 9.97
CA LYS A 103 -3.10 -10.56 8.85
C LYS A 103 -2.66 -9.29 8.11
N LEU A 104 -3.37 -8.20 8.30
CA LEU A 104 -2.99 -6.97 7.63
C LEU A 104 -3.08 -5.76 8.56
N GLY A 105 -2.02 -4.95 8.56
CA GLY A 105 -1.99 -3.79 9.43
C GLY A 105 -1.69 -2.52 8.68
N THR A 106 -1.42 -1.46 9.42
CA THR A 106 -1.12 -0.17 8.82
C THR A 106 -0.14 0.61 9.68
N VAL A 107 0.39 1.70 9.10
CA VAL A 107 1.35 2.55 9.79
C VAL A 107 1.34 3.94 9.15
N SER A 108 1.89 4.92 9.84
CA SER A 108 1.93 6.28 9.30
C SER A 108 2.99 7.11 10.01
N TYR A 109 4.03 7.49 9.26
CA TYR A 109 5.12 8.30 9.83
C TYR A 109 5.07 9.73 9.32
N GLY A 110 3.87 10.18 8.95
CA GLY A 110 3.68 11.54 8.44
C GLY A 110 4.87 12.48 8.61
N GLU A 111 4.73 13.45 9.50
CA GLU A 111 5.81 14.42 9.75
C GLU A 111 7.06 13.76 10.30
N GLU A 112 6.91 12.54 10.83
CA GLU A 112 8.05 11.83 11.41
C GLU A 112 9.26 11.86 10.48
N LYS A 113 9.18 11.15 9.36
CA LYS A 113 10.29 11.11 8.41
C LYS A 113 9.81 11.41 6.99
N PRO A 114 9.91 12.67 6.56
CA PRO A 114 9.48 13.09 5.21
C PRO A 114 10.28 12.40 4.11
N ALA A 115 9.68 12.30 2.92
CA ALA A 115 10.33 11.66 1.78
C ALA A 115 10.88 12.71 0.81
N VAL A 116 9.99 13.39 0.10
CA VAL A 116 10.38 14.41 -0.86
C VAL A 116 10.50 15.77 -0.20
N LEU A 117 11.73 16.28 -0.16
CA LEU A 117 12.00 17.59 0.45
C LEU A 117 11.42 18.72 -0.38
N GLY A 118 10.80 19.68 0.28
CA GLY A 118 10.20 20.81 -0.41
C GLY A 118 8.78 21.07 0.03
N HIS A 119 8.19 22.15 -0.49
CA HIS A 119 6.83 22.50 -0.13
C HIS A 119 6.04 23.01 -1.34
N ASP A 120 6.03 22.22 -2.41
CA ASP A 120 5.30 22.57 -3.62
C ASP A 120 4.46 21.39 -4.08
N GLU A 121 3.38 21.65 -4.81
CA GLU A 121 2.49 20.59 -5.28
C GLU A 121 3.28 19.42 -5.87
N ALA A 122 4.47 19.69 -6.36
CA ALA A 122 5.32 18.64 -6.94
C ALA A 122 5.83 17.71 -5.84
N ALA A 123 6.55 18.29 -4.88
CA ALA A 123 7.09 17.50 -3.78
C ALA A 123 5.97 17.01 -2.87
N TYR A 124 4.98 17.88 -2.63
CA TYR A 124 3.86 17.54 -1.77
C TYR A 124 3.10 16.33 -2.30
N SER A 125 2.74 16.36 -3.59
CA SER A 125 2.00 15.25 -4.20
C SER A 125 2.85 13.99 -4.20
N LYS A 126 4.16 14.16 -4.38
CA LYS A 126 5.08 13.03 -4.38
C LYS A 126 5.18 12.41 -3.00
N ASN A 127 4.94 13.22 -1.97
CA ASN A 127 5.03 12.74 -0.59
C ASN A 127 3.73 12.05 -0.16
N ARG A 128 2.60 12.48 -0.72
CA ARG A 128 1.31 11.88 -0.39
C ARG A 128 1.21 10.46 -0.93
N ARG A 129 1.72 9.50 -0.16
CA ARG A 129 1.69 8.12 -0.60
C ARG A 129 1.72 7.12 0.55
N ALA A 130 1.05 5.99 0.33
CA ALA A 130 1.04 4.90 1.29
C ALA A 130 1.76 3.72 0.67
N VAL A 131 2.95 3.43 1.19
CA VAL A 131 3.76 2.35 0.63
C VAL A 131 3.46 1.00 1.26
N LEU A 132 2.82 0.15 0.49
CA LEU A 132 2.48 -1.21 0.93
C LEU A 132 3.77 -1.98 1.21
N ALA A 133 4.10 -2.11 2.50
CA ALA A 133 5.31 -2.82 2.91
C ALA A 133 4.99 -4.21 3.43
N TYR A 134 5.75 -5.21 3.00
CA TYR A 134 5.55 -6.58 3.44
C TYR A 134 6.36 -6.88 4.69
N ALA B 1 -6.38 27.61 10.43
CA ALA B 1 -6.28 26.57 11.46
C ALA B 1 -6.75 25.23 10.87
#